data_4LN8
#
_entry.id   4LN8
#
_cell.length_a   154.361
_cell.length_b   154.441
_cell.length_c   154.061
_cell.angle_alpha   90.00
_cell.angle_beta   90.00
_cell.angle_gamma   90.00
#
_symmetry.space_group_name_H-M   'P 21 21 21'
#
loop_
_entity.id
_entity.type
_entity.pdbx_description
1 polymer Hemagglutinin
2 polymer Hemagglutinin
3 branched beta-D-mannopyranose-(1-4)-2-acetamido-2-deoxy-beta-D-glucopyranose-(1-4)-[alpha-L-fucopyranose-(1-6)]2-acetamido-2-deoxy-beta-D-glucopyranose
4 branched beta-D-mannopyranose-(1-4)-2-acetamido-2-deoxy-beta-D-glucopyranose-(1-4)-2-acetamido-2-deoxy-beta-D-glucopyranose
5 branched 'beta-D-galactopyranose-(1-3)-[N-acetyl-alpha-neuraminic acid-(2-6)]2-acetamido-2-deoxy-beta-D-glucopyranose-(1-3)-beta-D-galactopyranose'
6 branched 'beta-D-galactopyranose-(1-3)-[N-acetyl-alpha-neuraminic acid-(2-6)]2-acetamido-2-deoxy-beta-D-glucopyranose'
7 branched 'N-acetyl-alpha-neuraminic acid-(2-6)-2-acetamido-2-deoxy-beta-D-glucopyranose'
8 non-polymer 'CALCIUM ION'
9 non-polymer 2-acetamido-2-deoxy-beta-D-glucopyranose
10 water water
#
loop_
_entity_poly.entity_id
_entity_poly.type
_entity_poly.pdbx_seq_one_letter_code
_entity_poly.pdbx_strand_id
1 'polypeptide(L)'
;ADPGDKICLGHHAVSNGTKVNTLTERGVEVVNATETVERTNIPRICSKGKRTVDLGQCGLLGTITGPPQCDQFLEFSADL
IIERREGSDVCYPGKFVNEEALRQILRESGGIDKEAMGFTYSGIRTNGATSACRRSGSSFYAEMKWLLSNTDNAAFPQMT
KSYKNTRKSPALIVWGIHHSVSTAEQTKLYGSGNKLVTVGSSNYQQSFVPSPGARPQVNGLSGRIDFHWLMLNPNDTVTF
SFNGAFIAPDRASFLRGKSMGIQSGVQVDANCEGDCYHSGGTIISNLPFQNIDSRAVGKCPRYVKQRSLLLATGMKNVPE
IPKGR
;
A,C,E,G,I,K
2 'polypeptide(L)'
;GLFGAIAGFIENGWEGLIDGWYGFRHQNAQGEGTAADYKSTQSAIDQITGKLNRLIEKTNQQFELIDNEFNEVEKQIGNV
INWTRDSITEVWSYNAELLVAMENQHTIDLADSEMDKLYERVKRQLRENAEEDGTGCFEIFHKCDDDCMASIRNNTYDHS
KYREEAMQNRIQIDSGRLVPR
;
B,D,F,H,J,L
#
loop_
_chem_comp.id
_chem_comp.type
_chem_comp.name
_chem_comp.formula
BMA D-saccharide, beta linking beta-D-mannopyranose 'C6 H12 O6'
CA non-polymer 'CALCIUM ION' 'Ca 2'
FUC L-saccharide, alpha linking alpha-L-fucopyranose 'C6 H12 O5'
GAL D-saccharide, beta linking beta-D-galactopyranose 'C6 H12 O6'
NAG D-saccharide, beta linking 2-acetamido-2-deoxy-beta-D-glucopyranose 'C8 H15 N O6'
SIA D-saccharide, alpha linking 'N-acetyl-alpha-neuraminic acid' 'C11 H19 N O9'
#
# COMPACT_ATOMS: atom_id res chain seq x y z
N ASP A 5 20.59 53.57 12.92
CA ASP A 5 21.11 52.22 13.35
C ASP A 5 19.98 51.22 13.60
N LYS A 6 20.14 49.98 13.15
CA LYS A 6 19.02 49.06 13.15
C LYS A 6 19.36 47.57 13.14
N ILE A 7 18.44 46.78 13.71
CA ILE A 7 18.57 45.34 13.72
C ILE A 7 17.30 44.69 13.19
N CYS A 8 17.47 43.68 12.34
CA CYS A 8 16.35 42.95 11.76
C CYS A 8 16.41 41.51 12.15
N LEU A 9 15.23 40.88 12.20
CA LEU A 9 15.12 39.48 12.40
C LEU A 9 14.67 38.87 11.11
N GLY A 10 15.23 37.71 10.80
CA GLY A 10 14.84 37.02 9.59
C GLY A 10 14.97 35.53 9.72
N HIS A 11 14.66 34.87 8.65
CA HIS A 11 14.84 33.47 8.60
C HIS A 11 15.38 33.10 7.24
N HIS A 12 15.86 31.86 7.11
CA HIS A 12 16.51 31.51 5.91
C HIS A 12 15.54 31.19 4.83
N ALA A 13 16.10 31.08 3.64
CA ALA A 13 15.41 30.68 2.43
C ALA A 13 16.43 30.17 1.46
N VAL A 14 15.95 29.57 0.39
CA VAL A 14 16.83 28.95 -0.60
C VAL A 14 16.23 29.15 -1.95
N SER A 15 16.99 28.85 -2.99
CA SER A 15 16.46 28.89 -4.37
C SER A 15 15.81 27.55 -4.75
N ASN A 16 16.38 26.44 -4.24
CA ASN A 16 15.84 25.08 -4.46
C ASN A 16 14.71 24.67 -3.51
N GLY A 17 13.60 25.41 -3.49
CA GLY A 17 12.48 25.05 -2.62
C GLY A 17 11.70 23.88 -3.16
N THR A 18 11.11 23.07 -2.30
CA THR A 18 10.27 21.95 -2.76
C THR A 18 8.82 22.13 -2.40
N LYS A 19 7.91 21.80 -3.31
CA LYS A 19 6.50 21.95 -3.06
C LYS A 19 5.93 20.80 -2.23
N VAL A 20 5.02 21.15 -1.30
CA VAL A 20 4.30 20.17 -0.47
C VAL A 20 2.85 20.65 -0.32
N ASN A 21 2.02 19.80 0.25
CA ASN A 21 0.62 20.15 0.45
C ASN A 21 0.36 20.32 1.90
N THR A 22 -0.62 21.16 2.19
CA THR A 22 -1.04 21.45 3.57
C THR A 22 -2.54 21.31 3.61
N LEU A 23 -3.13 21.47 4.78
CA LEU A 23 -4.59 21.53 4.89
C LEU A 23 -5.18 22.63 3.97
N THR A 24 -4.45 23.71 3.74
CA THR A 24 -5.05 24.81 2.99
C THR A 24 -4.57 24.99 1.57
N GLU A 25 -3.36 24.55 1.24
CA GLU A 25 -2.76 24.84 -0.08
C GLU A 25 -2.10 23.65 -0.70
N ARG A 26 -2.27 23.52 -2.01
CA ARG A 26 -1.43 22.62 -2.81
C ARG A 26 -0.16 23.35 -3.24
N GLY A 27 0.97 22.69 -3.15
CA GLY A 27 2.22 23.26 -3.65
C GLY A 27 2.71 24.51 -2.97
N VAL A 28 2.62 24.59 -1.64
CA VAL A 28 3.35 25.61 -0.91
C VAL A 28 4.83 25.18 -0.88
N GLU A 29 5.75 26.09 -1.16
CA GLU A 29 7.17 25.75 -1.19
C GLU A 29 7.69 25.79 0.22
N VAL A 30 8.56 24.85 0.55
CA VAL A 30 9.22 24.83 1.82
C VAL A 30 10.72 24.64 1.57
N VAL A 31 11.49 24.87 2.62
CA VAL A 31 12.95 24.85 2.53
C VAL A 31 13.48 23.45 2.33
N ASN A 32 12.81 22.46 2.91
CA ASN A 32 13.23 21.08 2.78
C ASN A 32 12.05 20.17 3.07
N ALA A 33 12.09 18.99 2.47
CA ALA A 33 11.00 18.02 2.53
C ALA A 33 11.58 16.66 2.34
N THR A 34 10.90 15.64 2.86
CA THR A 34 11.35 14.26 2.71
C THR A 34 10.17 13.39 2.30
N GLU A 35 10.46 12.37 1.50
CA GLU A 35 9.45 11.46 1.02
C GLU A 35 8.95 10.58 2.18
N THR A 36 7.69 10.17 2.06
CA THR A 36 7.03 9.41 3.06
C THR A 36 6.48 8.09 2.49
N VAL A 37 6.42 7.99 1.17
CA VAL A 37 5.96 6.79 0.46
C VAL A 37 7.13 6.13 -0.25
N GLU A 38 7.42 4.89 0.09
CA GLU A 38 8.53 4.17 -0.49
C GLU A 38 8.21 3.64 -1.90
N ARG A 39 9.09 3.97 -2.86
CA ARG A 39 8.98 3.53 -4.27
C ARG A 39 10.14 2.66 -4.70
N THR A 40 11.16 2.58 -3.87
CA THR A 40 12.41 1.95 -4.22
C THR A 40 12.38 0.48 -3.88
N ASN A 41 12.50 -0.34 -4.89
CA ASN A 41 12.46 -1.76 -4.74
C ASN A 41 13.83 -2.39 -4.96
N ILE A 42 14.19 -3.36 -4.13
CA ILE A 42 15.35 -4.18 -4.39
C ILE A 42 14.89 -5.49 -5.05
N PRO A 43 15.29 -5.72 -6.32
CA PRO A 43 14.80 -6.91 -7.04
C PRO A 43 15.54 -8.19 -6.65
N ARG A 44 15.65 -8.45 -5.35
CA ARG A 44 16.20 -9.68 -4.82
C ARG A 44 15.47 -10.03 -3.54
N ILE A 45 15.59 -11.26 -3.07
CA ILE A 45 14.95 -11.66 -1.83
C ILE A 45 16.03 -11.62 -0.79
N CYS A 46 16.03 -10.57 0.03
CA CYS A 46 17.09 -10.34 0.98
C CYS A 46 16.89 -11.26 2.15
N SER A 47 17.75 -12.27 2.23
CA SER A 47 17.53 -13.43 3.11
C SER A 47 18.50 -13.51 4.31
N LYS A 48 19.47 -12.59 4.38
CA LYS A 48 20.49 -12.58 5.45
C LYS A 48 19.91 -12.80 6.83
N GLY A 49 20.49 -13.75 7.56
CA GLY A 49 20.07 -14.01 8.94
C GLY A 49 18.94 -15.02 9.07
N LYS A 50 18.43 -15.50 7.93
CA LYS A 50 17.32 -16.47 7.89
C LYS A 50 17.68 -17.76 7.17
N ARG A 51 17.25 -18.89 7.72
CA ARG A 51 17.43 -20.17 7.05
C ARG A 51 16.41 -20.17 5.93
N THR A 52 16.93 -20.06 4.72
CA THR A 52 16.10 -19.94 3.53
C THR A 52 16.06 -21.24 2.76
N VAL A 53 14.88 -21.57 2.29
CA VAL A 53 14.68 -22.68 1.40
C VAL A 53 14.05 -22.14 0.11
N ASP A 54 14.80 -22.20 -0.99
CA ASP A 54 14.27 -21.86 -2.32
C ASP A 54 13.74 -23.15 -2.94
N LEU A 55 12.43 -23.30 -3.01
CA LEU A 55 11.88 -24.60 -3.34
C LEU A 55 12.04 -24.96 -4.81
N GLY A 56 12.31 -23.98 -5.66
CA GLY A 56 12.57 -24.24 -7.06
C GLY A 56 11.44 -24.98 -7.75
N GLN A 57 11.75 -26.06 -8.44
CA GLN A 57 10.71 -26.86 -9.11
C GLN A 57 9.80 -27.64 -8.13
N CYS A 58 10.11 -27.61 -6.84
CA CYS A 58 9.30 -28.33 -5.88
C CYS A 58 8.17 -27.46 -5.36
N GLY A 59 6.94 -27.88 -5.56
CA GLY A 59 5.84 -27.16 -4.99
C GLY A 59 5.73 -27.50 -3.52
N LEU A 60 5.26 -26.55 -2.74
CA LEU A 60 5.24 -26.68 -1.31
C LEU A 60 4.46 -27.89 -0.85
N LEU A 61 3.38 -28.26 -1.53
CA LEU A 61 2.59 -29.37 -1.02
C LEU A 61 3.30 -30.70 -1.35
N GLY A 62 4.21 -30.68 -2.31
CA GLY A 62 4.96 -31.85 -2.64
C GLY A 62 5.94 -32.24 -1.57
N THR A 63 6.28 -31.34 -0.67
CA THR A 63 7.19 -31.70 0.40
C THR A 63 6.57 -32.72 1.32
N ILE A 64 5.25 -32.87 1.27
CA ILE A 64 4.51 -33.78 2.10
C ILE A 64 4.29 -35.15 1.45
N THR A 65 4.09 -35.17 0.13
CA THR A 65 3.90 -36.40 -0.64
C THR A 65 5.17 -36.93 -1.32
N GLY A 66 6.07 -36.02 -1.70
CA GLY A 66 7.39 -36.36 -2.16
C GLY A 66 7.49 -36.85 -3.59
N PRO A 67 7.06 -36.04 -4.53
CA PRO A 67 7.38 -36.40 -5.89
C PRO A 67 8.85 -36.06 -6.10
N PRO A 68 9.47 -36.56 -7.17
CA PRO A 68 10.92 -36.48 -7.39
C PRO A 68 11.51 -35.12 -7.20
N GLN A 69 10.89 -34.09 -7.78
CA GLN A 69 11.30 -32.67 -7.59
C GLN A 69 11.49 -32.24 -6.16
N CYS A 70 10.83 -32.92 -5.22
CA CYS A 70 10.84 -32.51 -3.82
C CYS A 70 11.70 -33.38 -2.92
N ASP A 71 12.40 -34.34 -3.50
CA ASP A 71 13.26 -35.27 -2.76
C ASP A 71 14.18 -34.60 -1.71
N GLN A 72 14.83 -33.49 -2.08
CA GLN A 72 15.67 -32.70 -1.12
C GLN A 72 14.95 -32.07 0.07
N PHE A 73 13.61 -32.01 0.05
CA PHE A 73 12.87 -31.17 1.02
C PHE A 73 11.88 -31.96 1.88
N LEU A 74 11.97 -33.28 1.84
CA LEU A 74 10.97 -34.09 2.52
C LEU A 74 10.94 -33.77 4.01
N GLU A 75 12.04 -33.26 4.55
CA GLU A 75 12.11 -32.94 5.98
C GLU A 75 12.77 -31.56 6.17
N PHE A 76 12.45 -30.63 5.29
CA PHE A 76 13.13 -29.33 5.27
C PHE A 76 12.89 -28.51 6.53
N SER A 77 13.88 -27.68 6.86
CA SER A 77 13.81 -26.68 7.93
C SER A 77 14.02 -25.30 7.32
N ALA A 78 13.23 -24.31 7.75
CA ALA A 78 13.36 -22.97 7.20
C ALA A 78 12.72 -21.91 8.07
N ASP A 79 13.33 -20.73 8.06
CA ASP A 79 12.72 -19.53 8.64
C ASP A 79 11.92 -18.81 7.55
N LEU A 80 12.44 -18.89 6.34
CA LEU A 80 11.86 -18.25 5.17
C LEU A 80 11.76 -19.30 4.07
N ILE A 81 10.58 -19.43 3.47
CA ILE A 81 10.32 -20.43 2.46
C ILE A 81 9.91 -19.73 1.20
N ILE A 82 10.60 -19.96 0.10
CA ILE A 82 10.25 -19.34 -1.20
C ILE A 82 9.62 -20.28 -2.24
N GLU A 83 8.39 -20.02 -2.63
CA GLU A 83 7.76 -20.79 -3.66
C GLU A 83 8.05 -20.12 -4.99
N ARG A 84 8.05 -20.90 -6.06
CA ARG A 84 8.30 -20.40 -7.40
C ARG A 84 7.20 -20.79 -8.36
N ARG A 85 6.97 -19.97 -9.37
CA ARG A 85 5.98 -20.24 -10.39
C ARG A 85 6.14 -21.65 -10.99
N GLU A 86 7.37 -22.15 -11.13
CA GLU A 86 7.64 -23.45 -11.79
C GLU A 86 7.40 -24.69 -10.93
N GLY A 87 7.16 -24.47 -9.64
CA GLY A 87 6.99 -25.58 -8.70
C GLY A 87 5.68 -26.35 -8.91
N SER A 88 5.77 -27.67 -8.87
CA SER A 88 4.62 -28.54 -9.01
C SER A 88 4.58 -29.42 -7.76
N ASP A 89 3.40 -29.63 -7.22
CA ASP A 89 3.21 -30.45 -6.00
C ASP A 89 3.13 -31.95 -6.38
N VAL A 90 3.24 -32.22 -7.66
CA VAL A 90 2.62 -33.37 -8.25
C VAL A 90 3.57 -33.98 -9.30
N CYS A 91 3.60 -35.30 -9.40
CA CYS A 91 4.26 -35.96 -10.53
C CYS A 91 3.17 -36.65 -11.34
N TYR A 92 2.51 -37.62 -10.76
CA TYR A 92 1.26 -38.14 -11.33
C TYR A 92 0.17 -37.09 -11.22
N PRO A 93 -0.63 -36.93 -12.30
CA PRO A 93 -1.55 -35.81 -12.32
C PRO A 93 -2.60 -35.86 -11.25
N GLY A 94 -2.93 -34.68 -10.75
CA GLY A 94 -3.92 -34.53 -9.73
C GLY A 94 -3.63 -33.26 -8.96
N LYS A 95 -4.17 -33.18 -7.77
CA LYS A 95 -4.13 -31.98 -7.00
C LYS A 95 -4.51 -32.29 -5.57
N PHE A 96 -4.16 -31.37 -4.68
CA PHE A 96 -4.71 -31.40 -3.34
C PHE A 96 -6.04 -30.72 -3.19
N VAL A 97 -6.94 -31.38 -2.50
CA VAL A 97 -8.17 -30.80 -2.06
C VAL A 97 -7.89 -29.94 -0.83
N ASN A 98 -8.59 -28.81 -0.71
CA ASN A 98 -8.24 -27.78 0.27
C ASN A 98 -6.83 -27.32 0.18
N GLU A 99 -6.32 -27.21 -1.04
CA GLU A 99 -4.92 -26.91 -1.21
C GLU A 99 -4.49 -25.68 -0.49
N GLU A 100 -5.28 -24.61 -0.54
CA GLU A 100 -4.74 -23.30 -0.11
C GLU A 100 -4.64 -23.19 1.42
N ALA A 101 -5.58 -23.80 2.10
CA ALA A 101 -5.52 -23.92 3.53
C ALA A 101 -4.23 -24.63 3.91
N LEU A 102 -4.01 -25.79 3.30
CA LEU A 102 -2.79 -26.52 3.55
C LEU A 102 -1.59 -25.72 3.19
N ARG A 103 -1.60 -24.99 2.05
CA ARG A 103 -0.39 -24.23 1.73
C ARG A 103 -0.09 -23.26 2.84
N GLN A 104 -1.14 -22.66 3.40
CA GLN A 104 -0.95 -21.59 4.38
C GLN A 104 -0.37 -22.13 5.68
N ILE A 105 -0.76 -23.35 6.03
CA ILE A 105 -0.21 -24.05 7.19
C ILE A 105 1.27 -24.32 6.97
N LEU A 106 1.66 -24.75 5.78
CA LEU A 106 3.07 -25.11 5.56
C LEU A 106 3.96 -23.90 5.41
N ARG A 107 3.40 -22.77 5.01
CA ARG A 107 4.21 -21.55 4.87
C ARG A 107 4.70 -21.04 6.21
N GLU A 108 3.91 -21.26 7.27
CA GLU A 108 4.27 -20.79 8.61
C GLU A 108 4.75 -21.92 9.53
N SER A 109 5.10 -23.05 8.93
CA SER A 109 5.37 -24.29 9.67
C SER A 109 6.74 -24.34 10.31
N GLY A 110 7.71 -23.65 9.70
CA GLY A 110 9.10 -23.78 10.06
C GLY A 110 9.79 -24.92 9.31
N GLY A 111 8.99 -25.72 8.62
CA GLY A 111 9.45 -26.91 7.98
C GLY A 111 8.66 -28.07 8.56
N ILE A 112 9.11 -29.28 8.25
CA ILE A 112 8.39 -30.50 8.60
C ILE A 112 9.35 -31.61 9.02
N ASP A 113 8.87 -32.46 9.91
CA ASP A 113 9.61 -33.63 10.36
C ASP A 113 8.72 -34.82 10.08
N LYS A 114 9.23 -35.80 9.36
CA LYS A 114 8.44 -36.96 9.01
C LYS A 114 8.64 -38.08 10.01
N GLU A 115 7.58 -38.87 10.17
CA GLU A 115 7.59 -40.03 11.04
C GLU A 115 6.85 -41.14 10.33
N ALA A 116 7.44 -42.33 10.39
CA ALA A 116 6.84 -43.52 9.80
C ALA A 116 5.49 -43.84 10.44
N MET A 117 4.57 -44.37 9.64
CA MET A 117 3.26 -44.70 10.16
C MET A 117 3.06 -46.16 10.48
N GLY A 118 3.98 -46.98 10.01
CA GLY A 118 4.05 -48.35 10.48
C GLY A 118 3.12 -49.29 9.76
N PHE A 119 2.50 -48.86 8.68
CA PHE A 119 1.67 -49.78 7.92
C PHE A 119 2.48 -50.84 7.18
N THR A 120 1.98 -52.08 7.22
CA THR A 120 2.52 -53.18 6.41
C THR A 120 1.32 -53.95 5.86
N TYR A 121 1.59 -54.82 4.90
CA TYR A 121 0.55 -55.31 4.01
C TYR A 121 0.76 -56.76 3.61
N SER A 122 -0.36 -57.42 3.37
CA SER A 122 -0.38 -58.79 2.90
C SER A 122 -1.49 -59.01 1.84
N GLY A 123 -1.16 -59.88 0.88
CA GLY A 123 -2.10 -60.26 -0.20
C GLY A 123 -2.26 -59.27 -1.35
N ILE A 124 -1.43 -58.23 -1.36
CA ILE A 124 -1.51 -57.15 -2.33
C ILE A 124 -0.13 -56.69 -2.81
N ARG A 125 -0.10 -56.13 -4.01
CA ARG A 125 1.07 -55.41 -4.47
C ARG A 125 1.06 -54.07 -3.75
N THR A 126 2.26 -53.52 -3.62
CA THR A 126 2.51 -52.27 -2.88
C THR A 126 3.37 -51.37 -3.78
N ASN A 127 3.76 -51.89 -4.93
CA ASN A 127 4.77 -51.29 -5.81
C ASN A 127 4.16 -50.53 -6.96
N GLY A 128 2.96 -50.02 -6.79
CA GLY A 128 2.36 -49.27 -7.88
C GLY A 128 3.30 -48.15 -8.26
N ALA A 129 3.52 -47.97 -9.55
CA ALA A 129 4.43 -46.95 -10.05
C ALA A 129 3.93 -46.34 -11.34
N THR A 130 4.56 -45.26 -11.75
CA THR A 130 4.21 -44.63 -13.00
C THR A 130 5.43 -43.99 -13.65
N SER A 131 5.43 -43.95 -14.98
CA SER A 131 6.46 -43.26 -15.72
C SER A 131 6.40 -41.75 -15.49
N ALA A 132 5.32 -41.26 -14.90
CA ALA A 132 5.19 -39.83 -14.64
C ALA A 132 6.01 -39.37 -13.42
N CYS A 133 6.35 -40.32 -12.55
CA CYS A 133 7.16 -40.06 -11.39
C CYS A 133 8.50 -40.78 -11.63
N ARG A 134 9.41 -40.10 -12.31
CA ARG A 134 10.60 -40.71 -12.80
C ARG A 134 11.75 -40.57 -11.81
N ARG A 135 12.28 -41.71 -11.33
CA ARG A 135 13.57 -41.73 -10.62
C ARG A 135 14.64 -42.52 -11.38
N SER A 136 14.86 -43.77 -10.99
CA SER A 136 15.69 -44.67 -11.80
C SER A 136 14.71 -45.53 -12.59
N GLY A 137 14.04 -44.87 -13.54
CA GLY A 137 12.87 -45.43 -14.22
C GLY A 137 11.57 -45.12 -13.47
N SER A 138 10.51 -45.82 -13.84
CA SER A 138 9.22 -45.66 -13.16
C SER A 138 9.34 -45.70 -11.64
N SER A 139 8.57 -44.82 -10.98
CA SER A 139 8.56 -44.74 -9.55
C SER A 139 7.25 -44.12 -9.08
N PHE A 140 7.26 -43.67 -7.83
CA PHE A 140 6.10 -43.05 -7.27
C PHE A 140 6.45 -42.01 -6.18
N TYR A 141 5.45 -41.30 -5.67
CA TYR A 141 5.60 -40.43 -4.53
C TYR A 141 6.40 -41.11 -3.41
N ALA A 142 7.45 -40.46 -2.90
CA ALA A 142 8.31 -41.04 -1.87
C ALA A 142 7.62 -41.37 -0.57
N GLU A 143 6.56 -40.65 -0.25
CA GLU A 143 5.93 -40.77 1.06
C GLU A 143 4.62 -41.52 1.01
N MET A 144 4.29 -42.13 -0.13
CA MET A 144 3.04 -42.82 -0.31
C MET A 144 3.24 -44.15 -0.96
N LYS A 145 2.20 -44.95 -0.95
CA LYS A 145 2.26 -46.27 -1.56
C LYS A 145 0.99 -46.50 -2.33
N TRP A 146 1.17 -46.79 -3.60
CA TRP A 146 0.10 -47.11 -4.47
C TRP A 146 -0.17 -48.60 -4.31
N LEU A 147 -1.24 -48.93 -3.59
CA LEU A 147 -1.69 -50.29 -3.32
C LEU A 147 -2.53 -50.83 -4.47
N LEU A 148 -2.29 -52.05 -4.87
CA LEU A 148 -2.91 -52.68 -6.03
C LEU A 148 -3.23 -54.14 -5.74
N SER A 149 -4.12 -54.75 -6.51
CA SER A 149 -4.43 -56.15 -6.32
C SER A 149 -3.23 -56.99 -6.61
N ASN A 150 -3.22 -58.18 -6.07
CA ASN A 150 -2.02 -58.99 -6.16
C ASN A 150 -1.70 -59.36 -7.60
N THR A 151 -2.71 -59.32 -8.46
CA THR A 151 -2.50 -59.55 -9.88
C THR A 151 -3.66 -58.90 -10.66
N ASP A 152 -3.50 -58.79 -11.98
CA ASP A 152 -4.45 -58.05 -12.84
C ASP A 152 -5.82 -58.64 -12.65
N ASN A 153 -6.80 -57.77 -12.46
CA ASN A 153 -8.23 -58.14 -12.31
C ASN A 153 -8.59 -58.71 -10.93
N ALA A 154 -7.61 -59.26 -10.24
CA ALA A 154 -7.85 -60.01 -9.00
C ALA A 154 -8.51 -59.14 -7.92
N ALA A 155 -9.16 -59.77 -6.96
CA ALA A 155 -9.92 -59.04 -5.94
C ALA A 155 -8.95 -58.41 -4.97
N PHE A 156 -9.30 -57.20 -4.55
CA PHE A 156 -8.51 -56.48 -3.60
C PHE A 156 -9.15 -56.72 -2.24
N PRO A 157 -8.48 -57.48 -1.34
CA PRO A 157 -8.96 -57.72 0.01
C PRO A 157 -9.30 -56.45 0.73
N GLN A 158 -10.49 -56.41 1.29
CA GLN A 158 -10.91 -55.35 2.18
C GLN A 158 -9.91 -55.28 3.34
N MET A 159 -9.42 -54.08 3.62
CA MET A 159 -8.35 -53.84 4.61
C MET A 159 -8.63 -52.70 5.55
N THR A 160 -8.00 -52.77 6.71
CA THR A 160 -8.00 -51.68 7.67
C THR A 160 -6.55 -51.47 8.17
N LYS A 161 -6.16 -50.22 8.31
CA LYS A 161 -4.87 -49.85 8.86
C LYS A 161 -5.14 -48.61 9.68
N SER A 162 -4.56 -48.54 10.87
CA SER A 162 -4.75 -47.41 11.78
C SER A 162 -3.40 -46.87 12.23
N TYR A 163 -3.37 -45.62 12.63
CA TYR A 163 -2.13 -45.02 13.12
C TYR A 163 -2.47 -44.02 14.18
N LYS A 164 -1.78 -44.11 15.30
CA LYS A 164 -2.01 -43.23 16.43
C LYS A 164 -0.92 -42.18 16.48
N ASN A 165 -1.29 -40.95 16.82
CA ASN A 165 -0.31 -39.89 17.02
C ASN A 165 0.23 -39.80 18.45
N THR A 166 1.45 -40.31 18.64
CA THR A 166 2.15 -40.35 19.95
C THR A 166 2.70 -39.01 20.43
N ARG A 167 2.90 -38.08 19.51
CA ARG A 167 3.59 -36.85 19.85
C ARG A 167 2.65 -35.84 20.47
N LYS A 168 3.23 -34.70 20.87
CA LYS A 168 2.52 -33.63 21.58
C LYS A 168 2.02 -32.54 20.62
N SER A 169 2.11 -32.81 19.33
CA SER A 169 1.77 -31.84 18.30
C SER A 169 0.82 -32.50 17.30
N PRO A 170 0.02 -31.70 16.59
CA PRO A 170 -0.84 -32.33 15.61
C PRO A 170 -0.02 -32.82 14.39
N ALA A 171 -0.39 -33.97 13.89
CA ALA A 171 0.26 -34.60 12.80
C ALA A 171 -0.52 -34.35 11.55
N LEU A 172 0.15 -33.80 10.54
CA LEU A 172 -0.42 -33.71 9.21
C LEU A 172 -0.49 -35.07 8.52
N ILE A 173 -1.71 -35.56 8.28
CA ILE A 173 -1.88 -36.84 7.58
C ILE A 173 -2.40 -36.59 6.19
N VAL A 174 -1.89 -37.35 5.23
CA VAL A 174 -2.25 -37.17 3.84
C VAL A 174 -2.52 -38.51 3.20
N TRP A 175 -3.52 -38.56 2.35
CA TRP A 175 -3.75 -39.75 1.55
C TRP A 175 -4.34 -39.32 0.21
N GLY A 176 -4.57 -40.28 -0.65
CA GLY A 176 -4.88 -40.01 -2.01
C GLY A 176 -5.89 -41.03 -2.45
N ILE A 177 -6.68 -40.65 -3.44
CA ILE A 177 -7.63 -41.53 -4.04
C ILE A 177 -7.22 -41.61 -5.49
N HIS A 178 -7.19 -42.80 -6.03
CA HIS A 178 -6.92 -42.94 -7.44
C HIS A 178 -8.19 -43.00 -8.27
N HIS A 179 -8.30 -42.06 -9.20
CA HIS A 179 -9.39 -41.96 -10.18
C HIS A 179 -8.91 -42.49 -11.52
N SER A 180 -9.35 -43.69 -11.88
CA SER A 180 -8.88 -44.37 -13.08
C SER A 180 -9.55 -43.82 -14.34
N VAL A 181 -9.01 -44.15 -15.49
CA VAL A 181 -9.56 -43.61 -16.73
C VAL A 181 -10.93 -44.24 -17.08
N SER A 182 -11.10 -45.51 -16.72
CA SER A 182 -12.28 -46.31 -17.05
C SER A 182 -12.53 -47.36 -15.96
N THR A 183 -13.79 -47.72 -15.72
CA THR A 183 -14.08 -48.82 -14.79
C THR A 183 -13.33 -50.11 -15.17
N ALA A 184 -13.02 -50.28 -16.45
CA ALA A 184 -12.17 -51.36 -16.92
C ALA A 184 -10.74 -51.26 -16.37
N GLU A 185 -10.16 -50.06 -16.33
CA GLU A 185 -8.82 -49.87 -15.72
C GLU A 185 -8.92 -50.06 -14.21
N GLN A 186 -9.92 -49.45 -13.60
CA GLN A 186 -10.08 -49.62 -12.15
C GLN A 186 -10.29 -51.06 -11.73
N THR A 187 -10.58 -51.94 -12.68
CA THR A 187 -10.77 -53.36 -12.41
C THR A 187 -9.45 -54.12 -12.57
N LYS A 188 -8.71 -53.79 -13.61
CA LYS A 188 -7.38 -54.30 -13.79
C LYS A 188 -6.59 -54.08 -12.47
N LEU A 189 -6.70 -52.90 -11.85
CA LEU A 189 -5.83 -52.55 -10.73
C LEU A 189 -6.33 -53.14 -9.46
N TYR A 190 -7.62 -52.98 -9.20
CA TYR A 190 -8.19 -53.29 -7.89
C TYR A 190 -9.31 -54.32 -7.90
N GLY A 191 -9.56 -54.92 -9.06
CA GLY A 191 -10.65 -55.88 -9.22
C GLY A 191 -12.00 -55.23 -9.37
N SER A 192 -12.95 -56.00 -9.87
CA SER A 192 -14.33 -55.52 -10.07
C SER A 192 -15.01 -55.26 -8.72
N GLY A 193 -16.25 -54.81 -8.79
CA GLY A 193 -17.00 -54.47 -7.60
C GLY A 193 -16.83 -53.00 -7.39
N ASN A 194 -17.66 -52.45 -6.52
CA ASN A 194 -17.58 -51.02 -6.17
C ASN A 194 -16.45 -50.81 -5.20
N LYS A 195 -15.79 -49.66 -5.32
CA LYS A 195 -14.66 -49.31 -4.48
C LYS A 195 -15.01 -48.16 -3.54
N LEU A 196 -14.51 -48.27 -2.33
CA LEU A 196 -14.85 -47.33 -1.27
C LEU A 196 -13.65 -47.21 -0.35
N VAL A 197 -13.41 -45.98 0.11
CA VAL A 197 -12.34 -45.66 1.03
C VAL A 197 -12.88 -44.85 2.19
N THR A 198 -12.85 -45.42 3.38
CA THR A 198 -13.40 -44.77 4.58
C THR A 198 -12.23 -44.44 5.48
N VAL A 199 -12.25 -43.19 5.94
CA VAL A 199 -11.18 -42.60 6.67
C VAL A 199 -11.76 -42.05 7.92
N GLY A 200 -11.54 -42.75 9.02
CA GLY A 200 -12.08 -42.36 10.32
C GLY A 200 -11.03 -41.92 11.35
N SER A 201 -11.25 -40.74 11.95
CA SER A 201 -10.64 -40.43 13.23
C SER A 201 -11.74 -40.27 14.30
N SER A 202 -11.38 -39.65 15.43
CA SER A 202 -12.37 -39.26 16.45
C SER A 202 -13.22 -38.08 15.99
N ASN A 203 -12.61 -37.13 15.26
CA ASN A 203 -13.23 -35.84 14.88
C ASN A 203 -13.40 -35.65 13.38
N TYR A 204 -13.66 -36.75 12.69
CA TYR A 204 -13.57 -36.84 11.25
C TYR A 204 -13.90 -38.28 10.85
N GLN A 205 -15.01 -38.44 10.13
CA GLN A 205 -15.20 -39.61 9.27
C GLN A 205 -15.69 -39.03 7.96
N GLN A 206 -15.29 -39.69 6.88
CA GLN A 206 -15.60 -39.24 5.54
C GLN A 206 -15.41 -40.40 4.63
N SER A 207 -16.18 -40.41 3.57
CA SER A 207 -16.06 -41.43 2.57
C SER A 207 -15.47 -40.81 1.30
N PHE A 208 -14.89 -41.65 0.45
CA PHE A 208 -14.33 -41.23 -0.82
C PHE A 208 -14.59 -42.35 -1.78
N VAL A 209 -15.06 -42.01 -2.97
CA VAL A 209 -15.30 -43.00 -4.00
C VAL A 209 -14.40 -42.61 -5.15
N PRO A 210 -13.70 -43.60 -5.74
CA PRO A 210 -13.08 -43.25 -7.00
C PRO A 210 -14.21 -43.00 -8.03
N SER A 211 -14.06 -41.93 -8.79
CA SER A 211 -14.90 -41.67 -9.90
C SER A 211 -14.05 -41.85 -11.15
N PRO A 212 -14.01 -43.07 -11.68
CA PRO A 212 -13.34 -43.31 -12.94
C PRO A 212 -14.14 -42.68 -14.04
N GLY A 213 -13.44 -42.23 -15.07
CA GLY A 213 -14.06 -41.52 -16.15
C GLY A 213 -13.01 -40.95 -17.07
N ALA A 214 -13.35 -40.86 -18.36
CA ALA A 214 -12.40 -40.37 -19.33
C ALA A 214 -12.11 -38.91 -19.03
N ARG A 215 -10.90 -38.49 -19.33
CA ARG A 215 -10.51 -37.08 -19.18
C ARG A 215 -9.23 -36.83 -19.94
N PRO A 216 -8.89 -35.56 -20.14
CA PRO A 216 -7.69 -35.28 -20.93
C PRO A 216 -6.40 -35.87 -20.36
N GLN A 217 -5.55 -36.37 -21.25
CA GLN A 217 -4.21 -36.76 -20.92
C GLN A 217 -3.45 -35.55 -20.43
N VAL A 218 -2.90 -35.63 -19.23
CA VAL A 218 -1.87 -34.72 -18.72
C VAL A 218 -0.58 -35.56 -18.57
N ASN A 219 0.50 -35.17 -19.28
CA ASN A 219 1.74 -35.96 -19.34
C ASN A 219 1.51 -37.30 -20.06
N GLY A 220 0.54 -37.34 -20.98
CA GLY A 220 0.11 -38.60 -21.59
C GLY A 220 -0.76 -39.53 -20.72
N LEU A 221 -1.05 -39.19 -19.44
CA LEU A 221 -1.97 -39.98 -18.57
C LEU A 221 -3.32 -39.33 -18.23
N SER A 222 -4.36 -40.15 -18.23
CA SER A 222 -5.69 -39.67 -17.96
C SER A 222 -6.13 -40.05 -16.56
N GLY A 223 -5.23 -40.64 -15.82
CA GLY A 223 -5.48 -40.93 -14.42
C GLY A 223 -5.28 -39.67 -13.60
N ARG A 224 -5.85 -39.66 -12.41
CA ARG A 224 -5.60 -38.60 -11.46
C ARG A 224 -5.52 -39.18 -10.11
N ILE A 225 -4.56 -38.70 -9.34
CA ILE A 225 -4.52 -39.00 -7.93
C ILE A 225 -4.76 -37.69 -7.24
N ASP A 226 -5.85 -37.61 -6.52
CA ASP A 226 -6.08 -36.41 -5.75
C ASP A 226 -5.85 -36.65 -4.23
N PHE A 227 -5.09 -35.74 -3.63
CA PHE A 227 -4.73 -35.82 -2.27
C PHE A 227 -5.65 -35.06 -1.30
N HIS A 228 -5.99 -35.75 -0.21
CA HIS A 228 -6.75 -35.19 0.90
C HIS A 228 -5.91 -35.21 2.15
N TRP A 229 -6.20 -34.29 3.05
CA TRP A 229 -5.49 -34.28 4.30
C TRP A 229 -6.37 -33.99 5.51
N LEU A 230 -5.83 -34.29 6.69
CA LEU A 230 -6.39 -33.89 7.98
C LEU A 230 -5.33 -33.76 9.04
N MET A 231 -5.60 -32.91 10.02
CA MET A 231 -4.81 -32.82 11.25
C MET A 231 -5.30 -33.85 12.27
N LEU A 232 -4.44 -34.82 12.61
CA LEU A 232 -4.71 -35.77 13.71
C LEU A 232 -4.13 -35.16 14.96
N ASN A 233 -4.94 -35.09 16.01
CA ASN A 233 -4.54 -34.46 17.25
C ASN A 233 -3.70 -35.38 18.11
N PRO A 234 -2.91 -34.83 19.04
CA PRO A 234 -2.17 -35.66 20.00
C PRO A 234 -3.03 -36.77 20.63
N ASN A 235 -2.54 -37.99 20.60
CA ASN A 235 -3.23 -39.13 21.20
C ASN A 235 -4.42 -39.70 20.39
N ASP A 236 -4.76 -39.05 19.26
CA ASP A 236 -5.84 -39.50 18.39
C ASP A 236 -5.33 -40.60 17.41
N THR A 237 -6.26 -41.34 16.83
CA THR A 237 -5.94 -42.39 15.86
C THR A 237 -6.66 -42.14 14.54
N VAL A 238 -6.03 -42.42 13.42
CA VAL A 238 -6.75 -42.35 12.16
C VAL A 238 -6.84 -43.74 11.59
N THR A 239 -8.03 -44.10 11.10
CA THR A 239 -8.24 -45.44 10.57
C THR A 239 -8.66 -45.38 9.10
N PHE A 240 -8.16 -46.30 8.31
CA PHE A 240 -8.32 -46.28 6.87
C PHE A 240 -8.88 -47.62 6.50
N SER A 241 -10.04 -47.63 5.86
CA SER A 241 -10.61 -48.89 5.42
C SER A 241 -10.84 -48.77 3.92
N PHE A 242 -10.53 -49.80 3.17
CA PHE A 242 -10.51 -49.63 1.73
C PHE A 242 -10.44 -50.96 1.03
N ASN A 243 -10.95 -50.99 -0.18
CA ASN A 243 -10.78 -52.18 -0.99
C ASN A 243 -10.15 -51.86 -2.34
N GLY A 244 -9.52 -50.70 -2.45
CA GLY A 244 -8.85 -50.30 -3.69
C GLY A 244 -8.83 -48.82 -3.89
N ALA A 245 -8.16 -48.40 -4.95
CA ALA A 245 -8.11 -46.97 -5.29
C ALA A 245 -7.58 -46.08 -4.19
N PHE A 246 -6.78 -46.65 -3.32
CA PHE A 246 -6.23 -45.95 -2.17
C PHE A 246 -4.71 -45.80 -2.32
N ILE A 247 -4.23 -44.58 -2.07
CA ILE A 247 -2.85 -44.21 -2.14
C ILE A 247 -2.49 -43.90 -0.72
N ALA A 248 -1.73 -44.80 -0.10
CA ALA A 248 -1.62 -44.83 1.34
C ALA A 248 -0.41 -44.10 1.78
N PRO A 249 -0.51 -43.38 2.90
CA PRO A 249 0.66 -42.72 3.41
C PRO A 249 1.60 -43.73 4.06
N ASP A 250 2.88 -43.44 3.91
CA ASP A 250 3.95 -44.15 4.52
C ASP A 250 4.35 -43.34 5.77
N ARG A 251 4.39 -42.01 5.66
CA ARG A 251 4.86 -41.15 6.74
C ARG A 251 3.89 -40.02 7.03
N ALA A 252 3.88 -39.58 8.28
CA ALA A 252 3.11 -38.44 8.75
C ALA A 252 4.05 -37.28 8.99
N SER A 253 3.53 -36.05 9.02
CA SER A 253 4.38 -34.87 9.10
C SER A 253 4.03 -34.04 10.30
N PHE A 254 5.02 -33.46 10.98
CA PHE A 254 4.82 -32.57 12.09
C PHE A 254 5.54 -31.32 11.75
N LEU A 255 4.92 -30.20 12.11
CA LEU A 255 5.39 -28.89 11.76
C LEU A 255 6.45 -28.55 12.75
N ARG A 256 7.54 -27.96 12.28
CA ARG A 256 8.72 -27.76 13.12
C ARG A 256 8.60 -26.64 14.09
N GLY A 257 8.20 -25.47 13.61
CA GLY A 257 8.13 -24.28 14.45
C GLY A 257 7.47 -23.13 13.71
N LYS A 258 8.27 -22.12 13.37
CA LYS A 258 7.79 -20.85 12.78
C LYS A 258 8.55 -20.53 11.52
N SER A 259 7.82 -20.13 10.50
CA SER A 259 8.42 -19.62 9.27
C SER A 259 7.48 -18.62 8.64
N MET A 260 8.00 -17.93 7.66
CA MET A 260 7.20 -17.16 6.74
C MET A 260 7.47 -17.65 5.32
N GLY A 261 6.43 -17.69 4.52
CA GLY A 261 6.58 -18.09 3.15
C GLY A 261 6.16 -17.03 2.17
N ILE A 262 6.88 -16.91 1.07
CA ILE A 262 6.50 -15.99 0.00
C ILE A 262 6.56 -16.65 -1.34
N GLN A 263 5.97 -15.98 -2.33
CA GLN A 263 6.05 -16.41 -3.70
C GLN A 263 6.88 -15.41 -4.42
N SER A 264 7.79 -15.84 -5.29
CA SER A 264 8.70 -14.87 -5.92
C SER A 264 9.35 -15.34 -7.20
N GLY A 265 9.68 -14.37 -8.04
CA GLY A 265 10.32 -14.61 -9.31
C GLY A 265 11.68 -13.95 -9.43
N VAL A 266 12.34 -13.67 -8.31
CA VAL A 266 13.70 -13.08 -8.36
C VAL A 266 14.71 -13.84 -7.49
N GLN A 267 16.00 -13.61 -7.72
CA GLN A 267 17.07 -14.31 -7.00
C GLN A 267 17.09 -14.06 -5.50
N VAL A 268 17.60 -15.05 -4.77
CA VAL A 268 17.85 -14.93 -3.36
C VAL A 268 19.13 -14.16 -3.25
N ASP A 269 19.28 -13.42 -2.16
CA ASP A 269 20.52 -12.71 -1.86
C ASP A 269 20.78 -12.74 -0.35
N ALA A 270 21.69 -13.62 0.08
CA ALA A 270 21.98 -13.78 1.50
C ALA A 270 22.85 -12.67 2.09
N ASN A 271 23.14 -11.62 1.32
CA ASN A 271 23.96 -10.50 1.82
C ASN A 271 23.16 -9.35 2.42
N CYS A 272 22.11 -8.90 1.74
CA CYS A 272 21.23 -7.83 2.28
C CYS A 272 20.21 -8.40 3.28
N GLU A 273 19.86 -7.62 4.27
CA GLU A 273 18.84 -8.05 5.24
C GLU A 273 17.51 -7.39 4.90
N GLY A 274 16.41 -8.12 5.06
CA GLY A 274 15.06 -7.60 4.76
C GLY A 274 14.02 -8.27 5.60
N ASP A 275 12.91 -7.59 5.79
CA ASP A 275 11.76 -8.18 6.51
C ASP A 275 10.40 -8.03 5.78
N CYS A 276 10.39 -7.43 4.60
CA CYS A 276 9.16 -7.14 3.83
C CYS A 276 9.36 -7.52 2.39
N TYR A 277 8.64 -8.51 1.94
CA TYR A 277 8.91 -9.10 0.64
C TYR A 277 7.68 -9.07 -0.19
N HIS A 278 7.88 -9.23 -1.48
CA HIS A 278 6.77 -9.38 -2.41
C HIS A 278 7.37 -10.11 -3.60
N SER A 279 6.55 -10.46 -4.57
CA SER A 279 7.06 -11.33 -5.62
C SER A 279 8.28 -10.78 -6.34
N GLY A 280 8.37 -9.46 -6.44
CA GLY A 280 9.41 -8.80 -7.23
C GLY A 280 10.60 -8.33 -6.41
N GLY A 281 10.64 -8.68 -5.13
CA GLY A 281 11.83 -8.37 -4.36
C GLY A 281 11.53 -8.01 -2.92
N THR A 282 12.30 -7.06 -2.41
CA THR A 282 12.32 -6.74 -1.00
C THR A 282 12.24 -5.24 -0.87
N ILE A 283 11.45 -4.80 0.10
CA ILE A 283 11.21 -3.40 0.34
C ILE A 283 11.99 -3.09 1.59
N ILE A 284 13.10 -2.37 1.46
CA ILE A 284 13.85 -1.93 2.62
C ILE A 284 13.66 -0.43 2.87
N SER A 285 13.02 -0.09 3.98
CA SER A 285 12.53 1.24 4.19
C SER A 285 12.14 1.41 5.61
N ASN A 286 12.34 2.60 6.15
CA ASN A 286 11.65 2.99 7.40
C ASN A 286 10.45 3.87 7.12
N LEU A 287 10.18 4.14 5.86
CA LEU A 287 9.07 5.03 5.55
C LEU A 287 7.80 4.33 6.01
N PRO A 288 6.84 5.10 6.47
CA PRO A 288 5.62 4.47 6.97
C PRO A 288 4.69 3.88 5.89
N PHE A 289 4.89 4.29 4.64
CA PHE A 289 4.02 3.87 3.54
C PHE A 289 4.81 3.41 2.32
N GLN A 290 4.18 2.63 1.43
CA GLN A 290 4.80 2.18 0.19
C GLN A 290 3.79 2.07 -0.92
N ASN A 291 4.26 2.21 -2.15
CA ASN A 291 3.40 2.20 -3.35
C ASN A 291 3.91 1.18 -4.38
N ILE A 292 4.66 0.20 -3.88
CA ILE A 292 5.25 -0.85 -4.69
C ILE A 292 4.27 -2.00 -4.91
N ASP A 293 3.77 -2.61 -3.83
CA ASP A 293 2.90 -3.79 -3.95
C ASP A 293 1.95 -3.98 -2.78
N SER A 294 0.65 -4.04 -3.08
CA SER A 294 -0.38 -4.22 -2.06
C SER A 294 -0.38 -5.55 -1.42
N ARG A 295 0.24 -6.54 -2.05
CA ARG A 295 0.29 -7.86 -1.43
C ARG A 295 1.61 -8.16 -0.73
N ALA A 296 2.43 -7.15 -0.50
CA ALA A 296 3.69 -7.32 0.25
C ALA A 296 3.41 -8.00 1.56
N VAL A 297 4.34 -8.81 2.03
CA VAL A 297 4.16 -9.51 3.29
C VAL A 297 5.40 -9.45 4.13
N GLY A 298 5.27 -9.81 5.39
CA GLY A 298 6.34 -9.60 6.38
C GLY A 298 5.99 -8.38 7.20
N LYS A 299 7.00 -7.67 7.70
CA LYS A 299 6.78 -6.44 8.45
C LYS A 299 7.00 -5.33 7.48
N CYS A 300 5.92 -4.63 7.14
CA CYS A 300 5.90 -3.74 5.98
C CYS A 300 5.36 -2.33 6.24
N PRO A 301 5.87 -1.34 5.49
CA PRO A 301 5.11 -0.09 5.44
C PRO A 301 3.72 -0.35 4.84
N ARG A 302 2.76 0.49 5.18
CA ARG A 302 1.42 0.26 4.71
C ARG A 302 1.29 0.69 3.26
N TYR A 303 0.65 -0.14 2.46
CA TYR A 303 0.48 0.14 1.04
C TYR A 303 -0.49 1.25 0.87
N VAL A 304 -0.12 2.24 0.07
CA VAL A 304 -1.04 3.32 -0.29
C VAL A 304 -1.06 3.47 -1.80
N LYS A 305 -2.06 4.14 -2.29
CA LYS A 305 -2.36 4.34 -3.70
C LYS A 305 -1.46 5.39 -4.39
N GLN A 306 -1.05 6.40 -3.61
CA GLN A 306 -0.32 7.55 -4.12
C GLN A 306 1.14 7.17 -4.37
N ARG A 307 1.78 7.75 -5.37
CA ARG A 307 3.22 7.50 -5.58
C ARG A 307 4.07 8.36 -4.62
N SER A 308 3.58 9.54 -4.24
CA SER A 308 4.41 10.46 -3.46
C SER A 308 3.62 11.32 -2.52
N LEU A 309 4.15 11.49 -1.31
CA LEU A 309 3.58 12.40 -0.32
C LEU A 309 4.73 13.03 0.46
N LEU A 310 5.05 14.27 0.18
CA LEU A 310 6.23 14.88 0.77
C LEU A 310 5.85 15.53 2.08
N LEU A 311 6.71 15.31 3.06
CA LEU A 311 6.54 15.79 4.39
C LEU A 311 7.55 16.89 4.59
N ALA A 312 7.06 18.08 4.91
CA ALA A 312 7.96 19.23 5.05
C ALA A 312 8.84 18.99 6.20
N THR A 313 10.13 19.23 6.04
CA THR A 313 11.08 19.18 7.16
C THR A 313 11.78 20.52 7.34
N GLY A 314 11.26 21.57 6.72
CA GLY A 314 11.69 22.92 6.99
C GLY A 314 10.55 23.91 6.85
N MET A 315 10.84 25.19 7.01
CA MET A 315 9.81 26.22 7.03
C MET A 315 9.40 26.60 5.62
N LYS A 316 8.37 27.45 5.51
CA LYS A 316 7.99 28.04 4.23
C LYS A 316 9.17 28.74 3.60
N ASN A 317 9.29 28.62 2.30
CA ASN A 317 10.37 29.24 1.59
C ASN A 317 9.89 30.52 0.97
N VAL A 318 10.42 31.64 1.42
CA VAL A 318 10.00 32.94 0.91
C VAL A 318 11.21 33.65 0.38
N PRO A 319 11.52 33.45 -0.90
CA PRO A 319 12.74 34.06 -1.41
C PRO A 319 12.42 35.48 -1.83
N GLU A 320 13.45 36.31 -2.04
CA GLU A 320 13.21 37.60 -2.71
C GLU A 320 13.39 37.49 -4.24
N ALA B 5 17.97 49.62 2.83
CA ALA B 5 17.92 48.41 1.95
C ALA B 5 17.95 47.07 2.73
N ILE B 6 17.98 47.10 4.06
CA ILE B 6 17.96 45.91 4.93
C ILE B 6 16.51 45.65 5.38
N ALA B 7 16.05 44.40 5.33
CA ALA B 7 14.67 44.06 5.75
C ALA B 7 14.57 42.74 6.48
N GLY B 8 13.49 42.59 7.24
CA GLY B 8 13.25 41.42 8.09
C GLY B 8 12.27 40.42 7.51
N PHE B 9 11.80 39.52 8.38
CA PHE B 9 10.95 38.43 7.95
C PHE B 9 9.58 38.78 7.42
N ILE B 10 9.01 39.93 7.81
CA ILE B 10 7.71 40.24 7.24
C ILE B 10 7.80 40.29 5.73
N GLU B 11 8.86 40.87 5.18
CA GLU B 11 9.01 40.95 3.73
C GLU B 11 9.29 39.58 3.04
N ASN B 12 10.35 38.92 3.49
CA ASN B 12 10.75 37.67 2.88
C ASN B 12 11.89 37.01 3.65
N GLY B 13 12.32 35.86 3.16
CA GLY B 13 13.41 35.16 3.77
C GLY B 13 14.72 35.67 3.21
N TRP B 14 15.81 35.22 3.82
CA TRP B 14 17.18 35.58 3.47
C TRP B 14 17.91 34.40 2.89
N GLU B 15 18.17 34.42 1.57
CA GLU B 15 19.01 33.39 0.92
C GLU B 15 20.42 33.33 1.46
N GLY B 16 20.92 34.47 1.93
CA GLY B 16 22.26 34.56 2.48
C GLY B 16 22.48 33.96 3.85
N LEU B 17 21.41 33.54 4.52
CA LEU B 17 21.55 32.96 5.88
C LEU B 17 21.68 31.42 5.80
N ILE B 18 22.90 30.92 5.98
CA ILE B 18 23.26 29.50 5.74
C ILE B 18 23.72 28.74 7.00
N ASP B 19 24.04 29.48 8.05
CA ASP B 19 24.47 28.96 9.35
C ASP B 19 23.30 28.69 10.30
N GLY B 20 22.07 28.79 9.81
CA GLY B 20 20.94 28.74 10.72
C GLY B 20 19.62 28.99 10.04
N TRP B 21 18.55 28.74 10.76
CA TRP B 21 17.19 28.95 10.26
C TRP B 21 16.71 30.35 10.52
N TYR B 22 17.18 30.91 11.63
CA TYR B 22 16.79 32.25 12.01
C TYR B 22 18.02 33.06 12.32
N GLY B 23 17.91 34.36 12.21
CA GLY B 23 19.08 35.20 12.37
C GLY B 23 18.80 36.65 12.63
N PHE B 24 19.89 37.38 12.73
CA PHE B 24 19.89 38.82 12.90
C PHE B 24 20.69 39.44 11.77
N ARG B 25 20.16 40.54 11.25
CA ARG B 25 20.87 41.32 10.27
C ARG B 25 20.84 42.75 10.76
N HIS B 26 22.01 43.36 10.91
CA HIS B 26 22.10 44.72 11.42
C HIS B 26 22.79 45.68 10.45
N GLN B 27 22.56 46.95 10.69
CA GLN B 27 23.14 48.02 9.92
C GLN B 27 23.54 49.06 10.92
N ASN B 28 24.83 49.36 10.99
CA ASN B 28 25.31 50.47 11.78
C ASN B 28 26.37 51.26 11.01
N ALA B 29 27.08 52.14 11.70
CA ALA B 29 28.19 52.84 11.07
C ALA B 29 29.25 51.87 10.51
N GLN B 30 29.58 50.81 11.25
CA GLN B 30 30.55 49.80 10.76
C GLN B 30 30.02 48.91 9.63
N GLY B 31 28.76 49.09 9.25
CA GLY B 31 28.25 48.41 8.07
C GLY B 31 27.19 47.39 8.38
N GLU B 32 27.08 46.41 7.47
CA GLU B 32 26.05 45.39 7.52
C GLU B 32 26.69 44.08 8.02
N GLY B 33 25.91 43.30 8.76
CA GLY B 33 26.34 41.99 9.22
C GLY B 33 25.16 41.09 9.52
N THR B 34 25.32 39.80 9.21
CA THR B 34 24.30 38.79 9.50
C THR B 34 24.87 37.69 10.41
N ALA B 35 24.06 37.23 11.36
CA ALA B 35 24.45 36.15 12.28
C ALA B 35 23.26 35.28 12.65
N ALA B 36 23.49 33.96 12.68
CA ALA B 36 22.46 33.01 13.06
C ALA B 36 22.21 33.03 14.58
N ASP B 37 20.94 32.91 14.99
CA ASP B 37 20.59 32.58 16.36
C ASP B 37 20.49 31.07 16.53
N TYR B 38 21.32 30.52 17.42
CA TYR B 38 21.45 29.09 17.58
C TYR B 38 20.23 28.50 18.30
N LYS B 39 19.85 29.08 19.42
CA LYS B 39 18.77 28.53 20.24
C LYS B 39 17.45 28.34 19.45
N SER B 40 17.02 29.35 18.71
CA SER B 40 15.71 29.26 18.06
C SER B 40 15.78 28.31 16.86
N THR B 41 16.94 28.25 16.23
CA THR B 41 17.18 27.28 15.18
C THR B 41 17.00 25.88 15.74
N GLN B 42 17.68 25.61 16.83
CA GLN B 42 17.71 24.28 17.38
C GLN B 42 16.33 23.88 17.85
N SER B 43 15.66 24.82 18.53
CA SER B 43 14.30 24.55 18.96
C SER B 43 13.49 24.05 17.78
N ALA B 44 13.54 24.77 16.66
CA ALA B 44 12.77 24.38 15.51
C ALA B 44 13.21 23.02 15.02
N ILE B 45 14.51 22.83 14.85
CA ILE B 45 15.00 21.57 14.32
C ILE B 45 14.56 20.41 15.17
N ASP B 46 14.61 20.58 16.49
CA ASP B 46 14.27 19.48 17.37
C ASP B 46 12.79 19.10 17.29
N GLN B 47 11.92 20.08 17.09
CA GLN B 47 10.53 19.78 16.94
C GLN B 47 10.27 19.01 15.63
N ILE B 48 10.96 19.38 14.55
CA ILE B 48 10.89 18.64 13.30
C ILE B 48 11.48 17.24 13.49
N THR B 49 12.68 17.16 14.07
CA THR B 49 13.27 15.88 14.39
C THR B 49 12.26 14.99 15.19
N GLY B 50 11.55 15.58 16.13
CA GLY B 50 10.51 14.86 16.84
C GLY B 50 9.35 14.35 15.99
N LYS B 51 9.00 15.07 14.93
CA LYS B 51 8.01 14.59 13.98
C LYS B 51 8.54 13.39 13.27
N LEU B 52 9.73 13.53 12.73
CA LEU B 52 10.36 12.43 12.03
C LEU B 52 10.45 11.17 12.88
N ASN B 53 10.92 11.30 14.11
CA ASN B 53 11.02 10.13 14.98
C ASN B 53 9.70 9.40 15.15
N ARG B 54 8.62 10.16 15.19
CA ARG B 54 7.30 9.61 15.30
C ARG B 54 6.73 9.05 13.99
N LEU B 55 7.07 9.64 12.85
CA LEU B 55 6.48 9.22 11.55
C LEU B 55 7.30 8.19 10.78
N ILE B 56 8.58 8.10 11.10
CA ILE B 56 9.50 7.09 10.54
C ILE B 56 9.45 5.76 11.31
N GLU B 57 8.29 5.51 11.92
CA GLU B 57 8.08 4.32 12.70
C GLU B 57 7.86 3.12 11.78
N LYS B 58 8.26 1.96 12.28
CA LYS B 58 8.02 0.64 11.67
C LYS B 58 6.87 -0.03 12.40
N THR B 59 5.94 -0.63 11.67
CA THR B 59 5.00 -1.55 12.31
C THR B 59 5.77 -2.80 12.75
N ASN B 60 5.47 -3.29 13.95
CA ASN B 60 5.95 -4.61 14.39
C ASN B 60 4.97 -5.74 14.04
N GLN B 61 3.92 -5.44 13.26
CA GLN B 61 2.91 -6.43 12.94
C GLN B 61 3.25 -7.11 11.59
N GLN B 62 3.26 -8.44 11.64
CA GLN B 62 3.58 -9.26 10.51
C GLN B 62 2.32 -9.73 9.83
N PHE B 63 2.26 -9.61 8.52
CA PHE B 63 1.14 -10.12 7.76
C PHE B 63 1.62 -11.22 6.82
N GLU B 64 0.76 -12.18 6.54
CA GLU B 64 1.06 -13.35 5.76
C GLU B 64 0.17 -13.36 4.52
N LEU B 65 0.50 -14.20 3.55
CA LEU B 65 -0.29 -14.31 2.33
C LEU B 65 -1.63 -14.95 2.67
N ILE B 66 -2.72 -14.40 2.13
CA ILE B 66 -4.04 -15.09 2.22
C ILE B 66 -4.55 -15.42 0.84
N ASP B 67 -3.66 -15.26 -0.10
CA ASP B 67 -3.96 -15.08 -1.49
C ASP B 67 -2.86 -15.81 -2.24
N ASN B 68 -3.05 -16.10 -3.51
CA ASN B 68 -2.04 -16.84 -4.26
C ASN B 68 -1.82 -16.25 -5.65
N GLU B 69 -0.60 -15.84 -5.91
CA GLU B 69 -0.22 -15.18 -7.17
C GLU B 69 -0.11 -16.22 -8.30
N PHE B 70 0.19 -17.46 -7.98
CA PHE B 70 0.42 -18.49 -9.00
C PHE B 70 -0.80 -19.36 -9.32
N ASN B 71 -1.57 -19.65 -8.29
CA ASN B 71 -2.72 -20.51 -8.43
C ASN B 71 -3.90 -19.86 -7.69
N GLU B 72 -4.73 -19.16 -8.45
CA GLU B 72 -5.77 -18.27 -7.94
C GLU B 72 -6.74 -19.04 -7.03
N VAL B 73 -7.10 -18.40 -5.91
CA VAL B 73 -7.97 -19.02 -4.94
C VAL B 73 -9.38 -18.99 -5.49
N GLU B 74 -10.25 -19.68 -4.79
CA GLU B 74 -11.64 -19.85 -5.17
C GLU B 74 -12.25 -18.45 -5.25
N LYS B 75 -13.07 -18.24 -6.24
CA LYS B 75 -13.52 -16.91 -6.61
C LYS B 75 -14.30 -16.15 -5.53
N GLN B 76 -15.14 -16.85 -4.77
CA GLN B 76 -15.93 -16.13 -3.77
C GLN B 76 -15.05 -15.56 -2.69
N ILE B 77 -14.18 -16.39 -2.15
CA ILE B 77 -13.28 -15.92 -1.09
C ILE B 77 -12.30 -14.88 -1.64
N GLY B 78 -11.85 -15.05 -2.89
CA GLY B 78 -10.94 -14.07 -3.54
C GLY B 78 -11.57 -12.71 -3.64
N ASN B 79 -12.84 -12.67 -3.97
CA ASN B 79 -13.54 -11.41 -4.09
C ASN B 79 -13.73 -10.75 -2.74
N VAL B 80 -13.94 -11.54 -1.68
CA VAL B 80 -14.04 -10.98 -0.36
C VAL B 80 -12.68 -10.44 0.11
N ILE B 81 -11.63 -11.20 -0.16
CA ILE B 81 -10.31 -10.77 0.15
C ILE B 81 -9.98 -9.47 -0.57
N ASN B 82 -10.27 -9.41 -1.86
CA ASN B 82 -9.90 -8.19 -2.62
C ASN B 82 -10.67 -6.98 -2.19
N TRP B 83 -11.93 -7.16 -1.85
CA TRP B 83 -12.73 -6.09 -1.34
C TRP B 83 -12.16 -5.60 -0.03
N THR B 84 -11.79 -6.54 0.84
CA THR B 84 -11.28 -6.15 2.12
C THR B 84 -9.98 -5.39 1.92
N ARG B 85 -9.10 -5.91 1.08
CA ARG B 85 -7.81 -5.30 0.85
C ARG B 85 -7.94 -3.92 0.26
N ASP B 86 -8.79 -3.77 -0.75
CA ASP B 86 -9.06 -2.45 -1.31
C ASP B 86 -9.65 -1.47 -0.29
N SER B 87 -10.56 -1.89 0.60
CA SER B 87 -11.09 -1.03 1.62
C SER B 87 -10.00 -0.53 2.56
N ILE B 88 -9.11 -1.43 2.94
CA ILE B 88 -8.03 -1.08 3.80
C ILE B 88 -7.10 -0.09 3.09
N THR B 89 -6.84 -0.32 1.82
CA THR B 89 -5.99 0.57 1.04
C THR B 89 -6.55 1.98 0.95
N GLU B 90 -7.87 2.08 0.86
CA GLU B 90 -8.53 3.38 0.85
C GLU B 90 -8.31 4.10 2.18
N VAL B 91 -8.56 3.39 3.29
CA VAL B 91 -8.32 3.90 4.59
C VAL B 91 -6.90 4.39 4.72
N TRP B 92 -5.92 3.55 4.47
CA TRP B 92 -4.52 4.03 4.60
C TRP B 92 -4.11 5.17 3.66
N SER B 93 -4.63 5.16 2.45
CA SER B 93 -4.34 6.20 1.49
C SER B 93 -4.88 7.52 1.95
N TYR B 94 -6.02 7.46 2.63
CA TYR B 94 -6.65 8.69 3.16
C TYR B 94 -5.91 9.14 4.41
N ASN B 95 -5.59 8.22 5.30
CA ASN B 95 -4.75 8.51 6.43
C ASN B 95 -3.43 9.13 6.05
N ALA B 96 -2.77 8.62 5.01
CA ALA B 96 -1.45 9.14 4.67
C ALA B 96 -1.50 10.52 4.05
N GLU B 97 -2.49 10.78 3.23
CA GLU B 97 -2.70 12.12 2.67
C GLU B 97 -3.01 13.11 3.78
N LEU B 98 -3.84 12.70 4.72
CA LEU B 98 -4.19 13.55 5.84
C LEU B 98 -3.02 13.79 6.78
N LEU B 99 -2.27 12.75 7.07
CA LEU B 99 -1.15 12.88 7.95
C LEU B 99 -0.21 13.95 7.42
N VAL B 100 0.21 13.79 6.18
CA VAL B 100 1.17 14.71 5.60
C VAL B 100 0.64 16.18 5.49
N ALA B 101 -0.59 16.33 5.01
CA ALA B 101 -1.21 17.61 4.95
C ALA B 101 -1.24 18.33 6.28
N MET B 102 -1.68 17.60 7.31
CA MET B 102 -1.82 18.17 8.61
C MET B 102 -0.45 18.45 9.21
N GLU B 103 0.48 17.51 9.12
CA GLU B 103 1.82 17.73 9.67
C GLU B 103 2.51 18.88 8.97
N ASN B 104 2.32 19.02 7.65
CA ASN B 104 2.94 20.12 6.97
C ASN B 104 2.39 21.48 7.43
N GLN B 105 1.07 21.58 7.60
CA GLN B 105 0.44 22.81 8.05
C GLN B 105 1.03 23.15 9.39
N HIS B 106 1.21 22.15 10.22
CA HIS B 106 1.72 22.38 11.57
C HIS B 106 3.18 22.76 11.55
N THR B 107 3.96 22.16 10.67
CA THR B 107 5.39 22.42 10.59
C THR B 107 5.61 23.86 10.18
N ILE B 108 4.96 24.24 9.11
CA ILE B 108 5.01 25.63 8.67
C ILE B 108 4.62 26.65 9.76
N ASP B 109 3.53 26.40 10.48
CA ASP B 109 3.04 27.35 11.50
C ASP B 109 4.00 27.38 12.67
N LEU B 110 4.61 26.26 12.94
CA LEU B 110 5.55 26.12 14.01
C LEU B 110 6.80 26.94 13.81
N ALA B 111 7.33 26.85 12.61
CA ALA B 111 8.52 27.61 12.22
C ALA B 111 8.26 29.11 12.24
N ASP B 112 7.10 29.52 11.72
CA ASP B 112 6.65 30.92 11.79
C ASP B 112 6.54 31.36 13.23
N SER B 113 6.03 30.48 14.06
CA SER B 113 5.85 30.75 15.47
C SER B 113 7.19 30.91 16.22
N GLU B 114 8.22 30.16 15.86
CA GLU B 114 9.53 30.43 16.42
C GLU B 114 10.10 31.79 15.99
N MET B 115 9.87 32.18 14.74
CA MET B 115 10.31 33.49 14.25
C MET B 115 9.69 34.57 15.10
N ASP B 116 8.37 34.50 15.28
CA ASP B 116 7.62 35.46 16.11
C ASP B 116 8.13 35.53 17.51
N LYS B 117 8.56 34.40 18.07
CA LYS B 117 8.99 34.35 19.48
C LYS B 117 10.31 35.11 19.64
N LEU B 118 11.19 34.95 18.64
CA LEU B 118 12.47 35.64 18.63
C LEU B 118 12.25 37.14 18.50
N TYR B 119 11.47 37.53 17.50
CA TYR B 119 11.13 38.93 17.29
C TYR B 119 10.59 39.52 18.58
N GLU B 120 9.65 38.85 19.21
CA GLU B 120 9.02 39.37 20.41
C GLU B 120 10.03 39.48 21.53
N ARG B 121 11.02 38.59 21.56
CA ARG B 121 12.02 38.59 22.63
C ARG B 121 12.94 39.80 22.49
N VAL B 122 13.29 40.14 21.25
CA VAL B 122 14.14 41.27 20.99
C VAL B 122 13.35 42.53 21.26
N LYS B 123 12.15 42.61 20.75
CA LYS B 123 11.32 43.76 21.06
C LYS B 123 11.36 44.07 22.57
N ARG B 124 11.27 43.03 23.39
CA ARG B 124 11.20 43.22 24.82
C ARG B 124 12.55 43.51 25.48
N GLN B 125 13.64 43.07 24.86
CA GLN B 125 14.97 43.52 25.29
C GLN B 125 15.16 45.02 25.03
N LEU B 126 14.71 45.47 23.87
CA LEU B 126 14.95 46.84 23.49
C LEU B 126 14.07 47.84 24.26
N ARG B 127 12.99 47.38 24.86
CA ARG B 127 12.11 48.24 25.65
C ARG B 127 11.72 49.51 24.91
N GLU B 128 12.06 50.67 25.46
CA GLU B 128 11.64 51.95 24.94
C GLU B 128 12.74 52.59 24.08
N ASN B 129 13.81 51.85 23.78
CA ASN B 129 14.90 52.36 22.95
C ASN B 129 14.78 52.14 21.44
N ALA B 130 13.74 51.46 20.98
CA ALA B 130 13.67 51.20 19.54
C ALA B 130 12.24 51.21 19.09
N GLU B 131 12.00 51.30 17.79
CA GLU B 131 10.64 51.17 17.28
C GLU B 131 10.57 50.12 16.19
N GLU B 132 9.45 49.43 16.09
CA GLU B 132 9.20 48.53 14.98
C GLU B 132 9.06 49.29 13.66
N ASP B 133 9.88 48.97 12.67
CA ASP B 133 9.77 49.60 11.33
C ASP B 133 8.68 48.99 10.43
N GLY B 134 8.05 47.91 10.89
CA GLY B 134 7.04 47.22 10.07
C GLY B 134 7.48 46.09 9.12
N THR B 135 8.78 45.86 8.96
CA THR B 135 9.29 44.82 8.07
C THR B 135 10.01 43.72 8.83
N GLY B 136 9.94 43.76 10.15
CA GLY B 136 10.64 42.83 11.02
C GLY B 136 11.94 43.40 11.56
N CYS B 137 12.09 44.71 11.51
CA CYS B 137 13.26 45.34 12.06
C CYS B 137 12.88 46.31 13.13
N PHE B 138 13.89 46.65 13.92
CA PHE B 138 13.78 47.73 14.88
C PHE B 138 14.70 48.86 14.48
N GLU B 139 14.17 50.07 14.39
CA GLU B 139 15.01 51.26 14.31
C GLU B 139 15.43 51.54 15.76
N ILE B 140 16.74 51.48 16.01
CA ILE B 140 17.30 51.70 17.33
C ILE B 140 17.70 53.18 17.41
N PHE B 141 17.25 53.84 18.48
CA PHE B 141 17.34 55.28 18.57
C PHE B 141 18.55 55.69 19.39
N HIS B 142 19.66 54.95 19.28
CA HIS B 142 20.94 55.39 19.79
C HIS B 142 22.05 54.77 18.94
N LYS B 143 23.30 55.21 19.11
CA LYS B 143 24.39 54.54 18.41
C LYS B 143 24.56 53.13 18.97
N CYS B 144 24.54 52.15 18.07
CA CYS B 144 24.70 50.77 18.46
C CYS B 144 25.84 50.13 17.65
N ASP B 145 27.03 50.12 18.23
CA ASP B 145 28.19 49.52 17.58
C ASP B 145 28.13 47.98 17.56
N ASP B 146 29.12 47.35 16.92
CA ASP B 146 29.14 45.92 16.73
C ASP B 146 29.02 45.18 18.04
N ASP B 147 29.51 45.79 19.10
CA ASP B 147 29.42 45.22 20.43
C ASP B 147 28.00 45.35 21.02
N CYS B 148 27.34 46.47 20.75
CA CYS B 148 25.97 46.65 21.21
C CYS B 148 25.06 45.73 20.37
N MET B 149 25.31 45.64 19.08
CA MET B 149 24.60 44.64 18.26
C MET B 149 24.81 43.21 18.81
N ALA B 150 26.04 42.83 19.11
CA ALA B 150 26.26 41.48 19.65
C ALA B 150 25.51 41.26 20.98
N SER B 151 25.40 42.30 21.79
CA SER B 151 24.73 42.17 23.07
C SER B 151 23.22 42.00 22.89
N ILE B 152 22.67 42.46 21.78
CA ILE B 152 21.25 42.25 21.55
C ILE B 152 21.06 40.77 21.24
N ARG B 153 21.93 40.28 20.35
CA ARG B 153 21.97 38.90 19.90
C ARG B 153 22.13 37.90 21.00
N ASN B 154 23.05 38.12 21.93
CA ASN B 154 23.28 37.14 23.00
C ASN B 154 22.48 37.43 24.28
N ASN B 155 21.50 38.33 24.20
CA ASN B 155 20.55 38.58 25.29
C ASN B 155 21.11 39.29 26.53
N THR B 156 22.13 40.12 26.33
CA THR B 156 22.75 40.86 27.45
C THR B 156 22.54 42.37 27.38
N TYR B 157 21.91 42.85 26.31
CA TYR B 157 21.63 44.28 26.11
C TYR B 157 20.88 44.80 27.32
N ASP B 158 21.37 45.88 27.89
CA ASP B 158 20.75 46.49 29.06
C ASP B 158 20.17 47.81 28.59
N HIS B 159 18.85 47.85 28.53
CA HIS B 159 18.17 48.94 27.92
C HIS B 159 18.34 50.23 28.73
N SER B 160 18.59 50.10 30.03
CA SER B 160 18.85 51.27 30.91
C SER B 160 20.05 52.13 30.50
N LYS B 161 21.12 51.47 30.10
CA LYS B 161 22.31 52.13 29.64
C LYS B 161 22.02 53.16 28.55
N TYR B 162 21.13 52.84 27.61
CA TYR B 162 20.88 53.73 26.49
C TYR B 162 19.54 54.51 26.57
N ARG B 163 18.72 54.24 27.58
CA ARG B 163 17.36 54.78 27.62
C ARG B 163 17.35 56.29 27.48
N GLU B 164 17.97 56.97 28.45
CA GLU B 164 18.06 58.43 28.47
C GLU B 164 18.24 58.96 27.07
N GLU B 165 19.31 58.51 26.41
CA GLU B 165 19.67 58.95 25.04
C GLU B 165 18.60 58.58 24.00
N ALA B 166 18.10 57.35 24.09
CA ALA B 166 17.14 56.89 23.09
C ALA B 166 15.80 57.63 23.18
N MET B 167 15.26 57.79 24.40
CA MET B 167 13.96 58.44 24.55
C MET B 167 14.01 59.89 24.11
N GLN B 168 15.14 60.54 24.38
CA GLN B 168 15.39 61.88 23.91
C GLN B 168 15.37 61.91 22.38
N ASN B 169 16.00 60.93 21.73
CA ASN B 169 16.02 60.90 20.24
C ASN B 169 14.69 60.56 19.60
N ARG B 170 13.82 59.87 20.31
CA ARG B 170 12.51 59.56 19.77
C ARG B 170 11.61 60.79 19.71
N ILE B 171 12.08 61.92 20.27
CA ILE B 171 11.48 63.25 20.09
C ILE B 171 12.52 64.30 19.65
N ASP C 5 -10.17 61.18 16.93
CA ASP C 5 -10.22 60.49 15.60
C ASP C 5 -9.69 59.06 15.67
N LYS C 6 -10.37 58.12 15.02
CA LYS C 6 -10.02 56.73 15.23
C LYS C 6 -10.38 55.76 14.10
N ILE C 7 -9.61 54.67 14.04
CA ILE C 7 -9.86 53.59 13.09
C ILE C 7 -9.92 52.25 13.80
N CYS C 8 -10.89 51.44 13.44
CA CYS C 8 -11.07 50.12 14.00
C CYS C 8 -10.94 49.06 12.95
N LEU C 9 -10.51 47.88 13.38
CA LEU C 9 -10.49 46.72 12.53
C LEU C 9 -11.55 45.79 13.00
N GLY C 10 -12.24 45.18 12.04
CA GLY C 10 -13.28 44.25 12.38
C GLY C 10 -13.43 43.21 11.31
N HIS C 11 -14.37 42.34 11.57
CA HIS C 11 -14.69 41.32 10.65
C HIS C 11 -16.20 41.17 10.60
N HIS C 12 -16.67 40.45 9.57
CA HIS C 12 -18.09 40.40 9.38
C HIS C 12 -18.72 39.42 10.28
N ALA C 13 -20.04 39.51 10.30
CA ALA C 13 -20.92 38.61 11.03
C ALA C 13 -22.27 38.67 10.40
N VAL C 14 -23.14 37.78 10.81
CA VAL C 14 -24.47 37.66 10.21
C VAL C 14 -25.44 37.26 11.29
N SER C 15 -26.73 37.34 10.99
CA SER C 15 -27.76 36.89 11.93
C SER C 15 -28.08 35.39 11.74
N ASN C 16 -28.00 34.91 10.48
CA ASN C 16 -28.16 33.49 10.13
C ASN C 16 -26.90 32.61 10.29
N GLY C 17 -26.32 32.55 11.49
CA GLY C 17 -25.15 31.72 11.72
C GLY C 17 -25.50 30.24 11.78
N THR C 18 -24.59 29.36 11.36
CA THR C 18 -24.83 27.91 11.46
C THR C 18 -23.89 27.25 12.46
N LYS C 19 -24.42 26.33 13.26
CA LYS C 19 -23.61 25.63 14.23
C LYS C 19 -22.80 24.47 13.63
N VAL C 20 -21.56 24.32 14.10
CA VAL C 20 -20.65 23.25 13.70
C VAL C 20 -19.89 22.78 14.93
N ASN C 21 -19.16 21.68 14.79
CA ASN C 21 -18.36 21.15 15.87
C ASN C 21 -16.92 21.31 15.57
N THR C 22 -16.16 21.42 16.63
CA THR C 22 -14.70 21.61 16.56
C THR C 22 -14.10 20.64 17.54
N LEU C 23 -12.80 20.56 17.59
CA LEU C 23 -12.13 19.75 18.60
C LEU C 23 -12.58 20.14 20.01
N THR C 24 -12.90 21.41 20.24
CA THR C 24 -13.17 21.83 21.61
C THR C 24 -14.62 22.08 21.95
N GLU C 25 -15.46 22.41 20.96
CA GLU C 25 -16.83 22.83 21.25
C GLU C 25 -17.83 22.19 20.32
N ARG C 26 -18.98 21.80 20.88
CA ARG C 26 -20.15 21.49 20.08
C ARG C 26 -20.94 22.76 19.80
N GLY C 27 -21.40 22.93 18.58
CA GLY C 27 -22.27 24.03 18.23
C GLY C 27 -21.66 25.41 18.37
N VAL C 28 -20.40 25.58 17.97
CA VAL C 28 -19.88 26.94 17.77
C VAL C 28 -20.50 27.48 16.46
N GLU C 29 -21.00 28.72 16.47
CA GLU C 29 -21.64 29.29 15.28
C GLU C 29 -20.56 29.83 14.39
N VAL C 30 -20.74 29.65 13.09
CA VAL C 30 -19.86 30.21 12.10
C VAL C 30 -20.70 30.89 11.05
N VAL C 31 -20.04 31.68 10.21
CA VAL C 31 -20.70 32.52 9.23
C VAL C 31 -21.27 31.72 8.11
N ASN C 32 -20.63 30.62 7.77
CA ASN C 32 -21.11 29.76 6.70
C ASN C 32 -20.51 28.38 6.88
N ALA C 33 -21.24 27.38 6.38
CA ALA C 33 -20.88 25.99 6.54
C ALA C 33 -21.47 25.22 5.39
N THR C 34 -20.88 24.06 5.08
CA THR C 34 -21.38 23.22 3.98
C THR C 34 -21.40 21.78 4.43
N GLU C 35 -22.38 21.04 3.97
CA GLU C 35 -22.54 19.64 4.33
C GLU C 35 -21.41 18.82 3.71
N THR C 36 -21.09 17.74 4.38
CA THR C 36 -20.01 16.87 3.98
C THR C 36 -20.50 15.41 3.83
N VAL C 37 -21.70 15.11 4.33
CA VAL C 37 -22.33 13.81 4.21
C VAL C 37 -23.52 13.89 3.27
N GLU C 38 -23.51 13.12 2.20
CA GLU C 38 -24.58 13.15 1.22
C GLU C 38 -25.81 12.35 1.67
N ARG C 39 -26.98 13.00 1.63
CA ARG C 39 -28.28 12.38 1.99
C ARG C 39 -29.24 12.33 0.83
N THR C 40 -28.89 12.99 -0.26
CA THR C 40 -29.81 13.20 -1.37
C THR C 40 -29.68 12.07 -2.38
N ASN C 41 -30.76 11.36 -2.54
CA ASN C 41 -30.80 10.23 -3.41
C ASN C 41 -31.63 10.54 -4.65
N ILE C 42 -31.16 10.09 -5.81
CA ILE C 42 -31.97 10.09 -7.01
C ILE C 42 -32.57 8.70 -7.22
N PRO C 43 -33.92 8.57 -7.13
CA PRO C 43 -34.55 7.24 -7.19
C PRO C 43 -34.67 6.71 -8.63
N ARG C 44 -33.57 6.74 -9.36
CA ARG C 44 -33.48 6.18 -10.69
C ARG C 44 -32.08 5.64 -10.89
N ILE C 45 -31.89 4.79 -11.89
CA ILE C 45 -30.56 4.27 -12.17
C ILE C 45 -30.03 5.11 -13.32
N CYS C 46 -29.14 6.02 -13.02
CA CYS C 46 -28.65 6.97 -14.00
C CYS C 46 -27.63 6.28 -14.86
N SER C 47 -28.03 6.01 -16.10
CA SER C 47 -27.33 5.09 -16.97
C SER C 47 -26.63 5.77 -18.17
N LYS C 48 -26.80 7.08 -18.33
CA LYS C 48 -26.23 7.84 -19.46
C LYS C 48 -24.78 7.50 -19.74
N GLY C 49 -24.47 7.21 -20.99
CA GLY C 49 -23.09 6.94 -21.39
C GLY C 49 -22.68 5.48 -21.23
N LYS C 50 -23.59 4.63 -20.74
CA LYS C 50 -23.32 3.21 -20.53
C LYS C 50 -24.30 2.32 -21.26
N ARG C 51 -23.79 1.24 -21.85
CA ARG C 51 -24.65 0.22 -22.46
C ARG C 51 -25.28 -0.52 -21.31
N THR C 52 -26.56 -0.30 -21.12
CA THR C 52 -27.29 -0.87 -20.02
C THR C 52 -28.15 -2.03 -20.47
N VAL C 53 -28.18 -3.07 -19.64
CA VAL C 53 -29.07 -4.18 -19.81
C VAL C 53 -29.91 -4.30 -18.56
N ASP C 54 -31.21 -4.07 -18.68
CA ASP C 54 -32.16 -4.30 -17.58
C ASP C 54 -32.70 -5.71 -17.74
N LEU C 55 -32.28 -6.62 -16.87
CA LEU C 55 -32.55 -8.01 -17.12
C LEU C 55 -33.99 -8.40 -16.86
N GLY C 56 -34.72 -7.59 -16.12
CA GLY C 56 -36.15 -7.83 -15.92
C GLY C 56 -36.43 -9.19 -15.30
N GLN C 57 -37.35 -9.95 -15.90
CA GLN C 57 -37.65 -11.31 -15.38
C GLN C 57 -36.52 -12.33 -15.61
N CYS C 58 -35.46 -11.92 -16.30
CA CYS C 58 -34.36 -12.85 -16.53
C CYS C 58 -33.30 -12.77 -15.42
N GLY C 59 -33.05 -13.85 -14.75
CA GLY C 59 -31.99 -13.86 -13.77
C GLY C 59 -30.67 -14.01 -14.48
N LEU C 60 -29.64 -13.44 -13.89
CA LEU C 60 -28.36 -13.33 -14.54
C LEU C 60 -27.80 -14.70 -14.89
N LEU C 61 -28.04 -15.72 -14.08
CA LEU C 61 -27.43 -16.99 -14.39
C LEU C 61 -28.20 -17.67 -15.54
N GLY C 62 -29.43 -17.24 -15.78
CA GLY C 62 -30.19 -17.79 -16.88
C GLY C 62 -29.65 -17.36 -18.22
N THR C 63 -28.83 -16.31 -18.27
CA THR C 63 -28.28 -15.91 -19.54
C THR C 63 -27.34 -16.96 -20.08
N ILE C 64 -26.91 -17.88 -19.23
CA ILE C 64 -25.98 -18.91 -19.58
C ILE C 64 -26.68 -20.22 -20.00
N THR C 65 -27.80 -20.54 -19.34
CA THR C 65 -28.58 -21.73 -19.63
C THR C 65 -29.79 -21.49 -20.56
N GLY C 66 -30.34 -20.28 -20.50
CA GLY C 66 -31.35 -19.84 -21.47
C GLY C 66 -32.74 -20.35 -21.26
N PRO C 67 -33.33 -20.09 -20.11
CA PRO C 67 -34.74 -20.38 -20.00
C PRO C 67 -35.46 -19.27 -20.75
N PRO C 68 -36.75 -19.45 -21.09
CA PRO C 68 -37.50 -18.55 -21.93
C PRO C 68 -37.38 -17.08 -21.59
N GLN C 69 -37.53 -16.74 -20.32
CA GLN C 69 -37.32 -15.33 -19.83
C GLN C 69 -36.01 -14.68 -20.27
N CYS C 70 -35.00 -15.47 -20.57
CA CYS C 70 -33.67 -14.96 -20.90
C CYS C 70 -33.31 -15.02 -22.38
N ASP C 71 -34.26 -15.44 -23.22
CA ASP C 71 -34.04 -15.54 -24.66
C ASP C 71 -33.36 -14.32 -25.30
N GLN C 72 -33.79 -13.09 -24.96
CA GLN C 72 -33.16 -11.84 -25.46
C GLN C 72 -31.72 -11.60 -25.04
N PHE C 73 -31.18 -12.36 -24.09
CA PHE C 73 -29.91 -12.02 -23.44
C PHE C 73 -28.84 -13.12 -23.55
N LEU C 74 -29.09 -14.10 -24.40
CA LEU C 74 -28.19 -15.24 -24.47
C LEU C 74 -26.79 -14.82 -24.87
N GLU C 75 -26.67 -13.68 -25.53
CA GLU C 75 -25.36 -13.18 -25.94
C GLU C 75 -25.26 -11.68 -25.65
N PHE C 76 -25.80 -11.25 -24.52
CA PHE C 76 -25.89 -9.81 -24.20
C PHE C 76 -24.55 -9.14 -24.03
N SER C 77 -24.52 -7.86 -24.36
CA SER C 77 -23.37 -6.96 -24.15
C SER C 77 -23.80 -5.82 -23.26
N ALA C 78 -22.95 -5.45 -22.29
CA ALA C 78 -23.33 -4.40 -21.35
C ALA C 78 -22.14 -3.82 -20.62
N ASP C 79 -22.22 -2.52 -20.35
CA ASP C 79 -21.28 -1.85 -19.44
C ASP C 79 -21.84 -1.90 -18.00
N LEU C 80 -23.16 -1.83 -17.93
CA LEU C 80 -23.90 -1.84 -16.68
C LEU C 80 -25.02 -2.88 -16.80
N ILE C 81 -25.12 -3.76 -15.83
CA ILE C 81 -26.07 -4.86 -15.85
C ILE C 81 -26.96 -4.72 -14.64
N ILE C 82 -28.27 -4.64 -14.81
CA ILE C 82 -29.21 -4.53 -13.70
C ILE C 82 -30.03 -5.79 -13.41
N GLU C 83 -29.88 -6.37 -12.24
CA GLU C 83 -30.68 -7.49 -11.84
C GLU C 83 -31.91 -6.97 -11.12
N ARG C 84 -32.98 -7.73 -11.18
CA ARG C 84 -34.23 -7.37 -10.54
C ARG C 84 -34.73 -8.48 -9.62
N ARG C 85 -35.45 -8.10 -8.57
CA ARG C 85 -36.03 -9.03 -7.63
C ARG C 85 -36.83 -10.15 -8.34
N GLU C 86 -37.52 -9.83 -9.45
CA GLU C 86 -38.39 -10.79 -10.14
C GLU C 86 -37.68 -11.80 -11.07
N GLY C 87 -36.38 -11.60 -11.29
CA GLY C 87 -35.62 -12.45 -12.18
C GLY C 87 -35.39 -13.86 -11.64
N SER C 88 -35.59 -14.84 -12.48
CA SER C 88 -35.38 -16.23 -12.13
C SER C 88 -34.34 -16.77 -13.12
N ASP C 89 -33.40 -17.56 -12.64
CA ASP C 89 -32.35 -18.15 -13.50
C ASP C 89 -32.88 -19.43 -14.20
N VAL C 90 -34.12 -19.77 -13.93
CA VAL C 90 -34.57 -21.14 -13.95
C VAL C 90 -35.97 -21.19 -14.56
N CYS C 91 -36.26 -22.23 -15.31
CA CYS C 91 -37.64 -22.51 -15.71
C CYS C 91 -38.03 -23.82 -15.03
N TYR C 92 -37.37 -24.91 -15.39
CA TYR C 92 -37.49 -26.14 -14.62
C TYR C 92 -36.81 -25.99 -13.26
N PRO C 93 -37.43 -26.51 -12.20
CA PRO C 93 -36.95 -26.15 -10.88
C PRO C 93 -35.57 -26.67 -10.58
N GLY C 94 -34.83 -25.86 -9.85
CA GLY C 94 -33.49 -26.18 -9.47
C GLY C 94 -32.72 -24.89 -9.22
N LYS C 95 -31.42 -24.99 -9.25
CA LYS C 95 -30.56 -23.90 -8.88
C LYS C 95 -29.15 -24.18 -9.36
N PHE C 96 -28.36 -23.13 -9.41
CA PHE C 96 -26.93 -23.27 -9.59
C PHE C 96 -26.18 -23.52 -8.31
N VAL C 97 -25.28 -24.47 -8.35
CA VAL C 97 -24.32 -24.70 -7.30
C VAL C 97 -23.19 -23.69 -7.49
N ASN C 98 -22.65 -23.20 -6.38
CA ASN C 98 -21.76 -22.04 -6.40
C ASN C 98 -22.34 -20.85 -7.08
N GLU C 99 -23.61 -20.63 -6.89
CA GLU C 99 -24.28 -19.56 -7.60
C GLU C 99 -23.61 -18.22 -7.44
N GLU C 100 -23.21 -17.85 -6.24
CA GLU C 100 -22.84 -16.44 -6.02
C GLU C 100 -21.49 -16.08 -6.63
N ALA C 101 -20.57 -17.03 -6.57
CA ALA C 101 -19.31 -16.89 -7.27
C ALA C 101 -19.59 -16.65 -8.76
N LEU C 102 -20.40 -17.51 -9.36
CA LEU C 102 -20.76 -17.33 -10.74
C LEU C 102 -21.46 -16.03 -10.97
N ARG C 103 -22.36 -15.62 -10.08
CA ARG C 103 -23.03 -14.33 -10.33
C ARG C 103 -22.01 -13.24 -10.40
N GLN C 104 -21.00 -13.31 -9.55
CA GLN C 104 -20.02 -12.22 -9.45
C GLN C 104 -19.15 -12.11 -10.68
N ILE C 105 -18.86 -13.27 -11.27
CA ILE C 105 -18.12 -13.35 -12.53
C ILE C 105 -18.92 -12.72 -13.65
N LEU C 106 -20.21 -13.00 -13.70
CA LEU C 106 -21.03 -12.45 -14.79
C LEU C 106 -21.31 -10.97 -14.63
N ARG C 107 -21.31 -10.46 -13.40
CA ARG C 107 -21.60 -9.04 -13.20
C ARG C 107 -20.52 -8.16 -13.77
N GLU C 108 -19.29 -8.66 -13.77
CA GLU C 108 -18.14 -7.88 -14.27
C GLU C 108 -17.66 -8.34 -15.65
N SER C 109 -18.50 -9.11 -16.34
CA SER C 109 -18.09 -9.86 -17.54
C SER C 109 -18.07 -8.99 -18.78
N GLY C 110 -18.92 -7.97 -18.80
CA GLY C 110 -19.15 -7.18 -20.00
C GLY C 110 -20.26 -7.77 -20.86
N GLY C 111 -20.69 -8.98 -20.51
CA GLY C 111 -21.61 -9.74 -21.28
C GLY C 111 -20.95 -11.04 -21.65
N ILE C 112 -21.58 -11.77 -22.55
CA ILE C 112 -21.15 -13.11 -22.91
C ILE C 112 -21.30 -13.36 -24.40
N ASP C 113 -20.42 -14.20 -24.94
CA ASP C 113 -20.48 -14.62 -26.34
C ASP C 113 -20.55 -16.12 -26.31
N LYS C 114 -21.55 -16.68 -26.96
CA LYS C 114 -21.71 -18.12 -26.96
C LYS C 114 -21.03 -18.75 -28.17
N GLU C 115 -20.57 -19.98 -27.97
CA GLU C 115 -19.96 -20.78 -29.01
C GLU C 115 -20.45 -22.21 -28.87
N ALA C 116 -20.81 -22.79 -30.01
CA ALA C 116 -21.28 -24.17 -30.06
C ALA C 116 -20.21 -25.12 -29.58
N MET C 117 -20.64 -26.21 -28.92
CA MET C 117 -19.70 -27.18 -28.42
C MET C 117 -19.52 -28.39 -29.31
N GLY C 118 -20.42 -28.54 -30.26
CA GLY C 118 -20.23 -29.53 -31.29
C GLY C 118 -20.66 -30.93 -30.92
N PHE C 119 -21.33 -31.12 -29.80
CA PHE C 119 -21.83 -32.45 -29.46
C PHE C 119 -22.96 -32.92 -30.34
N THR C 120 -22.91 -34.19 -30.73
CA THR C 120 -24.01 -34.85 -31.45
C THR C 120 -24.17 -36.23 -30.83
N TYR C 121 -25.27 -36.90 -31.16
CA TYR C 121 -25.70 -38.03 -30.40
C TYR C 121 -26.34 -39.11 -31.25
N SER C 122 -26.23 -40.32 -30.75
CA SER C 122 -26.85 -41.49 -31.38
C SER C 122 -27.41 -42.46 -30.32
N GLY C 123 -28.54 -43.08 -30.69
CA GLY C 123 -29.19 -44.10 -29.85
C GLY C 123 -30.02 -43.57 -28.70
N ILE C 124 -30.20 -42.25 -28.64
CA ILE C 124 -30.91 -41.57 -27.57
C ILE C 124 -31.82 -40.48 -28.06
N ARG C 125 -32.85 -40.16 -27.28
CA ARG C 125 -33.62 -38.97 -27.48
C ARG C 125 -32.77 -37.81 -26.96
N THR C 126 -33.06 -36.63 -27.50
CA THR C 126 -32.31 -35.42 -27.23
C THR C 126 -33.33 -34.32 -26.93
N ASN C 127 -34.62 -34.64 -27.08
CA ASN C 127 -35.71 -33.67 -27.07
C ASN C 127 -36.41 -33.57 -25.73
N GLY C 128 -35.71 -33.86 -24.65
CA GLY C 128 -36.37 -33.81 -23.36
C GLY C 128 -36.93 -32.42 -23.20
N ALA C 129 -38.17 -32.33 -22.74
CA ALA C 129 -38.85 -31.06 -22.58
C ALA C 129 -39.74 -31.05 -21.35
N THR C 130 -40.20 -29.87 -20.98
CA THR C 130 -41.11 -29.74 -19.87
C THR C 130 -42.09 -28.60 -20.07
N SER C 131 -43.28 -28.75 -19.54
CA SER C 131 -44.28 -27.69 -19.55
C SER C 131 -43.85 -26.51 -18.67
N ALA C 132 -42.81 -26.68 -17.87
CA ALA C 132 -42.31 -25.59 -17.03
C ALA C 132 -41.48 -24.57 -17.84
N CYS C 133 -40.96 -25.01 -18.99
CA CYS C 133 -40.16 -24.13 -19.87
C CYS C 133 -40.99 -23.94 -21.13
N ARG C 134 -41.89 -22.95 -21.09
CA ARG C 134 -42.91 -22.79 -22.09
C ARG C 134 -42.45 -21.86 -23.20
N ARG C 135 -42.38 -22.37 -24.43
CA ARG C 135 -42.25 -21.53 -25.62
C ARG C 135 -43.47 -21.63 -26.54
N SER C 136 -43.36 -22.42 -27.60
CA SER C 136 -44.54 -22.77 -28.39
C SER C 136 -44.99 -24.13 -27.90
N GLY C 137 -45.51 -24.14 -26.66
CA GLY C 137 -45.74 -25.37 -25.90
C GLY C 137 -44.52 -25.80 -25.11
N SER C 138 -44.53 -27.02 -24.64
CA SER C 138 -43.38 -27.59 -23.93
C SER C 138 -42.05 -27.34 -24.64
N SER C 139 -41.03 -27.01 -23.85
CA SER C 139 -39.71 -26.76 -24.35
C SER C 139 -38.69 -26.99 -23.26
N PHE C 140 -37.48 -26.46 -23.48
CA PHE C 140 -36.41 -26.59 -22.53
C PHE C 140 -35.42 -25.39 -22.59
N TYR C 141 -34.45 -25.37 -21.67
CA TYR C 141 -33.36 -24.41 -21.70
C TYR C 141 -32.76 -24.32 -23.10
N ALA C 142 -32.62 -23.12 -23.64
CA ALA C 142 -32.10 -22.93 -24.99
C ALA C 142 -30.70 -23.44 -25.23
N GLU C 143 -29.89 -23.47 -24.19
CA GLU C 143 -28.47 -23.74 -24.36
C GLU C 143 -28.10 -25.13 -23.88
N MET C 144 -29.09 -25.96 -23.55
CA MET C 144 -28.84 -27.28 -23.00
C MET C 144 -29.70 -28.29 -23.68
N LYS C 145 -29.40 -29.54 -23.44
CA LYS C 145 -30.16 -30.62 -24.04
C LYS C 145 -30.40 -31.67 -22.97
N TRP C 146 -31.66 -31.96 -22.77
CA TRP C 146 -32.08 -32.99 -21.86
C TRP C 146 -32.02 -34.30 -22.61
N LEU C 147 -30.99 -35.09 -22.34
CA LEU C 147 -30.77 -36.39 -22.96
C LEU C 147 -31.57 -37.46 -22.24
N LEU C 148 -32.21 -38.36 -22.99
CA LEU C 148 -33.10 -39.37 -22.46
C LEU C 148 -32.89 -40.70 -23.22
N SER C 149 -33.32 -41.81 -22.65
CA SER C 149 -33.24 -43.08 -23.35
C SER C 149 -34.09 -43.06 -24.57
N ASN C 150 -33.77 -43.93 -25.51
CA ASN C 150 -34.44 -43.86 -26.79
C ASN C 150 -35.93 -44.18 -26.68
N THR C 151 -36.30 -44.88 -25.62
CA THR C 151 -37.69 -45.12 -25.34
C THR C 151 -37.85 -45.39 -23.83
N ASP C 152 -39.10 -45.39 -23.35
CA ASP C 152 -39.39 -45.48 -21.90
C ASP C 152 -38.76 -46.72 -21.38
N ASN C 153 -38.08 -46.60 -20.25
CA ASN C 153 -37.42 -47.73 -19.52
C ASN C 153 -36.13 -48.23 -20.14
N ALA C 154 -35.96 -47.98 -21.44
CA ALA C 154 -34.85 -48.57 -22.20
C ALA C 154 -33.49 -48.12 -21.63
N ALA C 155 -32.45 -48.88 -21.93
CA ALA C 155 -31.13 -48.60 -21.38
C ALA C 155 -30.54 -47.38 -22.07
N PHE C 156 -29.85 -46.57 -21.27
CA PHE C 156 -29.20 -45.39 -21.78
C PHE C 156 -27.74 -45.79 -22.00
N PRO C 157 -27.31 -45.87 -23.29
CA PRO C 157 -25.92 -46.16 -23.62
C PRO C 157 -24.96 -45.26 -22.89
N GLN C 158 -23.97 -45.86 -22.27
CA GLN C 158 -22.84 -45.14 -21.70
C GLN C 158 -22.18 -44.34 -22.81
N MET C 159 -21.95 -43.06 -22.56
CA MET C 159 -21.43 -42.10 -23.55
C MET C 159 -20.30 -41.22 -23.05
N THR C 160 -19.52 -40.74 -23.99
CA THR C 160 -18.49 -39.75 -23.73
C THR C 160 -18.57 -38.66 -24.81
N LYS C 161 -18.43 -37.40 -24.39
CA LYS C 161 -18.38 -36.27 -25.30
C LYS C 161 -17.36 -35.34 -24.69
N SER C 162 -16.50 -34.79 -25.53
CA SER C 162 -15.43 -33.89 -25.09
C SER C 162 -15.46 -32.59 -25.89
N TYR C 163 -14.94 -31.52 -25.32
CA TYR C 163 -14.92 -30.24 -26.01
C TYR C 163 -13.68 -29.52 -25.59
N LYS C 164 -12.95 -29.02 -26.58
CA LYS C 164 -11.72 -28.30 -26.35
C LYS C 164 -11.92 -26.82 -26.51
N ASN C 165 -11.32 -26.02 -25.63
CA ASN C 165 -11.37 -24.57 -25.76
C ASN C 165 -10.29 -23.98 -26.67
N THR C 166 -10.67 -23.63 -27.90
CA THR C 166 -9.75 -23.06 -28.92
C THR C 166 -9.35 -21.61 -28.69
N ARG C 167 -10.14 -20.88 -27.93
CA ARG C 167 -9.94 -19.45 -27.80
C ARG C 167 -8.85 -19.13 -26.80
N LYS C 168 -8.56 -17.83 -26.69
CA LYS C 168 -7.49 -17.29 -25.84
C LYS C 168 -8.00 -16.87 -24.46
N SER C 169 -9.26 -17.21 -24.17
CA SER C 169 -9.93 -16.80 -22.94
C SER C 169 -10.54 -18.02 -22.29
N PRO C 170 -10.76 -17.97 -20.96
CA PRO C 170 -11.38 -19.11 -20.36
C PRO C 170 -12.87 -19.18 -20.76
N ALA C 171 -13.35 -20.38 -20.99
CA ALA C 171 -14.70 -20.65 -21.38
C ALA C 171 -15.50 -21.08 -20.17
N LEU C 172 -16.59 -20.37 -19.90
CA LEU C 172 -17.57 -20.82 -18.93
C LEU C 172 -18.35 -22.03 -19.41
N ILE C 173 -18.15 -23.18 -18.79
CA ILE C 173 -18.90 -24.39 -19.13
C ILE C 173 -19.95 -24.69 -18.06
N VAL C 174 -21.12 -25.11 -18.47
CA VAL C 174 -22.21 -25.39 -17.58
C VAL C 174 -22.88 -26.69 -17.94
N TRP C 175 -23.27 -27.45 -16.93
CA TRP C 175 -24.06 -28.64 -17.15
C TRP C 175 -24.98 -28.83 -15.95
N GLY C 176 -25.81 -29.84 -16.01
CA GLY C 176 -26.87 -30.00 -15.11
C GLY C 176 -27.02 -31.47 -14.84
N ILE C 177 -27.55 -31.78 -13.67
CA ILE C 177 -27.85 -33.13 -13.29
C ILE C 177 -29.33 -33.16 -13.02
N HIS C 178 -30.00 -34.17 -13.55
CA HIS C 178 -31.41 -34.30 -13.29
C HIS C 178 -31.65 -35.21 -12.11
N HIS C 179 -32.34 -34.66 -11.10
CA HIS C 179 -32.77 -35.37 -9.93
C HIS C 179 -34.25 -35.67 -10.07
N SER C 180 -34.57 -36.94 -10.32
CA SER C 180 -35.95 -37.37 -10.55
C SER C 180 -36.75 -37.52 -9.25
N VAL C 181 -38.06 -37.62 -9.36
CA VAL C 181 -38.90 -37.69 -8.18
C VAL C 181 -38.76 -39.04 -7.46
N SER C 182 -38.56 -40.09 -8.25
CA SER C 182 -38.49 -41.48 -7.77
C SER C 182 -37.56 -42.30 -8.64
N THR C 183 -36.90 -43.31 -8.07
CA THR C 183 -36.08 -44.21 -8.89
C THR C 183 -36.91 -44.82 -10.05
N ALA C 184 -38.21 -44.97 -9.87
CA ALA C 184 -39.12 -45.37 -10.92
C ALA C 184 -39.18 -44.37 -12.08
N GLU C 185 -39.19 -43.06 -11.76
CA GLU C 185 -39.15 -42.05 -12.82
C GLU C 185 -37.77 -42.05 -13.47
N GLN C 186 -36.74 -42.08 -12.66
CA GLN C 186 -35.39 -42.11 -13.21
C GLN C 186 -35.12 -43.30 -14.10
N THR C 187 -36.00 -44.30 -14.05
CA THR C 187 -35.85 -45.49 -14.89
C THR C 187 -36.61 -45.32 -16.18
N LYS C 188 -37.81 -44.75 -16.09
CA LYS C 188 -38.57 -44.39 -17.24
C LYS C 188 -37.67 -43.58 -18.18
N LEU C 189 -36.91 -42.62 -17.65
CA LEU C 189 -36.19 -41.68 -18.49
C LEU C 189 -34.92 -42.29 -19.00
N TYR C 190 -34.15 -42.89 -18.11
CA TYR C 190 -32.77 -43.28 -18.41
C TYR C 190 -32.48 -44.77 -18.25
N GLY C 191 -33.51 -45.56 -17.98
CA GLY C 191 -33.36 -46.98 -17.72
C GLY C 191 -32.88 -47.29 -16.32
N SER C 192 -33.06 -48.54 -15.91
CA SER C 192 -32.63 -49.02 -14.59
C SER C 192 -31.11 -49.02 -14.50
N GLY C 193 -30.62 -49.42 -13.34
CA GLY C 193 -29.19 -49.43 -13.09
C GLY C 193 -28.86 -48.14 -12.41
N ASN C 194 -27.66 -48.08 -11.83
CA ASN C 194 -27.17 -46.87 -11.19
C ASN C 194 -26.71 -45.89 -12.23
N LYS C 195 -26.92 -44.61 -11.94
CA LYS C 195 -26.55 -43.52 -12.87
C LYS C 195 -25.41 -42.70 -12.30
N LEU C 196 -24.52 -42.30 -13.19
CA LEU C 196 -23.30 -41.64 -12.81
C LEU C 196 -22.91 -40.70 -13.94
N VAL C 197 -22.41 -39.53 -13.55
CA VAL C 197 -21.95 -38.51 -14.48
C VAL C 197 -20.58 -38.04 -14.07
N THR C 198 -19.58 -38.30 -14.91
CA THR C 198 -18.18 -37.93 -14.61
C THR C 198 -17.78 -36.86 -15.57
N VAL C 199 -17.17 -35.82 -15.00
CA VAL C 199 -16.86 -34.61 -15.68
C VAL C 199 -15.41 -34.36 -15.44
N GLY C 200 -14.59 -34.63 -16.47
CA GLY C 200 -13.16 -34.47 -16.37
C GLY C 200 -12.57 -33.36 -17.24
N SER C 201 -11.79 -32.47 -16.63
CA SER C 201 -10.81 -31.68 -17.37
C SER C 201 -9.38 -32.06 -16.94
N SER C 202 -8.41 -31.21 -17.26
CA SER C 202 -7.04 -31.36 -16.75
C SER C 202 -6.95 -30.98 -15.26
N ASN C 203 -7.72 -29.96 -14.84
CA ASN C 203 -7.64 -29.36 -13.49
C ASN C 203 -8.92 -29.52 -12.67
N TYR C 204 -9.58 -30.65 -12.85
CA TYR C 204 -10.95 -30.87 -12.39
C TYR C 204 -11.38 -32.25 -12.87
N GLN C 205 -11.61 -33.14 -11.91
CA GLN C 205 -12.48 -34.29 -12.11
C GLN C 205 -13.40 -34.32 -10.90
N GLN C 206 -14.64 -34.74 -11.15
CA GLN C 206 -15.67 -34.76 -10.14
C GLN C 206 -16.73 -35.70 -10.61
N SER C 207 -17.40 -36.30 -9.65
CA SER C 207 -18.50 -37.18 -9.96
C SER C 207 -19.80 -36.52 -9.48
N PHE C 208 -20.92 -36.96 -10.05
CA PHE C 208 -22.22 -36.45 -9.71
C PHE C 208 -23.16 -37.63 -9.83
N VAL C 209 -24.00 -37.80 -8.83
CA VAL C 209 -24.97 -38.86 -8.84
C VAL C 209 -26.32 -38.18 -8.77
N PRO C 210 -27.26 -38.63 -9.62
CA PRO C 210 -28.60 -38.15 -9.33
C PRO C 210 -29.04 -38.76 -7.99
N SER C 211 -29.65 -37.92 -7.16
CA SER C 211 -30.32 -38.38 -5.98
C SER C 211 -31.82 -38.19 -6.19
N PRO C 212 -32.49 -39.21 -6.74
CA PRO C 212 -33.93 -39.17 -6.85
C PRO C 212 -34.54 -39.32 -5.49
N GLY C 213 -35.69 -38.70 -5.31
CA GLY C 213 -36.31 -38.64 -4.03
C GLY C 213 -37.49 -37.70 -4.06
N ALA C 214 -38.50 -37.98 -3.26
CA ALA C 214 -39.69 -37.17 -3.23
C ALA C 214 -39.32 -35.80 -2.70
N ARG C 215 -40.01 -34.77 -3.16
CA ARG C 215 -39.84 -33.43 -2.65
C ARG C 215 -40.98 -32.56 -3.09
N PRO C 216 -41.13 -31.38 -2.47
CA PRO C 216 -42.27 -30.55 -2.84
C PRO C 216 -42.34 -30.16 -4.33
N GLN C 217 -43.56 -30.17 -4.85
CA GLN C 217 -43.85 -29.63 -6.18
C GLN C 217 -43.54 -28.14 -6.16
N VAL C 218 -42.67 -27.73 -7.08
CA VAL C 218 -42.47 -26.32 -7.45
C VAL C 218 -42.97 -26.19 -8.90
N ASN C 219 -43.97 -25.33 -9.15
CA ASN C 219 -44.63 -25.23 -10.48
C ASN C 219 -45.38 -26.53 -10.81
N GLY C 220 -45.84 -27.25 -9.80
CA GLY C 220 -46.41 -28.59 -10.03
C GLY C 220 -45.42 -29.72 -10.32
N LEU C 221 -44.09 -29.46 -10.42
CA LEU C 221 -43.06 -30.52 -10.58
C LEU C 221 -42.14 -30.77 -9.37
N SER C 222 -41.85 -32.05 -9.13
CA SER C 222 -41.00 -32.43 -8.04
C SER C 222 -39.60 -32.79 -8.51
N GLY C 223 -39.36 -32.62 -9.80
CA GLY C 223 -38.04 -32.80 -10.33
C GLY C 223 -37.19 -31.58 -10.04
N ARG C 224 -35.88 -31.75 -10.13
CA ARG C 224 -34.96 -30.63 -10.03
C ARG C 224 -33.84 -30.85 -10.97
N ILE C 225 -33.46 -29.79 -11.65
CA ILE C 225 -32.24 -29.81 -12.43
C ILE C 225 -31.32 -28.82 -11.76
N ASP C 226 -30.23 -29.30 -11.23
CA ASP C 226 -29.28 -28.40 -10.64
C ASP C 226 -28.02 -28.23 -11.54
N PHE C 227 -27.65 -26.98 -11.75
CA PHE C 227 -26.58 -26.64 -12.61
C PHE C 227 -25.22 -26.47 -11.91
N HIS C 228 -24.20 -27.07 -12.52
CA HIS C 228 -22.81 -26.93 -12.12
C HIS C 228 -22.00 -26.28 -13.18
N TRP C 229 -20.94 -25.58 -12.80
CA TRP C 229 -20.09 -24.97 -13.77
C TRP C 229 -18.61 -25.08 -13.47
N LEU C 230 -17.80 -24.85 -14.50
CA LEU C 230 -16.35 -24.69 -14.37
C LEU C 230 -15.79 -23.80 -15.45
N MET C 231 -14.68 -23.14 -15.15
CA MET C 231 -13.85 -22.45 -16.14
C MET C 231 -12.89 -23.42 -16.81
N LEU C 232 -13.05 -23.63 -18.12
CA LEU C 232 -12.08 -24.40 -18.92
C LEU C 232 -11.08 -23.39 -19.46
N ASN C 233 -9.80 -23.68 -19.27
CA ASN C 233 -8.73 -22.77 -19.68
C ASN C 233 -8.42 -22.89 -21.16
N PRO C 234 -7.84 -21.84 -21.75
CA PRO C 234 -7.35 -21.92 -23.14
C PRO C 234 -6.61 -23.24 -23.45
N ASN C 235 -7.00 -23.90 -24.51
CA ASN C 235 -6.33 -25.13 -24.95
C ASN C 235 -6.68 -26.40 -24.14
N ASP C 236 -7.45 -26.25 -23.06
CA ASP C 236 -7.89 -27.37 -22.24
C ASP C 236 -9.13 -28.07 -22.85
N THR C 237 -9.40 -29.29 -22.42
CA THR C 237 -10.55 -30.06 -22.87
C THR C 237 -11.43 -30.46 -21.70
N VAL C 238 -12.74 -30.47 -21.85
CA VAL C 238 -13.59 -31.02 -20.79
C VAL C 238 -14.27 -32.25 -21.34
N THR C 239 -14.31 -33.30 -20.53
CA THR C 239 -14.89 -34.55 -20.99
C THR C 239 -16.06 -34.93 -20.08
N PHE C 240 -17.11 -35.45 -20.67
CA PHE C 240 -18.33 -35.77 -19.97
C PHE C 240 -18.63 -37.23 -20.22
N SER C 241 -18.75 -38.03 -19.16
CA SER C 241 -19.10 -39.42 -19.33
C SER C 241 -20.35 -39.67 -18.52
N PHE C 242 -21.30 -40.41 -19.03
CA PHE C 242 -22.59 -40.47 -18.39
C PHE C 242 -23.43 -41.57 -18.95
N ASN C 243 -24.34 -42.08 -18.13
CA ASN C 243 -25.32 -43.00 -18.66
C ASN C 243 -26.75 -42.56 -18.35
N GLY C 244 -26.94 -41.27 -18.09
CA GLY C 244 -28.28 -40.74 -17.83
C GLY C 244 -28.25 -39.58 -16.86
N ALA C 245 -29.41 -38.99 -16.66
CA ALA C 245 -29.54 -37.87 -15.70
C ALA C 245 -28.62 -36.72 -15.97
N PHE C 246 -28.23 -36.58 -17.22
CA PHE C 246 -27.32 -35.52 -17.65
C PHE C 246 -28.01 -34.52 -18.57
N ILE C 247 -27.81 -33.23 -18.27
CA ILE C 247 -28.38 -32.14 -18.98
C ILE C 247 -27.18 -31.47 -19.62
N ALA C 248 -27.05 -31.63 -20.94
CA ALA C 248 -25.79 -31.40 -21.60
C ALA C 248 -25.77 -30.03 -22.16
N PRO C 249 -24.63 -29.36 -22.05
CA PRO C 249 -24.51 -28.10 -22.72
C PRO C 249 -24.42 -28.24 -24.27
N ASP C 250 -25.05 -27.29 -24.94
CA ASP C 250 -25.01 -27.12 -26.34
C ASP C 250 -23.95 -26.04 -26.66
N ARG C 251 -23.88 -24.99 -25.84
CA ARG C 251 -22.94 -23.89 -26.08
C ARG C 251 -22.15 -23.53 -24.83
N ALA C 252 -20.94 -23.01 -25.05
CA ALA C 252 -20.04 -22.53 -24.01
C ALA C 252 -20.05 -21.02 -24.08
N SER C 253 -19.64 -20.36 -23.00
CA SER C 253 -19.73 -18.88 -22.93
C SER C 253 -18.38 -18.28 -22.66
N PHE C 254 -18.08 -17.14 -23.28
CA PHE C 254 -16.87 -16.40 -23.06
C PHE C 254 -17.28 -15.03 -22.66
N LEU C 255 -16.53 -14.46 -21.74
CA LEU C 255 -16.86 -13.20 -21.14
C LEU C 255 -16.35 -12.18 -22.09
N ARG C 256 -17.13 -11.12 -22.28
CA ARG C 256 -16.80 -10.13 -23.32
C ARG C 256 -15.69 -9.17 -22.94
N GLY C 257 -15.81 -8.56 -21.78
CA GLY C 257 -14.85 -7.55 -21.37
C GLY C 257 -15.10 -7.13 -19.92
N LYS C 258 -15.59 -5.90 -19.75
CA LYS C 258 -15.76 -5.27 -18.43
C LYS C 258 -17.16 -4.75 -18.26
N SER C 259 -17.74 -4.99 -17.09
CA SER C 259 -19.02 -4.40 -16.72
C SER C 259 -19.07 -4.25 -15.23
N MET C 260 -20.10 -3.54 -14.79
CA MET C 260 -20.49 -3.53 -13.40
C MET C 260 -21.95 -3.94 -13.31
N GLY C 261 -22.28 -4.70 -12.29
CA GLY C 261 -23.65 -5.13 -12.10
C GLY C 261 -24.22 -4.67 -10.79
N ILE C 262 -25.49 -4.30 -10.78
CA ILE C 262 -26.17 -3.96 -9.55
C ILE C 262 -27.50 -4.63 -9.46
N GLN C 263 -28.07 -4.58 -8.26
CA GLN C 263 -29.42 -5.04 -8.02
C GLN C 263 -30.25 -3.87 -7.73
N SER C 264 -31.45 -3.78 -8.30
CA SER C 264 -32.25 -2.55 -8.09
C SER C 264 -33.74 -2.70 -8.32
N GLY C 265 -34.48 -1.86 -7.64
CA GLY C 265 -35.93 -1.85 -7.72
C GLY C 265 -36.49 -0.53 -8.21
N VAL C 266 -35.69 0.25 -8.95
CA VAL C 266 -36.19 1.52 -9.55
C VAL C 266 -35.89 1.64 -11.05
N GLN C 267 -36.57 2.58 -11.73
CA GLN C 267 -36.45 2.72 -13.19
C GLN C 267 -35.05 3.13 -13.65
N VAL C 268 -34.74 2.73 -14.88
CA VAL C 268 -33.53 3.19 -15.54
C VAL C 268 -33.83 4.58 -16.02
N ASP C 269 -32.79 5.41 -16.11
CA ASP C 269 -32.90 6.75 -16.68
C ASP C 269 -31.65 7.08 -17.47
N ALA C 270 -31.74 6.98 -18.80
CA ALA C 270 -30.59 7.23 -19.66
C ALA C 270 -30.23 8.71 -19.84
N ASN C 271 -30.91 9.62 -19.12
CA ASN C 271 -30.62 11.05 -19.23
C ASN C 271 -29.60 11.57 -18.22
N CYS C 272 -29.75 11.21 -16.95
CA CYS C 272 -28.76 11.60 -15.92
C CYS C 272 -27.52 10.68 -15.93
N GLU C 273 -26.36 11.23 -15.61
CA GLU C 273 -25.14 10.41 -15.54
C GLU C 273 -24.82 10.10 -14.07
N GLY C 274 -24.33 8.90 -13.81
CA GLY C 274 -24.02 8.47 -12.46
C GLY C 274 -22.92 7.42 -12.46
N ASP C 275 -22.22 7.31 -11.35
CA ASP C 275 -21.22 6.27 -11.17
C ASP C 275 -21.33 5.47 -9.85
N CYS C 276 -22.32 5.78 -9.01
CA CYS C 276 -22.48 5.19 -7.68
C CYS C 276 -23.92 4.80 -7.47
N TYR C 277 -24.19 3.50 -7.37
CA TYR C 277 -25.56 3.03 -7.40
C TYR C 277 -25.83 2.20 -6.21
N HIS C 278 -27.11 2.03 -5.93
CA HIS C 278 -27.55 1.14 -4.88
C HIS C 278 -28.96 0.77 -5.23
N SER C 279 -29.57 -0.14 -4.49
CA SER C 279 -30.84 -0.69 -4.96
C SER C 279 -31.91 0.36 -5.18
N GLY C 280 -31.85 1.45 -4.41
CA GLY C 280 -32.87 2.50 -4.46
C GLY C 280 -32.51 3.69 -5.32
N GLY C 281 -31.42 3.62 -6.07
CA GLY C 281 -31.15 4.67 -7.03
C GLY C 281 -29.68 4.98 -7.19
N THR C 282 -29.38 6.26 -7.37
CA THR C 282 -28.08 6.71 -7.73
C THR C 282 -27.71 7.86 -6.82
N ILE C 283 -26.46 7.86 -6.40
CA ILE C 283 -25.95 8.87 -5.51
C ILE C 283 -25.07 9.76 -6.36
N ILE C 284 -25.52 10.96 -6.64
CA ILE C 284 -24.70 11.92 -7.37
C ILE C 284 -24.19 13.03 -6.43
N SER C 285 -22.88 13.07 -6.23
CA SER C 285 -22.30 13.86 -5.19
C SER C 285 -20.82 13.93 -5.35
N ASN C 286 -20.23 15.07 -5.00
CA ASN C 286 -18.79 15.13 -4.78
C ASN C 286 -18.45 15.06 -3.29
N LEU C 287 -19.45 14.95 -2.43
CA LEU C 287 -19.17 14.97 -1.03
C LEU C 287 -18.36 13.73 -0.72
N PRO C 288 -17.45 13.81 0.23
CA PRO C 288 -16.61 12.65 0.52
C PRO C 288 -17.30 11.51 1.24
N PHE C 289 -18.48 11.77 1.81
CA PHE C 289 -19.19 10.77 2.62
C PHE C 289 -20.66 10.71 2.26
N GLN C 290 -21.33 9.60 2.59
CA GLN C 290 -22.78 9.45 2.37
C GLN C 290 -23.40 8.59 3.44
N ASN C 291 -24.69 8.80 3.67
CA ASN C 291 -25.41 8.11 4.74
C ASN C 291 -26.70 7.48 4.20
N ILE C 292 -26.70 7.23 2.89
CA ILE C 292 -27.81 6.65 2.17
C ILE C 292 -27.78 5.12 2.25
N ASP C 293 -26.69 4.49 1.83
CA ASP C 293 -26.62 3.04 1.77
C ASP C 293 -25.22 2.47 1.84
N SER C 294 -24.98 1.63 2.85
CA SER C 294 -23.67 1.01 3.06
C SER C 294 -23.28 0.04 1.97
N ARG C 295 -24.23 -0.47 1.22
CA ARG C 295 -23.87 -1.41 0.17
C ARG C 295 -23.79 -0.77 -1.23
N ALA C 296 -23.76 0.56 -1.27
CA ALA C 296 -23.60 1.28 -2.54
C ALA C 296 -22.39 0.76 -3.25
N VAL C 297 -22.44 0.73 -4.58
CA VAL C 297 -21.33 0.23 -5.39
C VAL C 297 -21.05 1.14 -6.55
N GLY C 298 -19.90 0.96 -7.16
CA GLY C 298 -19.41 1.89 -8.18
C GLY C 298 -18.33 2.76 -7.55
N LYS C 299 -18.18 3.99 -8.02
CA LYS C 299 -17.25 4.94 -7.42
C LYS C 299 -18.05 5.81 -6.53
N CYS C 300 -17.85 5.67 -5.22
CA CYS C 300 -18.79 6.20 -4.19
C CYS C 300 -18.14 7.01 -3.07
N PRO C 301 -18.89 7.98 -2.53
CA PRO C 301 -18.46 8.54 -1.24
C PRO C 301 -18.48 7.43 -0.21
N ARG C 302 -17.66 7.55 0.82
CA ARG C 302 -17.58 6.51 1.80
C ARG C 302 -18.79 6.58 2.73
N TYR C 303 -19.39 5.43 3.00
CA TYR C 303 -20.58 5.36 3.84
C TYR C 303 -20.20 5.67 5.24
N VAL C 304 -20.93 6.57 5.88
CA VAL C 304 -20.77 6.83 7.31
C VAL C 304 -22.11 6.71 8.00
N LYS C 305 -22.04 6.53 9.29
CA LYS C 305 -23.19 6.33 10.18
C LYS C 305 -24.01 7.60 10.44
N GLN C 306 -23.33 8.75 10.45
CA GLN C 306 -23.93 10.02 10.84
C GLN C 306 -24.77 10.57 9.69
N ARG C 307 -25.85 11.27 9.99
CA ARG C 307 -26.64 11.90 8.92
C ARG C 307 -25.98 13.21 8.45
N SER C 308 -25.25 13.89 9.34
CA SER C 308 -24.75 15.22 8.99
C SER C 308 -23.47 15.56 9.70
N LEU C 309 -22.56 16.19 8.97
CA LEU C 309 -21.33 16.72 9.51
C LEU C 309 -20.99 18.00 8.77
N LEU C 310 -21.20 19.16 9.40
CA LEU C 310 -21.05 20.42 8.70
C LEU C 310 -19.63 20.90 8.83
N LEU C 311 -19.11 21.37 7.70
CA LEU C 311 -17.74 21.82 7.56
C LEU C 311 -17.79 23.32 7.41
N ALA C 312 -17.12 24.02 8.31
CA ALA C 312 -17.22 25.48 8.35
C ALA C 312 -16.54 25.97 7.14
N THR C 313 -17.17 26.91 6.46
CA THR C 313 -16.55 27.59 5.33
C THR C 313 -16.45 29.08 5.57
N GLY C 314 -16.66 29.51 6.81
CA GLY C 314 -16.41 30.87 7.20
C GLY C 314 -15.95 30.94 8.64
N MET C 315 -15.73 32.17 9.11
CA MET C 315 -15.16 32.38 10.45
C MET C 315 -16.21 32.26 11.51
N LYS C 316 -15.80 32.30 12.77
CA LYS C 316 -16.72 32.34 13.91
C LYS C 316 -17.66 33.51 13.77
N ASN C 317 -18.91 33.29 14.11
CA ASN C 317 -19.89 34.34 14.02
C ASN C 317 -20.07 34.97 15.36
N VAL C 318 -19.70 36.23 15.49
CA VAL C 318 -19.81 36.93 16.77
C VAL C 318 -20.69 38.14 16.55
N PRO C 319 -22.00 37.98 16.69
CA PRO C 319 -22.86 39.14 16.44
C PRO C 319 -22.91 40.01 17.69
N GLU C 320 -23.39 41.24 17.59
CA GLU C 320 -23.62 42.06 18.81
C GLU C 320 -25.02 41.79 19.39
N ALA D 5 -18.93 55.11 20.38
CA ALA D 5 -19.85 54.00 20.04
C ALA D 5 -19.34 53.06 18.93
N ILE D 6 -18.15 53.30 18.40
CA ILE D 6 -17.51 52.46 17.36
C ILE D 6 -16.58 51.47 18.06
N ALA D 7 -16.60 50.19 17.66
CA ALA D 7 -15.72 49.17 18.25
C ALA D 7 -15.20 48.15 17.24
N GLY D 8 -14.09 47.49 17.61
CA GLY D 8 -13.39 46.56 16.72
C GLY D 8 -13.66 45.11 17.05
N PHE D 9 -12.82 44.24 16.48
CA PHE D 9 -13.01 42.80 16.60
C PHE D 9 -12.90 42.20 17.97
N ILE D 10 -12.18 42.80 18.90
CA ILE D 10 -12.14 42.21 20.23
C ILE D 10 -13.55 42.09 20.80
N GLU D 11 -14.38 43.11 20.62
CA GLU D 11 -15.75 43.06 21.14
C GLU D 11 -16.67 42.05 20.40
N ASN D 12 -16.77 42.21 19.10
CA ASN D 12 -17.67 41.38 18.31
C ASN D 12 -17.52 41.64 16.80
N GLY D 13 -18.30 40.92 16.01
CA GLY D 13 -18.29 41.08 14.58
C GLY D 13 -19.25 42.18 14.20
N TRP D 14 -19.19 42.56 12.93
CA TRP D 14 -19.98 43.62 12.33
C TRP D 14 -20.96 43.06 11.32
N GLU D 15 -22.25 43.06 11.68
CA GLU D 15 -23.32 42.67 10.73
C GLU D 15 -23.39 43.55 9.49
N GLY D 16 -23.00 44.80 9.64
CA GLY D 16 -23.02 45.78 8.56
C GLY D 16 -21.93 45.64 7.52
N LEU D 17 -20.96 44.76 7.75
CA LEU D 17 -19.87 44.54 6.76
C LEU D 17 -20.23 43.41 5.79
N ILE D 18 -20.61 43.78 4.56
CA ILE D 18 -21.18 42.82 3.56
C ILE D 18 -20.32 42.66 2.30
N ASP D 19 -19.37 43.58 2.10
CA ASP D 19 -18.43 43.59 0.96
C ASP D 19 -17.15 42.80 1.24
N GLY D 20 -17.10 42.08 2.35
CA GLY D 20 -15.84 41.49 2.76
C GLY D 20 -15.90 40.80 4.09
N TRP D 21 -14.83 40.07 4.41
CA TRP D 21 -14.72 39.35 5.68
C TRP D 21 -14.09 40.20 6.74
N TYR D 22 -13.17 41.07 6.32
CA TYR D 22 -12.51 41.96 7.24
C TYR D 22 -12.61 43.37 6.75
N GLY D 23 -12.49 44.31 7.66
CA GLY D 23 -12.70 45.70 7.28
C GLY D 23 -12.15 46.72 8.23
N PHE D 24 -12.39 47.96 7.87
CA PHE D 24 -12.02 49.11 8.66
C PHE D 24 -13.27 49.92 8.92
N ARG D 25 -13.39 50.40 10.14
CA ARG D 25 -14.44 51.32 10.48
C ARG D 25 -13.77 52.51 11.14
N HIS D 26 -14.00 53.70 10.62
CA HIS D 26 -13.38 54.91 11.18
C HIS D 26 -14.41 55.92 11.66
N GLN D 27 -13.93 56.83 12.48
CA GLN D 27 -14.73 57.92 13.03
C GLN D 27 -13.83 59.13 12.98
N ASN D 28 -14.23 60.15 12.24
CA ASN D 28 -13.54 61.42 12.25
C ASN D 28 -14.55 62.57 12.24
N ALA D 29 -14.08 63.80 12.01
CA ALA D 29 -14.98 64.93 11.92
C ALA D 29 -16.06 64.71 10.83
N GLN D 30 -15.66 64.17 9.67
CA GLN D 30 -16.63 63.89 8.60
C GLN D 30 -17.58 62.71 8.87
N GLY D 31 -17.40 62.04 9.99
CA GLY D 31 -18.36 61.04 10.41
C GLY D 31 -17.79 59.62 10.42
N GLU D 32 -18.71 58.66 10.28
CA GLU D 32 -18.41 57.26 10.37
C GLU D 32 -18.37 56.70 8.95
N GLY D 33 -17.52 55.71 8.74
CA GLY D 33 -17.45 54.98 7.48
C GLY D 33 -16.83 53.61 7.63
N THR D 34 -17.36 52.66 6.88
CA THR D 34 -16.85 51.28 6.88
C THR D 34 -16.38 50.87 5.47
N ALA D 35 -15.26 50.15 5.39
CA ALA D 35 -14.73 49.65 4.10
C ALA D 35 -14.05 48.31 4.27
N ALA D 36 -14.29 47.43 3.31
CA ALA D 36 -13.68 46.11 3.31
C ALA D 36 -12.22 46.18 2.90
N ASP D 37 -11.37 45.39 3.56
CA ASP D 37 -10.03 45.12 3.08
C ASP D 37 -10.04 43.88 2.18
N TYR D 38 -9.63 44.07 0.94
CA TYR D 38 -9.73 43.05 -0.09
C TYR D 38 -8.68 41.95 0.09
N LYS D 39 -7.42 42.34 0.25
CA LYS D 39 -6.33 41.37 0.39
C LYS D 39 -6.54 40.33 1.50
N SER D 40 -6.90 40.75 2.70
CA SER D 40 -7.00 39.80 3.81
C SER D 40 -8.25 38.92 3.68
N THR D 41 -9.30 39.49 3.09
CA THR D 41 -10.47 38.72 2.76
C THR D 41 -10.10 37.58 1.82
N GLN D 42 -9.41 37.92 0.74
CA GLN D 42 -9.10 36.98 -0.29
C GLN D 42 -8.18 35.91 0.24
N SER D 43 -7.19 36.32 0.99
CA SER D 43 -6.29 35.35 1.63
C SER D 43 -7.10 34.33 2.36
N ALA D 44 -8.05 34.76 3.19
CA ALA D 44 -8.85 33.84 3.96
C ALA D 44 -9.66 32.96 3.04
N ILE D 45 -10.35 33.56 2.09
CA ILE D 45 -11.20 32.80 1.22
C ILE D 45 -10.42 31.73 0.48
N ASP D 46 -9.23 32.08 0.02
CA ASP D 46 -8.46 31.13 -0.76
C ASP D 46 -8.00 29.94 0.08
N GLN D 47 -7.71 30.17 1.36
CA GLN D 47 -7.35 29.07 2.21
C GLN D 47 -8.54 28.11 2.42
N ILE D 48 -9.72 28.66 2.60
CA ILE D 48 -10.94 27.89 2.71
C ILE D 48 -11.22 27.17 1.39
N THR D 49 -11.15 27.89 0.28
CA THR D 49 -11.27 27.27 -1.01
C THR D 49 -10.27 26.08 -1.15
N GLY D 50 -9.05 26.25 -0.68
CA GLY D 50 -8.10 25.15 -0.65
C GLY D 50 -8.49 23.94 0.19
N LYS D 51 -9.22 24.17 1.29
CA LYS D 51 -9.77 23.06 2.07
C LYS D 51 -10.80 22.31 1.28
N LEU D 52 -11.74 23.06 0.71
CA LEU D 52 -12.77 22.47 -0.10
C LEU D 52 -12.19 21.64 -1.24
N ASN D 53 -11.24 22.18 -1.99
CA ASN D 53 -10.66 21.46 -3.10
C ASN D 53 -10.08 20.12 -2.67
N ARG D 54 -9.53 20.08 -1.48
CA ARG D 54 -9.00 18.86 -0.92
C ARG D 54 -10.06 17.90 -0.36
N LEU D 55 -11.15 18.41 0.20
CA LEU D 55 -12.16 17.57 0.88
C LEU D 55 -13.33 17.15 0.00
N ILE D 56 -13.53 17.88 -1.08
CA ILE D 56 -14.53 17.57 -2.10
C ILE D 56 -14.00 16.60 -3.16
N GLU D 57 -13.02 15.79 -2.75
CA GLU D 57 -12.39 14.82 -3.62
C GLU D 57 -13.33 13.62 -3.82
N LYS D 58 -13.18 13.02 -5.01
CA LYS D 58 -13.81 11.75 -5.37
C LYS D 58 -12.79 10.63 -5.25
N THR D 59 -13.18 9.50 -4.65
CA THR D 59 -12.37 8.30 -4.81
C THR D 59 -12.42 7.82 -6.25
N ASN D 60 -11.28 7.41 -6.80
CA ASN D 60 -11.23 6.73 -8.09
C ASN D 60 -11.34 5.19 -7.95
N GLN D 61 -11.63 4.71 -6.73
CA GLN D 61 -11.66 3.29 -6.48
C GLN D 61 -13.10 2.77 -6.57
N GLN D 62 -13.26 1.74 -7.39
CA GLN D 62 -14.53 1.10 -7.64
C GLN D 62 -14.70 -0.12 -6.79
N PHE D 63 -15.85 -0.24 -6.15
CA PHE D 63 -16.16 -1.43 -5.38
C PHE D 63 -17.36 -2.14 -5.98
N GLU D 64 -17.39 -3.46 -5.84
CA GLU D 64 -18.39 -4.31 -6.45
C GLU D 64 -19.14 -5.03 -5.36
N LEU D 65 -20.27 -5.63 -5.72
CA LEU D 65 -21.08 -6.33 -4.76
C LEU D 65 -20.34 -7.58 -4.33
N ILE D 66 -20.32 -7.88 -3.02
CA ILE D 66 -19.83 -9.19 -2.53
C ILE D 66 -20.94 -9.93 -1.81
N ASP D 67 -22.13 -9.42 -1.99
CA ASP D 67 -23.25 -9.66 -1.15
C ASP D 67 -24.44 -9.70 -2.06
N ASN D 68 -25.57 -10.23 -1.61
CA ASN D 68 -26.75 -10.29 -2.44
C ASN D 68 -28.03 -9.90 -1.69
N GLU D 69 -28.70 -8.87 -2.18
CA GLU D 69 -29.89 -8.31 -1.54
C GLU D 69 -31.10 -9.22 -1.78
N PHE D 70 -31.10 -9.98 -2.87
CA PHE D 70 -32.27 -10.81 -3.23
C PHE D 70 -32.18 -12.26 -2.79
N ASN D 71 -30.98 -12.80 -2.83
CA ASN D 71 -30.77 -14.19 -2.50
C ASN D 71 -29.54 -14.29 -1.59
N GLU D 72 -29.83 -14.34 -0.30
CA GLU D 72 -28.83 -14.18 0.75
C GLU D 72 -27.71 -15.22 0.61
N VAL D 73 -26.48 -14.77 0.82
CA VAL D 73 -25.34 -15.64 0.70
C VAL D 73 -25.28 -16.55 1.92
N GLU D 74 -24.40 -17.52 1.83
CA GLU D 74 -24.23 -18.52 2.85
C GLU D 74 -23.88 -17.77 4.14
N LYS D 75 -24.40 -18.23 5.25
CA LYS D 75 -24.37 -17.51 6.49
C LYS D 75 -22.98 -17.23 7.07
N GLN D 76 -22.07 -18.16 6.95
CA GLN D 76 -20.76 -17.93 7.52
C GLN D 76 -20.05 -16.80 6.83
N ILE D 77 -19.97 -16.86 5.50
CA ILE D 77 -19.30 -15.83 4.74
C ILE D 77 -20.06 -14.49 4.90
N GLY D 78 -21.38 -14.54 4.94
CA GLY D 78 -22.22 -13.33 5.15
C GLY D 78 -21.89 -12.61 6.46
N ASN D 79 -21.69 -13.38 7.51
CA ASN D 79 -21.34 -12.81 8.78
C ASN D 79 -19.94 -12.22 8.76
N VAL D 80 -19.00 -12.84 8.04
CA VAL D 80 -17.68 -12.26 7.91
C VAL D 80 -17.73 -10.96 7.11
N ILE D 81 -18.47 -10.96 6.01
CA ILE D 81 -18.64 -9.79 5.23
C ILE D 81 -19.26 -8.67 6.00
N ASN D 82 -20.31 -8.97 6.77
CA ASN D 82 -20.97 -7.93 7.56
C ASN D 82 -20.08 -7.37 8.64
N TRP D 83 -19.31 -8.23 9.27
CA TRP D 83 -18.38 -7.79 10.29
C TRP D 83 -17.34 -6.86 9.66
N THR D 84 -16.83 -7.26 8.50
CA THR D 84 -15.83 -6.46 7.85
C THR D 84 -16.41 -5.12 7.47
N ARG D 85 -17.61 -5.14 6.89
CA ARG D 85 -18.21 -3.91 6.44
C ARG D 85 -18.49 -2.98 7.61
N ASP D 86 -19.05 -3.50 8.69
CA ASP D 86 -19.31 -2.70 9.87
C ASP D 86 -18.02 -2.14 10.46
N SER D 87 -16.91 -2.90 10.48
CA SER D 87 -15.66 -2.37 10.97
C SER D 87 -15.19 -1.21 10.16
N ILE D 88 -15.33 -1.32 8.83
CA ILE D 88 -14.92 -0.27 7.93
C ILE D 88 -15.77 0.95 8.18
N THR D 89 -17.06 0.76 8.36
CA THR D 89 -17.98 1.85 8.61
C THR D 89 -17.64 2.61 9.89
N GLU D 90 -17.18 1.89 10.93
CA GLU D 90 -16.72 2.52 12.14
C GLU D 90 -15.50 3.40 11.88
N VAL D 91 -14.51 2.85 11.19
CA VAL D 91 -13.34 3.58 10.78
C VAL D 91 -13.73 4.84 10.05
N TRP D 92 -14.48 4.72 8.96
CA TRP D 92 -14.84 5.95 8.23
C TRP D 92 -15.68 6.97 9.04
N SER D 93 -16.60 6.49 9.85
CA SER D 93 -17.43 7.33 10.65
C SER D 93 -16.59 8.13 11.63
N TYR D 94 -15.52 7.52 12.12
CA TYR D 94 -14.62 8.19 13.07
C TYR D 94 -13.74 9.15 12.33
N ASN D 95 -13.17 8.73 11.20
CA ASN D 95 -12.44 9.61 10.36
C ASN D 95 -13.23 10.84 9.94
N ALA D 96 -14.50 10.69 9.58
CA ALA D 96 -15.25 11.83 9.13
C ALA D 96 -15.60 12.80 10.22
N GLU D 97 -15.92 12.32 11.40
CA GLU D 97 -16.18 13.19 12.56
C GLU D 97 -14.90 13.92 12.94
N LEU D 98 -13.78 13.24 12.92
CA LEU D 98 -12.51 13.84 13.21
C LEU D 98 -12.09 14.86 12.16
N LEU D 99 -12.27 14.53 10.89
CA LEU D 99 -11.87 15.43 9.83
C LEU D 99 -12.59 16.77 10.00
N VAL D 100 -13.90 16.73 10.12
CA VAL D 100 -14.67 17.95 10.25
C VAL D 100 -14.34 18.75 11.54
N ALA D 101 -14.25 18.08 12.67
CA ALA D 101 -13.90 18.73 13.91
C ALA D 101 -12.57 19.44 13.84
N MET D 102 -11.58 18.76 13.30
CA MET D 102 -10.26 19.29 13.19
C MET D 102 -10.22 20.42 12.17
N GLU D 103 -10.82 20.22 10.99
CA GLU D 103 -10.79 21.26 9.98
C GLU D 103 -11.53 22.48 10.47
N ASN D 104 -12.62 22.29 11.19
CA ASN D 104 -13.35 23.44 11.69
C ASN D 104 -12.54 24.26 12.72
N GLN D 105 -11.83 23.57 13.63
CA GLN D 105 -10.98 24.22 14.59
C GLN D 105 -9.97 25.03 13.83
N HIS D 106 -9.43 24.46 12.76
CA HIS D 106 -8.36 25.11 12.02
C HIS D 106 -8.90 26.31 11.23
N THR D 107 -10.10 26.18 10.70
CA THR D 107 -10.68 27.23 9.89
C THR D 107 -10.96 28.43 10.76
N ILE D 108 -11.64 28.21 11.87
CA ILE D 108 -11.87 29.25 12.83
C ILE D 108 -10.56 29.96 13.27
N ASP D 109 -9.50 29.21 13.59
CA ASP D 109 -8.26 29.82 14.10
C ASP D 109 -7.56 30.58 12.99
N LEU D 110 -7.73 30.10 11.78
CA LEU D 110 -7.14 30.70 10.62
C LEU D 110 -7.70 32.07 10.32
N ALA D 111 -9.01 32.16 10.36
CA ALA D 111 -9.72 33.39 10.16
C ALA D 111 -9.39 34.44 11.24
N ASP D 112 -9.33 34.00 12.50
CA ASP D 112 -8.91 34.83 13.61
C ASP D 112 -7.50 35.32 13.39
N SER D 113 -6.68 34.43 12.88
CA SER D 113 -5.28 34.74 12.62
C SER D 113 -5.11 35.76 11.49
N GLU D 114 -5.97 35.75 10.48
CA GLU D 114 -5.91 36.81 9.50
C GLU D 114 -6.32 38.17 10.08
N MET D 115 -7.31 38.17 10.95
CA MET D 115 -7.75 39.39 11.63
C MET D 115 -6.58 39.99 12.37
N ASP D 116 -5.91 39.17 13.19
CA ASP D 116 -4.71 39.58 13.94
C ASP D 116 -3.61 40.12 13.06
N LYS D 117 -3.44 39.58 11.88
CA LYS D 117 -2.35 40.00 10.99
C LYS D 117 -2.62 41.41 10.45
N LEU D 118 -3.89 41.67 10.14
CA LEU D 118 -4.31 42.98 9.66
C LEU D 118 -4.16 44.04 10.77
N TYR D 119 -4.70 43.75 11.92
CA TYR D 119 -4.54 44.60 13.10
C TYR D 119 -3.08 44.92 13.32
N GLU D 120 -2.23 43.92 13.31
CA GLU D 120 -0.81 44.12 13.59
C GLU D 120 -0.18 44.97 12.52
N ARG D 121 -0.65 44.86 11.29
CA ARG D 121 -0.08 45.61 10.17
C ARG D 121 -0.41 47.09 10.28
N VAL D 122 -1.62 47.39 10.73
CA VAL D 122 -2.03 48.76 10.92
C VAL D 122 -1.31 49.32 12.11
N LYS D 123 -1.26 48.58 13.20
CA LYS D 123 -0.51 49.06 14.35
C LYS D 123 0.86 49.53 13.90
N ARG D 124 1.51 48.78 13.00
CA ARG D 124 2.88 49.09 12.61
C ARG D 124 2.98 50.20 11.59
N GLN D 125 1.93 50.41 10.79
CA GLN D 125 1.85 51.63 9.98
C GLN D 125 1.76 52.89 10.84
N LEU D 126 0.94 52.83 11.89
CA LEU D 126 0.69 54.00 12.69
C LEU D 126 1.88 54.37 13.58
N ARG D 127 2.79 53.44 13.82
CA ARG D 127 3.97 53.70 14.64
C ARG D 127 3.61 54.39 15.97
N GLU D 128 4.15 55.58 16.20
CA GLU D 128 4.02 56.28 17.46
C GLU D 128 2.90 57.33 17.41
N ASN D 129 2.09 57.33 16.36
CA ASN D 129 1.00 58.27 16.21
C ASN D 129 -0.37 57.81 16.75
N ALA D 130 -0.48 56.58 17.24
CA ALA D 130 -1.78 56.13 17.72
C ALA D 130 -1.62 55.21 18.92
N GLU D 131 -2.69 54.98 19.68
CA GLU D 131 -2.65 54.02 20.75
C GLU D 131 -3.77 53.00 20.61
N GLU D 132 -3.50 51.76 21.01
CA GLU D 132 -4.53 50.73 21.08
C GLU D 132 -5.58 51.09 22.16
N ASP D 133 -6.84 51.19 21.79
CA ASP D 133 -7.93 51.41 22.76
C ASP D 133 -8.39 50.15 23.50
N GLY D 134 -7.89 48.98 23.11
CA GLY D 134 -8.31 47.71 23.73
C GLY D 134 -9.50 46.96 23.12
N THR D 135 -10.20 47.53 22.15
CA THR D 135 -11.36 46.87 21.54
C THR D 135 -11.11 46.54 20.08
N GLY D 136 -9.87 46.72 19.63
CA GLY D 136 -9.50 46.54 18.24
C GLY D 136 -9.45 47.83 17.45
N CYS D 137 -9.36 48.95 18.15
CA CYS D 137 -9.24 50.23 17.49
C CYS D 137 -7.98 50.93 17.92
N PHE D 138 -7.59 51.89 17.10
CA PHE D 138 -6.52 52.81 17.43
C PHE D 138 -7.09 54.20 17.62
N GLU D 139 -6.81 54.82 18.76
CA GLU D 139 -7.04 56.26 18.91
C GLU D 139 -5.85 56.95 18.20
N ILE D 140 -6.15 57.70 17.16
CA ILE D 140 -5.14 58.40 16.38
C ILE D 140 -5.02 59.82 16.95
N PHE D 141 -3.79 60.22 17.24
CA PHE D 141 -3.54 61.44 17.98
C PHE D 141 -3.22 62.61 17.06
N HIS D 142 -3.87 62.67 15.89
CA HIS D 142 -3.83 63.84 15.05
C HIS D 142 -5.11 63.87 14.23
N LYS D 143 -5.40 64.99 13.55
CA LYS D 143 -6.57 65.03 12.66
C LYS D 143 -6.34 64.10 11.47
N CYS D 144 -7.28 63.20 11.28
CA CYS D 144 -7.19 62.25 10.20
C CYS D 144 -8.47 62.32 9.36
N ASP D 145 -8.41 63.10 8.29
CA ASP D 145 -9.54 63.22 7.37
C ASP D 145 -9.74 61.95 6.51
N ASP D 146 -10.80 61.95 5.71
CA ASP D 146 -11.17 60.80 4.90
C ASP D 146 -10.04 60.30 4.03
N ASP D 147 -9.18 61.23 3.63
CA ASP D 147 -8.04 60.93 2.81
C ASP D 147 -6.91 60.26 3.63
N CYS D 148 -6.74 60.72 4.87
CA CYS D 148 -5.75 60.11 5.77
C CYS D 148 -6.28 58.71 6.17
N MET D 149 -7.57 58.61 6.46
CA MET D 149 -8.18 57.30 6.67
C MET D 149 -7.96 56.36 5.48
N ALA D 150 -8.23 56.83 4.28
CA ALA D 150 -8.01 55.97 3.10
C ALA D 150 -6.55 55.54 2.96
N SER D 151 -5.62 56.41 3.32
CA SER D 151 -4.22 56.09 3.23
C SER D 151 -3.81 55.03 4.26
N ILE D 152 -4.53 54.92 5.38
CA ILE D 152 -4.20 53.86 6.34
C ILE D 152 -4.62 52.52 5.72
N ARG D 153 -5.84 52.53 5.18
CA ARG D 153 -6.45 51.41 4.49
C ARG D 153 -5.63 50.86 3.35
N ASN D 154 -5.14 51.71 2.45
CA ASN D 154 -4.42 51.22 1.28
C ASN D 154 -2.90 51.13 1.51
N ASN D 155 -2.46 51.25 2.76
CA ASN D 155 -1.06 51.03 3.13
C ASN D 155 -0.06 52.11 2.65
N THR D 156 -0.51 53.35 2.51
CA THR D 156 0.36 54.45 2.09
C THR D 156 0.59 55.52 3.17
N TYR D 157 -0.06 55.38 4.32
CA TYR D 157 0.08 56.30 5.45
C TYR D 157 1.53 56.44 5.81
N ASP D 158 2.00 57.67 5.89
CA ASP D 158 3.39 57.95 6.21
C ASP D 158 3.37 58.58 7.59
N HIS D 159 3.85 57.82 8.57
CA HIS D 159 3.73 58.20 9.94
C HIS D 159 4.57 59.44 10.24
N SER D 160 5.65 59.65 9.48
CA SER D 160 6.51 60.85 9.65
C SER D 160 5.80 62.19 9.48
N LYS D 161 4.92 62.24 8.51
CA LYS D 161 4.12 63.42 8.25
C LYS D 161 3.40 63.91 9.50
N TYR D 162 2.86 63.00 10.31
CA TYR D 162 2.05 63.38 11.46
C TYR D 162 2.76 63.23 12.83
N ARG D 163 3.95 62.67 12.83
CA ARG D 163 4.60 62.29 14.09
C ARG D 163 4.69 63.47 15.05
N GLU D 164 5.42 64.50 14.63
CA GLU D 164 5.62 65.71 15.43
C GLU D 164 4.34 66.06 16.18
N GLU D 165 3.25 66.26 15.43
CA GLU D 165 1.94 66.62 15.98
C GLU D 165 1.36 65.54 16.92
N ALA D 166 1.48 64.28 16.51
CA ALA D 166 0.88 63.21 17.29
C ALA D 166 1.60 63.02 18.62
N MET D 167 2.94 63.00 18.62
CA MET D 167 3.68 62.74 19.86
C MET D 167 3.44 63.85 20.85
N GLN D 168 3.34 65.08 20.34
CA GLN D 168 3.02 66.22 21.15
C GLN D 168 1.64 66.02 21.81
N ASN D 169 0.65 65.54 21.05
CA ASN D 169 -0.70 65.32 21.59
C ASN D 169 -0.80 64.18 22.59
N ARG D 170 0.10 63.21 22.50
CA ARG D 170 0.07 62.09 23.42
C ARG D 170 0.54 62.51 24.81
N ILE D 171 1.01 63.77 24.93
CA ILE D 171 1.27 64.44 26.22
C ILE D 171 0.59 65.83 26.25
N ASP E 5 6.85 49.40 41.23
CA ASP E 5 5.53 48.70 41.40
C ASP E 5 5.16 47.87 40.15
N LYS E 6 4.68 46.64 40.35
CA LYS E 6 4.54 45.74 39.22
C LYS E 6 3.49 44.62 39.34
N ILE E 7 2.98 44.22 38.19
CA ILE E 7 2.05 43.08 38.11
C ILE E 7 2.50 42.08 37.07
N CYS E 8 2.45 40.80 37.42
CA CYS E 8 2.84 39.73 36.53
C CYS E 8 1.69 38.82 36.25
N LEU E 9 1.73 38.21 35.06
CA LEU E 9 0.77 37.21 34.68
C LEU E 9 1.49 35.90 34.68
N GLY E 10 0.81 34.88 35.17
CA GLY E 10 1.39 33.55 35.19
C GLY E 10 0.35 32.46 35.11
N HIS E 11 0.85 31.26 35.16
CA HIS E 11 -0.01 30.13 35.15
C HIS E 11 0.52 29.13 36.13
N HIS E 12 -0.31 28.14 36.44
CA HIS E 12 0.06 27.22 37.48
C HIS E 12 0.98 26.19 36.98
N ALA E 13 1.53 25.47 37.97
CA ALA E 13 2.40 24.33 37.77
C ALA E 13 2.38 23.49 39.01
N VAL E 14 2.95 22.31 38.91
CA VAL E 14 2.92 21.35 40.00
C VAL E 14 4.23 20.60 40.02
N SER E 15 4.49 19.86 41.08
CA SER E 15 5.67 19.01 41.14
C SER E 15 5.41 17.61 40.53
N ASN E 16 4.18 17.11 40.70
CA ASN E 16 3.73 15.83 40.10
C ASN E 16 3.25 15.91 38.64
N GLY E 17 4.12 16.37 37.72
CA GLY E 17 3.73 16.44 36.32
C GLY E 17 3.73 15.08 35.66
N THR E 18 2.87 14.87 34.67
CA THR E 18 2.84 13.59 33.94
C THR E 18 3.27 13.75 32.50
N LYS E 19 4.06 12.82 31.99
CA LYS E 19 4.53 12.89 30.62
C LYS E 19 3.49 12.40 29.62
N VAL E 20 3.41 13.09 28.48
CA VAL E 20 2.53 12.72 27.36
C VAL E 20 3.28 12.98 26.05
N ASN E 21 2.71 12.52 24.95
CA ASN E 21 3.32 12.74 23.66
C ASN E 21 2.50 13.68 22.86
N THR E 22 3.17 14.37 21.97
CA THR E 22 2.56 15.37 21.09
C THR E 22 3.06 15.10 19.70
N LEU E 23 2.57 15.84 18.72
CA LEU E 23 3.10 15.75 17.37
C LEU E 23 4.62 15.98 17.36
N THR E 24 5.13 16.81 18.26
CA THR E 24 6.54 17.19 18.14
C THR E 24 7.45 16.56 19.16
N GLU E 25 6.95 16.18 20.34
CA GLU E 25 7.81 15.71 21.44
C GLU E 25 7.29 14.47 22.12
N ARG E 26 8.19 13.56 22.47
CA ARG E 26 7.88 12.50 23.41
C ARG E 26 8.11 12.99 24.84
N GLY E 27 7.20 12.69 25.74
CA GLY E 27 7.39 12.98 27.15
C GLY E 27 7.47 14.46 27.50
N VAL E 28 6.64 15.30 26.88
CA VAL E 28 6.45 16.65 27.41
C VAL E 28 5.59 16.53 28.67
N GLU E 29 5.98 17.21 29.76
CA GLU E 29 5.23 17.12 31.02
C GLU E 29 4.07 18.07 30.95
N VAL E 30 2.94 17.65 31.48
CA VAL E 30 1.76 18.46 31.59
C VAL E 30 1.21 18.35 33.01
N VAL E 31 0.32 19.27 33.33
CA VAL E 31 -0.18 19.42 34.68
C VAL E 31 -1.10 18.29 35.06
N ASN E 32 -1.81 17.74 34.09
CA ASN E 32 -2.72 16.63 34.32
C ASN E 32 -2.99 15.91 33.02
N ALA E 33 -3.28 14.62 33.12
CA ALA E 33 -3.48 13.76 31.98
C ALA E 33 -4.41 12.65 32.40
N THR E 34 -5.10 12.05 31.43
CA THR E 34 -6.00 10.92 31.70
C THR E 34 -5.78 9.83 30.66
N GLU E 35 -5.92 8.58 31.09
CA GLU E 35 -5.73 7.44 30.23
C GLU E 35 -6.86 7.36 29.23
N THR E 36 -6.53 6.80 28.08
CA THR E 36 -7.44 6.72 26.96
C THR E 36 -7.60 5.24 26.50
N VAL E 37 -6.71 4.36 26.97
CA VAL E 37 -6.75 2.95 26.65
C VAL E 37 -7.11 2.16 27.88
N GLU E 38 -8.20 1.40 27.83
CA GLU E 38 -8.66 0.65 28.99
C GLU E 38 -7.87 -0.63 29.19
N ARG E 39 -7.36 -0.83 30.41
CA ARG E 39 -6.59 -2.04 30.82
C ARG E 39 -7.26 -2.81 31.91
N THR E 40 -8.29 -2.23 32.49
CA THR E 40 -8.90 -2.77 33.69
C THR E 40 -10.02 -3.73 33.32
N ASN E 41 -9.84 -4.97 33.72
CA ASN E 41 -10.79 -6.00 33.43
C ASN E 41 -11.55 -6.41 34.69
N ILE E 42 -12.85 -6.65 34.54
CA ILE E 42 -13.62 -7.30 35.59
C ILE E 42 -13.76 -8.79 35.25
N PRO E 43 -13.17 -9.68 36.07
CA PRO E 43 -13.19 -11.12 35.75
C PRO E 43 -14.51 -11.79 36.11
N ARG E 44 -15.61 -11.20 35.67
CA ARG E 44 -16.92 -11.78 35.78
C ARG E 44 -17.73 -11.41 34.56
N ILE E 45 -18.84 -12.09 34.32
CA ILE E 45 -19.70 -11.76 33.20
C ILE E 45 -20.83 -10.94 33.80
N CYS E 46 -20.77 -9.64 33.61
CA CYS E 46 -21.74 -8.74 34.22
C CYS E 46 -23.02 -8.79 33.43
N SER E 47 -24.02 -9.43 34.03
CA SER E 47 -25.23 -9.85 33.35
C SER E 47 -26.50 -9.05 33.75
N LYS E 48 -26.38 -8.13 34.71
CA LYS E 48 -27.54 -7.34 35.22
C LYS E 48 -28.41 -6.77 34.12
N GLY E 49 -29.72 -6.99 34.23
CA GLY E 49 -30.65 -6.45 33.26
C GLY E 49 -30.89 -7.33 32.05
N LYS E 50 -30.20 -8.48 31.97
CA LYS E 50 -30.31 -9.42 30.85
C LYS E 50 -30.71 -10.82 31.28
N ARG E 51 -31.61 -11.44 30.52
CA ARG E 51 -31.97 -12.84 30.77
C ARG E 51 -30.78 -13.64 30.29
N THR E 52 -30.07 -14.21 31.25
CA THR E 52 -28.85 -14.94 30.99
C THR E 52 -29.08 -16.43 31.07
N VAL E 53 -28.47 -17.15 30.15
CA VAL E 53 -28.43 -18.61 30.17
C VAL E 53 -26.99 -19.04 30.18
N ASP E 54 -26.54 -19.65 31.28
CA ASP E 54 -25.20 -20.24 31.36
C ASP E 54 -25.34 -21.69 30.97
N LEU E 55 -24.84 -22.03 29.78
CA LEU E 55 -25.16 -23.34 29.22
C LEU E 55 -24.41 -24.47 29.88
N GLY E 56 -23.35 -24.15 30.60
CA GLY E 56 -22.64 -25.17 31.37
C GLY E 56 -22.15 -26.33 30.53
N GLN E 57 -22.43 -27.55 30.95
CA GLN E 57 -22.02 -28.72 30.16
C GLN E 57 -22.82 -28.89 28.85
N CYS E 58 -23.81 -28.04 28.61
CA CYS E 58 -24.58 -28.14 27.39
C CYS E 58 -23.98 -27.31 26.26
N GLY E 59 -23.62 -27.93 25.17
CA GLY E 59 -23.15 -27.16 24.04
C GLY E 59 -24.35 -26.58 23.32
N LEU E 60 -24.13 -25.42 22.70
CA LEU E 60 -25.21 -24.67 22.11
C LEU E 60 -25.93 -25.45 21.04
N LEU E 61 -25.26 -26.29 20.28
CA LEU E 61 -25.96 -26.99 19.23
C LEU E 61 -26.81 -28.14 19.83
N GLY E 62 -26.47 -28.56 21.04
CA GLY E 62 -27.24 -29.60 21.69
C GLY E 62 -28.62 -29.13 22.09
N THR E 63 -28.85 -27.83 22.15
CA THR E 63 -30.16 -27.36 22.52
C THR E 63 -31.17 -27.71 21.46
N ILE E 64 -30.69 -28.03 20.27
CA ILE E 64 -31.54 -28.35 19.13
C ILE E 64 -31.81 -29.86 19.02
N THR E 65 -30.82 -30.69 19.33
CA THR E 65 -30.94 -32.14 19.29
C THR E 65 -31.30 -32.77 20.64
N GLY E 66 -30.85 -32.16 21.73
CA GLY E 66 -31.24 -32.54 23.07
C GLY E 66 -30.57 -33.76 23.64
N PRO E 67 -29.26 -33.75 23.74
CA PRO E 67 -28.64 -34.79 24.51
C PRO E 67 -28.88 -34.46 25.99
N PRO E 68 -28.69 -35.41 26.91
CA PRO E 68 -29.04 -35.27 28.32
C PRO E 68 -28.59 -33.98 28.97
N GLN E 69 -27.33 -33.62 28.78
CA GLN E 69 -26.77 -32.32 29.30
C GLN E 69 -27.61 -31.11 28.96
N CYS E 70 -28.41 -31.18 27.91
CA CYS E 70 -29.14 -30.02 27.39
C CYS E 70 -30.63 -30.06 27.69
N ASP E 71 -31.07 -31.06 28.43
CA ASP E 71 -32.47 -31.22 28.78
C ASP E 71 -33.15 -29.92 29.27
N GLN E 72 -32.49 -29.16 30.16
CA GLN E 72 -33.05 -27.87 30.67
C GLN E 72 -33.22 -26.76 29.63
N PHE E 73 -32.64 -26.91 28.44
CA PHE E 73 -32.51 -25.80 27.50
C PHE E 73 -33.18 -26.04 26.14
N LEU E 74 -34.00 -27.07 26.05
CA LEU E 74 -34.57 -27.45 24.78
C LEU E 74 -35.42 -26.33 24.22
N GLU E 75 -35.91 -25.45 25.07
CA GLU E 75 -36.75 -24.33 24.63
C GLU E 75 -36.31 -23.04 25.34
N PHE E 76 -35.00 -22.89 25.53
CA PHE E 76 -34.47 -21.76 26.32
C PHE E 76 -34.75 -20.38 25.72
N SER E 77 -34.89 -19.40 26.60
CA SER E 77 -35.02 -17.98 26.23
C SER E 77 -33.86 -17.23 26.86
N ALA E 78 -33.27 -16.29 26.12
CA ALA E 78 -32.14 -15.53 26.64
C ALA E 78 -31.87 -14.28 25.88
N ASP E 79 -31.40 -13.26 26.58
CA ASP E 79 -30.85 -12.05 25.96
C ASP E 79 -29.34 -12.24 25.75
N LEU E 80 -28.74 -12.96 26.69
CA LEU E 80 -27.32 -13.23 26.71
C LEU E 80 -27.13 -14.73 26.91
N ILE E 81 -26.33 -15.35 26.07
CA ILE E 81 -26.12 -16.79 26.09
C ILE E 81 -24.66 -17.05 26.32
N ILE E 82 -24.28 -17.78 27.35
CA ILE E 82 -22.89 -18.10 27.62
C ILE E 82 -22.46 -19.56 27.33
N GLU E 83 -21.53 -19.76 26.42
CA GLU E 83 -21.02 -21.08 26.13
C GLU E 83 -19.81 -21.30 27.00
N ARG E 84 -19.54 -22.55 27.32
CA ARG E 84 -18.42 -22.93 28.15
C ARG E 84 -17.55 -23.97 27.48
N ARG E 85 -16.27 -23.96 27.80
CA ARG E 85 -15.32 -24.93 27.28
C ARG E 85 -15.82 -26.36 27.45
N GLU E 86 -16.50 -26.66 28.55
CA GLU E 86 -16.91 -28.04 28.89
C GLU E 86 -18.17 -28.56 28.16
N GLY E 87 -18.85 -27.66 27.47
CA GLY E 87 -20.09 -27.99 26.79
C GLY E 87 -19.88 -28.89 25.56
N SER E 88 -20.72 -29.90 25.45
CA SER E 88 -20.68 -30.84 24.34
C SER E 88 -22.06 -30.76 23.69
N ASP E 89 -22.10 -30.75 22.37
CA ASP E 89 -23.37 -30.72 21.61
C ASP E 89 -23.96 -32.15 21.47
N VAL E 90 -23.29 -33.12 22.05
CA VAL E 90 -23.32 -34.48 21.57
C VAL E 90 -23.32 -35.45 22.76
N CYS E 91 -24.04 -36.56 22.64
CA CYS E 91 -23.91 -37.64 23.59
C CYS E 91 -23.32 -38.82 22.81
N TYR E 92 -24.04 -39.34 21.84
CA TYR E 92 -23.47 -40.28 20.90
C TYR E 92 -22.48 -39.54 19.98
N PRO E 93 -21.33 -40.16 19.70
CA PRO E 93 -20.28 -39.43 19.04
C PRO E 93 -20.63 -38.98 17.65
N GLY E 94 -20.16 -37.79 17.34
CA GLY E 94 -20.39 -37.19 16.06
C GLY E 94 -20.28 -35.68 16.19
N LYS E 95 -20.85 -34.98 15.24
CA LYS E 95 -20.69 -33.56 15.14
C LYS E 95 -21.75 -33.01 14.20
N PHE E 96 -21.95 -31.70 14.28
CA PHE E 96 -22.69 -31.00 13.27
C PHE E 96 -21.85 -30.56 12.09
N VAL E 97 -22.38 -30.76 10.90
CA VAL E 97 -21.84 -30.23 9.70
C VAL E 97 -22.31 -28.78 9.58
N ASN E 98 -21.44 -27.92 9.05
CA ASN E 98 -21.64 -26.47 9.12
C ASN E 98 -21.86 -25.97 10.50
N GLU E 99 -21.15 -26.53 11.45
CA GLU E 99 -21.40 -26.21 12.82
C GLU E 99 -21.35 -24.73 13.09
N GLU E 100 -20.37 -24.02 12.55
CA GLU E 100 -20.12 -22.66 13.05
C GLU E 100 -21.15 -21.66 12.57
N ALA E 101 -21.59 -21.86 11.34
CA ALA E 101 -22.70 -21.09 10.81
C ALA E 101 -23.92 -21.27 11.74
N LEU E 102 -24.25 -22.51 12.04
CA LEU E 102 -25.34 -22.76 12.93
C LEU E 102 -25.07 -22.16 14.26
N ARG E 103 -23.86 -22.25 14.78
CA ARG E 103 -23.66 -21.69 16.13
C ARG E 103 -23.99 -20.24 16.11
N GLN E 104 -23.64 -19.57 15.03
CA GLN E 104 -23.74 -18.12 14.97
C GLN E 104 -25.20 -17.69 14.92
N ILE E 105 -26.01 -18.50 14.25
CA ILE E 105 -27.44 -18.28 14.18
C ILE E 105 -28.05 -18.41 15.56
N LEU E 106 -27.63 -19.42 16.31
CA LEU E 106 -28.23 -19.64 17.63
C LEU E 106 -27.75 -18.63 18.65
N ARG E 107 -26.57 -18.06 18.47
CA ARG E 107 -26.09 -17.08 19.43
C ARG E 107 -26.92 -15.81 19.43
N GLU E 108 -27.48 -15.46 18.27
CA GLU E 108 -28.25 -14.22 18.12
C GLU E 108 -29.75 -14.50 18.05
N SER E 109 -30.15 -15.71 18.46
CA SER E 109 -31.51 -16.21 18.22
C SER E 109 -32.51 -15.67 19.21
N GLY E 110 -32.06 -15.37 20.42
CA GLY E 110 -32.94 -15.06 21.52
C GLY E 110 -33.36 -16.31 22.29
N GLY E 111 -33.04 -17.46 21.72
CA GLY E 111 -33.50 -18.73 22.22
C GLY E 111 -34.28 -19.42 21.12
N ILE E 112 -34.95 -20.50 21.49
CA ILE E 112 -35.64 -21.35 20.54
C ILE E 112 -36.97 -21.84 21.09
N ASP E 113 -37.92 -22.04 20.19
CA ASP E 113 -39.24 -22.60 20.52
C ASP E 113 -39.40 -23.83 19.66
N LYS E 114 -39.67 -24.97 20.28
CA LYS E 114 -39.80 -26.20 19.54
C LYS E 114 -41.25 -26.47 19.17
N GLU E 115 -41.42 -27.15 18.04
CA GLU E 115 -42.72 -27.54 17.54
C GLU E 115 -42.61 -28.94 16.99
N ALA E 116 -43.58 -29.77 17.34
CA ALA E 116 -43.65 -31.15 16.86
C ALA E 116 -43.75 -31.20 15.35
N MET E 117 -43.14 -32.22 14.76
CA MET E 117 -43.18 -32.36 13.30
C MET E 117 -44.22 -33.35 12.81
N GLY E 118 -44.73 -34.15 13.70
CA GLY E 118 -45.90 -34.95 13.41
C GLY E 118 -45.60 -36.25 12.72
N PHE E 119 -44.34 -36.66 12.65
CA PHE E 119 -44.03 -37.94 12.07
C PHE E 119 -44.45 -39.10 12.93
N THR E 120 -45.01 -40.13 12.29
CA THR E 120 -45.31 -41.41 12.95
C THR E 120 -44.89 -42.52 11.97
N TYR E 121 -44.87 -43.75 12.47
CA TYR E 121 -44.15 -44.79 11.79
C TYR E 121 -44.83 -46.14 11.93
N SER E 122 -44.61 -46.96 10.91
CA SER E 122 -45.08 -48.34 10.90
C SER E 122 -44.02 -49.29 10.30
N GLY E 123 -43.98 -50.51 10.85
CA GLY E 123 -43.10 -51.58 10.36
C GLY E 123 -41.64 -51.51 10.80
N ILE E 124 -41.34 -50.57 11.71
CA ILE E 124 -39.98 -50.31 12.19
C ILE E 124 -39.92 -50.05 13.69
N ARG E 125 -38.76 -50.31 14.29
CA ARG E 125 -38.47 -49.86 15.61
C ARG E 125 -38.15 -48.38 15.51
N THR E 126 -38.39 -47.69 16.62
CA THR E 126 -38.29 -46.24 16.72
C THR E 126 -37.48 -45.95 17.98
N ASN E 127 -37.15 -47.01 18.74
CA ASN E 127 -36.56 -46.90 20.08
C ASN E 127 -35.05 -47.05 20.09
N GLY E 128 -34.39 -46.72 18.99
CA GLY E 128 -32.94 -46.87 18.99
C GLY E 128 -32.39 -46.09 20.14
N ALA E 129 -31.46 -46.70 20.88
CA ALA E 129 -30.87 -46.05 22.04
C ALA E 129 -29.40 -46.40 22.18
N THR E 130 -28.71 -45.69 23.07
CA THR E 130 -27.33 -45.98 23.34
C THR E 130 -26.99 -45.69 24.79
N SER E 131 -26.04 -46.46 25.32
CA SER E 131 -25.51 -46.20 26.65
C SER E 131 -24.73 -44.88 26.71
N ALA E 132 -24.45 -44.29 25.56
CA ALA E 132 -23.72 -43.04 25.54
C ALA E 132 -24.62 -41.84 25.87
N CYS E 133 -25.93 -42.03 25.70
CA CYS E 133 -26.92 -41.00 26.01
C CYS E 133 -27.70 -41.50 27.23
N ARG E 134 -27.16 -41.26 28.41
CA ARG E 134 -27.65 -41.87 29.62
C ARG E 134 -28.71 -41.01 30.30
N ARG E 135 -29.93 -41.55 30.42
CA ARG E 135 -30.94 -40.96 31.31
C ARG E 135 -31.31 -41.91 32.47
N SER E 136 -32.42 -42.62 32.35
CA SER E 136 -32.72 -43.71 33.29
C SER E 136 -32.29 -44.99 32.59
N GLY E 137 -30.98 -45.13 32.45
CA GLY E 137 -30.36 -46.14 31.56
C GLY E 137 -30.20 -45.64 30.14
N SER E 138 -29.94 -46.54 29.22
CA SER E 138 -29.81 -46.20 27.81
C SER E 138 -30.95 -45.32 27.29
N SER E 139 -30.59 -44.34 26.48
CA SER E 139 -31.53 -43.42 25.91
C SER E 139 -30.98 -42.83 24.62
N PHE E 140 -31.58 -41.73 24.20
CA PHE E 140 -31.15 -41.05 23.01
C PHE E 140 -31.44 -39.53 23.04
N TYR E 141 -30.99 -38.81 22.03
CA TYR E 141 -31.31 -37.41 21.85
C TYR E 141 -32.81 -37.16 22.03
N ALA E 142 -33.19 -36.19 22.85
CA ALA E 142 -34.59 -35.93 23.15
C ALA E 142 -35.43 -35.52 21.96
N GLU E 143 -34.81 -34.93 20.97
CA GLU E 143 -35.56 -34.31 19.88
C GLU E 143 -35.44 -35.13 18.60
N MET E 144 -34.88 -36.32 18.67
CA MET E 144 -34.67 -37.14 17.49
C MET E 144 -35.09 -38.56 17.75
N LYS E 145 -35.17 -39.34 16.69
CA LYS E 145 -35.55 -40.73 16.81
C LYS E 145 -34.61 -41.53 15.94
N TRP E 146 -33.99 -42.51 16.56
CA TRP E 146 -33.15 -43.43 15.89
C TRP E 146 -34.03 -44.54 15.36
N LEU E 147 -34.30 -44.52 14.05
CA LEU E 147 -35.14 -45.51 13.36
C LEU E 147 -34.32 -46.73 12.99
N LEU E 148 -34.87 -47.91 13.21
CA LEU E 148 -34.20 -49.17 13.01
C LEU E 148 -35.14 -50.21 12.39
N SER E 149 -34.61 -51.26 11.79
CA SER E 149 -35.46 -52.31 11.24
C SER E 149 -36.22 -52.97 12.34
N ASN E 150 -37.34 -53.59 11.98
CA ASN E 150 -38.21 -54.12 12.98
C ASN E 150 -37.56 -55.24 13.78
N THR E 151 -36.55 -55.86 13.20
CA THR E 151 -35.78 -56.85 13.92
C THR E 151 -34.38 -56.97 13.27
N ASP E 152 -33.45 -57.65 13.96
CA ASP E 152 -32.04 -57.71 13.53
C ASP E 152 -31.98 -58.25 12.14
N ASN E 153 -31.21 -57.58 11.29
CA ASN E 153 -30.98 -57.98 9.87
C ASN E 153 -32.12 -57.65 8.93
N ALA E 154 -33.34 -57.55 9.46
CA ALA E 154 -34.55 -57.44 8.63
C ALA E 154 -34.52 -56.20 7.75
N ALA E 155 -35.31 -56.21 6.70
CA ALA E 155 -35.28 -55.15 5.71
C ALA E 155 -35.95 -53.92 6.30
N PHE E 156 -35.39 -52.76 5.98
CA PHE E 156 -35.95 -51.51 6.41
C PHE E 156 -36.79 -50.97 5.26
N PRO E 157 -38.13 -50.96 5.42
CA PRO E 157 -39.03 -50.40 4.41
C PRO E 157 -38.64 -49.01 3.99
N GLN E 158 -38.55 -48.81 2.68
CA GLN E 158 -38.38 -47.48 2.10
C GLN E 158 -39.54 -46.60 2.55
N MET E 159 -39.21 -45.43 3.07
CA MET E 159 -40.19 -44.50 3.69
C MET E 159 -40.04 -43.07 3.23
N THR E 160 -41.14 -42.35 3.33
CA THR E 160 -41.16 -40.91 3.10
C THR E 160 -41.97 -40.24 4.24
N LYS E 161 -41.47 -39.12 4.72
CA LYS E 161 -42.14 -38.33 5.73
C LYS E 161 -41.86 -36.90 5.33
N SER E 162 -42.89 -36.06 5.40
CA SER E 162 -42.78 -34.64 5.01
C SER E 162 -43.31 -33.77 6.14
N TYR E 163 -42.86 -32.53 6.17
CA TYR E 163 -43.31 -31.60 7.18
C TYR E 163 -43.32 -30.23 6.60
N LYS E 164 -44.44 -29.53 6.78
CA LYS E 164 -44.62 -28.19 6.24
C LYS E 164 -44.46 -27.17 7.35
N ASN E 165 -43.80 -26.07 7.06
CA ASN E 165 -43.69 -24.97 8.01
C ASN E 165 -44.87 -23.99 7.96
N THR E 166 -45.79 -24.11 8.91
CA THR E 166 -47.00 -23.25 9.02
C THR E 166 -46.77 -21.85 9.52
N ARG E 167 -45.65 -21.63 10.20
CA ARG E 167 -45.42 -20.35 10.86
C ARG E 167 -44.88 -19.32 9.89
N LYS E 168 -44.72 -18.09 10.42
CA LYS E 168 -44.30 -16.91 9.64
C LYS E 168 -42.79 -16.69 9.71
N SER E 169 -42.08 -17.67 10.28
CA SER E 169 -40.64 -17.55 10.51
C SER E 169 -39.97 -18.80 9.95
N PRO E 170 -38.67 -18.70 9.61
CA PRO E 170 -38.02 -19.90 9.13
C PRO E 170 -37.80 -20.90 10.27
N ALA E 171 -37.98 -22.16 9.96
CA ALA E 171 -37.84 -23.22 10.92
C ALA E 171 -36.48 -23.84 10.73
N LEU E 172 -35.70 -23.89 11.81
CA LEU E 172 -34.51 -24.73 11.86
C LEU E 172 -34.81 -26.23 11.87
N ILE E 173 -34.48 -26.93 10.78
CA ILE E 173 -34.67 -28.40 10.72
C ILE E 173 -33.33 -29.11 10.85
N VAL E 174 -33.31 -30.20 11.58
CA VAL E 174 -32.09 -30.94 11.83
C VAL E 174 -32.34 -32.41 11.65
N TRP E 175 -31.38 -33.10 11.08
CA TRP E 175 -31.45 -34.54 11.03
C TRP E 175 -30.01 -35.09 11.12
N GLY E 176 -29.89 -36.39 11.14
CA GLY E 176 -28.66 -37.03 11.39
C GLY E 176 -28.56 -38.23 10.49
N ILE E 177 -27.33 -38.62 10.22
CA ILE E 177 -27.06 -39.81 9.46
C ILE E 177 -26.25 -40.70 10.39
N HIS E 178 -26.60 -41.97 10.47
CA HIS E 178 -25.81 -42.88 11.26
C HIS E 178 -24.75 -43.59 10.43
N HIS E 179 -23.50 -43.42 10.84
CA HIS E 179 -22.35 -44.08 10.26
C HIS E 179 -21.93 -45.23 11.16
N SER E 180 -22.22 -46.45 10.72
CA SER E 180 -21.96 -47.64 11.53
C SER E 180 -20.48 -48.05 11.50
N VAL E 181 -20.08 -48.92 12.41
CA VAL E 181 -18.68 -49.32 12.46
C VAL E 181 -18.27 -50.22 11.26
N SER E 182 -19.22 -51.03 10.78
CA SER E 182 -19.00 -52.02 9.72
C SER E 182 -20.28 -52.24 8.92
N THR E 183 -20.16 -52.56 7.64
CA THR E 183 -21.36 -52.90 6.85
C THR E 183 -22.16 -54.06 7.50
N ALA E 184 -21.49 -54.91 8.26
CA ALA E 184 -22.15 -55.91 9.07
C ALA E 184 -23.03 -55.31 10.17
N GLU E 185 -22.58 -54.25 10.84
CA GLU E 185 -23.41 -53.57 11.85
C GLU E 185 -24.53 -52.82 11.14
N GLN E 186 -24.22 -52.13 10.08
CA GLN E 186 -25.26 -51.43 9.33
C GLN E 186 -26.34 -52.33 8.78
N THR E 187 -26.08 -53.64 8.77
CA THR E 187 -27.05 -54.62 8.29
C THR E 187 -27.91 -55.12 9.44
N LYS E 188 -27.27 -55.38 10.56
CA LYS E 188 -27.98 -55.70 11.78
C LYS E 188 -29.08 -54.63 12.00
N LEU E 189 -28.76 -53.35 11.85
CA LEU E 189 -29.69 -52.28 12.23
C LEU E 189 -30.73 -52.05 11.18
N TYR E 190 -30.31 -51.94 9.93
CA TYR E 190 -31.18 -51.50 8.85
C TYR E 190 -31.35 -52.49 7.70
N GLY E 191 -30.81 -53.69 7.84
CA GLY E 191 -30.83 -54.68 6.78
C GLY E 191 -29.79 -54.43 5.71
N SER E 192 -29.53 -55.49 4.93
CA SER E 192 -28.55 -55.42 3.82
C SER E 192 -29.07 -54.50 2.71
N GLY E 193 -28.26 -54.36 1.67
CA GLY E 193 -28.58 -53.47 0.57
C GLY E 193 -27.92 -52.16 0.85
N ASN E 194 -27.87 -51.31 -0.18
CA ASN E 194 -27.31 -49.96 -0.04
C ASN E 194 -28.30 -49.07 0.64
N LYS E 195 -27.79 -48.14 1.43
CA LYS E 195 -28.62 -47.20 2.19
C LYS E 195 -28.45 -45.78 1.66
N LEU E 196 -29.56 -45.07 1.63
CA LEU E 196 -29.61 -43.76 1.02
C LEU E 196 -30.65 -42.95 1.76
N VAL E 197 -30.33 -41.66 1.96
CA VAL E 197 -31.22 -40.72 2.61
C VAL E 197 -31.31 -39.47 1.77
N THR E 198 -32.51 -39.20 1.25
CA THR E 198 -32.74 -38.04 0.38
C THR E 198 -33.63 -37.09 1.11
N VAL E 199 -33.20 -35.84 1.09
CA VAL E 199 -33.79 -34.78 1.86
C VAL E 199 -34.10 -33.68 0.90
N GLY E 200 -35.38 -33.55 0.57
CA GLY E 200 -35.84 -32.54 -0.38
C GLY E 200 -36.71 -31.43 0.23
N SER E 201 -36.35 -30.18 -0.03
CA SER E 201 -37.31 -29.08 0.06
C SER E 201 -37.51 -28.46 -1.35
N SER E 202 -38.08 -27.25 -1.39
CA SER E 202 -38.17 -26.47 -2.63
C SER E 202 -36.80 -25.93 -3.06
N ASN E 203 -35.98 -25.53 -2.08
CA ASN E 203 -34.69 -24.82 -2.31
C ASN E 203 -33.46 -25.59 -1.85
N TYR E 204 -33.52 -26.91 -1.98
CA TYR E 204 -32.61 -27.83 -1.33
C TYR E 204 -33.05 -29.25 -1.67
N GLN E 205 -32.21 -29.95 -2.41
CA GLN E 205 -32.22 -31.40 -2.41
C GLN E 205 -30.76 -31.79 -2.23
N GLN E 206 -30.55 -32.90 -1.53
CA GLN E 206 -29.24 -33.41 -1.22
C GLN E 206 -29.37 -34.84 -0.85
N SER E 207 -28.32 -35.59 -1.15
CA SER E 207 -28.28 -36.98 -0.78
C SER E 207 -27.25 -37.16 0.35
N PHE E 208 -27.39 -38.25 1.09
CA PHE E 208 -26.49 -38.59 2.17
C PHE E 208 -26.39 -40.09 2.17
N VAL E 209 -25.16 -40.60 2.26
CA VAL E 209 -24.95 -42.02 2.31
C VAL E 209 -24.25 -42.27 3.62
N PRO E 210 -24.72 -43.30 4.35
CA PRO E 210 -23.87 -43.70 5.45
C PRO E 210 -22.56 -44.27 4.87
N SER E 211 -21.45 -43.86 5.47
CA SER E 211 -20.18 -44.45 5.20
C SER E 211 -19.76 -45.21 6.44
N PRO E 212 -20.15 -46.49 6.51
CA PRO E 212 -19.66 -47.35 7.57
C PRO E 212 -18.19 -47.62 7.37
N GLY E 213 -17.48 -47.81 8.47
CA GLY E 213 -16.06 -47.97 8.44
C GLY E 213 -15.49 -47.93 9.83
N ALA E 214 -14.41 -48.66 10.05
CA ALA E 214 -13.82 -48.73 11.36
C ALA E 214 -13.26 -47.36 11.71
N ARG E 215 -13.27 -47.04 12.99
CA ARG E 215 -12.71 -45.79 13.48
C ARG E 215 -12.54 -45.84 14.97
N PRO E 216 -11.79 -44.90 15.54
CA PRO E 216 -11.52 -45.00 16.98
C PRO E 216 -12.80 -44.95 17.84
N GLN E 217 -12.80 -45.75 18.89
CA GLN E 217 -13.79 -45.67 19.94
C GLN E 217 -13.70 -44.31 20.61
N VAL E 218 -14.81 -43.58 20.61
CA VAL E 218 -15.03 -42.42 21.46
C VAL E 218 -16.14 -42.80 22.46
N ASN E 219 -15.86 -42.75 23.77
CA ASN E 219 -16.78 -43.24 24.80
C ASN E 219 -16.98 -44.75 24.70
N GLY E 220 -15.98 -45.47 24.19
CA GLY E 220 -16.14 -46.90 23.88
C GLY E 220 -16.96 -47.24 22.62
N LEU E 221 -17.52 -46.25 21.90
CA LEU E 221 -18.23 -46.48 20.59
C LEU E 221 -17.56 -45.97 19.32
N SER E 222 -17.63 -46.77 18.25
CA SER E 222 -17.01 -46.42 17.00
C SER E 222 -18.03 -45.94 16.00
N GLY E 223 -19.27 -45.84 16.44
CA GLY E 223 -20.30 -45.26 15.62
C GLY E 223 -20.20 -43.75 15.64
N ARG E 224 -20.80 -43.12 14.66
CA ARG E 224 -20.93 -41.68 14.64
C ARG E 224 -22.27 -41.32 14.11
N ILE E 225 -22.90 -40.35 14.75
CA ILE E 225 -24.07 -39.72 14.19
C ILE E 225 -23.69 -38.30 13.88
N ASP E 226 -23.70 -37.96 12.61
CA ASP E 226 -23.44 -36.60 12.26
C ASP E 226 -24.72 -35.84 11.85
N PHE E 227 -24.89 -34.66 12.43
CA PHE E 227 -26.03 -33.85 12.19
C PHE E 227 -25.89 -32.82 11.05
N HIS E 228 -26.93 -32.77 10.22
CA HIS E 228 -27.10 -31.76 9.19
C HIS E 228 -28.30 -30.90 9.44
N TRP E 229 -28.27 -29.68 8.95
CA TRP E 229 -29.42 -28.82 9.10
C TRP E 229 -29.75 -27.98 7.87
N LEU E 230 -30.96 -27.44 7.86
CA LEU E 230 -31.42 -26.44 6.88
C LEU E 230 -32.50 -25.56 7.46
N MET E 231 -32.57 -24.34 6.94
CA MET E 231 -33.69 -23.43 7.18
C MET E 231 -34.83 -23.72 6.19
N LEU E 232 -35.97 -24.15 6.70
CA LEU E 232 -37.19 -24.29 5.90
C LEU E 232 -37.94 -22.98 6.01
N ASN E 233 -38.30 -22.41 4.87
CA ASN E 233 -38.97 -21.12 4.83
C ASN E 233 -40.45 -21.24 5.11
N PRO E 234 -41.08 -20.13 5.57
CA PRO E 234 -42.55 -20.10 5.72
C PRO E 234 -43.30 -20.73 4.55
N ASN E 235 -44.21 -21.64 4.84
CA ASN E 235 -45.04 -22.29 3.82
C ASN E 235 -44.34 -23.40 2.98
N ASP E 236 -43.03 -23.59 3.21
CA ASP E 236 -42.25 -24.62 2.51
C ASP E 236 -42.41 -25.99 3.20
N THR E 237 -42.08 -27.05 2.49
CA THR E 237 -42.17 -28.41 3.02
C THR E 237 -40.80 -29.09 2.92
N VAL E 238 -40.42 -29.89 3.90
CA VAL E 238 -39.21 -30.69 3.75
C VAL E 238 -39.61 -32.15 3.69
N THR E 239 -39.02 -32.88 2.75
CA THR E 239 -39.36 -34.28 2.59
C THR E 239 -38.13 -35.16 2.81
N PHE E 240 -38.33 -36.29 3.47
CA PHE E 240 -37.25 -37.16 3.86
C PHE E 240 -37.58 -38.53 3.31
N SER E 241 -36.68 -39.09 2.48
CA SER E 241 -36.89 -40.42 1.98
C SER E 241 -35.69 -41.25 2.36
N PHE E 242 -35.88 -42.48 2.79
CA PHE E 242 -34.79 -43.19 3.41
C PHE E 242 -35.12 -44.64 3.57
N ASN E 243 -34.09 -45.46 3.59
CA ASN E 243 -34.30 -46.85 3.93
C ASN E 243 -33.40 -47.33 5.05
N GLY E 244 -32.89 -46.38 5.84
CA GLY E 244 -32.07 -46.72 7.01
C GLY E 244 -31.04 -45.66 7.30
N ALA E 245 -30.31 -45.86 8.37
CA ALA E 245 -29.24 -44.94 8.76
C ALA E 245 -29.70 -43.50 8.92
N PHE E 246 -30.97 -43.32 9.23
CA PHE E 246 -31.56 -42.01 9.38
C PHE E 246 -31.96 -41.78 10.84
N ILE E 247 -31.59 -40.61 11.35
CA ILE E 247 -31.88 -40.16 12.67
C ILE E 247 -32.84 -39.02 12.46
N ALA E 248 -34.11 -39.26 12.78
CA ALA E 248 -35.17 -38.41 12.33
C ALA E 248 -35.52 -37.39 13.36
N PRO E 249 -35.84 -36.17 12.94
CA PRO E 249 -36.26 -35.17 13.88
C PRO E 249 -37.71 -35.43 14.34
N ASP E 250 -37.93 -35.13 15.60
CA ASP E 250 -39.19 -35.19 16.24
C ASP E 250 -39.74 -33.76 16.24
N ARG E 251 -38.89 -32.77 16.48
CA ARG E 251 -39.32 -31.38 16.60
C ARG E 251 -38.47 -30.45 15.74
N ALA E 252 -39.07 -29.37 15.29
CA ALA E 252 -38.40 -28.29 14.57
C ALA E 252 -38.25 -27.10 15.51
N SER E 253 -37.35 -26.16 15.19
CA SER E 253 -37.03 -25.06 16.11
C SER E 253 -37.23 -23.73 15.42
N PHE E 254 -37.77 -22.74 16.13
CA PHE E 254 -37.94 -21.40 15.64
C PHE E 254 -37.24 -20.50 16.58
N LEU E 255 -36.61 -19.47 16.04
CA LEU E 255 -35.73 -18.60 16.78
C LEU E 255 -36.64 -17.61 17.41
N ARG E 256 -36.38 -17.27 18.66
CA ARG E 256 -37.32 -16.44 19.44
C ARG E 256 -37.28 -14.97 19.11
N GLY E 257 -36.09 -14.39 19.10
CA GLY E 257 -35.94 -12.96 18.86
C GLY E 257 -34.48 -12.57 18.70
N LYS E 258 -33.95 -11.86 19.70
CA LYS E 258 -32.58 -11.28 19.68
C LYS E 258 -31.81 -11.67 20.90
N SER E 259 -30.56 -12.06 20.70
CA SER E 259 -29.64 -12.34 21.79
C SER E 259 -28.24 -12.06 21.33
N MET E 260 -27.34 -12.03 22.29
CA MET E 260 -25.93 -12.08 22.02
C MET E 260 -25.33 -13.26 22.75
N GLY E 261 -24.39 -13.93 22.10
CA GLY E 261 -23.73 -15.04 22.74
C GLY E 261 -22.24 -14.85 22.88
N ILE E 262 -21.68 -15.33 23.98
CA ILE E 262 -20.23 -15.27 24.19
C ILE E 262 -19.72 -16.58 24.68
N GLN E 263 -18.40 -16.72 24.64
CA GLN E 263 -17.72 -17.87 25.20
C GLN E 263 -16.95 -17.39 26.37
N SER E 264 -16.96 -18.12 27.49
CA SER E 264 -16.29 -17.61 28.70
C SER E 264 -15.94 -18.64 29.73
N GLY E 265 -14.90 -18.34 30.48
CA GLY E 265 -14.42 -19.20 31.54
C GLY E 265 -14.49 -18.56 32.92
N VAL E 266 -15.36 -17.56 33.11
CA VAL E 266 -15.52 -16.94 34.44
C VAL E 266 -16.97 -16.87 34.91
N GLN E 267 -17.17 -16.64 36.20
CA GLN E 267 -18.53 -16.64 36.79
C GLN E 267 -19.43 -15.55 36.25
N VAL E 268 -20.72 -15.83 36.30
CA VAL E 268 -21.74 -14.85 35.99
C VAL E 268 -21.86 -13.99 37.21
N ASP E 269 -22.24 -12.73 37.02
CA ASP E 269 -22.52 -11.82 38.10
C ASP E 269 -23.69 -10.92 37.74
N ALA E 270 -24.87 -11.23 38.28
CA ALA E 270 -26.08 -10.45 37.97
C ALA E 270 -26.17 -9.10 38.67
N ASN E 271 -25.12 -8.68 39.40
CA ASN E 271 -25.11 -7.39 40.09
C ASN E 271 -24.54 -6.24 39.29
N CYS E 272 -23.38 -6.44 38.66
CA CYS E 272 -22.77 -5.40 37.79
C CYS E 272 -23.41 -5.39 36.40
N GLU E 273 -23.49 -4.23 35.78
CA GLU E 273 -24.02 -4.14 34.42
C GLU E 273 -22.87 -4.01 33.44
N GLY E 274 -23.00 -4.63 32.26
CA GLY E 274 -21.96 -4.59 31.25
C GLY E 274 -22.54 -4.75 29.86
N ASP E 275 -21.82 -4.26 28.87
CA ASP E 275 -22.22 -4.46 27.46
C ASP E 275 -21.09 -4.97 26.53
N CYS E 276 -19.89 -5.19 27.07
CA CYS E 276 -18.69 -5.57 26.30
C CYS E 276 -17.99 -6.72 27.02
N TYR E 277 -17.99 -7.90 26.40
CA TYR E 277 -17.54 -9.09 27.07
C TYR E 277 -16.47 -9.76 26.29
N HIS E 278 -15.74 -10.61 26.97
CA HIS E 278 -14.73 -11.44 26.32
C HIS E 278 -14.56 -12.64 27.23
N SER E 279 -13.75 -13.60 26.82
CA SER E 279 -13.75 -14.84 27.57
C SER E 279 -13.42 -14.65 29.04
N GLY E 280 -12.58 -13.65 29.35
CA GLY E 280 -12.05 -13.47 30.68
C GLY E 280 -12.81 -12.44 31.51
N GLY E 281 -13.93 -11.94 31.00
CA GLY E 281 -14.75 -11.08 31.80
C GLY E 281 -15.41 -9.99 31.02
N THR E 282 -15.52 -8.82 31.65
CA THR E 282 -16.31 -7.73 31.15
C THR E 282 -15.47 -6.48 31.22
N ILE E 283 -15.56 -5.67 30.18
CA ILE E 283 -14.82 -4.45 30.06
C ILE E 283 -15.81 -3.34 30.31
N ILE E 284 -15.73 -2.70 31.47
CA ILE E 284 -16.59 -1.56 31.75
C ILE E 284 -15.78 -0.27 31.68
N SER E 285 -16.11 0.57 30.71
CA SER E 285 -15.28 1.69 30.39
C SER E 285 -16.02 2.63 29.50
N ASN E 286 -15.76 3.93 29.63
CA ASN E 286 -16.13 4.89 28.59
C ASN E 286 -14.92 5.26 27.72
N LEU E 287 -13.76 4.69 27.99
CA LEU E 287 -12.59 5.04 27.22
C LEU E 287 -12.81 4.58 25.79
N PRO E 288 -12.28 5.29 24.84
CA PRO E 288 -12.54 4.94 23.44
C PRO E 288 -11.77 3.72 22.93
N PHE E 289 -10.74 3.31 23.67
CA PHE E 289 -9.88 2.21 23.25
C PHE E 289 -9.63 1.23 24.38
N GLN E 290 -9.23 -0.01 24.07
CA GLN E 290 -8.87 -1.02 25.08
C GLN E 290 -7.76 -1.92 24.57
N ASN E 291 -7.00 -2.49 25.49
CA ASN E 291 -5.85 -3.31 25.18
C ASN E 291 -5.93 -4.67 25.89
N ILE E 292 -7.16 -5.04 26.26
CA ILE E 292 -7.45 -6.25 26.98
C ILE E 292 -7.59 -7.45 26.02
N ASP E 293 -8.52 -7.36 25.07
CA ASP E 293 -8.81 -8.48 24.18
C ASP E 293 -9.35 -8.06 22.83
N SER E 294 -8.65 -8.45 21.76
CA SER E 294 -9.07 -8.14 20.38
C SER E 294 -10.33 -8.82 19.95
N ARG E 295 -10.72 -9.89 20.61
CA ARG E 295 -11.96 -10.56 20.24
C ARG E 295 -13.17 -10.18 21.11
N ALA E 296 -13.04 -9.12 21.90
CA ALA E 296 -14.15 -8.64 22.72
C ALA E 296 -15.35 -8.42 21.86
N VAL E 297 -16.53 -8.66 22.40
CA VAL E 297 -17.76 -8.49 21.66
C VAL E 297 -18.79 -7.76 22.47
N GLY E 298 -19.84 -7.32 21.80
CA GLY E 298 -20.84 -6.43 22.41
C GLY E 298 -20.55 -5.02 21.92
N LYS E 299 -20.88 -4.03 22.74
CA LYS E 299 -20.57 -2.63 22.41
C LYS E 299 -19.31 -2.29 23.15
N CYS E 300 -18.23 -2.08 22.41
CA CYS E 300 -16.86 -2.09 22.97
C CYS E 300 -15.99 -0.88 22.57
N PRO E 301 -15.09 -0.47 23.47
CA PRO E 301 -14.00 0.36 22.97
C PRO E 301 -13.19 -0.39 21.91
N ARG E 302 -12.54 0.33 21.00
CA ARG E 302 -11.83 -0.31 19.95
C ARG E 302 -10.52 -0.85 20.45
N TYR E 303 -10.19 -2.08 20.07
CA TYR E 303 -8.98 -2.72 20.53
C TYR E 303 -7.80 -2.08 19.86
N VAL E 304 -6.78 -1.75 20.65
CA VAL E 304 -5.52 -1.22 20.12
C VAL E 304 -4.38 -2.03 20.69
N LYS E 305 -3.25 -1.93 20.06
CA LYS E 305 -2.02 -2.63 20.40
C LYS E 305 -1.30 -2.08 21.64
N GLN E 306 -1.40 -0.77 21.86
CA GLN E 306 -0.63 -0.06 22.87
C GLN E 306 -1.26 -0.29 24.24
N ARG E 307 -0.45 -0.34 25.29
CA ARG E 307 -1.02 -0.47 26.63
C ARG E 307 -1.51 0.89 27.15
N SER E 308 -0.89 1.99 26.72
CA SER E 308 -1.22 3.29 27.29
C SER E 308 -1.05 4.42 26.31
N LEU E 309 -1.99 5.35 26.35
CA LEU E 309 -1.92 6.57 25.57
C LEU E 309 -2.54 7.69 26.41
N LEU E 310 -1.72 8.56 26.99
CA LEU E 310 -2.23 9.57 27.92
C LEU E 310 -2.62 10.80 27.15
N LEU E 311 -3.80 11.31 27.52
CA LEU E 311 -4.39 12.48 26.90
C LEU E 311 -4.28 13.61 27.88
N ALA E 312 -3.61 14.69 27.48
CA ALA E 312 -3.34 15.79 28.40
C ALA E 312 -4.64 16.42 28.70
N THR E 313 -4.87 16.67 29.98
CA THR E 313 -6.06 17.42 30.40
C THR E 313 -5.68 18.71 31.13
N GLY E 314 -4.40 19.11 31.03
CA GLY E 314 -3.96 20.37 31.51
C GLY E 314 -2.83 20.92 30.66
N MET E 315 -2.31 22.08 31.05
CA MET E 315 -1.29 22.76 30.25
C MET E 315 0.08 22.17 30.48
N LYS E 316 1.08 22.64 29.72
CA LYS E 316 2.47 22.26 29.94
C LYS E 316 2.87 22.62 31.36
N ASN E 317 3.66 21.76 31.98
CA ASN E 317 4.11 21.99 33.31
C ASN E 317 5.50 22.56 33.29
N VAL E 318 5.64 23.81 33.73
CA VAL E 318 6.92 24.47 33.73
C VAL E 318 7.22 24.87 35.15
N PRO E 319 7.83 23.97 35.91
CA PRO E 319 8.11 24.34 37.31
C PRO E 319 9.38 25.19 37.39
N GLU E 320 9.63 25.85 38.52
CA GLU E 320 10.96 26.47 38.73
C GLU E 320 11.93 25.49 39.41
N ALA F 5 12.40 39.88 42.46
CA ALA F 5 12.30 38.40 42.60
C ALA F 5 10.95 37.81 42.13
N ILE F 6 10.05 38.65 41.64
CA ILE F 6 8.73 38.22 41.10
C ILE F 6 8.83 38.09 39.57
N ALA F 7 8.30 37.00 39.01
CA ALA F 7 8.37 36.79 37.54
C ALA F 7 7.11 36.16 36.97
N GLY F 8 6.91 36.35 35.67
CA GLY F 8 5.71 35.90 34.97
C GLY F 8 5.91 34.64 34.17
N PHE F 9 4.95 34.38 33.28
CA PHE F 9 4.91 33.15 32.52
C PHE F 9 6.05 32.91 31.53
N ILE F 10 6.69 33.95 31.04
CA ILE F 10 7.78 33.68 30.14
C ILE F 10 8.83 32.82 30.82
N GLU F 11 9.15 33.10 32.08
CA GLU F 11 10.17 32.34 32.78
C GLU F 11 9.73 30.90 33.12
N ASN F 12 8.60 30.77 33.79
CA ASN F 12 8.14 29.47 34.24
C ASN F 12 6.75 29.56 34.89
N GLY F 13 6.25 28.42 35.31
CA GLY F 13 4.96 28.37 35.95
C GLY F 13 5.14 28.64 37.43
N TRP F 14 4.01 28.78 38.11
CA TRP F 14 3.93 29.05 39.55
C TRP F 14 3.32 27.88 40.29
N GLU F 15 4.16 27.17 41.07
CA GLU F 15 3.67 26.08 41.97
C GLU F 15 2.68 26.56 43.02
N GLY F 16 2.84 27.82 43.44
CA GLY F 16 1.98 28.41 44.44
C GLY F 16 0.58 28.77 44.02
N LEU F 17 0.27 28.68 42.73
CA LEU F 17 -1.06 29.05 42.23
C LEU F 17 -1.97 27.82 42.18
N ILE F 18 -2.88 27.70 43.14
CA ILE F 18 -3.69 26.48 43.38
C ILE F 18 -5.19 26.69 43.20
N ASP F 19 -5.62 27.96 43.17
CA ASP F 19 -7.02 28.38 42.97
C ASP F 19 -7.39 28.54 41.49
N GLY F 20 -6.50 28.16 40.58
CA GLY F 20 -6.71 28.50 39.19
C GLY F 20 -5.57 28.12 38.29
N TRP F 21 -5.79 28.23 36.99
CA TRP F 21 -4.79 27.90 35.98
C TRP F 21 -3.95 29.09 35.63
N TYR F 22 -4.58 30.28 35.67
CA TYR F 22 -3.90 31.50 35.38
C TYR F 22 -4.09 32.46 36.49
N GLY F 23 -3.19 33.42 36.61
CA GLY F 23 -3.27 34.36 37.72
C GLY F 23 -2.48 35.64 37.57
N PHE F 24 -2.55 36.41 38.62
CA PHE F 24 -1.82 37.65 38.75
C PHE F 24 -0.96 37.57 39.99
N ARG F 25 0.26 38.05 39.87
CA ARG F 25 1.13 38.19 41.01
C ARG F 25 1.63 39.62 40.98
N HIS F 26 1.42 40.35 42.07
CA HIS F 26 1.87 41.74 42.13
C HIS F 26 2.86 42.00 43.25
N GLN F 27 3.53 43.13 43.13
CA GLN F 27 4.49 43.59 44.13
C GLN F 27 4.25 45.08 44.24
N ASN F 28 3.88 45.53 45.44
CA ASN F 28 3.79 46.95 45.71
C ASN F 28 4.35 47.26 47.10
N ALA F 29 4.14 48.48 47.58
CA ALA F 29 4.57 48.83 48.94
C ALA F 29 3.95 47.88 50.01
N GLN F 30 2.68 47.52 49.85
CA GLN F 30 2.04 46.56 50.78
C GLN F 30 2.48 45.09 50.62
N GLY F 31 3.35 44.83 49.66
CA GLY F 31 3.98 43.53 49.57
C GLY F 31 3.56 42.74 48.33
N GLU F 32 3.66 41.43 48.45
CA GLU F 32 3.42 40.49 47.36
C GLU F 32 2.04 39.87 47.57
N GLY F 33 1.37 39.57 46.46
CA GLY F 33 0.11 38.87 46.49
C GLY F 33 -0.19 38.17 45.18
N THR F 34 -0.79 36.99 45.27
CA THR F 34 -1.20 36.21 44.10
C THR F 34 -2.72 35.97 44.09
N ALA F 35 -3.34 36.06 42.90
CA ALA F 35 -4.78 35.81 42.76
C ALA F 35 -5.09 35.17 41.41
N ALA F 36 -5.99 34.20 41.43
CA ALA F 36 -6.42 33.52 40.22
C ALA F 36 -7.38 34.38 39.41
N ASP F 37 -7.23 34.35 38.08
CA ASP F 37 -8.24 34.88 37.17
C ASP F 37 -9.23 33.78 36.80
N TYR F 38 -10.49 34.00 37.14
CA TYR F 38 -11.52 32.99 37.00
C TYR F 38 -11.91 32.77 35.53
N LYS F 39 -12.20 33.86 34.82
CA LYS F 39 -12.64 33.75 33.43
C LYS F 39 -11.69 32.94 32.52
N SER F 40 -10.40 33.23 32.56
CA SER F 40 -9.47 32.60 31.60
C SER F 40 -9.22 31.14 32.01
N THR F 41 -9.26 30.88 33.31
CA THR F 41 -9.22 29.52 33.80
C THR F 41 -10.38 28.72 33.22
N GLN F 42 -11.57 29.25 33.36
CA GLN F 42 -12.77 28.53 33.01
C GLN F 42 -12.81 28.31 31.53
N SER F 43 -12.46 29.34 30.79
CA SER F 43 -12.37 29.21 29.34
C SER F 43 -11.52 28.00 29.00
N ALA F 44 -10.34 27.90 29.59
CA ALA F 44 -9.44 26.80 29.28
C ALA F 44 -10.10 25.50 29.69
N ILE F 45 -10.60 25.44 30.91
CA ILE F 45 -11.17 24.19 31.40
C ILE F 45 -12.30 23.71 30.50
N ASP F 46 -13.13 24.63 30.04
CA ASP F 46 -14.28 24.23 29.25
C ASP F 46 -13.87 23.70 27.87
N GLN F 47 -12.80 24.23 27.31
CA GLN F 47 -12.33 23.71 26.06
C GLN F 47 -11.77 22.27 26.23
N ILE F 48 -11.07 22.01 27.32
CA ILE F 48 -10.61 20.68 27.66
C ILE F 48 -11.80 19.78 27.92
N THR F 49 -12.73 20.22 28.76
CA THR F 49 -13.94 19.47 29.01
C THR F 49 -14.63 19.10 27.67
N GLY F 50 -14.68 20.02 26.73
CA GLY F 50 -15.20 19.73 25.40
C GLY F 50 -14.44 18.66 24.63
N LYS F 51 -13.11 18.56 24.82
CA LYS F 51 -12.36 17.48 24.23
C LYS F 51 -12.77 16.17 24.84
N LEU F 52 -12.78 16.12 26.15
CA LEU F 52 -13.20 14.93 26.84
C LEU F 52 -14.58 14.44 26.41
N ASN F 53 -15.55 15.35 26.38
CA ASN F 53 -16.91 14.94 25.98
C ASN F 53 -16.94 14.28 24.62
N ARG F 54 -16.09 14.74 23.73
CA ARG F 54 -15.97 14.20 22.40
C ARG F 54 -15.17 12.91 22.32
N LEU F 55 -14.14 12.74 23.16
CA LEU F 55 -13.26 11.57 23.09
C LEU F 55 -13.66 10.41 23.99
N ILE F 56 -14.46 10.70 25.01
CA ILE F 56 -15.01 9.71 25.94
C ILE F 56 -16.32 9.12 25.42
N GLU F 57 -16.45 9.11 24.10
CA GLU F 57 -17.62 8.61 23.42
C GLU F 57 -17.61 7.07 23.44
N LYS F 58 -18.81 6.52 23.43
CA LYS F 58 -19.08 5.09 23.27
C LYS F 58 -19.55 4.85 21.84
N THR F 59 -19.02 3.80 21.18
CA THR F 59 -19.66 3.34 19.97
C THR F 59 -21.02 2.71 20.32
N ASN F 60 -22.04 3.00 19.50
CA ASN F 60 -23.32 2.29 19.58
C ASN F 60 -23.37 1.04 18.67
N GLN F 61 -22.23 0.67 18.07
CA GLN F 61 -22.19 -0.43 17.14
C GLN F 61 -21.79 -1.70 17.89
N GLN F 62 -22.62 -2.73 17.71
CA GLN F 62 -22.43 -4.01 18.33
C GLN F 62 -21.73 -4.97 17.38
N PHE F 63 -20.72 -5.67 17.87
CA PHE F 63 -20.06 -6.70 17.07
C PHE F 63 -20.26 -8.05 17.72
N GLU F 64 -20.28 -9.10 16.90
CA GLU F 64 -20.54 -10.47 17.33
C GLU F 64 -19.36 -11.34 17.00
N LEU F 65 -19.32 -12.52 17.58
CA LEU F 65 -18.21 -13.46 17.33
C LEU F 65 -18.30 -13.97 15.91
N ILE F 66 -17.17 -13.99 15.19
CA ILE F 66 -17.12 -14.70 13.87
C ILE F 66 -16.14 -15.86 13.91
N ASP F 67 -15.74 -16.18 15.12
CA ASP F 67 -14.56 -16.91 15.41
C ASP F 67 -14.92 -17.77 16.61
N ASN F 68 -14.13 -18.78 16.91
CA ASN F 68 -14.43 -19.65 18.01
C ASN F 68 -13.19 -19.99 18.84
N GLU F 69 -13.23 -19.64 20.11
CA GLU F 69 -12.08 -19.80 21.01
C GLU F 69 -11.94 -21.27 21.41
N PHE F 70 -13.03 -22.03 21.40
CA PHE F 70 -13.01 -23.42 21.88
C PHE F 70 -12.83 -24.47 20.78
N ASN F 71 -13.45 -24.21 19.64
CA ASN F 71 -13.42 -25.15 18.54
C ASN F 71 -13.10 -24.35 17.26
N GLU F 72 -11.81 -24.37 16.93
CA GLU F 72 -11.23 -23.53 15.89
C GLU F 72 -11.93 -23.70 14.53
N VAL F 73 -12.22 -22.60 13.87
CA VAL F 73 -12.89 -22.61 12.59
C VAL F 73 -11.91 -23.12 11.52
N GLU F 74 -12.46 -23.38 10.36
CA GLU F 74 -11.74 -23.93 9.24
C GLU F 74 -10.62 -22.93 8.93
N LYS F 75 -9.46 -23.46 8.59
CA LYS F 75 -8.24 -22.69 8.51
C LYS F 75 -8.23 -21.57 7.48
N GLN F 76 -8.83 -21.79 6.33
CA GLN F 76 -8.80 -20.74 5.34
C GLN F 76 -9.55 -19.52 5.79
N ILE F 77 -10.79 -19.72 6.24
CA ILE F 77 -11.62 -18.60 6.68
C ILE F 77 -11.01 -17.96 7.93
N GLY F 78 -10.44 -18.79 8.81
CA GLY F 78 -9.74 -18.28 10.01
C GLY F 78 -8.61 -17.34 9.68
N ASN F 79 -7.84 -17.69 8.66
CA ASN F 79 -6.74 -16.84 8.25
C ASN F 79 -7.22 -15.56 7.64
N VAL F 80 -8.35 -15.58 6.93
CA VAL F 80 -8.90 -14.35 6.40
C VAL F 80 -9.43 -13.46 7.53
N ILE F 81 -10.11 -14.07 8.49
CA ILE F 81 -10.62 -13.37 9.59
C ILE F 81 -9.49 -12.74 10.36
N ASN F 82 -8.42 -13.51 10.61
CA ASN F 82 -7.30 -12.95 11.41
C ASN F 82 -6.60 -11.83 10.71
N TRP F 83 -6.47 -11.95 9.41
CA TRP F 83 -5.85 -10.90 8.63
C TRP F 83 -6.69 -9.64 8.72
N THR F 84 -7.99 -9.81 8.58
CA THR F 84 -8.84 -8.67 8.60
C THR F 84 -8.77 -8.01 9.96
N ARG F 85 -8.84 -8.81 11.01
CA ARG F 85 -8.83 -8.27 12.34
C ARG F 85 -7.54 -7.57 12.64
N ASP F 86 -6.40 -8.17 12.28
CA ASP F 86 -5.11 -7.52 12.47
C ASP F 86 -5.00 -6.20 11.66
N SER F 87 -5.50 -6.15 10.44
CA SER F 87 -5.49 -4.90 9.68
C SER F 87 -6.28 -3.82 10.37
N ILE F 88 -7.44 -4.16 10.90
CA ILE F 88 -8.27 -3.21 11.57
C ILE F 88 -7.55 -2.73 12.84
N THR F 89 -6.90 -3.65 13.55
CA THR F 89 -6.14 -3.29 14.75
C THR F 89 -5.01 -2.31 14.45
N GLU F 90 -4.39 -2.45 13.28
CA GLU F 90 -3.34 -1.52 12.88
C GLU F 90 -3.91 -0.12 12.64
N VAL F 91 -4.99 -0.06 11.88
CA VAL F 91 -5.73 1.16 11.66
C VAL F 91 -6.09 1.82 12.98
N TRP F 92 -6.78 1.14 13.88
CA TRP F 92 -7.15 1.79 15.16
C TRP F 92 -5.97 2.19 16.05
N SER F 93 -4.93 1.37 16.06
CA SER F 93 -3.76 1.66 16.82
C SER F 93 -3.07 2.92 16.32
N TYR F 94 -3.14 3.13 15.01
CA TYR F 94 -2.53 4.32 14.43
C TYR F 94 -3.42 5.52 14.69
N ASN F 95 -4.72 5.39 14.49
CA ASN F 95 -5.67 6.40 14.82
C ASN F 95 -5.56 6.83 16.26
N ALA F 96 -5.41 5.91 17.20
CA ALA F 96 -5.37 6.27 18.59
C ALA F 96 -4.09 6.99 19.00
N GLU F 97 -2.96 6.60 18.47
CA GLU F 97 -1.69 7.31 18.68
C GLU F 97 -1.77 8.71 18.10
N LEU F 98 -2.33 8.83 16.91
CA LEU F 98 -2.46 10.11 16.27
C LEU F 98 -3.43 11.02 16.99
N LEU F 99 -4.56 10.48 17.43
CA LEU F 99 -5.55 11.27 18.09
C LEU F 99 -4.93 11.93 19.31
N VAL F 100 -4.29 11.14 20.14
CA VAL F 100 -3.73 11.65 21.36
C VAL F 100 -2.56 12.66 21.13
N ALA F 101 -1.66 12.33 20.23
CA ALA F 101 -0.59 13.21 19.85
C ALA F 101 -1.09 14.58 19.37
N MET F 102 -2.09 14.54 18.50
CA MET F 102 -2.61 15.72 17.94
C MET F 102 -3.39 16.51 18.97
N GLU F 103 -4.24 15.84 19.74
CA GLU F 103 -5.04 16.54 20.74
C GLU F 103 -4.12 17.13 21.79
N ASN F 104 -3.05 16.44 22.13
CA ASN F 104 -2.16 16.99 23.14
C ASN F 104 -1.44 18.24 22.66
N GLN F 105 -0.98 18.24 21.40
CA GLN F 105 -0.34 19.40 20.83
C GLN F 105 -1.32 20.54 20.93
N HIS F 106 -2.58 20.26 20.63
CA HIS F 106 -3.58 21.31 20.55
C HIS F 106 -3.91 21.83 21.93
N THR F 107 -3.95 20.94 22.90
CA THR F 107 -4.31 21.30 24.26
C THR F 107 -3.24 22.20 24.83
N ILE F 108 -2.01 21.79 24.72
CA ILE F 108 -0.90 22.61 25.09
C ILE F 108 -0.91 24.01 24.45
N ASP F 109 -1.13 24.10 23.16
CA ASP F 109 -1.06 25.38 22.44
C ASP F 109 -2.25 26.25 22.86
N LEU F 110 -3.35 25.60 23.13
CA LEU F 110 -4.55 26.27 23.55
C LEU F 110 -4.40 26.98 24.89
N ALA F 111 -3.82 26.28 25.84
CA ALA F 111 -3.55 26.80 27.16
C ALA F 111 -2.56 27.97 27.14
N ASP F 112 -1.50 27.83 26.32
CA ASP F 112 -0.54 28.89 26.09
C ASP F 112 -1.25 30.09 25.50
N SER F 113 -2.16 29.81 24.59
CA SER F 113 -2.89 30.85 23.91
C SER F 113 -3.83 31.61 24.85
N GLU F 114 -4.44 30.95 25.83
CA GLU F 114 -5.20 31.69 26.80
C GLU F 114 -4.30 32.59 27.67
N MET F 115 -3.11 32.12 28.02
CA MET F 115 -2.15 32.91 28.79
C MET F 115 -1.87 34.18 28.03
N ASP F 116 -1.50 34.05 26.76
CA ASP F 116 -1.22 35.20 25.87
C ASP F 116 -2.37 36.17 25.81
N LYS F 117 -3.60 35.67 25.82
CA LYS F 117 -4.77 36.53 25.65
C LYS F 117 -4.96 37.40 26.89
N LEU F 118 -4.71 36.81 28.06
CA LEU F 118 -4.80 37.52 29.32
C LEU F 118 -3.71 38.60 29.40
N TYR F 119 -2.48 38.20 29.14
CA TYR F 119 -1.36 39.15 29.07
C TYR F 119 -1.68 40.31 28.16
N GLU F 120 -2.16 40.03 26.97
CA GLU F 120 -2.45 41.07 25.99
C GLU F 120 -3.56 41.97 26.47
N ARG F 121 -4.50 41.42 27.24
CA ARG F 121 -5.65 42.18 27.73
C ARG F 121 -5.22 43.19 28.79
N VAL F 122 -4.30 42.75 29.65
CA VAL F 122 -3.76 43.61 30.66
C VAL F 122 -2.90 44.66 30.01
N LYS F 123 -2.02 44.25 29.11
CA LYS F 123 -1.20 45.24 28.43
C LYS F 123 -2.08 46.37 27.92
N ARG F 124 -3.25 46.03 27.38
CA ARG F 124 -4.11 47.04 26.78
C ARG F 124 -4.90 47.86 27.77
N GLN F 125 -5.19 47.28 28.94
CA GLN F 125 -5.74 48.06 30.04
C GLN F 125 -4.74 49.12 30.53
N LEU F 126 -3.48 48.74 30.64
CA LEU F 126 -2.49 49.63 31.18
C LEU F 126 -2.09 50.75 30.23
N ARG F 127 -2.36 50.59 28.95
CA ARG F 127 -2.04 51.62 27.94
C ARG F 127 -0.61 52.12 28.07
N GLU F 128 -0.45 53.42 28.31
CA GLU F 128 0.84 54.06 28.31
C GLU F 128 1.41 54.21 29.75
N ASN F 129 0.77 53.57 30.73
CA ASN F 129 1.21 53.65 32.12
C ASN F 129 2.16 52.55 32.58
N ALA F 130 2.48 51.58 31.74
CA ALA F 130 3.36 50.51 32.18
C ALA F 130 4.25 50.04 31.05
N GLU F 131 5.33 49.32 31.37
CA GLU F 131 6.15 48.73 30.32
C GLU F 131 6.32 47.24 30.55
N GLU F 132 6.42 46.49 29.47
CA GLU F 132 6.75 45.06 29.55
C GLU F 132 8.18 44.86 30.04
N ASP F 133 8.36 44.15 31.14
CA ASP F 133 9.71 43.82 31.65
C ASP F 133 10.39 42.64 30.93
N GLY F 134 9.68 41.96 30.03
CA GLY F 134 10.22 40.79 29.34
C GLY F 134 10.03 39.40 29.96
N THR F 135 9.51 39.31 31.18
CA THR F 135 9.32 38.03 31.85
C THR F 135 7.84 37.72 32.05
N GLY F 136 6.97 38.53 31.46
CA GLY F 136 5.53 38.41 31.66
C GLY F 136 4.99 39.36 32.70
N CYS F 137 5.74 40.40 33.01
CA CYS F 137 5.29 41.39 33.96
C CYS F 137 5.28 42.74 33.35
N PHE F 138 4.52 43.61 33.98
CA PHE F 138 4.53 45.02 33.65
C PHE F 138 5.12 45.81 34.80
N GLU F 139 6.11 46.63 34.51
CA GLU F 139 6.55 47.66 35.47
C GLU F 139 5.53 48.80 35.33
N ILE F 140 4.80 49.09 36.40
CA ILE F 140 3.79 50.13 36.43
C ILE F 140 4.47 51.40 36.95
N PHE F 141 4.30 52.49 36.21
CA PHE F 141 5.07 53.69 36.45
C PHE F 141 4.26 54.69 37.29
N HIS F 142 3.46 54.20 38.24
CA HIS F 142 2.85 55.02 39.26
C HIS F 142 2.62 54.18 40.49
N LYS F 143 2.28 54.80 41.62
CA LYS F 143 1.95 54.00 42.81
C LYS F 143 0.64 53.24 42.57
N CYS F 144 0.70 51.94 42.77
CA CYS F 144 -0.46 51.09 42.56
C CYS F 144 -0.73 50.26 43.83
N ASP F 145 -1.61 50.78 44.69
CA ASP F 145 -1.98 50.08 45.91
C ASP F 145 -2.85 48.84 45.66
N ASP F 146 -3.15 48.11 46.72
CA ASP F 146 -3.90 46.87 46.62
C ASP F 146 -5.22 47.05 45.88
N ASP F 147 -5.78 48.23 45.99
CA ASP F 147 -7.01 48.55 45.31
C ASP F 147 -6.78 48.80 43.80
N CYS F 148 -5.67 49.43 43.46
CA CYS F 148 -5.34 49.66 42.06
C CYS F 148 -4.94 48.31 41.42
N MET F 149 -4.19 47.49 42.15
CA MET F 149 -3.96 46.13 41.73
C MET F 149 -5.27 45.36 41.49
N ALA F 150 -6.19 45.42 42.44
CA ALA F 150 -7.46 44.71 42.25
C ALA F 150 -8.25 45.21 41.03
N SER F 151 -8.16 46.49 40.74
CA SER F 151 -8.84 47.06 39.59
C SER F 151 -8.21 46.61 38.27
N ILE F 152 -6.94 46.25 38.26
CA ILE F 152 -6.34 45.72 37.03
C ILE F 152 -6.92 44.33 36.78
N ARG F 153 -6.93 43.54 37.84
CA ARG F 153 -7.47 42.20 37.87
C ARG F 153 -8.90 42.09 37.43
N ASN F 154 -9.79 42.94 37.94
CA ASN F 154 -11.21 42.83 37.61
C ASN F 154 -11.62 43.71 36.41
N ASN F 155 -10.64 44.25 35.68
CA ASN F 155 -10.88 44.95 34.43
C ASN F 155 -11.54 46.32 34.56
N THR F 156 -11.32 47.01 35.67
CA THR F 156 -11.90 48.34 35.88
C THR F 156 -10.86 49.47 35.94
N TYR F 157 -9.58 49.13 35.84
CA TYR F 157 -8.47 50.10 35.85
C TYR F 157 -8.70 51.12 34.77
N ASP F 158 -8.65 52.40 35.14
CA ASP F 158 -8.87 53.48 34.21
C ASP F 158 -7.53 54.16 34.04
N HIS F 159 -6.94 53.98 32.88
CA HIS F 159 -5.59 54.40 32.64
C HIS F 159 -5.47 55.90 32.67
N SER F 160 -6.56 56.62 32.35
CA SER F 160 -6.58 58.11 32.40
C SER F 160 -6.25 58.71 33.76
N LYS F 161 -6.79 58.10 34.79
CA LYS F 161 -6.53 58.52 36.16
C LYS F 161 -5.04 58.66 36.46
N TYR F 162 -4.22 57.73 35.97
CA TYR F 162 -2.80 57.70 36.31
C TYR F 162 -1.86 58.18 35.18
N ARG F 163 -2.41 58.44 34.01
CA ARG F 163 -1.58 58.70 32.82
C ARG F 163 -0.57 59.81 33.09
N GLU F 164 -1.09 61.02 33.36
CA GLU F 164 -0.28 62.21 33.63
C GLU F 164 0.95 61.83 34.42
N GLU F 165 0.73 61.24 35.61
CA GLU F 165 1.80 60.80 36.52
C GLU F 165 2.73 59.74 35.89
N ALA F 166 2.14 58.75 35.22
CA ALA F 166 2.93 57.65 34.71
C ALA F 166 3.83 58.10 33.55
N MET F 167 3.30 58.89 32.61
CA MET F 167 4.09 59.29 31.45
C MET F 167 5.25 60.18 31.88
N GLN F 168 4.99 61.02 32.89
CA GLN F 168 6.02 61.84 33.49
C GLN F 168 7.13 60.95 34.08
N ASN F 169 6.76 59.88 34.78
CA ASN F 169 7.75 58.96 35.37
C ASN F 169 8.53 58.11 34.36
N ARG F 170 7.97 57.89 33.19
CA ARG F 170 8.66 57.13 32.16
C ARG F 170 9.79 57.93 31.54
N ILE F 171 9.89 59.22 31.93
CA ILE F 171 11.05 60.08 31.65
C ILE F 171 11.56 60.79 32.93
N ASP G 5 60.90 18.87 15.92
CA ASP G 5 59.39 18.84 15.98
C ASP G 5 58.82 17.58 16.62
N LYS G 6 57.66 17.72 17.26
CA LYS G 6 57.16 16.60 18.04
C LYS G 6 55.66 16.54 18.29
N ILE G 7 55.18 15.31 18.45
CA ILE G 7 53.77 15.05 18.75
C ILE G 7 53.66 14.08 19.90
N CYS G 8 52.78 14.36 20.83
CA CYS G 8 52.58 13.55 22.02
C CYS G 8 51.17 13.03 22.10
N LEU G 9 51.03 11.87 22.73
CA LEU G 9 49.74 11.28 22.95
C LEU G 9 49.48 11.39 24.40
N GLY G 10 48.24 11.67 24.75
CA GLY G 10 47.88 11.74 26.14
C GLY G 10 46.45 11.43 26.42
N HIS G 11 46.10 11.57 27.69
CA HIS G 11 44.75 11.38 28.11
C HIS G 11 44.40 12.41 29.13
N HIS G 12 43.10 12.52 29.41
CA HIS G 12 42.66 13.58 30.25
C HIS G 12 42.85 13.25 31.69
N ALA G 13 42.70 14.30 32.50
CA ALA G 13 42.72 14.22 33.96
C ALA G 13 41.94 15.42 34.50
N VAL G 14 41.70 15.42 35.79
CA VAL G 14 40.91 16.48 36.43
C VAL G 14 41.52 16.71 37.79
N SER G 15 41.13 17.79 38.44
CA SER G 15 41.54 18.02 39.85
C SER G 15 40.60 17.32 40.86
N ASN G 16 39.30 17.28 40.54
CA ASN G 16 38.28 16.61 41.37
C ASN G 16 38.16 15.09 41.12
N GLY G 17 39.24 14.34 41.32
CA GLY G 17 39.17 12.88 41.17
C GLY G 17 38.42 12.20 42.29
N THR G 18 37.76 11.07 42.02
CA THR G 18 37.07 10.30 43.07
C THR G 18 37.73 8.93 43.33
N LYS G 19 37.86 8.56 44.60
CA LYS G 19 38.52 7.32 44.97
C LYS G 19 37.58 6.13 44.82
N VAL G 20 38.11 5.00 44.34
CA VAL G 20 37.39 3.76 44.19
C VAL G 20 38.34 2.63 44.56
N ASN G 21 37.80 1.43 44.70
CA ASN G 21 38.62 0.27 45.01
C ASN G 21 38.69 -0.67 43.83
N THR G 22 39.79 -1.41 43.80
CA THR G 22 40.09 -2.33 42.76
C THR G 22 40.55 -3.60 43.44
N LEU G 23 40.78 -4.65 42.67
CA LEU G 23 41.39 -5.87 43.18
C LEU G 23 42.72 -5.59 43.88
N THR G 24 43.46 -4.57 43.45
CA THR G 24 44.78 -4.38 44.00
C THR G 24 44.92 -3.22 44.94
N GLU G 25 44.09 -2.18 44.83
CA GLU G 25 44.31 -0.95 45.62
C GLU G 25 43.05 -0.39 46.22
N ARG G 26 43.14 0.10 47.44
CA ARG G 26 42.05 0.91 48.01
C ARG G 26 42.29 2.35 47.62
N GLY G 27 41.25 3.05 47.21
CA GLY G 27 41.37 4.47 46.96
C GLY G 27 42.30 4.88 45.81
N VAL G 28 42.28 4.14 44.71
CA VAL G 28 42.83 4.65 43.48
C VAL G 28 41.87 5.74 42.94
N GLU G 29 42.41 6.89 42.53
CA GLU G 29 41.57 7.97 42.03
C GLU G 29 41.25 7.71 40.57
N VAL G 30 40.03 8.04 40.17
CA VAL G 30 39.62 7.94 38.79
C VAL G 30 38.91 9.22 38.42
N VAL G 31 38.68 9.39 37.13
CA VAL G 31 38.16 10.62 36.59
C VAL G 31 36.72 10.79 36.92
N ASN G 32 36.00 9.70 37.03
CA ASN G 32 34.60 9.75 37.33
C ASN G 32 34.16 8.39 37.86
N ALA G 33 33.10 8.41 38.67
CA ALA G 33 32.58 7.19 39.33
C ALA G 33 31.11 7.39 39.61
N THR G 34 30.38 6.29 39.74
CA THR G 34 28.97 6.35 40.06
C THR G 34 28.65 5.37 41.16
N GLU G 35 27.69 5.73 42.00
CA GLU G 35 27.29 4.90 43.11
C GLU G 35 26.55 3.66 42.58
N THR G 36 26.62 2.58 43.36
CA THR G 36 26.06 1.33 43.00
C THR G 36 25.12 0.81 44.13
N VAL G 37 25.22 1.40 45.31
CA VAL G 37 24.36 1.05 46.44
C VAL G 37 23.39 2.21 46.68
N GLU G 38 22.09 1.91 46.61
CA GLU G 38 21.06 2.94 46.83
C GLU G 38 20.87 3.26 48.34
N ARG G 39 20.92 4.55 48.68
CA ARG G 39 20.70 5.05 50.04
C ARG G 39 19.48 5.96 50.13
N THR G 40 18.95 6.35 48.99
CA THR G 40 17.94 7.37 48.92
C THR G 40 16.57 6.74 49.05
N ASN G 41 15.88 7.13 50.09
CA ASN G 41 14.58 6.63 50.35
C ASN G 41 13.52 7.68 50.05
N ILE G 42 12.40 7.27 49.49
CA ILE G 42 11.20 8.12 49.46
C ILE G 42 10.24 7.73 50.61
N PRO G 43 10.01 8.63 51.59
CA PRO G 43 9.19 8.27 52.76
C PRO G 43 7.68 8.29 52.48
N ARG G 44 7.28 7.63 51.40
CA ARG G 44 5.88 7.49 51.07
C ARG G 44 5.72 6.14 50.43
N ILE G 45 4.49 5.67 50.32
CA ILE G 45 4.21 4.44 49.61
C ILE G 45 3.75 4.81 48.22
N CYS G 46 4.62 4.67 47.24
CA CYS G 46 4.30 5.08 45.88
C CYS G 46 3.41 4.05 45.23
N SER G 47 2.16 4.42 45.04
CA SER G 47 1.09 3.49 44.71
C SER G 47 0.53 3.64 43.29
N LYS G 48 1.00 4.63 42.54
CA LYS G 48 0.50 4.91 41.19
C LYS G 48 0.35 3.66 40.33
N GLY G 49 -0.82 3.50 39.73
CA GLY G 49 -1.04 2.37 38.82
C GLY G 49 -1.55 1.10 39.49
N LYS G 50 -1.68 1.14 40.82
CA LYS G 50 -2.13 -0.02 41.59
C LYS G 50 -3.38 0.31 42.38
N ARG G 51 -4.30 -0.65 42.41
CA ARG G 51 -5.46 -0.52 43.26
C ARG G 51 -4.95 -0.75 44.67
N THR G 52 -4.93 0.33 45.45
CA THR G 52 -4.40 0.30 46.80
C THR G 52 -5.49 0.34 47.82
N VAL G 53 -5.30 -0.46 48.84
CA VAL G 53 -6.16 -0.46 50.02
C VAL G 53 -5.29 -0.13 51.22
N ASP G 54 -5.49 1.03 51.83
CA ASP G 54 -4.85 1.36 53.11
C ASP G 54 -5.79 0.91 54.24
N LEU G 55 -5.41 -0.15 54.94
CA LEU G 55 -6.35 -0.78 55.85
C LEU G 55 -6.59 0.01 57.13
N GLY G 56 -5.71 0.94 57.45
CA GLY G 56 -5.90 1.82 58.58
C GLY G 56 -6.10 1.08 59.88
N GLN G 57 -7.17 1.41 60.61
CA GLN G 57 -7.44 0.72 61.88
C GLN G 57 -7.96 -0.74 61.68
N CYS G 58 -8.16 -1.16 60.43
CA CYS G 58 -8.59 -2.53 60.18
C CYS G 58 -7.43 -3.51 60.02
N GLY G 59 -7.35 -4.51 60.84
CA GLY G 59 -6.31 -5.50 60.67
C GLY G 59 -6.74 -6.47 59.60
N LEU G 60 -5.75 -7.01 58.90
CA LEU G 60 -6.02 -7.78 57.70
C LEU G 60 -6.87 -8.97 57.99
N LEU G 61 -6.73 -9.58 59.16
CA LEU G 61 -7.54 -10.77 59.39
C LEU G 61 -9.00 -10.36 59.72
N GLY G 62 -9.23 -9.11 60.09
CA GLY G 62 -10.57 -8.66 60.38
C GLY G 62 -11.40 -8.50 59.13
N THR G 63 -10.78 -8.47 57.95
CA THR G 63 -11.53 -8.38 56.74
C THR G 63 -12.33 -9.67 56.50
N ILE G 64 -12.00 -10.73 57.20
CA ILE G 64 -12.67 -12.01 57.10
C ILE G 64 -13.78 -12.20 58.12
N THR G 65 -13.58 -11.68 59.32
CA THR G 65 -14.57 -11.78 60.40
C THR G 65 -15.45 -10.53 60.54
N GLY G 66 -14.90 -9.39 60.21
CA GLY G 66 -15.66 -8.14 60.12
C GLY G 66 -16.00 -7.44 61.43
N PRO G 67 -14.99 -7.05 62.19
CA PRO G 67 -15.31 -6.19 63.30
C PRO G 67 -15.53 -4.82 62.73
N PRO G 68 -16.13 -3.91 63.49
CA PRO G 68 -16.57 -2.58 62.99
C PRO G 68 -15.53 -1.82 62.18
N GLN G 69 -14.28 -1.76 62.68
CA GLN G 69 -13.15 -1.14 61.95
C GLN G 69 -12.96 -1.63 60.52
N CYS G 70 -13.44 -2.83 60.21
CA CYS G 70 -13.21 -3.45 58.91
C CYS G 70 -14.45 -3.48 57.99
N ASP G 71 -15.53 -2.84 58.43
CA ASP G 71 -16.77 -2.79 57.64
C ASP G 71 -16.59 -2.40 56.15
N GLN G 72 -15.79 -1.38 55.86
CA GLN G 72 -15.47 -0.98 54.46
C GLN G 72 -14.70 -2.04 53.60
N PHE G 73 -14.15 -3.09 54.20
CA PHE G 73 -13.25 -3.99 53.52
C PHE G 73 -13.69 -5.43 53.47
N LEU G 74 -14.95 -5.70 53.83
CA LEU G 74 -15.42 -7.08 53.90
C LEU G 74 -15.29 -7.81 52.56
N GLU G 75 -15.29 -7.06 51.46
CA GLU G 75 -15.15 -7.65 50.14
C GLU G 75 -14.12 -6.86 49.30
N PHE G 76 -13.04 -6.42 49.95
CA PHE G 76 -12.10 -5.50 49.30
C PHE G 76 -11.37 -6.14 48.11
N SER G 77 -11.02 -5.29 47.14
CA SER G 77 -10.19 -5.65 45.98
C SER G 77 -8.94 -4.78 46.00
N ALA G 78 -7.78 -5.39 45.74
CA ALA G 78 -6.54 -4.64 45.77
C ALA G 78 -5.42 -5.33 45.02
N ASP G 79 -4.56 -4.51 44.41
CA ASP G 79 -3.28 -4.98 43.86
C ASP G 79 -2.22 -4.86 44.94
N LEU G 80 -2.35 -3.82 45.75
CA LEU G 80 -1.45 -3.52 46.84
C LEU G 80 -2.26 -3.33 48.13
N ILE G 81 -1.87 -4.01 49.19
CA ILE G 81 -2.59 -3.97 50.47
C ILE G 81 -1.66 -3.47 51.56
N ILE G 82 -2.01 -2.39 52.25
CA ILE G 82 -1.15 -1.82 53.31
C ILE G 82 -1.67 -2.01 54.75
N GLU G 83 -0.93 -2.73 55.55
CA GLU G 83 -1.29 -2.92 56.92
C GLU G 83 -0.63 -1.85 57.73
N ARG G 84 -1.26 -1.49 58.85
CA ARG G 84 -0.76 -0.44 59.74
C ARG G 84 -0.61 -0.93 61.16
N ARG G 85 0.35 -0.36 61.88
CA ARG G 85 0.56 -0.68 63.28
C ARG G 85 -0.75 -0.62 64.13
N GLU G 86 -1.64 0.34 63.84
CA GLU G 86 -2.88 0.53 64.63
C GLU G 86 -4.03 -0.46 64.36
N GLY G 87 -3.89 -1.27 63.32
CA GLY G 87 -4.91 -2.16 62.89
C GLY G 87 -5.11 -3.29 63.89
N SER G 88 -6.36 -3.59 64.19
CA SER G 88 -6.72 -4.70 65.04
C SER G 88 -7.65 -5.64 64.23
N ASP G 89 -7.47 -6.95 64.36
CA ASP G 89 -8.28 -7.95 63.64
C ASP G 89 -9.57 -8.23 64.41
N VAL G 90 -9.74 -7.52 65.51
CA VAL G 90 -10.51 -8.01 66.61
C VAL G 90 -11.32 -6.85 67.21
N CYS G 91 -12.53 -7.13 67.66
CA CYS G 91 -13.26 -6.18 68.51
C CYS G 91 -13.38 -6.84 69.89
N TYR G 92 -14.11 -7.93 69.97
CA TYR G 92 -14.08 -8.75 71.17
C TYR G 92 -12.73 -9.41 71.28
N PRO G 93 -12.19 -9.46 72.51
CA PRO G 93 -10.80 -9.90 72.65
C PRO G 93 -10.57 -11.32 72.24
N GLY G 94 -9.42 -11.52 71.60
CA GLY G 94 -9.01 -12.83 71.15
C GLY G 94 -7.99 -12.69 70.05
N LYS G 95 -7.81 -13.75 69.29
CA LYS G 95 -6.80 -13.78 68.26
C LYS G 95 -7.10 -14.93 67.31
N PHE G 96 -6.50 -14.86 66.13
CA PHE G 96 -6.48 -16.00 65.24
C PHE G 96 -5.37 -16.97 65.57
N VAL G 97 -5.71 -18.25 65.56
CA VAL G 97 -4.75 -19.32 65.59
C VAL G 97 -4.22 -19.51 64.16
N ASN G 98 -2.93 -19.82 64.06
CA ASN G 98 -2.23 -19.79 62.79
C ASN G 98 -2.32 -18.47 62.10
N GLU G 99 -2.26 -17.41 62.86
CA GLU G 99 -2.47 -16.10 62.29
C GLU G 99 -1.53 -15.81 61.14
N GLU G 100 -0.25 -16.14 61.24
CA GLU G 100 0.71 -15.58 60.24
C GLU G 100 0.61 -16.25 58.86
N ALA G 101 0.36 -17.54 58.89
CA ALA G 101 0.05 -18.26 57.69
C ALA G 101 -1.15 -17.59 57.00
N LEU G 102 -2.23 -17.41 57.74
CA LEU G 102 -3.40 -16.75 57.18
C LEU G 102 -3.05 -15.38 56.72
N ARG G 103 -2.27 -14.62 57.46
CA ARG G 103 -1.99 -13.29 56.97
C ARG G 103 -1.34 -13.36 55.63
N GLN G 104 -0.44 -14.32 55.46
CA GLN G 104 0.36 -14.39 54.24
C GLN G 104 -0.47 -14.74 53.03
N ILE G 105 -1.46 -15.58 53.25
CA ILE G 105 -2.46 -15.91 52.22
C ILE G 105 -3.25 -14.68 51.82
N LEU G 106 -3.66 -13.87 52.78
CA LEU G 106 -4.47 -12.71 52.43
C LEU G 106 -3.66 -11.61 51.78
N ARG G 107 -2.38 -11.53 52.08
CA ARG G 107 -1.55 -10.47 51.48
C ARG G 107 -1.41 -10.61 49.98
N GLU G 108 -1.46 -11.85 49.48
CA GLU G 108 -1.28 -12.13 48.05
C GLU G 108 -2.60 -12.51 47.37
N SER G 109 -3.70 -12.21 48.03
CA SER G 109 -5.00 -12.75 47.64
C SER G 109 -5.63 -11.99 46.49
N GLY G 110 -5.33 -10.70 46.41
CA GLY G 110 -6.02 -9.81 45.48
C GLY G 110 -7.22 -9.17 46.12
N GLY G 111 -7.58 -9.67 47.30
CA GLY G 111 -8.78 -9.26 47.98
C GLY G 111 -9.60 -10.50 48.18
N ILE G 112 -10.84 -10.30 48.59
CA ILE G 112 -11.74 -11.40 48.96
C ILE G 112 -13.15 -11.16 48.45
N ASP G 113 -13.86 -12.25 48.13
CA ASP G 113 -15.27 -12.19 47.74
C ASP G 113 -16.01 -13.07 48.74
N LYS G 114 -17.02 -12.52 49.39
CA LYS G 114 -17.75 -13.30 50.36
C LYS G 114 -19.00 -13.95 49.74
N GLU G 115 -19.36 -15.08 50.30
CA GLU G 115 -20.49 -15.85 49.87
C GLU G 115 -21.16 -16.40 51.11
N ALA G 116 -22.47 -16.27 51.14
CA ALA G 116 -23.29 -16.79 52.23
C ALA G 116 -23.18 -18.29 52.36
N MET G 117 -23.24 -18.77 53.59
CA MET G 117 -23.08 -20.18 53.81
C MET G 117 -24.43 -20.88 53.99
N GLY G 118 -25.48 -20.10 54.20
CA GLY G 118 -26.81 -20.64 54.17
C GLY G 118 -27.28 -21.26 55.47
N PHE G 119 -26.54 -21.09 56.55
CA PHE G 119 -26.99 -21.62 57.82
C PHE G 119 -28.18 -20.86 58.32
N THR G 120 -29.13 -21.59 58.89
CA THR G 120 -30.24 -21.02 59.66
C THR G 120 -30.42 -21.86 60.91
N TYR G 121 -31.23 -21.38 61.83
CA TYR G 121 -31.24 -21.92 63.19
C TYR G 121 -32.62 -21.94 63.84
N SER G 122 -32.78 -22.91 64.74
CA SER G 122 -34.01 -23.05 65.53
C SER G 122 -33.69 -23.45 66.98
N GLY G 123 -34.51 -22.92 67.88
CA GLY G 123 -34.42 -23.22 69.30
C GLY G 123 -33.31 -22.51 70.04
N ILE G 124 -32.65 -21.56 69.38
CA ILE G 124 -31.53 -20.80 69.96
C ILE G 124 -31.60 -19.31 69.62
N ARG G 125 -30.98 -18.49 70.46
CA ARG G 125 -30.71 -17.12 70.11
C ARG G 125 -29.54 -17.18 69.11
N THR G 126 -29.47 -16.14 68.30
CA THR G 126 -28.50 -15.96 67.25
C THR G 126 -27.93 -14.54 67.36
N ASN G 127 -28.47 -13.75 68.28
CA ASN G 127 -28.20 -12.32 68.42
C ASN G 127 -27.17 -12.02 69.51
N GLY G 128 -26.26 -12.94 69.79
CA GLY G 128 -25.22 -12.63 70.75
C GLY G 128 -24.53 -11.35 70.33
N ALA G 129 -24.31 -10.46 71.29
CA ALA G 129 -23.60 -9.21 71.04
C ALA G 129 -22.75 -8.75 72.22
N THR G 130 -21.92 -7.75 71.98
CA THR G 130 -21.03 -7.22 73.02
C THR G 130 -20.80 -5.74 72.83
N SER G 131 -20.59 -5.04 73.94
CA SER G 131 -20.28 -3.63 73.90
C SER G 131 -18.87 -3.39 73.35
N ALA G 132 -18.08 -4.45 73.21
CA ALA G 132 -16.77 -4.32 72.64
C ALA G 132 -16.79 -4.15 71.10
N CYS G 133 -17.88 -4.59 70.47
CA CYS G 133 -18.07 -4.48 69.02
C CYS G 133 -19.19 -3.46 68.84
N ARG G 134 -18.82 -2.18 68.82
CA ARG G 134 -19.77 -1.10 68.85
C ARG G 134 -20.19 -0.62 67.47
N ARG G 135 -21.47 -0.75 67.14
CA ARG G 135 -22.03 -0.09 65.94
C ARG G 135 -23.09 0.93 66.31
N SER G 136 -24.37 0.60 66.21
CA SER G 136 -25.42 1.43 66.79
C SER G 136 -25.77 0.81 68.13
N GLY G 137 -24.82 0.93 69.07
CA GLY G 137 -24.85 0.18 70.32
C GLY G 137 -24.20 -1.19 70.17
N SER G 138 -24.41 -2.05 71.16
CA SER G 138 -23.83 -3.40 71.14
C SER G 138 -24.06 -4.10 69.83
N SER G 139 -23.03 -4.81 69.38
CA SER G 139 -23.09 -5.54 68.14
C SER G 139 -22.07 -6.66 68.16
N PHE G 140 -21.77 -7.18 66.97
CA PHE G 140 -20.85 -8.28 66.83
C PHE G 140 -20.17 -8.31 65.46
N TYR G 141 -19.19 -9.22 65.30
CA TYR G 141 -18.52 -9.43 64.04
C TYR G 141 -19.54 -9.54 62.90
N ALA G 142 -19.36 -8.79 61.82
CA ALA G 142 -20.30 -8.78 60.70
C ALA G 142 -20.49 -10.09 59.98
N GLU G 143 -19.48 -10.94 60.02
CA GLU G 143 -19.51 -12.18 59.25
C GLU G 143 -19.70 -13.41 60.11
N MET G 144 -20.01 -13.23 61.39
CA MET G 144 -20.17 -14.35 62.31
C MET G 144 -21.44 -14.19 63.13
N LYS G 145 -21.79 -15.25 63.82
CA LYS G 145 -22.98 -15.23 64.65
C LYS G 145 -22.65 -15.91 65.93
N TRP G 146 -22.86 -15.19 67.00
CA TRP G 146 -22.65 -15.68 68.32
C TRP G 146 -23.94 -16.37 68.69
N LEU G 147 -23.91 -17.71 68.65
CA LEU G 147 -25.04 -18.56 69.01
C LEU G 147 -25.10 -18.77 70.52
N LEU G 148 -26.30 -18.70 71.08
CA LEU G 148 -26.52 -18.76 72.51
C LEU G 148 -27.78 -19.57 72.80
N SER G 149 -27.92 -20.08 74.04
CA SER G 149 -29.12 -20.80 74.41
C SER G 149 -30.31 -19.89 74.30
N ASN G 150 -31.47 -20.48 74.15
CA ASN G 150 -32.65 -19.68 73.93
C ASN G 150 -32.98 -18.78 75.11
N THR G 151 -32.48 -19.13 76.30
CA THR G 151 -32.61 -18.26 77.47
C THR G 151 -31.49 -18.60 78.47
N ASP G 152 -31.31 -17.74 79.48
CA ASP G 152 -30.20 -17.89 80.44
C ASP G 152 -30.26 -19.27 81.06
N ASN G 153 -29.11 -19.93 81.11
CA ASN G 153 -28.95 -21.26 81.75
C ASN G 153 -29.49 -22.41 80.94
N ALA G 154 -30.45 -22.12 80.05
CA ALA G 154 -31.16 -23.18 79.32
C ALA G 154 -30.22 -24.05 78.46
N ALA G 155 -30.65 -25.25 78.12
CA ALA G 155 -29.79 -26.21 77.41
C ALA G 155 -29.66 -25.78 75.97
N PHE G 156 -28.47 -25.96 75.44
CA PHE G 156 -28.21 -25.60 74.06
C PHE G 156 -28.32 -26.90 73.26
N PRO G 157 -29.34 -27.00 72.41
CA PRO G 157 -29.56 -28.19 71.58
C PRO G 157 -28.34 -28.51 70.79
N GLN G 158 -27.92 -29.78 70.84
CA GLN G 158 -26.85 -30.29 70.00
C GLN G 158 -27.27 -30.09 68.54
N MET G 159 -26.37 -29.50 67.74
CA MET G 159 -26.68 -29.10 66.35
C MET G 159 -25.63 -29.50 65.38
N THR G 160 -26.05 -29.59 64.13
CA THR G 160 -25.15 -29.80 63.02
C THR G 160 -25.53 -28.89 61.86
N LYS G 161 -24.52 -28.33 61.21
CA LYS G 161 -24.71 -27.47 60.07
C LYS G 161 -23.54 -27.77 59.19
N SER G 162 -23.81 -27.89 57.88
CA SER G 162 -22.79 -28.23 56.90
C SER G 162 -22.83 -27.23 55.78
N TYR G 163 -21.72 -27.08 55.08
CA TYR G 163 -21.69 -26.19 53.95
C TYR G 163 -20.75 -26.76 52.92
N LYS G 164 -21.21 -26.83 51.66
CA LYS G 164 -20.45 -27.38 50.57
C LYS G 164 -19.90 -26.26 49.68
N ASN G 165 -18.67 -26.41 49.23
CA ASN G 165 -18.08 -25.42 48.35
C ASN G 165 -18.37 -25.72 46.88
N THR G 166 -19.30 -24.98 46.31
CA THR G 166 -19.69 -25.11 44.89
C THR G 166 -18.69 -24.55 43.88
N ARG G 167 -17.82 -23.65 44.30
CA ARG G 167 -16.99 -22.91 43.36
C ARG G 167 -15.78 -23.72 42.96
N LYS G 168 -14.99 -23.16 42.05
CA LYS G 168 -13.79 -23.81 41.47
C LYS G 168 -12.50 -23.42 42.19
N SER G 169 -12.64 -22.75 43.32
CA SER G 169 -11.52 -22.23 44.09
C SER G 169 -11.69 -22.67 45.55
N PRO G 170 -10.58 -22.75 46.29
CA PRO G 170 -10.73 -23.07 47.69
C PRO G 170 -11.38 -21.90 48.47
N ALA G 171 -12.25 -22.26 49.39
CA ALA G 171 -12.96 -21.32 50.21
C ALA G 171 -12.31 -21.22 51.57
N LEU G 172 -11.94 -20.01 51.96
CA LEU G 172 -11.50 -19.72 53.32
C LEU G 172 -12.66 -19.78 54.31
N ILE G 173 -12.64 -20.77 55.20
CA ILE G 173 -13.67 -20.89 56.23
C ILE G 173 -13.10 -20.49 57.58
N VAL G 174 -13.87 -19.74 58.36
CA VAL G 174 -13.44 -19.27 59.64
C VAL G 174 -14.52 -19.47 60.68
N TRP G 175 -14.13 -19.88 61.88
CA TRP G 175 -15.05 -19.99 62.98
C TRP G 175 -14.31 -19.63 64.25
N GLY G 176 -15.04 -19.61 65.34
CA GLY G 176 -14.53 -19.09 66.58
C GLY G 176 -15.05 -19.92 67.69
N ILE G 177 -14.28 -19.96 68.77
CA ILE G 177 -14.67 -20.67 69.98
C ILE G 177 -14.72 -19.61 71.04
N HIS G 178 -15.78 -19.62 71.83
CA HIS G 178 -15.88 -18.69 72.92
C HIS G 178 -15.39 -19.29 74.21
N HIS G 179 -14.41 -18.62 74.80
CA HIS G 179 -13.79 -19.00 76.07
C HIS G 179 -14.32 -18.06 77.12
N SER G 180 -15.23 -18.55 77.94
CA SER G 180 -15.89 -17.72 78.94
C SER G 180 -15.00 -17.47 80.16
N VAL G 181 -15.40 -16.52 80.99
CA VAL G 181 -14.57 -16.16 82.15
C VAL G 181 -14.60 -17.24 83.23
N SER G 182 -15.75 -17.90 83.36
CA SER G 182 -16.02 -18.90 84.40
C SER G 182 -17.00 -19.94 83.88
N THR G 183 -16.92 -21.18 84.37
CA THR G 183 -17.91 -22.20 84.02
C THR G 183 -19.33 -21.73 84.35
N ALA G 184 -19.46 -20.86 85.33
CA ALA G 184 -20.73 -20.20 85.61
C ALA G 184 -21.23 -19.29 84.46
N GLU G 185 -20.34 -18.54 83.84
CA GLU G 185 -20.73 -17.74 82.67
C GLU G 185 -21.02 -18.67 81.50
N GLN G 186 -20.16 -19.65 81.26
CA GLN G 186 -20.39 -20.58 80.17
C GLN G 186 -21.69 -21.35 80.28
N THR G 187 -22.32 -21.31 81.45
CA THR G 187 -23.58 -21.99 81.67
C THR G 187 -24.74 -21.04 81.42
N LYS G 188 -24.60 -19.81 81.88
CA LYS G 188 -25.54 -18.77 81.55
C LYS G 188 -25.77 -18.76 80.02
N LEU G 189 -24.70 -18.83 79.23
CA LEU G 189 -24.82 -18.64 77.78
C LEU G 189 -25.29 -19.87 77.09
N TYR G 190 -24.69 -21.02 77.42
CA TYR G 190 -24.92 -22.24 76.66
C TYR G 190 -25.46 -23.41 77.48
N GLY G 191 -25.81 -23.16 78.75
CA GLY G 191 -26.28 -24.23 79.64
C GLY G 191 -25.16 -25.07 80.21
N SER G 192 -25.48 -25.78 81.29
CA SER G 192 -24.51 -26.67 81.97
C SER G 192 -24.14 -27.84 81.06
N GLY G 193 -23.28 -28.71 81.56
CA GLY G 193 -22.79 -29.85 80.81
C GLY G 193 -21.49 -29.42 80.16
N ASN G 194 -20.74 -30.41 79.67
CA ASN G 194 -19.51 -30.14 78.93
C ASN G 194 -19.84 -29.68 77.52
N LYS G 195 -19.01 -28.79 77.00
CA LYS G 195 -19.18 -28.22 75.67
C LYS G 195 -18.10 -28.71 74.75
N LEU G 196 -18.52 -28.98 73.52
CA LEU G 196 -17.64 -29.54 72.51
C LEU G 196 -18.07 -29.01 71.16
N VAL G 197 -17.06 -28.72 70.33
CA VAL G 197 -17.27 -28.25 68.98
C VAL G 197 -16.42 -29.08 68.00
N THR G 198 -17.08 -29.83 67.13
CA THR G 198 -16.41 -30.73 66.19
C THR G 198 -16.63 -30.19 64.82
N VAL G 199 -15.52 -30.12 64.09
CA VAL G 199 -15.45 -29.47 62.82
C VAL G 199 -14.84 -30.47 61.90
N GLY G 200 -15.70 -31.07 61.06
CA GLY G 200 -15.27 -32.10 60.10
C GLY G 200 -15.36 -31.72 58.63
N SER G 201 -14.26 -31.90 57.90
CA SER G 201 -14.34 -31.95 56.45
C SER G 201 -13.87 -33.32 56.00
N SER G 202 -13.55 -33.45 54.71
CA SER G 202 -12.94 -34.69 54.20
C SER G 202 -11.48 -34.83 54.67
N ASN G 203 -10.76 -33.70 54.75
CA ASN G 203 -9.29 -33.67 54.98
C ASN G 203 -8.91 -32.97 56.27
N TYR G 204 -9.77 -33.12 57.28
CA TYR G 204 -9.73 -32.28 58.48
C TYR G 204 -10.89 -32.71 59.37
N GLN G 205 -10.55 -33.27 60.51
CA GLN G 205 -11.46 -33.29 61.65
C GLN G 205 -10.61 -32.85 62.84
N GLN G 206 -11.25 -32.15 63.75
CA GLN G 206 -10.60 -31.57 64.89
C GLN G 206 -11.67 -31.26 65.89
N SER G 207 -11.27 -31.32 67.14
CA SER G 207 -12.14 -30.94 68.21
C SER G 207 -11.63 -29.62 68.83
N PHE G 208 -12.53 -28.93 69.53
CA PHE G 208 -12.21 -27.69 70.21
C PHE G 208 -13.06 -27.71 71.44
N VAL G 209 -12.44 -27.36 72.56
CA VAL G 209 -13.17 -27.28 73.81
C VAL G 209 -13.02 -25.85 74.28
N PRO G 210 -14.11 -25.25 74.73
CA PRO G 210 -13.88 -24.00 75.41
C PRO G 210 -13.12 -24.33 76.71
N SER G 211 -12.11 -23.53 76.99
CA SER G 211 -11.45 -23.53 78.27
C SER G 211 -11.82 -22.24 78.99
N PRO G 212 -12.93 -22.26 79.74
CA PRO G 212 -13.27 -21.12 80.59
C PRO G 212 -12.27 -21.02 81.73
N GLY G 213 -12.03 -19.79 82.16
CA GLY G 213 -11.00 -19.55 83.14
C GLY G 213 -10.75 -18.06 83.28
N ALA G 214 -10.41 -17.64 84.49
CA ALA G 214 -10.23 -16.24 84.76
C ALA G 214 -9.02 -15.75 83.97
N ARG G 215 -9.05 -14.49 83.56
CA ARG G 215 -7.92 -13.87 82.87
C ARG G 215 -8.09 -12.37 82.86
N PRO G 216 -7.04 -11.63 82.49
CA PRO G 216 -7.13 -10.18 82.56
C PRO G 216 -8.21 -9.60 81.67
N GLN G 217 -8.87 -8.56 82.18
CA GLN G 217 -9.78 -7.76 81.40
C GLN G 217 -9.02 -7.05 80.31
N VAL G 218 -9.44 -7.27 79.06
CA VAL G 218 -9.03 -6.48 77.93
C VAL G 218 -10.30 -5.74 77.48
N ASN G 219 -10.26 -4.41 77.45
CA ASN G 219 -11.45 -3.59 77.13
C ASN G 219 -12.52 -3.75 78.21
N GLY G 220 -12.11 -4.06 79.44
CA GLY G 220 -13.05 -4.44 80.49
C GLY G 220 -13.65 -5.85 80.41
N LEU G 221 -13.34 -6.65 79.37
CA LEU G 221 -13.83 -8.07 79.28
C LEU G 221 -12.76 -9.16 79.44
N SER G 222 -13.13 -10.22 80.12
CA SER G 222 -12.23 -11.31 80.35
C SER G 222 -12.55 -12.50 79.46
N GLY G 223 -13.53 -12.34 78.60
CA GLY G 223 -13.85 -13.35 77.62
C GLY G 223 -12.86 -13.27 76.49
N ARG G 224 -12.77 -14.35 75.73
CA ARG G 224 -12.00 -14.37 74.53
C ARG G 224 -12.71 -15.14 73.49
N ILE G 225 -12.67 -14.65 72.27
CA ILE G 225 -13.08 -15.45 71.15
C ILE G 225 -11.86 -15.67 70.31
N ASP G 226 -11.46 -16.91 70.15
CA ASP G 226 -10.34 -17.19 69.27
C ASP G 226 -10.79 -17.86 67.97
N PHE G 227 -10.26 -17.34 66.87
CA PHE G 227 -10.63 -17.76 65.56
C PHE G 227 -9.70 -18.82 64.95
N HIS G 228 -10.32 -19.85 64.38
CA HIS G 228 -9.67 -20.87 63.63
C HIS G 228 -10.12 -20.87 62.20
N TRP G 229 -9.25 -21.31 61.31
CA TRP G 229 -9.63 -21.40 59.92
C TRP G 229 -9.17 -22.66 59.21
N LEU G 230 -9.79 -22.93 58.05
CA LEU G 230 -9.34 -23.96 57.11
C LEU G 230 -9.71 -23.62 55.70
N MET G 231 -8.93 -24.12 54.75
CA MET G 231 -9.28 -24.12 53.32
C MET G 231 -10.14 -25.33 52.98
N LEU G 232 -11.39 -25.08 52.58
CA LEU G 232 -12.28 -26.12 52.05
C LEU G 232 -12.07 -26.16 50.55
N ASN G 233 -11.79 -27.34 50.03
CA ASN G 233 -11.49 -27.51 48.60
C ASN G 233 -12.76 -27.53 47.75
N PRO G 234 -12.64 -27.20 46.46
CA PRO G 234 -13.77 -27.34 45.56
C PRO G 234 -14.54 -28.66 45.76
N ASN G 235 -15.85 -28.58 45.87
CA ASN G 235 -16.70 -29.76 45.97
C ASN G 235 -16.68 -30.46 47.35
N ASP G 236 -15.84 -29.98 48.27
CA ASP G 236 -15.76 -30.48 49.65
C ASP G 236 -16.84 -29.82 50.56
N THR G 237 -17.13 -30.46 51.69
CA THR G 237 -18.13 -30.00 52.62
C THR G 237 -17.52 -29.86 54.02
N VAL G 238 -17.88 -28.83 54.76
CA VAL G 238 -17.41 -28.72 56.10
C VAL G 238 -18.60 -28.86 57.00
N THR G 239 -18.45 -29.64 58.07
CA THR G 239 -19.57 -29.89 58.96
C THR G 239 -19.20 -29.44 60.39
N PHE G 240 -20.16 -28.86 61.08
CA PHE G 240 -19.93 -28.24 62.35
C PHE G 240 -20.93 -28.84 63.31
N SER G 241 -20.44 -29.43 64.39
CA SER G 241 -21.35 -29.99 65.36
C SER G 241 -20.99 -29.36 66.67
N PHE G 242 -21.98 -28.98 67.46
CA PHE G 242 -21.67 -28.19 68.63
C PHE G 242 -22.86 -28.14 69.55
N ASN G 243 -22.58 -27.93 70.83
CA ASN G 243 -23.66 -27.66 71.76
C ASN G 243 -23.44 -26.37 72.53
N GLY G 244 -22.59 -25.48 72.00
CA GLY G 244 -22.35 -24.19 72.63
C GLY G 244 -20.96 -23.68 72.38
N ALA G 245 -20.70 -22.46 72.87
CA ALA G 245 -19.37 -21.85 72.75
C ALA G 245 -18.86 -21.74 71.32
N PHE G 246 -19.79 -21.71 70.37
CA PHE G 246 -19.46 -21.68 68.96
C PHE G 246 -19.88 -20.35 68.35
N ILE G 247 -18.96 -19.76 67.60
CA ILE G 247 -19.12 -18.52 66.91
C ILE G 247 -19.11 -18.85 65.44
N ALA G 248 -20.27 -18.81 64.83
CA ALA G 248 -20.49 -19.51 63.55
C ALA G 248 -20.29 -18.56 62.44
N PRO G 249 -19.67 -19.04 61.36
CA PRO G 249 -19.58 -18.20 60.18
C PRO G 249 -20.92 -18.06 59.44
N ASP G 250 -21.14 -16.87 58.94
CA ASP G 250 -22.26 -16.50 58.16
C ASP G 250 -21.80 -16.58 56.70
N ARG G 251 -20.56 -16.15 56.42
CA ARG G 251 -20.05 -16.13 55.05
C ARG G 251 -18.69 -16.77 54.92
N ALA G 252 -18.41 -17.32 53.73
CA ALA G 252 -17.11 -17.88 53.37
C ALA G 252 -16.43 -16.92 52.42
N SER G 253 -15.12 -17.03 52.28
CA SER G 253 -14.35 -16.05 51.52
C SER G 253 -13.56 -16.78 50.44
N PHE G 254 -13.48 -16.19 49.26
CA PHE G 254 -12.71 -16.71 48.16
C PHE G 254 -11.76 -15.60 47.77
N LEU G 255 -10.54 -16.00 47.42
CA LEU G 255 -9.48 -15.07 47.15
C LEU G 255 -9.69 -14.62 45.76
N ARG G 256 -9.50 -13.34 45.49
CA ARG G 256 -9.83 -12.78 44.18
C ARG G 256 -8.84 -13.12 43.10
N GLY G 257 -7.56 -12.89 43.36
CA GLY G 257 -6.53 -13.06 42.35
C GLY G 257 -5.14 -12.88 42.91
N LYS G 258 -4.50 -11.77 42.56
CA LYS G 258 -3.10 -11.49 42.94
C LYS G 258 -2.95 -10.12 43.59
N SER G 259 -2.17 -10.07 44.66
CA SER G 259 -1.80 -8.82 45.28
C SER G 259 -0.46 -8.96 45.93
N MET G 260 0.07 -7.83 46.35
CA MET G 260 1.16 -7.79 47.29
C MET G 260 0.75 -6.98 48.53
N GLY G 261 1.19 -7.43 49.70
CA GLY G 261 0.91 -6.70 50.93
C GLY G 261 2.15 -6.27 51.67
N ILE G 262 2.11 -5.08 52.24
CA ILE G 262 3.21 -4.60 53.04
C ILE G 262 2.72 -4.04 54.34
N GLN G 263 3.64 -3.80 55.23
CA GLN G 263 3.37 -3.11 56.50
C GLN G 263 4.10 -1.79 56.45
N SER G 264 3.46 -0.73 56.89
CA SER G 264 4.09 0.58 56.75
C SER G 264 3.52 1.65 57.67
N GLY G 265 4.37 2.62 57.97
CA GLY G 265 4.04 3.73 58.84
C GLY G 265 4.15 5.06 58.15
N VAL G 266 4.04 5.10 56.82
CA VAL G 266 4.07 6.38 56.08
C VAL G 266 2.91 6.55 55.10
N GLN G 267 2.66 7.78 54.68
CA GLN G 267 1.52 8.07 53.80
C GLN G 267 1.57 7.34 52.46
N VAL G 268 0.39 7.10 51.89
CA VAL G 268 0.26 6.64 50.52
C VAL G 268 0.45 7.85 49.63
N ASP G 269 0.98 7.61 48.43
CA ASP G 269 1.13 8.65 47.43
C ASP G 269 0.84 8.06 46.07
N ALA G 270 -0.36 8.32 45.56
CA ALA G 270 -0.77 7.80 44.25
C ALA G 270 -0.12 8.52 43.03
N ASN G 271 0.83 9.43 43.27
CA ASN G 271 1.49 10.17 42.18
C ASN G 271 2.77 9.51 41.68
N CYS G 272 3.65 9.12 42.60
CA CYS G 272 4.90 8.43 42.23
C CYS G 272 4.66 6.95 41.99
N GLU G 273 5.41 6.36 41.07
CA GLU G 273 5.30 4.92 40.83
C GLU G 273 6.45 4.21 41.52
N GLY G 274 6.17 3.02 42.06
CA GLY G 274 7.18 2.23 42.78
C GLY G 274 6.86 0.76 42.72
N ASP G 275 7.89 -0.07 42.90
CA ASP G 275 7.71 -1.54 42.95
C ASP G 275 8.44 -2.21 44.11
N CYS G 276 9.14 -1.42 44.95
CA CYS G 276 9.95 -1.94 46.06
C CYS G 276 9.66 -1.12 47.31
N TYR G 277 9.07 -1.75 48.31
CA TYR G 277 8.61 -1.04 49.46
C TYR G 277 9.20 -1.59 50.69
N HIS G 278 9.12 -0.80 51.75
CA HIS G 278 9.48 -1.25 53.08
C HIS G 278 8.72 -0.36 54.03
N SER G 279 8.81 -0.62 55.32
CA SER G 279 7.90 0.08 56.23
C SER G 279 8.02 1.58 56.17
N GLY G 280 9.22 2.07 55.85
CA GLY G 280 9.53 3.51 55.84
C GLY G 280 9.44 4.16 54.48
N GLY G 281 8.95 3.45 53.47
CA GLY G 281 8.68 4.10 52.20
C GLY G 281 8.95 3.23 51.00
N THR G 282 9.46 3.85 49.95
CA THR G 282 9.63 3.23 48.66
C THR G 282 11.04 3.49 48.16
N ILE G 283 11.63 2.46 47.59
CA ILE G 283 12.98 2.55 47.07
C ILE G 283 12.85 2.63 45.57
N ILE G 284 13.09 3.80 45.00
CA ILE G 284 13.09 3.94 43.55
C ILE G 284 14.51 4.09 43.01
N SER G 285 14.96 3.09 42.27
CA SER G 285 16.35 2.96 41.92
C SER G 285 16.52 1.96 40.82
N ASN G 286 17.47 2.18 39.94
CA ASN G 286 17.94 1.11 39.07
C ASN G 286 19.23 0.47 39.61
N LEU G 287 19.73 0.97 40.74
CA LEU G 287 21.00 0.48 41.24
C LEU G 287 20.79 -0.96 41.64
N PRO G 288 21.80 -1.78 41.47
CA PRO G 288 21.61 -3.20 41.72
C PRO G 288 21.56 -3.56 43.21
N PHE G 289 22.02 -2.65 44.07
CA PHE G 289 22.08 -2.91 45.51
C PHE G 289 21.44 -1.78 46.30
N GLN G 290 21.06 -2.04 47.57
CA GLN G 290 20.56 -0.99 48.47
C GLN G 290 20.96 -1.25 49.89
N ASN G 291 21.05 -0.20 50.70
CA ASN G 291 21.49 -0.29 52.11
C ASN G 291 20.48 0.35 53.04
N ILE G 292 19.25 0.44 52.58
CA ILE G 292 18.15 1.06 53.28
C ILE G 292 17.48 0.07 54.24
N ASP G 293 16.98 -1.05 53.72
CA ASP G 293 16.23 -2.01 54.53
C ASP G 293 16.31 -3.43 54.01
N SER G 294 16.78 -4.34 54.85
CA SER G 294 16.90 -5.74 54.49
C SER G 294 15.58 -6.43 54.30
N ARG G 295 14.51 -5.89 54.86
CA ARG G 295 13.19 -6.54 54.73
C ARG G 295 12.32 -5.91 53.64
N ALA G 296 12.93 -5.10 52.78
CA ALA G 296 12.24 -4.57 51.63
C ALA G 296 11.60 -5.67 50.83
N VAL G 297 10.45 -5.37 50.22
CA VAL G 297 9.73 -6.36 49.43
C VAL G 297 9.20 -5.77 48.15
N GLY G 298 8.74 -6.62 47.26
CA GLY G 298 8.45 -6.22 45.88
C GLY G 298 9.63 -6.63 44.96
N LYS G 299 9.87 -5.87 43.92
CA LYS G 299 11.03 -6.08 43.03
C LYS G 299 12.07 -5.09 43.42
N CYS G 300 13.16 -5.58 44.01
CA CYS G 300 14.10 -4.73 44.77
C CYS G 300 15.57 -4.92 44.40
N PRO G 301 16.36 -3.87 44.60
CA PRO G 301 17.79 -4.09 44.59
C PRO G 301 18.14 -4.96 45.79
N ARG G 302 19.22 -5.70 45.70
CA ARG G 302 19.57 -6.61 46.74
C ARG G 302 20.21 -5.88 47.89
N TYR G 303 19.79 -6.22 49.10
CA TYR G 303 20.23 -5.51 50.27
C TYR G 303 21.66 -5.87 50.52
N VAL G 304 22.51 -4.87 50.76
CA VAL G 304 23.88 -5.13 51.15
C VAL G 304 24.23 -4.29 52.38
N LYS G 305 25.31 -4.68 53.04
CA LYS G 305 25.74 -4.16 54.34
C LYS G 305 26.38 -2.80 54.24
N GLN G 306 27.04 -2.58 53.11
CA GLN G 306 27.90 -1.41 52.90
C GLN G 306 27.02 -0.22 52.57
N ARG G 307 27.45 0.98 52.97
CA ARG G 307 26.70 2.18 52.57
C ARG G 307 27.05 2.60 51.13
N SER G 308 28.27 2.31 50.68
CA SER G 308 28.71 2.83 49.42
C SER G 308 29.73 1.93 48.73
N LEU G 309 29.55 1.76 47.42
CA LEU G 309 30.49 1.05 46.56
C LEU G 309 30.55 1.76 45.22
N LEU G 310 31.61 2.52 44.97
CA LEU G 310 31.67 3.35 43.78
C LEU G 310 32.26 2.53 42.63
N LEU G 311 31.61 2.68 41.49
CA LEU G 311 31.98 2.01 40.28
C LEU G 311 32.59 3.03 39.36
N ALA G 312 33.82 2.80 38.96
CA ALA G 312 34.53 3.77 38.14
C ALA G 312 33.87 3.84 36.80
N THR G 313 33.62 5.05 36.33
CA THR G 313 33.10 5.27 35.01
C THR G 313 34.06 6.10 34.15
N GLY G 314 35.30 6.24 34.61
CA GLY G 314 36.35 6.86 33.84
C GLY G 314 37.68 6.23 34.17
N MET G 315 38.74 6.72 33.54
CA MET G 315 40.09 6.14 33.69
C MET G 315 40.74 6.61 34.95
N LYS G 316 41.89 6.03 35.27
CA LYS G 316 42.73 6.51 36.36
C LYS G 316 43.01 7.98 36.20
N ASN G 317 43.01 8.69 37.29
CA ASN G 317 43.29 10.08 37.25
C ASN G 317 44.73 10.30 37.63
N VAL G 318 45.53 10.79 36.69
CA VAL G 318 46.94 11.05 36.97
C VAL G 318 47.20 12.52 36.72
N PRO G 319 47.03 13.36 37.73
CA PRO G 319 47.26 14.78 37.47
C PRO G 319 48.74 15.10 37.62
N GLU G 320 49.18 16.26 37.17
CA GLU G 320 50.51 16.77 37.59
C GLU G 320 50.34 17.63 38.85
N ALA H 5 58.70 21.76 27.49
CA ALA H 5 57.35 22.39 27.46
C ALA H 5 56.19 21.41 27.07
N ILE H 6 56.50 20.13 26.79
CA ILE H 6 55.48 19.13 26.30
C ILE H 6 55.77 17.65 26.61
N ALA H 7 54.80 16.94 27.17
CA ALA H 7 54.95 15.50 27.46
C ALA H 7 53.69 14.71 27.23
N GLY H 8 53.86 13.39 27.10
CA GLY H 8 52.74 12.46 26.86
C GLY H 8 52.25 11.68 28.08
N PHE H 9 51.49 10.62 27.81
CA PHE H 9 50.83 9.84 28.85
C PHE H 9 51.74 9.07 29.78
N ILE H 10 52.93 8.68 29.37
CA ILE H 10 53.78 7.98 30.32
C ILE H 10 53.99 8.82 31.57
N GLU H 11 54.22 10.13 31.41
CA GLU H 11 54.44 11.02 32.58
C GLU H 11 53.17 11.24 33.44
N ASN H 12 52.10 11.69 32.81
CA ASN H 12 50.86 12.03 33.51
C ASN H 12 49.74 12.43 32.56
N GLY H 13 48.60 12.73 33.13
CA GLY H 13 47.44 13.13 32.37
C GLY H 13 47.50 14.59 32.13
N TRP H 14 46.59 15.07 31.24
CA TRP H 14 46.46 16.46 30.84
C TRP H 14 45.16 17.05 31.34
N GLU H 15 45.24 17.91 32.36
CA GLU H 15 44.05 18.66 32.84
C GLU H 15 43.41 19.56 31.77
N GLY H 16 44.22 20.05 30.84
CA GLY H 16 43.76 20.90 29.76
C GLY H 16 42.94 20.23 28.67
N LEU H 17 42.84 18.89 28.68
CA LEU H 17 42.12 18.18 27.65
C LEU H 17 40.70 17.95 28.09
N ILE H 18 39.76 18.75 27.55
CA ILE H 18 38.35 18.79 28.02
C ILE H 18 37.32 18.35 26.96
N ASP H 19 37.76 18.26 25.69
CA ASP H 19 36.96 17.83 24.55
C ASP H 19 37.03 16.31 24.34
N GLY H 20 37.63 15.56 25.25
CA GLY H 20 37.86 14.14 24.98
C GLY H 20 38.68 13.47 26.05
N TRP H 21 38.79 12.16 25.95
CA TRP H 21 39.52 11.36 26.91
C TRP H 21 40.95 11.20 26.49
N TYR H 22 41.17 11.13 25.18
CA TYR H 22 42.47 10.97 24.60
C TYR H 22 42.73 12.03 23.56
N GLY H 23 43.99 12.36 23.34
CA GLY H 23 44.34 13.48 22.47
C GLY H 23 45.75 13.51 21.94
N PHE H 24 45.98 14.54 21.16
CA PHE H 24 47.28 14.84 20.61
C PHE H 24 47.70 16.22 21.07
N ARG H 25 48.97 16.36 21.42
CA ARG H 25 49.55 17.66 21.70
C ARG H 25 50.83 17.75 20.88
N HIS H 26 50.95 18.80 20.09
CA HIS H 26 52.10 18.95 19.20
C HIS H 26 52.84 20.24 19.43
N GLN H 27 54.06 20.26 18.93
CA GLN H 27 54.94 21.41 19.07
C GLN H 27 55.66 21.49 17.75
N ASN H 28 55.47 22.59 17.06
CA ASN H 28 56.24 22.86 15.85
C ASN H 28 56.69 24.33 15.83
N ALA H 29 57.18 24.78 14.68
CA ALA H 29 57.52 26.19 14.54
C ALA H 29 56.33 27.12 14.85
N GLN H 30 55.14 26.79 14.36
CA GLN H 30 53.95 27.61 14.63
C GLN H 30 53.50 27.57 16.10
N GLY H 31 54.10 26.71 16.91
CA GLY H 31 53.77 26.65 18.34
C GLY H 31 53.15 25.35 18.81
N GLU H 32 52.38 25.46 19.89
CA GLU H 32 51.78 24.34 20.58
C GLU H 32 50.30 24.28 20.22
N GLY H 33 49.75 23.06 20.19
CA GLY H 33 48.32 22.86 20.03
C GLY H 33 47.87 21.49 20.53
N THR H 34 46.66 21.45 21.12
CA THR H 34 46.05 20.21 21.64
C THR H 34 44.70 19.90 20.95
N ALA H 35 44.45 18.63 20.63
CA ALA H 35 43.21 18.20 19.98
C ALA H 35 42.81 16.81 20.45
N ALA H 36 41.53 16.64 20.70
CA ALA H 36 40.95 15.35 21.09
C ALA H 36 40.84 14.38 19.90
N ASP H 37 41.13 13.11 20.13
CA ASP H 37 40.82 12.04 19.18
C ASP H 37 39.45 11.47 19.53
N TYR H 38 38.54 11.57 18.58
CA TYR H 38 37.15 11.22 18.80
C TYR H 38 36.99 9.68 18.87
N LYS H 39 37.53 8.96 17.90
CA LYS H 39 37.33 7.53 17.82
C LYS H 39 37.74 6.77 19.10
N SER H 40 38.92 7.04 19.62
CA SER H 40 39.39 6.28 20.78
C SER H 40 38.64 6.69 22.07
N THR H 41 38.26 7.97 22.14
CA THR H 41 37.39 8.41 23.21
C THR H 41 36.10 7.63 23.20
N GLN H 42 35.47 7.55 22.04
CA GLN H 42 34.14 6.94 21.93
C GLN H 42 34.21 5.46 22.21
N SER H 43 35.22 4.81 21.66
CA SER H 43 35.45 3.42 21.98
C SER H 43 35.44 3.22 23.48
N ALA H 44 36.21 4.01 24.22
CA ALA H 44 36.30 3.85 25.66
C ALA H 44 34.94 4.11 26.30
N ILE H 45 34.31 5.22 25.94
CA ILE H 45 33.03 5.54 26.53
C ILE H 45 32.03 4.43 26.31
N ASP H 46 32.01 3.85 25.13
CA ASP H 46 31.00 2.84 24.81
C ASP H 46 31.20 1.54 25.59
N GLN H 47 32.45 1.21 25.86
CA GLN H 47 32.70 0.06 26.70
C GLN H 47 32.24 0.31 28.14
N ILE H 48 32.46 1.50 28.67
CA ILE H 48 31.96 1.90 30.00
C ILE H 48 30.43 1.93 30.00
N THR H 49 29.85 2.61 29.02
CA THR H 49 28.40 2.57 28.85
C THR H 49 27.86 1.12 28.83
N GLY H 50 28.55 0.20 28.16
CA GLY H 50 28.17 -1.21 28.19
C GLY H 50 28.25 -1.87 29.57
N LYS H 51 29.18 -1.45 30.42
CA LYS H 51 29.22 -1.91 31.82
C LYS H 51 28.04 -1.41 32.59
N LEU H 52 27.78 -0.12 32.50
CA LEU H 52 26.62 0.43 33.12
C LEU H 52 25.31 -0.26 32.71
N ASN H 53 25.08 -0.44 31.43
CA ASN H 53 23.85 -1.08 30.96
C ASN H 53 23.66 -2.42 31.63
N ARG H 54 24.75 -3.13 31.83
CA ARG H 54 24.72 -4.44 32.41
C ARG H 54 24.55 -4.40 33.94
N LEU H 55 25.12 -3.38 34.61
CA LEU H 55 25.12 -3.35 36.09
C LEU H 55 24.00 -2.57 36.70
N ILE H 56 23.38 -1.71 35.91
CA ILE H 56 22.19 -0.95 36.28
C ILE H 56 20.89 -1.74 36.04
N GLU H 57 21.01 -3.06 36.09
CA GLU H 57 19.89 -3.95 35.85
C GLU H 57 18.98 -4.00 37.10
N LYS H 58 17.71 -4.25 36.82
CA LYS H 58 16.66 -4.50 37.81
C LYS H 58 16.39 -6.00 37.88
N THR H 59 16.27 -6.55 39.09
CA THR H 59 15.72 -7.90 39.22
C THR H 59 14.25 -7.86 38.86
N ASN H 60 13.79 -8.85 38.10
CA ASN H 60 12.36 -9.05 37.87
C ASN H 60 11.71 -9.99 38.91
N GLN H 61 12.46 -10.33 39.97
CA GLN H 61 11.97 -11.28 40.95
C GLN H 61 11.38 -10.52 42.14
N GLN H 62 10.15 -10.90 42.46
CA GLN H 62 9.41 -10.32 43.54
C GLN H 62 9.52 -11.16 44.79
N PHE H 63 9.79 -10.52 45.91
CA PHE H 63 9.79 -11.23 47.18
C PHE H 63 8.68 -10.68 48.06
N GLU H 64 8.14 -11.54 48.91
CA GLU H 64 7.04 -11.18 49.78
C GLU H 64 7.51 -11.29 51.22
N LEU H 65 6.75 -10.71 52.14
CA LEU H 65 7.08 -10.74 53.54
C LEU H 65 6.97 -12.18 54.01
N ILE H 66 7.93 -12.64 54.81
CA ILE H 66 7.77 -13.91 55.54
C ILE H 66 7.82 -13.69 57.05
N ASP H 67 7.71 -12.44 57.43
CA ASP H 67 8.13 -11.91 58.69
C ASP H 67 7.15 -10.82 59.03
N ASN H 68 7.07 -10.42 60.29
CA ASN H 68 6.10 -9.42 60.70
C ASN H 68 6.71 -8.37 61.63
N GLU H 69 6.68 -7.13 61.20
CA GLU H 69 7.26 -6.02 61.94
C GLU H 69 6.38 -5.65 63.15
N PHE H 70 5.08 -5.91 63.09
CA PHE H 70 4.15 -5.46 64.15
C PHE H 70 3.85 -6.52 65.18
N ASN H 71 3.78 -7.76 64.72
CA ASN H 71 3.43 -8.86 65.58
C ASN H 71 4.38 -10.01 65.27
N GLU H 72 5.41 -10.09 66.10
CA GLU H 72 6.53 -10.95 65.89
C GLU H 72 6.10 -12.42 65.75
N VAL H 73 6.69 -13.11 64.78
CA VAL H 73 6.36 -14.52 64.51
C VAL H 73 6.98 -15.36 65.61
N GLU H 74 6.65 -16.62 65.58
CA GLU H 74 7.06 -17.60 66.58
C GLU H 74 8.60 -17.65 66.53
N LYS H 75 9.22 -17.79 67.68
CA LYS H 75 10.63 -17.58 67.80
C LYS H 75 11.53 -18.53 67.02
N GLN H 76 11.15 -19.78 66.94
CA GLN H 76 11.98 -20.73 66.25
C GLN H 76 12.04 -20.43 64.77
N ILE H 77 10.90 -20.19 64.14
CA ILE H 77 10.88 -19.89 62.72
C ILE H 77 11.53 -18.54 62.47
N GLY H 78 11.34 -17.59 63.38
CA GLY H 78 11.93 -16.25 63.27
C GLY H 78 13.44 -16.30 63.25
N ASN H 79 13.99 -17.16 64.07
CA ASN H 79 15.42 -17.33 64.10
C ASN H 79 15.93 -17.98 62.84
N VAL H 80 15.17 -18.93 62.27
CA VAL H 80 15.59 -19.52 61.02
C VAL H 80 15.56 -18.50 59.91
N ILE H 81 14.51 -17.72 59.88
CA ILE H 81 14.36 -16.69 58.88
C ILE H 81 15.48 -15.69 58.98
N ASN H 82 15.81 -15.26 60.20
CA ASN H 82 16.87 -14.26 60.37
C ASN H 82 18.23 -14.78 60.01
N TRP H 83 18.51 -16.03 60.32
CA TRP H 83 19.72 -16.68 59.92
C TRP H 83 19.81 -16.79 58.40
N THR H 84 18.70 -17.16 57.76
CA THR H 84 18.74 -17.28 56.32
C THR H 84 18.98 -15.93 55.72
N ARG H 85 18.26 -14.92 56.20
CA ARG H 85 18.37 -13.61 55.61
C ARG H 85 19.76 -13.08 55.77
N ASP H 86 20.32 -13.21 56.97
CA ASP H 86 21.68 -12.74 57.20
C ASP H 86 22.69 -13.49 56.31
N SER H 87 22.52 -14.79 56.10
CA SER H 87 23.40 -15.51 55.19
C SER H 87 23.32 -15.00 53.77
N ILE H 88 22.13 -14.68 53.31
CA ILE H 88 21.93 -14.11 51.98
C ILE H 88 22.56 -12.73 51.90
N THR H 89 22.42 -11.94 52.94
CA THR H 89 23.03 -10.61 52.96
C THR H 89 24.56 -10.66 52.91
N GLU H 90 25.17 -11.66 53.55
CA GLU H 90 26.60 -11.85 53.44
C GLU H 90 27.03 -12.18 52.01
N VAL H 91 26.33 -13.11 51.38
CA VAL H 91 26.54 -13.46 50.00
C VAL H 91 26.46 -12.21 49.13
N TRP H 92 25.35 -11.50 49.14
CA TRP H 92 25.27 -10.33 48.26
C TRP H 92 26.31 -9.24 48.57
N SER H 93 26.60 -9.01 49.84
CA SER H 93 27.55 -8.01 50.22
C SER H 93 28.93 -8.35 49.66
N TYR H 94 29.23 -9.64 49.60
CA TYR H 94 30.49 -10.08 49.09
C TYR H 94 30.47 -9.97 47.57
N ASN H 95 29.39 -10.41 46.94
CA ASN H 95 29.24 -10.26 45.53
C ASN H 95 29.38 -8.83 45.10
N ALA H 96 28.78 -7.90 45.81
CA ALA H 96 28.81 -6.49 45.40
C ALA H 96 30.17 -5.83 45.56
N GLU H 97 30.90 -6.16 46.62
CA GLU H 97 32.27 -5.72 46.76
C GLU H 97 33.14 -6.28 45.63
N LEU H 98 32.99 -7.54 45.33
CA LEU H 98 33.75 -8.16 44.30
C LEU H 98 33.42 -7.64 42.93
N LEU H 99 32.15 -7.43 42.67
CA LEU H 99 31.75 -6.92 41.38
C LEU H 99 32.45 -5.59 41.12
N VAL H 100 32.32 -4.67 42.04
CA VAL H 100 32.87 -3.37 41.84
C VAL H 100 34.40 -3.38 41.73
N ALA H 101 35.07 -4.10 42.62
CA ALA H 101 36.52 -4.20 42.61
C ALA H 101 37.01 -4.71 41.26
N MET H 102 36.37 -5.75 40.79
CA MET H 102 36.77 -6.38 39.57
C MET H 102 36.45 -5.50 38.38
N GLU H 103 35.26 -4.92 38.35
CA GLU H 103 34.92 -4.04 37.23
C GLU H 103 35.82 -2.82 37.21
N ASN H 104 36.20 -2.30 38.36
CA ASN H 104 37.03 -1.15 38.37
C ASN H 104 38.41 -1.47 37.86
N GLN H 105 38.97 -2.62 38.25
CA GLN H 105 40.28 -3.07 37.75
C GLN H 105 40.19 -3.12 36.24
N HIS H 106 39.09 -3.66 35.74
CA HIS H 106 38.96 -3.86 34.33
C HIS H 106 38.77 -2.53 33.61
N THR H 107 38.04 -1.61 34.22
CA THR H 107 37.78 -0.29 33.59
C THR H 107 39.07 0.50 33.45
N ILE H 108 39.79 0.59 34.53
CA ILE H 108 41.09 1.18 34.50
C ILE H 108 42.06 0.60 33.44
N ASP H 109 42.16 -0.72 33.36
CA ASP H 109 43.10 -1.38 32.44
C ASP H 109 42.61 -1.17 31.01
N LEU H 110 41.32 -1.12 30.85
CA LEU H 110 40.72 -0.90 29.55
C LEU H 110 41.06 0.47 28.94
N ALA H 111 40.92 1.49 29.78
CA ALA H 111 41.24 2.84 29.40
C ALA H 111 42.73 3.02 29.02
N ASP H 112 43.60 2.44 29.85
CA ASP H 112 45.03 2.41 29.60
C ASP H 112 45.30 1.71 28.27
N SER H 113 44.57 0.64 28.01
CA SER H 113 44.75 -0.14 26.82
C SER H 113 44.29 0.62 25.58
N GLU H 114 43.27 1.46 25.68
CA GLU H 114 42.96 2.35 24.54
C GLU H 114 44.06 3.37 24.26
N MET H 115 44.63 3.93 25.31
CA MET H 115 45.73 4.88 25.16
C MET H 115 46.84 4.23 24.37
N ASP H 116 47.26 3.04 24.82
CA ASP H 116 48.30 2.25 24.15
C ASP H 116 47.99 1.98 22.69
N LYS H 117 46.74 1.76 22.36
CA LYS H 117 46.35 1.41 21.00
C LYS H 117 46.55 2.60 20.08
N LEU H 118 46.22 3.77 20.61
CA LEU H 118 46.36 5.02 19.85
C LEU H 118 47.83 5.32 19.62
N TYR H 119 48.59 5.30 20.68
CA TYR H 119 50.04 5.47 20.60
C TYR H 119 50.59 4.52 19.55
N GLU H 120 50.22 3.25 19.60
CA GLU H 120 50.79 2.26 18.70
C GLU H 120 50.37 2.52 17.26
N ARG H 121 49.20 3.10 17.07
CA ARG H 121 48.70 3.40 15.74
C ARG H 121 49.49 4.55 15.10
N VAL H 122 49.82 5.56 15.89
CA VAL H 122 50.61 6.70 15.43
C VAL H 122 52.02 6.24 15.17
N LYS H 123 52.60 5.49 16.10
CA LYS H 123 53.93 4.97 15.86
C LYS H 123 53.97 4.35 14.47
N ARG H 124 52.94 3.59 14.11
CA ARG H 124 52.96 2.85 12.86
C ARG H 124 52.65 3.69 11.65
N GLN H 125 51.91 4.79 11.83
CA GLN H 125 51.82 5.80 10.77
C GLN H 125 53.17 6.46 10.47
N LEU H 126 53.92 6.77 11.51
CA LEU H 126 55.14 7.51 11.34
C LEU H 126 56.27 6.67 10.81
N ARG H 127 56.17 5.35 10.91
CA ARG H 127 57.15 4.44 10.34
C ARG H 127 58.56 4.86 10.76
N GLU H 128 59.42 5.18 9.79
CA GLU H 128 60.83 5.39 10.06
C GLU H 128 61.14 6.89 10.13
N ASN H 129 60.12 7.73 10.18
CA ASN H 129 60.29 9.16 10.26
C ASN H 129 60.31 9.77 11.63
N ALA H 130 60.11 8.98 12.67
CA ALA H 130 60.10 9.56 14.00
C ALA H 130 60.67 8.60 15.00
N GLU H 131 61.04 9.09 16.18
CA GLU H 131 61.48 8.19 17.25
C GLU H 131 60.68 8.39 18.52
N GLU H 132 60.46 7.34 19.29
CA GLU H 132 59.88 7.45 20.61
C GLU H 132 60.81 8.19 21.58
N ASP H 133 60.34 9.28 22.17
CA ASP H 133 61.13 10.03 23.19
C ASP H 133 61.05 9.43 24.59
N GLY H 134 60.23 8.40 24.79
CA GLY H 134 60.06 7.78 26.11
C GLY H 134 58.99 8.33 27.06
N THR H 135 58.35 9.46 26.72
CA THR H 135 57.33 10.06 27.59
C THR H 135 55.95 9.99 26.96
N GLY H 136 55.85 9.29 25.84
CA GLY H 136 54.62 9.21 25.06
C GLY H 136 54.59 10.17 23.89
N CYS H 137 55.76 10.62 23.48
CA CYS H 137 55.84 11.49 22.31
C CYS H 137 56.73 10.88 21.26
N PHE H 138 56.58 11.38 20.05
CA PHE H 138 57.48 11.09 18.96
C PHE H 138 58.24 12.35 18.60
N GLU H 139 59.57 12.26 18.56
CA GLU H 139 60.39 13.30 17.89
C GLU H 139 60.32 13.02 16.39
N ILE H 140 59.75 13.96 15.63
CA ILE H 140 59.56 13.81 14.20
C ILE H 140 60.75 14.47 13.51
N PHE H 141 61.40 13.73 12.61
CA PHE H 141 62.67 14.12 12.07
C PHE H 141 62.51 14.80 10.71
N HIS H 142 61.45 15.59 10.56
CA HIS H 142 61.32 16.52 9.45
C HIS H 142 60.45 17.70 9.89
N LYS H 143 60.39 18.76 9.09
CA LYS H 143 59.46 19.85 9.40
C LYS H 143 58.00 19.36 9.22
N CYS H 144 57.23 19.53 10.28
CA CYS H 144 55.84 19.10 10.30
C CYS H 144 54.96 20.29 10.71
N ASP H 145 54.47 21.00 9.72
CA ASP H 145 53.56 22.13 9.94
C ASP H 145 52.15 21.70 10.44
N ASP H 146 51.31 22.67 10.75
CA ASP H 146 49.98 22.42 11.30
C ASP H 146 49.18 21.46 10.46
N ASP H 147 49.43 21.48 9.17
CA ASP H 147 48.75 20.62 8.21
C ASP H 147 49.30 19.20 8.28
N CYS H 148 50.60 19.06 8.45
CA CYS H 148 51.21 17.75 8.59
C CYS H 148 50.79 17.16 9.96
N MET H 149 50.78 18.00 10.99
CA MET H 149 50.23 17.57 12.28
C MET H 149 48.80 17.08 12.12
N ALA H 150 47.97 17.83 11.42
CA ALA H 150 46.56 17.43 11.32
C ALA H 150 46.44 16.11 10.58
N SER H 151 47.32 15.87 9.63
CA SER H 151 47.29 14.62 8.85
C SER H 151 47.71 13.43 9.69
N ILE H 152 48.50 13.66 10.74
CA ILE H 152 48.85 12.53 11.62
C ILE H 152 47.59 12.16 12.40
N ARG H 153 46.93 13.19 12.94
CA ARG H 153 45.70 13.10 13.71
C ARG H 153 44.58 12.40 12.99
N ASN H 154 44.33 12.75 11.73
CA ASN H 154 43.19 12.16 11.02
C ASN H 154 43.56 10.91 10.20
N ASN H 155 44.76 10.39 10.43
CA ASN H 155 45.22 9.13 9.81
C ASN H 155 45.52 9.18 8.30
N THR H 156 45.95 10.34 7.80
CA THR H 156 46.25 10.48 6.35
C THR H 156 47.72 10.77 6.05
N TYR H 157 48.54 10.90 7.10
CA TYR H 157 49.96 11.10 6.98
C TYR H 157 50.56 10.01 6.10
N ASP H 158 51.30 10.41 5.09
CA ASP H 158 51.93 9.49 4.20
C ASP H 158 53.44 9.59 4.49
N HIS H 159 53.95 8.53 5.09
CA HIS H 159 55.30 8.53 5.57
C HIS H 159 56.31 8.62 4.41
N SER H 160 55.95 8.13 3.23
CA SER H 160 56.83 8.18 2.03
C SER H 160 57.24 9.59 1.62
N LYS H 161 56.30 10.51 1.72
CA LYS H 161 56.54 11.89 1.40
C LYS H 161 57.74 12.46 2.17
N TYR H 162 57.89 12.10 3.43
CA TYR H 162 58.92 12.67 4.25
C TYR H 162 60.10 11.71 4.55
N ARG H 163 60.02 10.45 4.08
CA ARG H 163 61.03 9.44 4.47
C ARG H 163 62.45 9.85 4.16
N GLU H 164 62.73 10.05 2.87
CA GLU H 164 64.02 10.50 2.37
C GLU H 164 64.63 11.51 3.33
N GLU H 165 63.91 12.61 3.56
CA GLU H 165 64.37 13.70 4.45
C GLU H 165 64.54 13.25 5.92
N ALA H 166 63.58 12.50 6.43
CA ALA H 166 63.62 12.10 7.80
C ALA H 166 64.79 11.13 8.08
N MET H 167 64.96 10.10 7.26
CA MET H 167 66.02 9.12 7.50
C MET H 167 67.39 9.76 7.44
N GLN H 168 67.53 10.72 6.54
CA GLN H 168 68.75 11.48 6.41
C GLN H 168 69.00 12.24 7.74
N ASN H 169 67.94 12.82 8.31
CA ASN H 169 68.10 13.59 9.56
C ASN H 169 68.34 12.74 10.80
N ARG H 170 67.94 11.49 10.76
CA ARG H 170 68.19 10.61 11.88
C ARG H 170 69.66 10.21 11.95
N ILE H 171 70.45 10.61 10.94
CA ILE H 171 71.93 10.57 10.94
C ILE H 171 72.56 11.91 10.52
N ASP I 5 -46.53 33.68 -40.16
CA ASP I 5 -45.98 32.43 -40.82
C ASP I 5 -44.47 32.41 -40.96
N LYS I 6 -43.87 31.22 -40.95
CA LYS I 6 -42.42 31.15 -40.89
C LYS I 6 -41.75 29.90 -41.44
N ILE I 7 -40.51 30.09 -41.88
CA ILE I 7 -39.68 28.98 -42.38
C ILE I 7 -38.32 29.05 -41.73
N CYS I 8 -37.81 27.90 -41.31
CA CYS I 8 -36.50 27.79 -40.67
C CYS I 8 -35.57 26.88 -41.44
N LEU I 9 -34.28 27.17 -41.31
CA LEU I 9 -33.26 26.34 -41.89
C LEU I 9 -32.56 25.65 -40.79
N GLY I 10 -32.24 24.39 -41.01
CA GLY I 10 -31.53 23.63 -40.00
C GLY I 10 -30.67 22.52 -40.54
N HIS I 11 -30.07 21.79 -39.61
CA HIS I 11 -29.27 20.66 -39.96
C HIS I 11 -29.51 19.55 -38.98
N HIS I 12 -29.05 18.37 -39.35
CA HIS I 12 -29.37 17.23 -38.54
C HIS I 12 -28.49 17.12 -37.35
N ALA I 13 -28.91 16.22 -36.47
CA ALA I 13 -28.17 15.83 -35.26
C ALA I 13 -28.64 14.44 -34.84
N VAL I 14 -27.95 13.85 -33.88
CA VAL I 14 -28.25 12.50 -33.43
C VAL I 14 -28.03 12.47 -31.94
N SER I 15 -28.44 11.41 -31.28
CA SER I 15 -28.09 11.19 -29.85
C SER I 15 -26.72 10.47 -29.67
N ASN I 16 -26.39 9.54 -30.58
CA ASN I 16 -25.12 8.80 -30.55
C ASN I 16 -23.94 9.53 -31.22
N GLY I 17 -23.60 10.72 -30.75
CA GLY I 17 -22.48 11.47 -31.36
C GLY I 17 -21.14 10.91 -30.98
N THR I 18 -20.14 11.02 -31.85
CA THR I 18 -18.78 10.52 -31.53
C THR I 18 -17.76 11.66 -31.39
N LYS I 19 -16.91 11.57 -30.38
CA LYS I 19 -15.94 12.61 -30.13
C LYS I 19 -14.72 12.48 -31.04
N VAL I 20 -14.21 13.62 -31.50
CA VAL I 20 -13.02 13.70 -32.33
C VAL I 20 -12.23 14.95 -31.89
N ASN I 21 -11.01 15.06 -32.38
CA ASN I 21 -10.18 16.20 -32.07
C ASN I 21 -9.98 17.09 -33.29
N THR I 22 -9.76 18.37 -33.00
CA THR I 22 -9.61 19.39 -33.99
C THR I 22 -8.40 20.19 -33.56
N LEU I 23 -7.98 21.13 -34.39
CA LEU I 23 -6.93 22.07 -34.03
C LEU I 23 -7.27 22.82 -32.72
N THR I 24 -8.56 23.04 -32.43
CA THR I 24 -8.89 23.84 -31.27
C THR I 24 -9.44 23.09 -30.11
N GLU I 25 -10.07 21.94 -30.31
CA GLU I 25 -10.77 21.28 -29.19
C GLU I 25 -10.52 19.79 -29.16
N ARG I 26 -10.37 19.25 -27.96
CA ARG I 26 -10.42 17.81 -27.78
C ARG I 26 -11.87 17.41 -27.58
N GLY I 27 -12.29 16.32 -28.22
CA GLY I 27 -13.61 15.76 -27.96
C GLY I 27 -14.80 16.64 -28.35
N VAL I 28 -14.70 17.32 -29.48
CA VAL I 28 -15.88 17.90 -30.08
C VAL I 28 -16.71 16.75 -30.69
N GLU I 29 -18.03 16.73 -30.44
CA GLU I 29 -18.89 15.65 -30.92
C GLU I 29 -19.30 15.94 -32.35
N VAL I 30 -19.34 14.89 -33.17
CA VAL I 30 -19.74 15.02 -34.54
C VAL I 30 -20.72 13.91 -34.82
N VAL I 31 -21.38 14.04 -35.96
CA VAL I 31 -22.47 13.16 -36.30
C VAL I 31 -21.98 11.79 -36.66
N ASN I 32 -20.80 11.72 -37.23
CA ASN I 32 -20.25 10.45 -37.64
C ASN I 32 -18.75 10.63 -37.81
N ALA I 33 -18.03 9.53 -37.65
CA ALA I 33 -16.56 9.53 -37.69
C ALA I 33 -16.10 8.15 -38.09
N THR I 34 -14.89 8.06 -38.64
CA THR I 34 -14.33 6.79 -39.06
C THR I 34 -12.90 6.69 -38.58
N GLU I 35 -12.49 5.47 -38.26
CA GLU I 35 -11.16 5.23 -37.78
C GLU I 35 -10.15 5.39 -38.91
N THR I 36 -8.94 5.79 -38.53
CA THR I 36 -7.88 6.07 -39.47
C THR I 36 -6.61 5.23 -39.14
N VAL I 37 -6.57 4.64 -37.95
CA VAL I 37 -5.47 3.77 -37.52
C VAL I 37 -5.96 2.34 -37.44
N GLU I 38 -5.33 1.44 -38.19
CA GLU I 38 -5.74 0.04 -38.22
C GLU I 38 -5.25 -0.74 -36.99
N ARG I 39 -6.17 -1.43 -36.30
CA ARG I 39 -5.85 -2.27 -35.14
C ARG I 39 -6.15 -3.74 -35.38
N THR I 40 -6.84 -4.04 -36.47
CA THR I 40 -7.36 -5.35 -36.72
C THR I 40 -6.33 -6.19 -37.45
N ASN I 41 -5.93 -7.24 -36.80
CA ASN I 41 -4.98 -8.13 -37.36
C ASN I 41 -5.62 -9.44 -37.81
N ILE I 42 -5.18 -9.97 -38.93
CA ILE I 42 -5.49 -11.37 -39.29
C ILE I 42 -4.32 -12.30 -38.92
N PRO I 43 -4.51 -13.22 -37.96
CA PRO I 43 -3.41 -14.07 -37.48
C PRO I 43 -3.07 -15.22 -38.44
N ARG I 44 -2.90 -14.90 -39.71
CA ARG I 44 -2.48 -15.85 -40.69
C ARG I 44 -1.62 -15.12 -41.70
N ILE I 45 -0.89 -15.85 -42.51
CA ILE I 45 -0.12 -15.25 -43.57
C ILE I 45 -0.95 -15.40 -44.85
N CYS I 46 -1.56 -14.32 -45.28
CA CYS I 46 -2.42 -14.38 -46.44
C CYS I 46 -1.58 -14.39 -47.70
N SER I 47 -1.57 -15.55 -48.34
CA SER I 47 -0.62 -15.86 -49.40
C SER I 47 -1.22 -15.98 -50.81
N LYS I 48 -2.55 -15.87 -50.92
CA LYS I 48 -3.25 -15.99 -52.21
C LYS I 48 -2.58 -15.22 -53.35
N GLY I 49 -2.33 -15.90 -54.46
CA GLY I 49 -1.78 -15.24 -55.65
C GLY I 49 -0.27 -15.21 -55.70
N LYS I 50 0.37 -15.73 -54.64
CA LYS I 50 1.82 -15.76 -54.55
C LYS I 50 2.35 -17.18 -54.40
N ARG I 51 3.45 -17.47 -55.10
CA ARG I 51 4.14 -18.73 -54.90
C ARG I 51 4.83 -18.63 -53.56
N THR I 52 4.31 -19.38 -52.59
CA THR I 52 4.79 -19.33 -51.22
C THR I 52 5.60 -20.55 -50.89
N VAL I 53 6.67 -20.30 -50.17
CA VAL I 53 7.49 -21.35 -49.61
C VAL I 53 7.54 -21.17 -48.09
N ASP I 54 6.93 -22.09 -47.36
CA ASP I 54 7.04 -22.11 -45.90
C ASP I 54 8.26 -22.99 -45.53
N LEU I 55 9.33 -22.36 -45.05
CA LEU I 55 10.58 -23.08 -44.95
C LEU I 55 10.62 -24.03 -43.79
N GLY I 56 9.72 -23.87 -42.83
CA GLY I 56 9.59 -24.84 -41.74
C GLY I 56 10.88 -25.02 -41.00
N GLN I 57 11.31 -26.27 -40.81
CA GLN I 57 12.55 -26.54 -40.08
C GLN I 57 13.80 -26.18 -40.90
N CYS I 58 13.64 -25.74 -42.13
CA CYS I 58 14.77 -25.32 -42.93
C CYS I 58 15.11 -23.85 -42.78
N GLY I 59 16.30 -23.54 -42.35
CA GLY I 59 16.68 -22.15 -42.29
C GLY I 59 17.12 -21.69 -43.65
N LEU I 60 16.91 -20.41 -43.91
CA LEU I 60 17.05 -19.88 -45.23
C LEU I 60 18.46 -20.08 -45.74
N LEU I 61 19.46 -20.03 -44.91
CA LEU I 61 20.81 -20.14 -45.43
C LEU I 61 21.10 -21.61 -45.75
N GLY I 62 20.33 -22.52 -45.19
CA GLY I 62 20.54 -23.93 -45.46
C GLY I 62 20.14 -24.28 -46.86
N THR I 63 19.34 -23.46 -47.52
CA THR I 63 18.93 -23.77 -48.88
C THR I 63 20.13 -23.73 -49.82
N ILE I 64 21.21 -23.13 -49.38
CA ILE I 64 22.42 -22.98 -50.15
C ILE I 64 23.43 -24.09 -49.89
N THR I 65 23.50 -24.56 -48.64
CA THR I 65 24.42 -25.62 -48.25
C THR I 65 23.76 -27.01 -48.21
N GLY I 66 22.48 -27.05 -47.88
CA GLY I 66 21.68 -28.26 -47.96
C GLY I 66 21.84 -29.27 -46.85
N PRO I 67 21.55 -28.88 -45.61
CA PRO I 67 21.45 -29.89 -44.59
C PRO I 67 20.13 -30.57 -44.78
N PRO I 68 19.93 -31.74 -44.16
CA PRO I 68 18.76 -32.62 -44.43
C PRO I 68 17.44 -31.90 -44.40
N GLN I 69 17.21 -31.07 -43.37
CA GLN I 69 15.97 -30.24 -43.25
C GLN I 69 15.65 -29.39 -44.48
N CYS I 70 16.64 -29.10 -45.31
CA CYS I 70 16.47 -28.23 -46.47
C CYS I 70 16.48 -28.96 -47.83
N ASP I 71 16.50 -30.29 -47.81
CA ASP I 71 16.49 -31.10 -49.03
C ASP I 71 15.42 -30.69 -50.06
N GLN I 72 14.18 -30.46 -49.63
CA GLN I 72 13.09 -29.97 -50.54
C GLN I 72 13.29 -28.57 -51.19
N PHE I 73 14.27 -27.77 -50.73
CA PHE I 73 14.35 -26.39 -51.10
C PHE I 73 15.68 -26.02 -51.77
N LEU I 74 16.47 -27.01 -52.14
CA LEU I 74 17.79 -26.73 -52.72
C LEU I 74 17.71 -25.86 -53.98
N GLU I 75 16.57 -25.90 -54.67
CA GLU I 75 16.38 -25.09 -55.86
C GLU I 75 15.01 -24.43 -55.84
N PHE I 76 14.58 -23.96 -54.66
CA PHE I 76 13.22 -23.44 -54.49
C PHE I 76 12.94 -22.17 -55.31
N SER I 77 11.67 -22.01 -55.70
CA SER I 77 11.16 -20.82 -56.37
C SER I 77 10.06 -20.25 -55.51
N ALA I 78 10.05 -18.92 -55.34
CA ALA I 78 9.04 -18.29 -54.50
C ALA I 78 8.88 -16.82 -54.80
N ASP I 79 7.65 -16.34 -54.65
CA ASP I 79 7.34 -14.91 -54.64
C ASP I 79 7.42 -14.42 -53.19
N LEU I 80 7.00 -15.31 -52.29
CA LEU I 80 6.95 -15.04 -50.87
C LEU I 80 7.67 -16.18 -50.15
N ILE I 81 8.60 -15.84 -49.27
CA ILE I 81 9.39 -16.82 -48.53
C ILE I 81 9.19 -16.65 -47.04
N ILE I 82 8.76 -17.68 -46.33
CA ILE I 82 8.51 -17.58 -44.86
C ILE I 82 9.50 -18.32 -43.96
N GLU I 83 10.21 -17.60 -43.12
CA GLU I 83 11.16 -18.20 -42.22
C GLU I 83 10.45 -18.45 -40.93
N ARG I 84 10.90 -19.48 -40.21
CA ARG I 84 10.27 -19.88 -38.93
C ARG I 84 11.29 -19.96 -37.82
N ARG I 85 10.84 -19.70 -36.60
CA ARG I 85 11.70 -19.77 -35.43
C ARG I 85 12.48 -21.11 -35.34
N GLU I 86 11.86 -22.22 -35.74
CA GLU I 86 12.46 -23.57 -35.64
C GLU I 86 13.53 -23.92 -36.71
N GLY I 87 13.66 -23.08 -37.74
CA GLY I 87 14.54 -23.33 -38.82
C GLY I 87 16.00 -23.22 -38.42
N SER I 88 16.81 -24.18 -38.85
CA SER I 88 18.23 -24.18 -38.62
C SER I 88 18.93 -24.23 -40.00
N ASP I 89 19.99 -23.48 -40.17
CA ASP I 89 20.73 -23.40 -41.45
C ASP I 89 21.76 -24.55 -41.51
N VAL I 90 21.76 -25.38 -40.47
CA VAL I 90 22.92 -26.08 -40.08
C VAL I 90 22.54 -27.49 -39.62
N CYS I 91 23.39 -28.46 -39.91
CA CYS I 91 23.24 -29.79 -39.28
C CYS I 91 24.46 -29.98 -38.38
N TYR I 92 25.62 -30.04 -38.98
CA TYR I 92 26.84 -29.99 -38.21
C TYR I 92 27.00 -28.58 -37.65
N PRO I 93 27.42 -28.48 -36.39
CA PRO I 93 27.40 -27.18 -35.74
C PRO I 93 28.29 -26.15 -36.36
N GLY I 94 27.78 -24.92 -36.40
CA GLY I 94 28.51 -23.81 -36.97
C GLY I 94 27.54 -22.72 -37.35
N LYS I 95 27.99 -21.82 -38.19
CA LYS I 95 27.19 -20.69 -38.58
C LYS I 95 27.76 -20.07 -39.86
N PHE I 96 26.96 -19.26 -40.53
CA PHE I 96 27.48 -18.41 -41.56
C PHE I 96 28.07 -17.10 -41.02
N VAL I 97 29.21 -16.73 -41.57
CA VAL I 97 29.78 -15.43 -41.40
C VAL I 97 29.09 -14.48 -42.37
N ASN I 98 28.89 -13.24 -41.93
CA ASN I 98 28.02 -12.31 -42.64
C ASN I 98 26.66 -12.85 -42.88
N GLU I 99 26.13 -13.54 -41.92
CA GLU I 99 24.86 -14.19 -42.11
C GLU I 99 23.76 -13.24 -42.54
N GLU I 100 23.65 -12.07 -41.95
CA GLU I 100 22.40 -11.27 -42.15
C GLU I 100 22.34 -10.58 -43.51
N ALA I 101 23.48 -10.15 -43.96
CA ALA I 101 23.63 -9.70 -45.32
C ALA I 101 23.16 -10.81 -46.29
N LEU I 102 23.70 -12.01 -46.13
CA LEU I 102 23.30 -13.12 -46.97
C LEU I 102 21.86 -13.39 -46.80
N ARG I 103 21.33 -13.35 -45.60
CA ARG I 103 19.89 -13.64 -45.48
C ARG I 103 19.09 -12.67 -46.31
N GLN I 104 19.50 -11.41 -46.29
CA GLN I 104 18.71 -10.36 -46.93
C GLN I 104 18.70 -10.52 -48.45
N ILE I 105 19.83 -10.97 -48.98
CA ILE I 105 19.96 -11.28 -50.41
C ILE I 105 19.02 -12.42 -50.77
N LEU I 106 18.95 -13.45 -49.94
CA LEU I 106 18.09 -14.58 -50.29
C LEU I 106 16.63 -14.27 -50.13
N ARG I 107 16.27 -13.36 -49.25
CA ARG I 107 14.85 -13.05 -49.05
C ARG I 107 14.21 -12.41 -50.26
N GLU I 108 15.01 -11.67 -51.03
CA GLU I 108 14.51 -10.96 -52.21
C GLU I 108 14.92 -11.65 -53.53
N SER I 109 15.36 -12.91 -53.44
CA SER I 109 16.06 -13.59 -54.53
C SER I 109 15.11 -14.14 -55.56
N GLY I 110 13.90 -14.52 -55.12
CA GLY I 110 12.95 -15.21 -55.97
C GLY I 110 13.13 -16.69 -55.85
N GLY I 111 14.21 -17.10 -55.19
CA GLY I 111 14.60 -18.48 -55.09
C GLY I 111 15.99 -18.59 -55.65
N ILE I 112 16.43 -19.83 -55.83
CA ILE I 112 17.78 -20.12 -56.29
C ILE I 112 17.81 -21.24 -57.30
N ASP I 113 18.77 -21.16 -58.21
CA ASP I 113 19.01 -22.23 -59.19
C ASP I 113 20.43 -22.67 -58.97
N LYS I 114 20.63 -23.96 -58.76
CA LYS I 114 21.97 -24.47 -58.54
C LYS I 114 22.62 -24.96 -59.83
N GLU I 115 23.94 -24.85 -59.87
CA GLU I 115 24.74 -25.25 -60.99
C GLU I 115 26.00 -25.89 -60.44
N ALA I 116 26.34 -27.04 -61.01
CA ALA I 116 27.53 -27.79 -60.64
C ALA I 116 28.80 -27.00 -60.92
N MET I 117 29.77 -27.18 -60.06
CA MET I 117 30.99 -26.40 -60.20
C MET I 117 32.08 -27.18 -60.90
N GLY I 118 31.89 -28.49 -61.00
CA GLY I 118 32.76 -29.30 -61.82
C GLY I 118 34.02 -29.75 -61.13
N PHE I 119 34.14 -29.55 -59.83
CA PHE I 119 35.32 -30.04 -59.14
C PHE I 119 35.34 -31.55 -59.06
N THR I 120 36.52 -32.13 -59.25
CA THR I 120 36.78 -33.55 -58.98
C THR I 120 38.11 -33.64 -58.27
N TYR I 121 38.42 -34.82 -57.74
CA TYR I 121 39.50 -34.96 -56.79
C TYR I 121 40.26 -36.28 -56.90
N SER I 122 41.54 -36.20 -56.52
CA SER I 122 42.43 -37.35 -56.51
C SER I 122 43.33 -37.34 -55.26
N GLY I 123 43.61 -38.53 -54.75
CA GLY I 123 44.49 -38.72 -53.62
C GLY I 123 43.90 -38.40 -52.27
N ILE I 124 42.59 -38.13 -52.22
CA ILE I 124 41.90 -37.78 -50.99
C ILE I 124 40.53 -38.47 -50.87
N ARG I 125 40.05 -38.61 -49.64
CA ARG I 125 38.68 -38.97 -49.42
C ARG I 125 37.87 -37.72 -49.72
N THR I 126 36.63 -37.94 -50.06
CA THR I 126 35.65 -36.94 -50.41
C THR I 126 34.35 -37.20 -49.63
N ASN I 127 34.30 -38.32 -48.89
CA ASN I 127 33.11 -38.85 -48.25
C ASN I 127 33.02 -38.47 -46.77
N GLY I 128 33.62 -37.36 -46.37
CA GLY I 128 33.50 -36.96 -44.98
C GLY I 128 32.03 -36.90 -44.63
N ALA I 129 31.67 -37.45 -43.48
CA ALA I 129 30.31 -37.44 -43.00
C ALA I 129 30.20 -37.31 -41.48
N THR I 130 29.00 -37.08 -41.00
CA THR I 130 28.76 -36.94 -39.56
C THR I 130 27.39 -37.43 -39.17
N SER I 131 27.28 -37.95 -37.97
CA SER I 131 26.01 -38.41 -37.44
C SER I 131 25.09 -37.22 -37.13
N ALA I 132 25.62 -36.00 -37.19
CA ALA I 132 24.80 -34.84 -37.01
C ALA I 132 23.94 -34.49 -38.24
N CYS I 133 24.36 -34.96 -39.41
CA CYS I 133 23.65 -34.72 -40.68
C CYS I 133 23.09 -36.07 -41.10
N ARG I 134 21.93 -36.40 -40.55
CA ARG I 134 21.37 -37.74 -40.65
C ARG I 134 20.45 -37.90 -41.87
N ARG I 135 20.83 -38.79 -42.79
CA ARG I 135 19.91 -39.21 -43.86
C ARG I 135 19.60 -40.69 -43.76
N SER I 136 20.26 -41.53 -44.56
CA SER I 136 20.18 -42.98 -44.35
C SER I 136 21.43 -43.36 -43.58
N GLY I 137 21.47 -42.93 -42.31
CA GLY I 137 22.68 -42.94 -41.50
C GLY I 137 23.51 -41.68 -41.70
N SER I 138 24.75 -41.71 -41.23
CA SER I 138 25.65 -40.57 -41.35
C SER I 138 25.70 -40.03 -42.75
N SER I 139 25.73 -38.70 -42.84
CA SER I 139 25.76 -38.02 -44.10
C SER I 139 26.35 -36.62 -43.91
N PHE I 140 26.13 -35.76 -44.92
CA PHE I 140 26.67 -34.42 -44.91
C PHE I 140 25.82 -33.44 -45.74
N TYR I 141 26.17 -32.15 -45.67
CA TYR I 141 25.51 -31.12 -46.46
C TYR I 141 25.40 -31.55 -47.93
N ALA I 142 24.22 -31.47 -48.51
CA ALA I 142 24.00 -31.92 -49.90
C ALA I 142 24.80 -31.20 -50.95
N GLU I 143 25.19 -29.95 -50.68
CA GLU I 143 25.83 -29.12 -51.68
C GLU I 143 27.31 -28.92 -51.41
N MET I 144 27.89 -29.66 -50.47
CA MET I 144 29.26 -29.49 -50.10
C MET I 144 29.94 -30.84 -49.97
N LYS I 145 31.25 -30.82 -49.87
CA LYS I 145 32.01 -32.02 -49.73
C LYS I 145 33.07 -31.80 -48.71
N TRP I 146 33.05 -32.67 -47.72
CA TRP I 146 34.01 -32.63 -46.66
C TRP I 146 35.16 -33.43 -47.16
N LEU I 147 36.22 -32.73 -47.57
CA LEU I 147 37.47 -33.32 -48.04
C LEU I 147 38.37 -33.74 -46.88
N LEU I 148 38.98 -34.91 -46.98
CA LEU I 148 39.78 -35.49 -45.90
C LEU I 148 41.00 -36.18 -46.49
N SER I 149 42.03 -36.42 -45.68
CA SER I 149 43.19 -37.15 -46.15
C SER I 149 42.79 -38.52 -46.53
N ASN I 150 43.60 -39.14 -47.38
CA ASN I 150 43.21 -40.43 -47.89
C ASN I 150 43.14 -41.50 -46.82
N THR I 151 43.82 -41.27 -45.70
CA THR I 151 43.73 -42.16 -44.53
C THR I 151 44.11 -41.39 -43.27
N ASP I 152 43.84 -41.97 -42.10
CA ASP I 152 44.03 -41.27 -40.82
C ASP I 152 45.47 -40.80 -40.74
N ASN I 153 45.66 -39.55 -40.33
CA ASN I 153 46.99 -38.94 -40.11
C ASN I 153 47.71 -38.56 -41.38
N ALA I 154 47.38 -39.22 -42.49
CA ALA I 154 48.13 -39.05 -43.74
C ALA I 154 48.12 -37.60 -44.25
N ALA I 155 49.08 -37.25 -45.10
CA ALA I 155 49.25 -35.88 -45.53
C ALA I 155 48.19 -35.56 -46.54
N PHE I 156 47.69 -34.34 -46.46
CA PHE I 156 46.66 -33.90 -47.37
C PHE I 156 47.38 -33.11 -48.46
N PRO I 157 47.41 -33.65 -49.68
CA PRO I 157 48.04 -32.98 -50.82
C PRO I 157 47.53 -31.56 -50.98
N GLN I 158 48.44 -30.61 -51.10
CA GLN I 158 48.12 -29.25 -51.46
C GLN I 158 47.41 -29.25 -52.80
N MET I 159 46.26 -28.57 -52.86
CA MET I 159 45.36 -28.59 -54.04
C MET I 159 44.88 -27.26 -54.45
N THR I 160 44.52 -27.17 -55.73
CA THR I 160 43.87 -26.00 -56.28
C THR I 160 42.72 -26.43 -57.17
N LYS I 161 41.61 -25.70 -57.06
CA LYS I 161 40.42 -25.94 -57.84
C LYS I 161 39.87 -24.57 -58.11
N SER I 162 39.46 -24.34 -59.35
CA SER I 162 38.93 -23.06 -59.78
C SER I 162 37.59 -23.26 -60.44
N TYR I 163 36.77 -22.23 -60.43
CA TYR I 163 35.50 -22.31 -61.10
C TYR I 163 35.18 -20.95 -61.68
N LYS I 164 34.82 -20.93 -62.97
CA LYS I 164 34.48 -19.70 -63.67
C LYS I 164 32.97 -19.54 -63.82
N ASN I 165 32.47 -18.34 -63.64
CA ASN I 165 31.04 -18.07 -63.79
C ASN I 165 30.67 -17.72 -65.23
N THR I 166 30.10 -18.68 -65.95
CA THR I 166 29.69 -18.52 -67.34
C THR I 166 28.43 -17.68 -67.56
N ARG I 167 27.60 -17.54 -66.53
CA ARG I 167 26.27 -16.95 -66.71
C ARG I 167 26.35 -15.45 -66.67
N LYS I 168 25.20 -14.83 -66.91
CA LYS I 168 25.06 -13.35 -67.00
C LYS I 168 24.67 -12.71 -65.67
N SER I 169 24.71 -13.50 -64.60
CA SER I 169 24.28 -13.08 -63.28
C SER I 169 25.37 -13.41 -62.29
N PRO I 170 25.41 -12.68 -61.17
CA PRO I 170 26.40 -13.08 -60.17
C PRO I 170 26.02 -14.40 -59.49
N ALA I 171 27.04 -15.21 -59.25
CA ALA I 171 26.89 -16.50 -58.64
C ALA I 171 27.23 -16.42 -57.18
N LEU I 172 26.30 -16.84 -56.33
CA LEU I 172 26.58 -17.05 -54.91
C LEU I 172 27.47 -18.26 -54.66
N ILE I 173 28.68 -18.03 -54.20
CA ILE I 173 29.62 -19.11 -53.86
C ILE I 173 29.76 -19.25 -52.36
N VAL I 174 29.79 -20.47 -51.88
CA VAL I 174 29.85 -20.74 -50.47
C VAL I 174 30.87 -21.83 -50.20
N TRP I 175 31.63 -21.67 -49.13
CA TRP I 175 32.52 -22.69 -48.68
C TRP I 175 32.56 -22.66 -47.16
N GLY I 176 33.29 -23.59 -46.59
CA GLY I 176 33.28 -23.80 -45.19
C GLY I 176 34.66 -24.15 -44.73
N ILE I 177 34.95 -23.82 -43.49
CA ILE I 177 36.22 -24.13 -42.88
C ILE I 177 35.88 -25.01 -41.71
N HIS I 178 36.62 -26.10 -41.57
CA HIS I 178 36.39 -26.98 -40.44
C HIS I 178 37.33 -26.66 -39.31
N HIS I 179 36.73 -26.38 -38.17
CA HIS I 179 37.43 -26.08 -36.93
C HIS I 179 37.31 -27.30 -36.06
N SER I 180 38.40 -28.03 -35.94
CA SER I 180 38.42 -29.27 -35.19
C SER I 180 38.47 -29.02 -33.67
N VAL I 181 38.23 -30.07 -32.89
CA VAL I 181 38.22 -29.93 -31.44
C VAL I 181 39.65 -29.72 -30.89
N SER I 182 40.63 -30.37 -31.51
CA SER I 182 42.02 -30.40 -31.06
C SER I 182 42.96 -30.53 -32.26
N THR I 183 44.16 -29.98 -32.17
CA THR I 183 45.15 -30.18 -33.23
C THR I 183 45.40 -31.66 -33.53
N ALA I 184 45.21 -32.51 -32.52
CA ALA I 184 45.23 -33.94 -32.70
C ALA I 184 44.11 -34.47 -33.62
N GLU I 185 42.91 -33.93 -33.50
CA GLU I 185 41.84 -34.31 -34.41
C GLU I 185 42.14 -33.72 -35.79
N GLN I 186 42.52 -32.46 -35.85
CA GLN I 186 42.83 -31.86 -37.14
C GLN I 186 43.96 -32.58 -37.89
N THR I 187 44.69 -33.43 -37.21
CA THR I 187 45.77 -34.19 -37.82
C THR I 187 45.26 -35.54 -38.30
N LYS I 188 44.42 -36.17 -37.52
CA LYS I 188 43.73 -37.35 -37.94
C LYS I 188 43.08 -37.09 -39.33
N LEU I 189 42.40 -35.97 -39.49
CA LEU I 189 41.59 -35.74 -40.67
C LEU I 189 42.43 -35.28 -41.84
N TYR I 190 43.31 -34.31 -41.60
CA TYR I 190 44.04 -33.66 -42.68
C TYR I 190 45.56 -33.76 -42.59
N GLY I 191 46.08 -34.54 -41.64
CA GLY I 191 47.52 -34.66 -41.43
C GLY I 191 48.11 -33.50 -40.67
N SER I 192 49.31 -33.72 -40.13
CA SER I 192 50.02 -32.69 -39.36
C SER I 192 50.45 -31.53 -40.27
N GLY I 193 51.11 -30.54 -39.68
CA GLY I 193 51.51 -29.36 -40.39
C GLY I 193 50.45 -28.32 -40.19
N ASN I 194 50.76 -27.07 -40.52
CA ASN I 194 49.78 -25.99 -40.47
C ASN I 194 48.85 -26.06 -41.66
N LYS I 195 47.60 -25.69 -41.44
CA LYS I 195 46.57 -25.74 -42.46
C LYS I 195 46.16 -24.33 -42.85
N LEU I 196 45.96 -24.16 -44.15
CA LEU I 196 45.66 -22.87 -44.72
C LEU I 196 44.72 -23.08 -45.90
N VAL I 197 43.76 -22.16 -46.04
CA VAL I 197 42.81 -22.16 -47.12
C VAL I 197 42.76 -20.77 -47.75
N THR I 198 43.20 -20.68 -49.01
CA THR I 198 43.25 -19.39 -49.72
C THR I 198 42.24 -19.41 -50.82
N VAL I 199 41.49 -18.34 -50.86
CA VAL I 199 40.31 -18.23 -51.67
C VAL I 199 40.50 -16.96 -52.46
N GLY I 200 40.88 -17.11 -53.73
CA GLY I 200 41.12 -15.96 -54.63
C GLY I 200 40.16 -15.78 -55.79
N SER I 201 39.61 -14.58 -55.92
CA SER I 201 38.99 -14.18 -57.18
C SER I 201 39.76 -13.00 -57.75
N SER I 202 39.17 -12.29 -58.70
CA SER I 202 39.71 -11.01 -59.18
C SER I 202 39.54 -9.89 -58.12
N ASN I 203 38.42 -9.89 -57.38
CA ASN I 203 38.01 -8.80 -56.48
C ASN I 203 37.92 -9.22 -55.02
N TYR I 204 38.81 -10.13 -54.63
CA TYR I 204 38.69 -10.88 -53.38
C TYR I 204 39.84 -11.87 -53.32
N GLN I 205 40.72 -11.66 -52.36
CA GLN I 205 41.57 -12.72 -51.85
C GLN I 205 41.48 -12.61 -50.34
N GLN I 206 41.55 -13.76 -49.69
CA GLN I 206 41.41 -13.85 -48.25
C GLN I 206 41.97 -15.18 -47.84
N SER I 207 42.47 -15.21 -46.63
CA SER I 207 42.97 -16.42 -46.07
C SER I 207 42.02 -16.85 -44.92
N PHE I 208 42.07 -18.13 -44.59
CA PHE I 208 41.28 -18.71 -43.52
C PHE I 208 42.15 -19.76 -42.91
N VAL I 209 42.19 -19.75 -41.58
CA VAL I 209 42.95 -20.76 -40.86
C VAL I 209 41.94 -21.49 -40.00
N PRO I 210 42.01 -22.82 -39.98
CA PRO I 210 41.25 -23.46 -38.94
C PRO I 210 41.86 -23.07 -37.60
N SER I 211 41.01 -22.74 -36.65
CA SER I 211 41.40 -22.57 -35.28
C SER I 211 40.79 -23.73 -34.50
N PRO I 212 41.53 -24.86 -34.43
CA PRO I 212 41.12 -25.92 -33.54
C PRO I 212 41.25 -25.50 -32.08
N GLY I 213 40.37 -26.04 -31.26
CA GLY I 213 40.29 -25.64 -29.88
C GLY I 213 39.07 -26.23 -29.21
N ALA I 214 39.18 -26.49 -27.92
CA ALA I 214 38.10 -27.14 -27.21
C ALA I 214 36.93 -26.17 -27.12
N ARG I 215 35.72 -26.71 -27.13
CA ARG I 215 34.51 -25.90 -27.01
C ARG I 215 33.34 -26.79 -26.69
N PRO I 216 32.21 -26.19 -26.28
CA PRO I 216 31.09 -27.02 -25.84
C PRO I 216 30.55 -27.92 -26.94
N GLN I 217 30.18 -29.12 -26.55
CA GLN I 217 29.44 -30.04 -27.40
C GLN I 217 28.09 -29.42 -27.73
N VAL I 218 27.82 -29.29 -29.03
CA VAL I 218 26.49 -29.00 -29.55
C VAL I 218 26.09 -30.26 -30.32
N ASN I 219 24.98 -30.89 -29.94
CA ASN I 219 24.56 -32.18 -30.54
C ASN I 219 25.56 -33.28 -30.20
N GLY I 220 26.25 -33.17 -29.08
CA GLY I 220 27.35 -34.06 -28.75
C GLY I 220 28.67 -33.81 -29.50
N LEU I 221 28.74 -32.86 -30.45
CA LEU I 221 30.02 -32.52 -31.16
C LEU I 221 30.63 -31.17 -30.83
N SER I 222 31.95 -31.14 -30.71
CA SER I 222 32.65 -29.92 -30.42
C SER I 222 33.30 -29.31 -31.66
N GLY I 223 33.07 -29.93 -32.80
CA GLY I 223 33.56 -29.42 -34.05
C GLY I 223 32.62 -28.32 -34.52
N ARG I 224 33.12 -27.49 -35.42
CA ARG I 224 32.34 -26.50 -36.04
C ARG I 224 32.71 -26.41 -37.47
N ILE I 225 31.71 -26.24 -38.31
CA ILE I 225 31.98 -25.82 -39.67
C ILE I 225 31.35 -24.47 -39.84
N ASP I 226 32.16 -23.46 -40.15
CA ASP I 226 31.62 -22.15 -40.40
C ASP I 226 31.71 -21.79 -41.88
N PHE I 227 30.59 -21.29 -42.39
CA PHE I 227 30.44 -20.99 -43.80
C PHE I 227 30.71 -19.53 -44.15
N HIS I 228 31.49 -19.36 -45.22
CA HIS I 228 31.77 -18.08 -45.80
C HIS I 228 31.23 -18.03 -47.21
N TRP I 229 30.89 -16.83 -47.66
CA TRP I 229 30.41 -16.68 -49.01
C TRP I 229 30.95 -15.45 -49.73
N LEU I 230 30.82 -15.47 -51.07
CA LEU I 230 31.08 -14.31 -51.94
C LEU I 230 30.26 -14.37 -53.19
N MET I 231 29.97 -13.20 -53.74
CA MET I 231 29.42 -13.06 -55.09
C MET I 231 30.55 -13.06 -56.12
N LEU I 232 30.57 -14.08 -56.98
CA LEU I 232 31.46 -14.12 -58.16
C LEU I 232 30.72 -13.49 -59.32
N ASN I 233 31.34 -12.50 -59.96
CA ASN I 233 30.71 -11.75 -61.05
C ASN I 233 30.74 -12.51 -62.36
N PRO I 234 29.82 -12.19 -63.27
CA PRO I 234 29.87 -12.78 -64.62
C PRO I 234 31.29 -12.80 -65.20
N ASN I 235 31.71 -13.94 -65.71
CA ASN I 235 33.01 -14.07 -66.37
C ASN I 235 34.23 -14.13 -65.42
N ASP I 236 33.98 -13.97 -64.12
CA ASP I 236 35.03 -14.06 -63.09
C ASP I 236 35.29 -15.53 -62.68
N THR I 237 36.45 -15.78 -62.07
CA THR I 237 36.82 -17.11 -61.62
C THR I 237 37.15 -17.09 -60.12
N VAL I 238 36.77 -18.12 -59.38
CA VAL I 238 37.18 -18.20 -58.01
C VAL I 238 38.12 -19.36 -57.87
N THR I 239 39.20 -19.17 -57.13
CA THR I 239 40.21 -20.21 -56.98
C THR I 239 40.39 -20.56 -55.51
N PHE I 240 40.55 -21.85 -55.22
CA PHE I 240 40.56 -22.34 -53.87
C PHE I 240 41.82 -23.16 -53.73
N SER I 241 42.66 -22.77 -52.76
CA SER I 241 43.90 -23.52 -52.57
C SER I 241 43.88 -23.94 -51.12
N PHE I 242 44.26 -25.18 -50.82
CA PHE I 242 44.05 -25.67 -49.50
C PHE I 242 44.83 -26.93 -49.29
N ASN I 243 45.18 -27.19 -48.03
CA ASN I 243 45.76 -28.47 -47.71
C ASN I 243 45.00 -29.16 -46.57
N GLY I 244 43.74 -28.77 -46.35
CA GLY I 244 42.89 -29.41 -45.36
C GLY I 244 41.88 -28.47 -44.76
N ALA I 245 41.03 -29.00 -43.89
CA ALA I 245 40.04 -28.19 -43.16
C ALA I 245 39.09 -27.41 -44.06
N PHE I 246 38.92 -27.89 -45.29
CA PHE I 246 38.15 -27.22 -46.31
C PHE I 246 36.90 -28.04 -46.61
N ILE I 247 35.78 -27.36 -46.63
CA ILE I 247 34.49 -27.92 -46.93
C ILE I 247 34.07 -27.31 -48.26
N ALA I 248 34.16 -28.11 -49.31
CA ALA I 248 34.19 -27.55 -50.68
C ALA I 248 32.82 -27.53 -51.26
N PRO I 249 32.50 -26.47 -51.98
CA PRO I 249 31.22 -26.45 -52.64
C PRO I 249 31.21 -27.39 -53.86
N ASP I 250 30.07 -28.00 -54.04
CA ASP I 250 29.75 -28.87 -55.12
C ASP I 250 28.99 -28.00 -56.15
N ARG I 251 28.11 -27.12 -55.66
CA ARG I 251 27.28 -26.31 -56.55
C ARG I 251 27.30 -24.83 -56.17
N ALA I 252 27.10 -23.99 -57.19
CA ALA I 252 26.95 -22.55 -57.03
C ALA I 252 25.49 -22.19 -57.22
N SER I 253 25.07 -21.04 -56.73
CA SER I 253 23.66 -20.66 -56.72
C SER I 253 23.47 -19.36 -57.45
N PHE I 254 22.42 -19.24 -58.22
CA PHE I 254 22.08 -18.02 -58.92
C PHE I 254 20.67 -17.68 -58.48
N LEU I 255 20.42 -16.39 -58.30
CA LEU I 255 19.20 -15.90 -57.74
C LEU I 255 18.25 -15.90 -58.88
N ARG I 256 17.01 -16.30 -58.64
CA ARG I 256 16.04 -16.45 -59.73
C ARG I 256 15.46 -15.15 -60.25
N GLY I 257 14.97 -14.30 -59.37
CA GLY I 257 14.30 -13.06 -59.76
C GLY I 257 13.97 -12.17 -58.57
N LYS I 258 12.67 -12.09 -58.22
CA LYS I 258 12.18 -11.21 -57.15
C LYS I 258 11.32 -11.98 -56.17
N SER I 259 11.54 -11.71 -54.88
CA SER I 259 10.68 -12.23 -53.82
C SER I 259 10.66 -11.27 -52.67
N MET I 260 9.75 -11.52 -51.76
CA MET I 260 9.80 -10.92 -50.45
C MET I 260 9.86 -12.02 -49.40
N GLY I 261 10.63 -11.80 -48.35
CA GLY I 261 10.69 -12.75 -47.26
C GLY I 261 10.28 -12.18 -45.93
N ILE I 262 9.60 -12.98 -45.13
CA ILE I 262 9.21 -12.56 -43.80
C ILE I 262 9.53 -13.64 -42.79
N GLN I 263 9.47 -13.28 -41.53
CA GLN I 263 9.58 -14.20 -40.42
C GLN I 263 8.25 -14.26 -39.72
N SER I 264 7.80 -15.44 -39.34
CA SER I 264 6.45 -15.54 -38.79
C SER I 264 6.20 -16.80 -38.00
N GLY I 265 5.27 -16.68 -37.06
CA GLY I 265 4.88 -17.78 -36.21
C GLY I 265 3.43 -18.17 -36.35
N VAL I 266 2.80 -17.88 -37.51
CA VAL I 266 1.40 -18.28 -37.72
C VAL I 266 1.18 -19.01 -39.04
N GLN I 267 0.04 -19.69 -39.17
CA GLN I 267 -0.22 -20.51 -40.37
C GLN I 267 -0.28 -19.70 -41.66
N VAL I 268 0.03 -20.38 -42.76
CA VAL I 268 -0.19 -19.84 -44.09
C VAL I 268 -1.65 -20.00 -44.38
N ASP I 269 -2.20 -19.09 -45.18
CA ASP I 269 -3.57 -19.19 -45.66
C ASP I 269 -3.64 -18.73 -47.11
N ALA I 270 -3.68 -19.69 -48.03
CA ALA I 270 -3.76 -19.37 -49.46
C ALA I 270 -5.12 -18.84 -49.95
N ASN I 271 -6.08 -18.60 -49.03
CA ASN I 271 -7.41 -18.11 -49.41
C ASN I 271 -7.54 -16.60 -49.39
N CYS I 272 -7.08 -15.96 -48.31
CA CYS I 272 -7.10 -14.50 -48.22
C CYS I 272 -5.92 -13.87 -48.97
N GLU I 273 -6.11 -12.69 -49.54
CA GLU I 273 -5.02 -11.99 -50.20
C GLU I 273 -4.48 -10.90 -49.28
N GLY I 274 -3.16 -10.70 -49.30
CA GLY I 274 -2.52 -9.69 -48.45
C GLY I 274 -1.23 -9.18 -49.07
N ASP I 275 -0.81 -7.98 -48.67
CA ASP I 275 0.47 -7.42 -49.13
C ASP I 275 1.33 -6.85 -48.01
N CYS I 276 0.84 -6.93 -46.76
CA CYS I 276 1.52 -6.33 -45.58
C CYS I 276 1.53 -7.35 -44.47
N TYR I 277 2.72 -7.82 -44.11
CA TYR I 277 2.84 -8.90 -43.17
C TYR I 277 3.70 -8.53 -42.01
N HIS I 278 3.58 -9.29 -40.96
CA HIS I 278 4.45 -9.16 -39.79
C HIS I 278 4.40 -10.50 -39.12
N SER I 279 5.20 -10.70 -38.08
CA SER I 279 5.35 -12.04 -37.56
C SER I 279 4.05 -12.66 -37.13
N GLY I 280 3.10 -11.83 -36.69
CA GLY I 280 1.84 -12.30 -36.12
C GLY I 280 0.68 -12.29 -37.11
N GLY I 281 0.94 -12.02 -38.38
CA GLY I 281 -0.10 -12.21 -39.37
C GLY I 281 -0.04 -11.21 -40.50
N THR I 282 -1.22 -10.81 -40.94
CA THR I 282 -1.36 -9.96 -42.11
C THR I 282 -2.27 -8.79 -41.76
N ILE I 283 -1.92 -7.63 -42.27
CA ILE I 283 -2.67 -6.42 -42.01
C ILE I 283 -3.39 -6.11 -43.30
N ILE I 284 -4.70 -6.32 -43.32
CA ILE I 284 -5.49 -5.96 -44.48
C ILE I 284 -6.34 -4.72 -44.19
N SER I 285 -6.02 -3.64 -44.89
CA SER I 285 -6.54 -2.34 -44.55
C SER I 285 -6.28 -1.38 -45.65
N ASN I 286 -7.18 -0.43 -45.84
CA ASN I 286 -6.87 0.73 -46.66
C ASN I 286 -6.49 1.92 -45.78
N LEU I 287 -6.53 1.75 -44.46
CA LEU I 287 -6.34 2.88 -43.60
C LEU I 287 -4.93 3.32 -43.78
N PRO I 288 -4.66 4.60 -43.63
CA PRO I 288 -3.31 5.08 -43.96
C PRO I 288 -2.31 4.78 -42.86
N PHE I 289 -2.79 4.42 -41.66
CA PHE I 289 -1.93 4.19 -40.50
C PHE I 289 -2.27 2.86 -39.84
N GLN I 290 -1.34 2.29 -39.07
CA GLN I 290 -1.59 1.09 -38.23
C GLN I 290 -0.82 1.12 -36.94
N ASN I 291 -1.34 0.44 -35.92
CA ASN I 291 -0.76 0.44 -34.57
C ASN I 291 -0.54 -0.99 -34.09
N ILE I 292 -0.43 -1.88 -35.06
CA ILE I 292 -0.21 -3.30 -34.82
C ILE I 292 1.28 -3.61 -34.60
N ASP I 293 2.12 -3.28 -35.58
CA ASP I 293 3.52 -3.68 -35.56
C ASP I 293 4.43 -2.76 -36.37
N SER I 294 5.42 -2.18 -35.70
CA SER I 294 6.35 -1.28 -36.35
C SER I 294 7.27 -1.95 -37.33
N ARG I 295 7.43 -3.26 -37.24
CA ARG I 295 8.33 -3.95 -38.18
C ARG I 295 7.59 -4.62 -39.34
N ALA I 296 6.32 -4.29 -39.51
CA ALA I 296 5.56 -4.81 -40.62
C ALA I 296 6.29 -4.54 -41.92
N VAL I 297 6.14 -5.44 -42.88
CA VAL I 297 6.82 -5.30 -44.17
C VAL I 297 5.92 -5.66 -45.31
N GLY I 298 6.33 -5.30 -46.51
CA GLY I 298 5.44 -5.32 -47.69
C GLY I 298 4.97 -3.90 -48.01
N LYS I 299 3.78 -3.79 -48.56
CA LYS I 299 3.16 -2.47 -48.76
C LYS I 299 2.19 -2.26 -47.63
N CYS I 300 2.50 -1.30 -46.76
CA CYS I 300 1.84 -1.17 -45.45
C CYS I 300 1.34 0.22 -45.11
N PRO I 301 0.29 0.29 -44.26
CA PRO I 301 -0.02 1.57 -43.68
C PRO I 301 1.15 1.93 -42.76
N ARG I 302 1.36 3.21 -42.53
CA ARG I 302 2.50 3.63 -41.76
C ARG I 302 2.24 3.42 -40.29
N TYR I 303 3.21 2.87 -39.60
CA TYR I 303 3.04 2.54 -38.21
C TYR I 303 2.99 3.82 -37.41
N VAL I 304 2.01 3.93 -36.51
CA VAL I 304 1.96 5.05 -35.60
C VAL I 304 1.76 4.56 -34.18
N LYS I 305 2.05 5.43 -33.22
CA LYS I 305 2.07 5.13 -31.79
C LYS I 305 0.69 5.02 -31.20
N GLN I 306 -0.24 5.78 -31.76
CA GLN I 306 -1.58 5.96 -31.18
C GLN I 306 -2.43 4.75 -31.52
N ARG I 307 -3.37 4.38 -30.65
CA ARG I 307 -4.27 3.29 -30.98
C ARG I 307 -5.41 3.80 -31.88
N SER I 308 -5.77 5.07 -31.76
CA SER I 308 -6.96 5.56 -32.46
C SER I 308 -6.86 7.02 -32.81
N LEU I 309 -7.29 7.35 -34.03
CA LEU I 309 -7.41 8.72 -34.47
C LEU I 309 -8.67 8.81 -35.35
N LEU I 310 -9.75 9.39 -34.83
CA LEU I 310 -11.01 9.38 -35.56
C LEU I 310 -11.11 10.61 -36.44
N LEU I 311 -11.56 10.37 -37.67
CA LEU I 311 -11.67 11.37 -38.70
C LEU I 311 -13.14 11.62 -38.89
N ALA I 312 -13.56 12.86 -38.70
CA ALA I 312 -14.97 13.19 -38.72
C ALA I 312 -15.43 12.99 -40.12
N THR I 313 -16.58 12.33 -40.27
CA THR I 313 -17.22 12.18 -41.57
C THR I 313 -18.61 12.77 -41.57
N GLY I 314 -18.91 13.58 -40.56
CA GLY I 314 -20.11 14.40 -40.55
C GLY I 314 -19.87 15.70 -39.80
N MET I 315 -20.93 16.49 -39.65
CA MET I 315 -20.83 17.82 -39.06
C MET I 315 -20.85 17.76 -37.56
N LYS I 316 -20.61 18.90 -36.92
CA LYS I 316 -20.74 19.02 -35.46
C LYS I 316 -22.13 18.56 -35.03
N ASN I 317 -22.19 17.86 -33.93
CA ASN I 317 -23.43 17.39 -33.43
C ASN I 317 -23.91 18.35 -32.35
N VAL I 318 -25.02 19.03 -32.62
CA VAL I 318 -25.57 19.94 -31.63
C VAL I 318 -26.98 19.50 -31.29
N PRO I 319 -27.13 18.64 -30.30
CA PRO I 319 -28.49 18.15 -30.01
C PRO I 319 -29.18 19.13 -29.07
N GLU I 320 -30.51 19.02 -28.90
CA GLU I 320 -31.19 19.74 -27.80
C GLU I 320 -31.29 18.86 -26.54
N ALA J 5 -42.62 26.99 -30.81
CA ALA J 5 -42.71 25.59 -31.31
C ALA J 5 -41.73 25.28 -32.48
N ILE J 6 -40.91 26.26 -32.94
CA ILE J 6 -39.99 26.08 -34.13
C ILE J 6 -38.73 26.96 -34.16
N ALA J 7 -37.56 26.36 -34.35
CA ALA J 7 -36.29 27.10 -34.43
C ALA J 7 -35.31 26.52 -35.44
N GLY J 8 -34.35 27.36 -35.85
CA GLY J 8 -33.36 27.00 -36.86
C GLY J 8 -31.98 26.65 -36.31
N PHE J 9 -31.00 26.66 -37.20
CA PHE J 9 -29.66 26.20 -36.89
C PHE J 9 -28.88 27.03 -35.91
N ILE J 10 -29.14 28.32 -35.79
CA ILE J 10 -28.41 29.08 -34.78
C ILE J 10 -28.60 28.46 -33.40
N GLU J 11 -29.81 28.04 -33.04
CA GLU J 11 -30.06 27.40 -31.72
C GLU J 11 -29.41 26.01 -31.55
N ASN J 12 -29.73 25.09 -32.47
CA ASN J 12 -29.27 23.70 -32.39
C ASN J 12 -29.68 22.86 -33.60
N GLY J 13 -29.31 21.61 -33.58
CA GLY J 13 -29.59 20.72 -34.67
C GLY J 13 -30.90 20.10 -34.42
N TRP J 14 -31.39 19.40 -35.45
CA TRP J 14 -32.69 18.71 -35.46
C TRP J 14 -32.50 17.20 -35.49
N GLU J 15 -32.76 16.54 -34.37
CA GLU J 15 -32.74 15.06 -34.33
C GLU J 15 -33.77 14.41 -35.26
N GLY J 16 -34.88 15.10 -35.49
CA GLY J 16 -35.95 14.61 -36.35
C GLY J 16 -35.65 14.60 -37.85
N LEU J 17 -34.53 15.19 -38.26
CA LEU J 17 -34.21 15.29 -39.69
C LEU J 17 -33.32 14.10 -40.07
N ILE J 18 -33.92 13.11 -40.74
CA ILE J 18 -33.28 11.82 -41.02
C ILE J 18 -33.08 11.52 -42.52
N ASP J 19 -33.75 12.30 -43.37
CA ASP J 19 -33.68 12.21 -44.84
C ASP J 19 -32.55 13.09 -45.42
N GLY J 20 -31.69 13.67 -44.58
CA GLY J 20 -30.75 14.66 -45.09
C GLY J 20 -29.97 15.34 -43.99
N TRP J 21 -28.98 16.12 -44.39
CA TRP J 21 -28.11 16.79 -43.46
C TRP J 21 -28.66 18.18 -43.16
N TYR J 22 -29.28 18.78 -44.17
CA TYR J 22 -29.86 20.10 -44.07
C TYR J 22 -31.30 20.08 -44.49
N GLY J 23 -32.08 21.02 -43.98
CA GLY J 23 -33.50 20.99 -44.23
C GLY J 23 -34.26 22.28 -43.97
N PHE J 24 -35.55 22.18 -44.22
CA PHE J 24 -36.46 23.25 -43.98
C PHE J 24 -37.53 22.77 -43.01
N ARG J 25 -37.88 23.64 -42.09
CA ARG J 25 -38.99 23.39 -41.18
C ARG J 25 -39.89 24.60 -41.22
N HIS J 26 -41.15 24.41 -41.53
CA HIS J 26 -42.07 25.53 -41.68
C HIS J 26 -43.27 25.42 -40.77
N GLN J 27 -43.94 26.54 -40.58
CA GLN J 27 -45.08 26.65 -39.72
C GLN J 27 -46.02 27.59 -40.44
N ASN J 28 -47.18 27.09 -40.80
CA ASN J 28 -48.23 27.95 -41.35
C ASN J 28 -49.58 27.58 -40.75
N ALA J 29 -50.65 28.10 -41.33
CA ALA J 29 -51.99 27.72 -40.89
C ALA J 29 -52.23 26.18 -40.95
N GLN J 30 -51.80 25.52 -42.02
CA GLN J 30 -51.93 24.06 -42.12
C GLN J 30 -51.06 23.29 -41.14
N GLY J 31 -50.17 23.96 -40.43
CA GLY J 31 -49.34 23.30 -39.41
C GLY J 31 -47.85 23.29 -39.68
N GLU J 32 -47.18 22.29 -39.13
CA GLU J 32 -45.73 22.17 -39.15
C GLU J 32 -45.36 21.10 -40.17
N GLY J 33 -44.20 21.27 -40.82
CA GLY J 33 -43.64 20.26 -41.70
C GLY J 33 -42.14 20.43 -41.88
N THR J 34 -41.43 19.29 -41.99
CA THR J 34 -39.97 19.27 -42.20
C THR J 34 -39.61 18.54 -43.51
N ALA J 35 -38.64 19.09 -44.26
CA ALA J 35 -38.18 18.47 -45.52
C ALA J 35 -36.70 18.70 -45.71
N ALA J 36 -36.01 17.66 -46.17
CA ALA J 36 -34.57 17.73 -46.48
C ALA J 36 -34.29 18.47 -47.80
N ASP J 37 -33.25 19.29 -47.82
CA ASP J 37 -32.73 19.86 -49.05
C ASP J 37 -31.64 18.92 -49.60
N TYR J 38 -31.86 18.42 -50.81
CA TYR J 38 -31.03 17.39 -51.40
C TYR J 38 -29.70 17.99 -51.85
N LYS J 39 -29.74 19.08 -52.61
CA LYS J 39 -28.52 19.67 -53.17
C LYS J 39 -27.44 19.98 -52.11
N SER J 40 -27.81 20.64 -51.03
CA SER J 40 -26.79 21.07 -50.05
C SER J 40 -26.28 19.89 -49.23
N THR J 41 -27.16 18.92 -48.99
CA THR J 41 -26.74 17.67 -48.40
C THR J 41 -25.66 17.00 -49.26
N GLN J 42 -25.94 16.86 -50.55
CA GLN J 42 -25.06 16.13 -51.45
C GLN J 42 -23.74 16.85 -51.61
N SER J 43 -23.81 18.17 -51.77
CA SER J 43 -22.60 18.95 -51.79
C SER J 43 -21.71 18.60 -50.60
N ALA J 44 -22.27 18.60 -49.39
CA ALA J 44 -21.48 18.31 -48.20
C ALA J 44 -20.95 16.89 -48.26
N ILE J 45 -21.82 15.95 -48.54
CA ILE J 45 -21.40 14.57 -48.56
C ILE J 45 -20.24 14.38 -49.53
N ASP J 46 -20.33 15.00 -50.70
CA ASP J 46 -19.32 14.77 -51.75
C ASP J 46 -17.96 15.35 -51.37
N GLN J 47 -17.97 16.44 -50.63
CA GLN J 47 -16.73 16.97 -50.14
C GLN J 47 -16.07 16.04 -49.10
N ILE J 48 -16.87 15.47 -48.19
CA ILE J 48 -16.40 14.46 -47.23
C ILE J 48 -15.94 13.21 -47.95
N THR J 49 -16.76 12.69 -48.86
CA THR J 49 -16.33 11.57 -49.70
C THR J 49 -14.98 11.86 -50.39
N GLY J 50 -14.78 13.08 -50.88
CA GLY J 50 -13.48 13.47 -51.43
C GLY J 50 -12.31 13.46 -50.44
N LYS J 51 -12.56 13.75 -49.16
CA LYS J 51 -11.53 13.61 -48.12
C LYS J 51 -11.17 12.16 -47.92
N LEU J 52 -12.19 11.34 -47.74
CA LEU J 52 -11.98 9.93 -47.63
C LEU J 52 -11.17 9.33 -48.80
N ASN J 53 -11.56 9.62 -50.04
CA ASN J 53 -10.84 9.08 -51.18
C ASN J 53 -9.36 9.42 -51.12
N ARG J 54 -9.05 10.60 -50.62
CA ARG J 54 -7.69 11.05 -50.53
C ARG J 54 -6.95 10.46 -49.32
N LEU J 55 -7.64 10.21 -48.20
CA LEU J 55 -6.98 9.74 -46.96
C LEU J 55 -6.95 8.24 -46.79
N ILE J 56 -7.83 7.56 -47.50
CA ILE J 56 -7.88 6.10 -47.54
C ILE J 56 -6.93 5.51 -48.59
N GLU J 57 -5.87 6.25 -48.88
CA GLU J 57 -4.87 5.86 -49.86
C GLU J 57 -3.95 4.79 -49.26
N LYS J 58 -3.45 3.94 -50.18
CA LYS J 58 -2.41 2.94 -49.91
C LYS J 58 -1.08 3.45 -50.45
N THR J 59 -0.01 3.29 -49.67
CA THR J 59 1.33 3.47 -50.23
C THR J 59 1.60 2.34 -51.21
N ASN J 60 2.20 2.67 -52.35
CA ASN J 60 2.72 1.66 -53.27
C ASN J 60 4.20 1.30 -52.98
N GLN J 61 4.75 1.77 -51.86
CA GLN J 61 6.13 1.54 -51.54
C GLN J 61 6.26 0.35 -50.60
N GLN J 62 7.12 -0.57 -51.02
CA GLN J 62 7.37 -1.80 -50.30
C GLN J 62 8.60 -1.68 -49.47
N PHE J 63 8.52 -2.12 -48.22
CA PHE J 63 9.70 -2.14 -47.38
C PHE J 63 10.02 -3.58 -47.02
N GLU J 64 11.31 -3.86 -46.81
CA GLU J 64 11.77 -5.19 -46.52
C GLU J 64 12.37 -5.20 -45.12
N LEU J 65 12.58 -6.38 -44.55
CA LEU J 65 13.18 -6.51 -43.24
C LEU J 65 14.63 -6.02 -43.32
N ILE J 66 15.07 -5.25 -42.33
CA ILE J 66 16.53 -4.96 -42.17
C ILE J 66 17.03 -5.46 -40.83
N ASP J 67 16.21 -6.28 -40.22
CA ASP J 67 16.24 -6.58 -38.83
C ASP J 67 15.84 -8.03 -38.70
N ASN J 68 16.13 -8.67 -37.58
CA ASN J 68 15.83 -10.08 -37.44
C ASN J 68 15.21 -10.36 -36.05
N GLU J 69 14.00 -10.89 -36.06
CA GLU J 69 13.26 -11.22 -34.84
C GLU J 69 13.82 -12.47 -34.16
N PHE J 70 14.43 -13.37 -34.91
CA PHE J 70 14.88 -14.67 -34.35
C PHE J 70 16.34 -14.69 -33.94
N ASN J 71 17.16 -14.01 -34.72
CA ASN J 71 18.58 -14.02 -34.49
C ASN J 71 19.08 -12.59 -34.62
N GLU J 72 19.22 -11.96 -33.46
CA GLU J 72 19.42 -10.54 -33.35
C GLU J 72 20.68 -10.12 -34.12
N VAL J 73 20.58 -9.00 -34.83
CA VAL J 73 21.70 -8.47 -35.60
C VAL J 73 22.72 -7.88 -34.63
N GLU J 74 23.84 -7.52 -35.19
CA GLU J 74 24.96 -6.99 -34.44
C GLU J 74 24.45 -5.71 -33.74
N LYS J 75 24.89 -5.49 -32.53
CA LYS J 75 24.34 -4.46 -31.68
C LYS J 75 24.47 -3.02 -32.17
N GLN J 76 25.59 -2.68 -32.76
CA GLN J 76 25.76 -1.32 -33.23
C GLN J 76 24.77 -0.99 -34.32
N ILE J 77 24.67 -1.85 -35.33
CA ILE J 77 23.77 -1.58 -36.44
C ILE J 77 22.33 -1.65 -35.95
N GLY J 78 22.04 -2.55 -35.02
CA GLY J 78 20.72 -2.71 -34.43
C GLY J 78 20.25 -1.45 -33.73
N ASN J 79 21.17 -0.80 -33.02
CA ASN J 79 20.84 0.43 -32.38
C ASN J 79 20.62 1.54 -33.36
N VAL J 80 21.39 1.57 -34.47
CA VAL J 80 21.13 2.59 -35.48
C VAL J 80 19.78 2.37 -36.14
N ILE J 81 19.47 1.12 -36.45
CA ILE J 81 18.21 0.79 -37.07
C ILE J 81 17.08 1.18 -36.16
N ASN J 82 17.20 0.86 -34.87
CA ASN J 82 16.10 1.17 -33.91
C ASN J 82 15.90 2.67 -33.72
N TRP J 83 16.99 3.42 -33.71
CA TRP J 83 16.92 4.86 -33.64
C TRP J 83 16.24 5.43 -34.87
N THR J 84 16.60 4.91 -36.04
CA THR J 84 16.00 5.44 -37.24
C THR J 84 14.52 5.13 -37.23
N ARG J 85 14.16 3.90 -36.91
CA ARG J 85 12.81 3.50 -36.98
C ARG J 85 11.99 4.30 -36.00
N ASP J 86 12.48 4.48 -34.78
CA ASP J 86 11.77 5.30 -33.80
C ASP J 86 11.62 6.74 -34.28
N SER J 87 12.64 7.31 -34.91
CA SER J 87 12.51 8.66 -35.44
C SER J 87 11.44 8.78 -36.49
N ILE J 88 11.36 7.79 -37.37
CA ILE J 88 10.33 7.75 -38.40
C ILE J 88 8.96 7.62 -37.75
N THR J 89 8.84 6.77 -36.74
CA THR J 89 7.58 6.60 -36.05
C THR J 89 7.08 7.90 -35.38
N GLU J 90 8.00 8.71 -34.87
CA GLU J 90 7.64 10.00 -34.30
C GLU J 90 7.10 10.94 -35.37
N VAL J 91 7.81 11.03 -36.49
CA VAL J 91 7.34 11.75 -37.64
C VAL J 91 5.95 11.33 -38.02
N TRP J 92 5.74 10.05 -38.34
CA TRP J 92 4.39 9.67 -38.79
C TRP J 92 3.29 9.87 -37.73
N SER J 93 3.62 9.62 -36.47
CA SER J 93 2.67 9.80 -35.41
C SER J 93 2.24 11.26 -35.30
N TYR J 94 3.15 12.17 -35.60
CA TYR J 94 2.86 13.59 -35.53
C TYR J 94 2.08 13.96 -36.76
N ASN J 95 2.49 13.49 -37.92
CA ASN J 95 1.75 13.71 -39.11
C ASN J 95 0.32 13.25 -38.98
N ALA J 96 0.10 12.07 -38.41
CA ALA J 96 -1.25 11.50 -38.37
C ALA J 96 -2.17 12.25 -37.39
N GLU J 97 -1.63 12.69 -36.26
CA GLU J 97 -2.38 13.55 -35.34
C GLU J 97 -2.74 14.87 -35.99
N LEU J 98 -1.80 15.45 -36.69
CA LEU J 98 -2.04 16.70 -37.38
C LEU J 98 -3.00 16.57 -38.51
N LEU J 99 -2.88 15.52 -39.29
CA LEU J 99 -3.76 15.33 -40.40
C LEU J 99 -5.22 15.32 -39.89
N VAL J 100 -5.50 14.47 -38.93
CA VAL J 100 -6.84 14.32 -38.47
C VAL J 100 -7.40 15.60 -37.82
N ALA J 101 -6.61 16.24 -36.96
CA ALA J 101 -7.00 17.46 -36.33
C ALA J 101 -7.38 18.50 -37.34
N MET J 102 -6.54 18.65 -38.34
CA MET J 102 -6.72 19.66 -39.34
C MET J 102 -7.89 19.34 -40.24
N GLU J 103 -7.98 18.09 -40.69
CA GLU J 103 -9.12 17.69 -41.52
C GLU J 103 -10.42 17.82 -40.75
N ASN J 104 -10.42 17.52 -39.46
CA ASN J 104 -11.63 17.63 -38.71
C ASN J 104 -12.08 19.06 -38.55
N GLN J 105 -11.14 19.97 -38.29
CA GLN J 105 -11.45 21.41 -38.20
C GLN J 105 -12.10 21.82 -39.51
N HIS J 106 -11.52 21.34 -40.62
CA HIS J 106 -11.99 21.77 -41.91
C HIS J 106 -13.36 21.16 -42.24
N THR J 107 -13.58 19.93 -41.84
CA THR J 107 -14.85 19.26 -42.11
C THR J 107 -15.99 19.96 -41.38
N ILE J 108 -15.81 20.17 -40.10
CA ILE J 108 -16.73 20.91 -39.34
C ILE J 108 -17.06 22.30 -39.94
N ASP J 109 -16.05 23.06 -40.33
CA ASP J 109 -16.27 24.42 -40.82
C ASP J 109 -16.96 24.35 -42.16
N LEU J 110 -16.66 23.32 -42.90
CA LEU J 110 -17.22 23.13 -44.21
C LEU J 110 -18.74 22.90 -44.17
N ALA J 111 -19.14 22.04 -43.25
CA ALA J 111 -20.53 21.73 -43.03
C ALA J 111 -21.33 22.95 -42.55
N ASP J 112 -20.75 23.71 -41.63
CA ASP J 112 -21.33 24.98 -41.16
C ASP J 112 -21.48 25.94 -42.33
N SER J 113 -20.48 25.93 -43.21
CA SER J 113 -20.46 26.82 -44.33
C SER J 113 -21.52 26.45 -45.37
N GLU J 114 -21.83 25.17 -45.52
CA GLU J 114 -22.97 24.83 -46.37
C GLU J 114 -24.30 25.29 -45.78
N MET J 115 -24.46 25.17 -44.48
CA MET J 115 -25.67 25.63 -43.79
C MET J 115 -25.86 27.11 -44.10
N ASP J 116 -24.81 27.90 -43.88
CA ASP J 116 -24.83 29.33 -44.16
C ASP J 116 -25.21 29.65 -45.59
N LYS J 117 -24.77 28.84 -46.53
CA LYS J 117 -24.99 29.12 -47.94
C LYS J 117 -26.47 28.95 -48.28
N LEU J 118 -27.08 27.93 -47.69
CA LEU J 118 -28.49 27.65 -47.87
C LEU J 118 -29.34 28.76 -47.27
N TYR J 119 -29.06 29.08 -46.02
CA TYR J 119 -29.70 30.21 -45.36
C TYR J 119 -29.62 31.44 -46.23
N GLU J 120 -28.44 31.76 -46.70
CA GLU J 120 -28.24 32.99 -47.47
C GLU J 120 -29.01 32.95 -48.78
N ARG J 121 -29.18 31.77 -49.36
CA ARG J 121 -29.88 31.61 -50.62
C ARG J 121 -31.41 31.85 -50.45
N VAL J 122 -31.95 31.36 -49.34
CA VAL J 122 -33.35 31.58 -49.02
C VAL J 122 -33.56 33.04 -48.68
N LYS J 123 -32.71 33.61 -47.84
CA LYS J 123 -32.84 35.02 -47.55
C LYS J 123 -32.99 35.78 -48.85
N ARG J 124 -32.21 35.43 -49.85
CA ARG J 124 -32.21 36.21 -51.09
C ARG J 124 -33.37 35.91 -52.00
N GLN J 125 -33.94 34.70 -51.91
CA GLN J 125 -35.22 34.43 -52.55
C GLN J 125 -36.35 35.29 -51.96
N LEU J 126 -36.36 35.42 -50.64
CA LEU J 126 -37.44 36.09 -49.99
C LEU J 126 -37.38 37.58 -50.14
N ARG J 127 -36.23 38.13 -50.49
CA ARG J 127 -36.08 39.57 -50.74
C ARG J 127 -36.66 40.39 -49.60
N GLU J 128 -37.67 41.22 -49.89
CA GLU J 128 -38.19 42.16 -48.94
C GLU J 128 -39.49 41.65 -48.30
N ASN J 129 -39.83 40.40 -48.51
CA ASN J 129 -41.02 39.80 -47.96
C ASN J 129 -40.87 39.13 -46.62
N ALA J 130 -39.66 39.03 -46.08
CA ALA J 130 -39.50 38.32 -44.82
C ALA J 130 -38.44 38.97 -43.99
N GLU J 131 -38.39 38.67 -42.70
CA GLU J 131 -37.29 39.14 -41.86
C GLU J 131 -36.60 37.99 -41.14
N GLU J 132 -35.31 38.11 -40.91
CA GLU J 132 -34.57 37.18 -40.05
C GLU J 132 -35.01 37.30 -38.59
N ASP J 133 -35.48 36.19 -38.00
CA ASP J 133 -35.86 36.15 -36.56
C ASP J 133 -34.68 35.98 -35.61
N GLY J 134 -33.47 35.76 -36.14
CA GLY J 134 -32.28 35.54 -35.30
C GLY J 134 -31.93 34.09 -34.91
N THR J 135 -32.80 33.12 -35.18
CA THR J 135 -32.56 31.73 -34.75
C THR J 135 -32.36 30.83 -35.96
N GLY J 136 -32.28 31.43 -37.13
CA GLY J 136 -32.18 30.70 -38.38
C GLY J 136 -33.50 30.54 -39.08
N CYS J 137 -34.46 31.38 -38.74
CA CYS J 137 -35.74 31.38 -39.43
C CYS J 137 -36.04 32.72 -40.04
N PHE J 138 -36.96 32.70 -40.98
CA PHE J 138 -37.53 33.91 -41.54
C PHE J 138 -38.97 34.02 -41.10
N GLU J 139 -39.35 35.16 -40.55
CA GLU J 139 -40.79 35.51 -40.40
C GLU J 139 -41.25 36.01 -41.76
N ILE J 140 -42.18 35.30 -42.40
CA ILE J 140 -42.70 35.66 -43.71
C ILE J 140 -43.95 36.52 -43.50
N PHE J 141 -44.00 37.67 -44.15
CA PHE J 141 -44.99 38.68 -43.88
C PHE J 141 -46.14 38.59 -44.90
N HIS J 142 -46.49 37.40 -45.31
CA HIS J 142 -47.73 37.15 -46.04
C HIS J 142 -48.20 35.72 -45.76
N LYS J 143 -49.42 35.39 -46.14
CA LYS J 143 -49.85 34.00 -46.01
C LYS J 143 -49.07 33.10 -46.99
N CYS J 144 -48.48 32.06 -46.44
CA CYS J 144 -47.67 31.15 -47.22
C CYS J 144 -48.16 29.73 -46.96
N ASP J 145 -49.03 29.26 -47.83
CA ASP J 145 -49.54 27.89 -47.76
C ASP J 145 -48.48 26.83 -48.14
N ASP J 146 -48.84 25.55 -48.00
CA ASP J 146 -47.93 24.45 -48.25
C ASP J 146 -47.28 24.52 -49.62
N ASP J 147 -47.99 25.11 -50.56
CA ASP J 147 -47.51 25.27 -51.91
C ASP J 147 -46.50 26.41 -52.00
N CYS J 148 -46.73 27.47 -51.26
CA CYS J 148 -45.80 28.59 -51.24
C CYS J 148 -44.54 28.13 -50.48
N MET J 149 -44.73 27.40 -49.39
CA MET J 149 -43.60 26.79 -48.72
C MET J 149 -42.80 25.91 -49.67
N ALA J 150 -43.47 25.06 -50.44
CA ALA J 150 -42.73 24.15 -51.32
C ALA J 150 -41.96 24.94 -52.38
N SER J 151 -42.50 26.05 -52.81
CA SER J 151 -41.84 26.87 -53.81
C SER J 151 -40.60 27.55 -53.23
N ILE J 152 -40.55 27.78 -51.92
CA ILE J 152 -39.34 28.38 -51.34
C ILE J 152 -38.24 27.32 -51.42
N ARG J 153 -38.61 26.11 -50.99
CA ARG J 153 -37.77 24.93 -50.97
C ARG J 153 -37.17 24.59 -52.31
N ASN J 154 -37.96 24.57 -53.37
CA ASN J 154 -37.46 24.16 -54.68
C ASN J 154 -36.95 25.33 -55.53
N ASN J 155 -36.80 26.50 -54.91
CA ASN J 155 -36.21 27.68 -55.56
C ASN J 155 -37.06 28.34 -56.66
N THR J 156 -38.39 28.26 -56.55
CA THR J 156 -39.28 28.88 -57.56
C THR J 156 -40.14 30.04 -57.02
N TYR J 157 -40.02 30.32 -55.72
CA TYR J 157 -40.73 31.42 -55.07
C TYR J 157 -40.45 32.70 -55.81
N ASP J 158 -41.50 33.41 -56.17
CA ASP J 158 -41.37 34.65 -56.90
C ASP J 158 -41.81 35.74 -55.94
N HIS J 159 -40.83 36.52 -55.48
CA HIS J 159 -41.05 37.46 -54.43
C HIS J 159 -42.00 38.58 -54.86
N SER J 160 -42.03 38.89 -56.16
CA SER J 160 -42.93 39.92 -56.72
C SER J 160 -44.41 39.67 -56.46
N LYS J 161 -44.81 38.42 -56.57
CA LYS J 161 -46.17 38.02 -56.34
C LYS J 161 -46.66 38.49 -54.97
N TYR J 162 -45.82 38.40 -53.94
CA TYR J 162 -46.25 38.70 -52.59
C TYR J 162 -45.71 40.05 -52.06
N ARG J 163 -44.88 40.75 -52.84
CA ARG J 163 -44.19 41.95 -52.32
C ARG J 163 -45.16 42.99 -51.79
N GLU J 164 -46.02 43.51 -52.67
CA GLU J 164 -47.05 44.47 -52.34
C GLU J 164 -47.63 44.19 -50.95
N GLU J 165 -48.18 42.99 -50.79
CA GLU J 165 -48.79 42.56 -49.50
C GLU J 165 -47.78 42.50 -48.34
N ALA J 166 -46.61 41.94 -48.61
CA ALA J 166 -45.65 41.75 -47.55
C ALA J 166 -45.11 43.09 -47.04
N MET J 167 -44.72 43.99 -47.94
CA MET J 167 -44.14 45.27 -47.50
C MET J 167 -45.16 46.07 -46.72
N GLN J 168 -46.41 45.98 -47.12
CA GLN J 168 -47.49 46.64 -46.42
C GLN J 168 -47.57 46.07 -45.00
N ASN J 169 -47.43 44.75 -44.85
CA ASN J 169 -47.51 44.12 -43.52
C ASN J 169 -46.31 44.38 -42.63
N ARG J 170 -45.18 44.70 -43.22
CA ARG J 170 -44.01 45.01 -42.43
C ARG J 170 -44.12 46.38 -41.77
N ILE J 171 -45.19 47.11 -42.12
CA ILE J 171 -45.64 48.34 -41.41
C ILE J 171 -47.14 48.30 -41.07
N ASP K 5 -28.37 58.36 -33.13
CA ASP K 5 -27.67 57.49 -32.10
C ASP K 5 -27.06 56.21 -32.67
N LYS K 6 -26.01 55.70 -32.03
CA LYS K 6 -25.27 54.62 -32.63
C LYS K 6 -24.46 53.70 -31.74
N ILE K 7 -24.30 52.46 -32.21
CA ILE K 7 -23.50 51.45 -31.51
C ILE K 7 -22.54 50.81 -32.48
N CYS K 8 -21.30 50.61 -32.04
CA CYS K 8 -20.25 49.99 -32.84
C CYS K 8 -19.70 48.74 -32.19
N LEU K 9 -19.23 47.83 -33.05
CA LEU K 9 -18.59 46.61 -32.57
C LEU K 9 -17.17 46.72 -32.92
N GLY K 10 -16.32 46.28 -32.01
CA GLY K 10 -14.90 46.32 -32.27
C GLY K 10 -14.11 45.26 -31.54
N HIS K 11 -12.80 45.36 -31.69
CA HIS K 11 -11.91 44.46 -31.01
C HIS K 11 -10.70 45.21 -30.57
N HIS K 12 -9.92 44.56 -29.71
CA HIS K 12 -8.83 45.26 -29.09
C HIS K 12 -7.64 45.31 -30.00
N ALA K 13 -6.70 46.15 -29.60
CA ALA K 13 -5.39 46.33 -30.24
C ALA K 13 -4.43 46.91 -29.21
N VAL K 14 -3.16 46.95 -29.56
CA VAL K 14 -2.12 47.37 -28.63
C VAL K 14 -1.08 48.10 -29.45
N SER K 15 -0.17 48.80 -28.79
CA SER K 15 0.98 49.41 -29.49
C SER K 15 2.17 48.41 -29.65
N ASN K 16 2.38 47.56 -28.65
CA ASN K 16 3.44 46.54 -28.68
C ASN K 16 3.06 45.23 -29.40
N GLY K 17 2.72 45.32 -30.68
CA GLY K 17 2.37 44.12 -31.44
C GLY K 17 3.58 43.29 -31.79
N THR K 18 3.43 41.98 -31.88
CA THR K 18 4.58 41.10 -32.28
C THR K 18 4.36 40.46 -33.64
N LYS K 19 5.39 40.41 -34.47
CA LYS K 19 5.30 39.86 -35.79
C LYS K 19 5.37 38.35 -35.79
N VAL K 20 4.56 37.70 -36.64
CA VAL K 20 4.54 36.26 -36.82
C VAL K 20 4.34 35.99 -38.31
N ASN K 21 4.53 34.73 -38.70
CA ASN K 21 4.31 34.34 -40.06
C ASN K 21 3.08 33.47 -40.21
N THR K 22 2.50 33.54 -41.40
CA THR K 22 1.29 32.83 -41.74
C THR K 22 1.55 32.17 -43.10
N LEU K 23 0.61 31.39 -43.57
CA LEU K 23 0.65 30.85 -44.92
C LEU K 23 0.80 31.95 -45.98
N THR K 24 0.26 33.15 -45.72
CA THR K 24 0.27 34.18 -46.74
C THR K 24 1.23 35.32 -46.52
N GLU K 25 1.59 35.62 -45.27
CA GLU K 25 2.41 36.83 -45.01
C GLU K 25 3.54 36.60 -44.03
N ARG K 26 4.69 37.21 -44.29
CA ARG K 26 5.72 37.28 -43.28
C ARG K 26 5.48 38.52 -42.45
N GLY K 27 5.62 38.40 -41.15
CA GLY K 27 5.54 39.56 -40.28
C GLY K 27 4.20 40.28 -40.24
N VAL K 28 3.12 39.53 -40.23
CA VAL K 28 1.84 40.10 -39.82
C VAL K 28 1.87 40.31 -38.28
N GLU K 29 1.45 41.49 -37.83
CA GLU K 29 1.49 41.78 -36.39
C GLU K 29 0.26 41.19 -35.74
N VAL K 30 0.43 40.66 -34.54
CA VAL K 30 -0.66 40.15 -33.76
C VAL K 30 -0.55 40.70 -32.36
N VAL K 31 -1.59 40.49 -31.58
CA VAL K 31 -1.71 41.09 -30.27
C VAL K 31 -0.80 40.42 -29.28
N ASN K 32 -0.56 39.16 -29.48
CA ASN K 32 0.26 38.40 -28.58
C ASN K 32 0.72 37.14 -29.30
N ALA K 33 1.87 36.63 -28.87
CA ALA K 33 2.50 35.46 -29.50
C ALA K 33 3.37 34.78 -28.47
N THR K 34 3.62 33.49 -28.65
CA THR K 34 4.47 32.73 -27.74
C THR K 34 5.45 31.90 -28.54
N GLU K 35 6.65 31.72 -28.00
CA GLU K 35 7.68 30.99 -28.64
C GLU K 35 7.32 29.50 -28.66
N THR K 36 7.84 28.81 -29.67
CA THR K 36 7.57 27.42 -29.88
C THR K 36 8.88 26.59 -29.98
N VAL K 37 10.01 27.28 -30.15
CA VAL K 37 11.34 26.64 -30.20
C VAL K 37 12.12 27.01 -28.95
N GLU K 38 12.53 26.00 -28.19
CA GLU K 38 13.26 26.24 -26.95
C GLU K 38 14.74 26.60 -27.21
N ARG K 39 15.20 27.71 -26.62
CA ARG K 39 16.60 28.14 -26.69
C ARG K 39 17.30 28.15 -25.34
N THR K 40 16.54 27.98 -24.28
CA THR K 40 17.02 28.18 -22.93
C THR K 40 17.60 26.89 -22.42
N ASN K 41 18.87 26.93 -22.12
CA ASN K 41 19.54 25.80 -21.59
C ASN K 41 19.85 25.97 -20.09
N ILE K 42 19.72 24.90 -19.33
CA ILE K 42 20.29 24.85 -17.98
C ILE K 42 21.65 24.11 -18.01
N PRO K 43 22.76 24.83 -17.70
CA PRO K 43 24.09 24.21 -17.79
C PRO K 43 24.44 23.27 -16.63
N ARG K 44 23.53 22.37 -16.30
CA ARG K 44 23.75 21.39 -15.27
C ARG K 44 23.04 20.12 -15.71
N ILE K 45 23.37 19.00 -15.09
CA ILE K 45 22.67 17.78 -15.36
C ILE K 45 21.64 17.60 -14.26
N CYS K 46 20.39 17.87 -14.56
CA CYS K 46 19.34 17.81 -13.55
C CYS K 46 18.97 16.37 -13.29
N SER K 47 19.36 15.91 -12.12
CA SER K 47 19.35 14.48 -11.79
C SER K 47 18.30 14.06 -10.74
N LYS K 48 17.57 15.03 -10.18
CA LYS K 48 16.57 14.75 -9.14
C LYS K 48 15.66 13.56 -9.46
N GLY K 49 15.54 12.65 -8.50
CA GLY K 49 14.64 11.51 -8.66
C GLY K 49 15.27 10.31 -9.33
N LYS K 50 16.54 10.43 -9.72
CA LYS K 50 17.27 9.35 -10.39
C LYS K 50 18.53 8.98 -9.64
N ARG K 51 18.78 7.68 -9.58
CA ARG K 51 20.04 7.20 -9.02
C ARG K 51 21.09 7.51 -10.08
N THR K 52 21.93 8.49 -9.77
CA THR K 52 22.95 8.96 -10.68
C THR K 52 24.32 8.47 -10.30
N VAL K 53 25.06 8.09 -11.32
CA VAL K 53 26.48 7.77 -11.17
C VAL K 53 27.27 8.71 -12.06
N ASP K 54 28.06 9.60 -11.47
CA ASP K 54 29.02 10.42 -12.22
C ASP K 54 30.35 9.66 -12.29
N LEU K 55 30.69 9.14 -13.47
CA LEU K 55 31.79 8.21 -13.54
C LEU K 55 33.16 8.86 -13.41
N GLY K 56 33.23 10.16 -13.61
CA GLY K 56 34.45 10.89 -13.38
C GLY K 56 35.60 10.34 -14.19
N GLN K 57 36.74 10.08 -13.53
CA GLN K 57 37.91 9.56 -14.24
C GLN K 57 37.72 8.09 -14.68
N CYS K 58 36.62 7.46 -14.31
CA CYS K 58 36.37 6.08 -14.72
C CYS K 58 35.62 5.99 -16.04
N GLY K 59 36.21 5.35 -17.02
CA GLY K 59 35.50 5.17 -18.27
C GLY K 59 34.57 3.98 -18.12
N LEU K 60 33.46 4.04 -18.86
CA LEU K 60 32.38 3.13 -18.65
C LEU K 60 32.84 1.72 -18.87
N LEU K 61 33.75 1.47 -19.79
CA LEU K 61 34.11 0.09 -20.04
C LEU K 61 35.02 -0.42 -18.92
N GLY K 62 35.62 0.49 -18.17
CA GLY K 62 36.49 0.08 -17.07
C GLY K 62 35.70 -0.48 -15.92
N THR K 63 34.40 -0.24 -15.86
CA THR K 63 33.61 -0.79 -14.80
C THR K 63 33.55 -2.30 -14.90
N ILE K 64 33.88 -2.84 -16.06
CA ILE K 64 33.85 -4.27 -16.32
C ILE K 64 35.19 -4.96 -16.06
N THR K 65 36.28 -4.25 -16.35
CA THR K 65 37.63 -4.77 -16.15
C THR K 65 38.28 -4.29 -14.84
N GLY K 66 37.94 -3.09 -14.41
CA GLY K 66 38.33 -2.59 -13.12
C GLY K 66 39.75 -2.07 -12.98
N PRO K 67 40.12 -1.08 -13.78
CA PRO K 67 41.35 -0.41 -13.46
C PRO K 67 41.10 0.48 -12.24
N PRO K 68 42.16 0.97 -11.59
CA PRO K 68 42.06 1.69 -10.27
C PRO K 68 41.02 2.78 -10.25
N GLN K 69 40.99 3.63 -11.27
CA GLN K 69 39.98 4.70 -11.41
C GLN K 69 38.53 4.23 -11.27
N CYS K 70 38.27 2.96 -11.53
CA CYS K 70 36.91 2.41 -11.54
C CYS K 70 36.55 1.54 -10.31
N ASP K 71 37.45 1.46 -9.35
CA ASP K 71 37.25 0.65 -8.15
C ASP K 71 35.90 0.85 -7.47
N GLN K 72 35.46 2.10 -7.30
CA GLN K 72 34.11 2.40 -6.73
C GLN K 72 32.88 1.90 -7.55
N PHE K 73 33.06 1.49 -8.81
CA PHE K 73 31.95 1.23 -9.71
C PHE K 73 31.88 -0.19 -10.23
N LEU K 74 32.66 -1.09 -9.64
CA LEU K 74 32.72 -2.46 -10.17
C LEU K 74 31.36 -3.15 -10.17
N GLU K 75 30.45 -2.70 -9.30
CA GLU K 75 29.12 -3.26 -9.22
C GLU K 75 28.08 -2.14 -9.11
N PHE K 76 28.30 -1.05 -9.87
CA PHE K 76 27.45 0.13 -9.73
C PHE K 76 26.00 -0.10 -10.16
N SER K 77 25.10 0.66 -9.52
CA SER K 77 23.67 0.71 -9.86
C SER K 77 23.33 2.13 -10.22
N ALA K 78 22.55 2.31 -11.29
CA ALA K 78 22.19 3.65 -11.72
C ALA K 78 20.96 3.67 -12.61
N ASP K 79 20.17 4.73 -12.48
CA ASP K 79 19.11 5.05 -13.43
C ASP K 79 19.69 5.93 -14.55
N LEU K 80 20.63 6.79 -14.16
CA LEU K 80 21.29 7.72 -15.03
C LEU K 80 22.80 7.57 -14.86
N ILE K 81 23.52 7.41 -15.96
CA ILE K 81 24.98 7.19 -15.94
C ILE K 81 25.66 8.28 -16.70
N ILE K 82 26.58 9.02 -16.08
CA ILE K 82 27.28 10.14 -16.77
C ILE K 82 28.76 9.89 -17.11
N GLU K 83 29.10 9.90 -18.38
CA GLU K 83 30.47 9.69 -18.78
C GLU K 83 31.09 11.05 -18.92
N ARG K 84 32.41 11.11 -18.71
CA ARG K 84 33.17 12.37 -18.77
C ARG K 84 34.32 12.28 -19.70
N ARG K 85 34.69 13.41 -20.28
CA ARG K 85 35.83 13.48 -21.20
C ARG K 85 37.11 12.84 -20.61
N GLU K 86 37.33 13.01 -19.31
CA GLU K 86 38.56 12.54 -18.63
C GLU K 86 38.62 11.03 -18.29
N GLY K 87 37.51 10.34 -18.48
CA GLY K 87 37.42 8.94 -18.14
C GLY K 87 38.23 8.08 -19.07
N SER K 88 38.95 7.12 -18.51
CA SER K 88 39.72 6.16 -19.25
C SER K 88 39.24 4.75 -18.83
N ASP K 89 39.09 3.85 -19.79
CA ASP K 89 38.62 2.48 -19.55
C ASP K 89 39.80 1.59 -19.13
N VAL K 90 40.97 2.21 -19.03
CA VAL K 90 42.20 1.51 -19.20
C VAL K 90 43.24 2.04 -18.17
N CYS K 91 44.08 1.16 -17.67
CA CYS K 91 45.27 1.60 -16.93
C CYS K 91 46.46 1.19 -17.78
N TYR K 92 46.67 -0.10 -17.96
CA TYR K 92 47.66 -0.55 -18.93
C TYR K 92 47.13 -0.24 -20.30
N PRO K 93 48.00 0.24 -21.19
CA PRO K 93 47.53 0.71 -22.48
C PRO K 93 46.86 -0.34 -23.33
N GLY K 94 45.81 0.08 -24.01
CA GLY K 94 45.06 -0.78 -24.90
C GLY K 94 43.68 -0.21 -25.09
N LYS K 95 42.78 -1.04 -25.54
CA LYS K 95 41.44 -0.60 -25.86
C LYS K 95 40.52 -1.82 -25.98
N PHE K 96 39.22 -1.58 -25.88
CA PHE K 96 38.25 -2.60 -26.22
C PHE K 96 37.99 -2.66 -27.71
N VAL K 97 37.93 -3.87 -28.23
CA VAL K 97 37.42 -4.14 -29.54
C VAL K 97 35.89 -4.16 -29.46
N ASN K 98 35.24 -3.66 -30.50
CA ASN K 98 33.82 -3.39 -30.47
C ASN K 98 33.42 -2.52 -29.34
N GLU K 99 34.23 -1.54 -29.05
CA GLU K 99 33.97 -0.69 -27.91
C GLU K 99 32.60 -0.05 -27.92
N GLU K 100 32.14 0.47 -29.04
CA GLU K 100 30.93 1.33 -28.99
C GLU K 100 29.63 0.54 -28.79
N ALA K 101 29.59 -0.62 -29.37
CA ALA K 101 28.51 -1.54 -29.14
C ALA K 101 28.44 -1.84 -27.63
N LEU K 102 29.57 -2.23 -27.05
CA LEU K 102 29.62 -2.49 -25.63
C LEU K 102 29.25 -1.26 -24.88
N ARG K 103 29.70 -0.08 -25.26
CA ARG K 103 29.34 1.07 -24.46
C ARG K 103 27.85 1.20 -24.42
N GLN K 104 27.20 0.96 -25.55
CA GLN K 104 25.78 1.22 -25.68
C GLN K 104 24.96 0.28 -24.81
N ILE K 105 25.44 -0.95 -24.70
CA ILE K 105 24.85 -1.94 -23.82
C ILE K 105 24.97 -1.50 -22.39
N LEU K 106 26.11 -0.96 -21.99
CA LEU K 106 26.27 -0.59 -20.61
C LEU K 106 25.51 0.66 -20.25
N ARG K 107 25.26 1.52 -21.22
CA ARG K 107 24.57 2.79 -20.91
C ARG K 107 23.13 2.55 -20.50
N GLU K 108 22.53 1.48 -21.03
CA GLU K 108 21.14 1.18 -20.76
C GLU K 108 20.97 0.00 -19.79
N SER K 109 22.06 -0.34 -19.10
CA SER K 109 22.16 -1.58 -18.36
C SER K 109 21.46 -1.53 -17.01
N GLY K 110 21.43 -0.32 -16.41
CA GLY K 110 20.99 -0.16 -15.05
C GLY K 110 22.14 -0.28 -14.08
N GLY K 111 23.28 -0.73 -14.59
CA GLY K 111 24.42 -1.05 -13.78
C GLY K 111 24.77 -2.50 -14.02
N ILE K 112 25.67 -3.02 -13.20
CA ILE K 112 26.19 -4.37 -13.35
C ILE K 112 26.31 -5.08 -12.03
N ASP K 113 26.13 -6.41 -12.06
CA ASP K 113 26.37 -7.26 -10.89
C ASP K 113 27.44 -8.25 -11.30
N LYS K 114 28.51 -8.35 -10.53
CA LYS K 114 29.58 -9.26 -10.86
C LYS K 114 29.41 -10.60 -10.14
N GLU K 115 29.90 -11.64 -10.79
CA GLU K 115 29.85 -12.99 -10.27
C GLU K 115 31.17 -13.66 -10.62
N ALA K 116 31.73 -14.33 -9.64
CA ALA K 116 32.98 -15.05 -9.79
C ALA K 116 32.86 -16.17 -10.82
N MET K 117 33.92 -16.41 -11.55
CA MET K 117 33.87 -17.40 -12.60
C MET K 117 34.45 -18.73 -12.15
N GLY K 118 35.15 -18.71 -11.03
CA GLY K 118 35.59 -19.94 -10.42
C GLY K 118 36.86 -20.53 -10.99
N PHE K 119 37.58 -19.80 -11.83
CA PHE K 119 38.84 -20.30 -12.32
C PHE K 119 39.88 -20.34 -11.22
N THR K 120 40.66 -21.42 -11.21
CA THR K 120 41.88 -21.52 -10.40
C THR K 120 42.98 -22.13 -11.27
N TYR K 121 44.21 -22.09 -10.78
CA TYR K 121 45.35 -22.31 -11.63
C TYR K 121 46.50 -23.05 -10.94
N SER K 122 47.25 -23.79 -11.74
CA SER K 122 48.42 -24.53 -11.28
C SER K 122 49.55 -24.45 -12.32
N GLY K 123 50.78 -24.41 -11.79
CA GLY K 123 51.98 -24.39 -12.59
C GLY K 123 52.31 -23.05 -13.24
N ILE K 124 51.59 -22.01 -12.89
CA ILE K 124 51.79 -20.66 -13.44
C ILE K 124 51.70 -19.56 -12.38
N ARG K 125 52.33 -18.43 -12.66
CA ARG K 125 52.09 -17.24 -11.90
C ARG K 125 50.73 -16.72 -12.34
N THR K 126 50.12 -15.99 -11.44
CA THR K 126 48.79 -15.41 -11.61
C THR K 126 48.88 -13.90 -11.22
N ASN K 127 50.03 -13.46 -10.74
CA ASN K 127 50.25 -12.16 -10.12
C ASN K 127 50.87 -11.15 -11.11
N GLY K 128 50.63 -11.31 -12.39
CA GLY K 128 51.14 -10.31 -13.31
C GLY K 128 50.66 -8.95 -12.88
N ALA K 129 51.56 -7.98 -12.88
CA ALA K 129 51.24 -6.61 -12.51
C ALA K 129 52.03 -5.58 -13.30
N THR K 130 51.63 -4.33 -13.17
CA THR K 130 52.29 -3.24 -13.90
C THR K 130 52.25 -1.95 -13.10
N SER K 131 53.27 -1.15 -13.25
CA SER K 131 53.33 0.15 -12.62
C SER K 131 52.31 1.10 -13.26
N ALA K 132 51.70 0.71 -14.37
CA ALA K 132 50.68 1.54 -14.98
C ALA K 132 49.32 1.46 -14.26
N CYS K 133 49.11 0.37 -13.52
CA CYS K 133 47.88 0.15 -12.76
C CYS K 133 48.28 0.25 -11.30
N ARG K 134 48.32 1.48 -10.80
CA ARG K 134 48.88 1.78 -9.50
C ARG K 134 47.85 1.73 -8.38
N ARG K 135 48.04 0.83 -7.42
CA ARG K 135 47.27 0.84 -6.17
C ARG K 135 48.18 1.09 -4.99
N SER K 136 48.56 0.05 -4.25
CA SER K 136 49.60 0.19 -3.23
C SER K 136 50.88 -0.32 -3.88
N GLY K 137 51.37 0.47 -4.85
CA GLY K 137 52.41 0.02 -5.78
C GLY K 137 51.82 -0.71 -7.00
N SER K 138 52.68 -1.41 -7.74
CA SER K 138 52.24 -2.13 -8.93
C SER K 138 51.06 -3.04 -8.68
N SER K 139 50.15 -3.06 -9.64
CA SER K 139 48.93 -3.83 -9.53
C SER K 139 48.38 -4.11 -10.92
N PHE K 140 47.11 -4.49 -10.98
CA PHE K 140 46.46 -4.84 -12.23
C PHE K 140 44.94 -4.68 -12.16
N TYR K 141 44.28 -4.85 -13.32
CA TYR K 141 42.84 -4.78 -13.40
C TYR K 141 42.19 -5.62 -12.33
N ALA K 142 41.26 -5.06 -11.57
CA ALA K 142 40.61 -5.77 -10.46
C ALA K 142 39.86 -7.03 -10.83
N GLU K 143 39.37 -7.10 -12.06
CA GLU K 143 38.51 -8.19 -12.48
C GLU K 143 39.19 -9.15 -13.41
N MET K 144 40.51 -9.03 -13.60
CA MET K 144 41.24 -9.87 -14.51
C MET K 144 42.51 -10.37 -13.86
N LYS K 145 43.14 -11.32 -14.52
CA LYS K 145 44.36 -11.90 -14.01
C LYS K 145 45.30 -12.07 -15.14
N TRP K 146 46.45 -11.46 -14.98
CA TRP K 146 47.49 -11.55 -15.93
C TRP K 146 48.23 -12.82 -15.60
N LEU K 147 47.99 -13.85 -16.41
CA LEU K 147 48.65 -15.15 -16.27
C LEU K 147 50.02 -15.14 -16.93
N LEU K 148 51.02 -15.72 -16.28
CA LEU K 148 52.40 -15.71 -16.72
C LEU K 148 53.05 -17.07 -16.45
N SER K 149 54.16 -17.38 -17.13
CA SER K 149 54.87 -18.62 -16.88
C SER K 149 55.36 -18.63 -15.46
N ASN K 150 55.60 -19.80 -14.94
CA ASN K 150 55.98 -19.90 -13.55
C ASN K 150 57.31 -19.23 -13.25
N THR K 151 58.14 -19.05 -14.27
CA THR K 151 59.38 -18.28 -14.13
C THR K 151 59.80 -17.75 -15.51
N ASP K 152 60.76 -16.81 -15.52
CA ASP K 152 61.17 -16.13 -16.75
C ASP K 152 61.56 -17.17 -17.78
N ASN K 153 61.07 -17.00 -19.00
CA ASN K 153 61.41 -17.87 -20.15
C ASN K 153 60.74 -19.23 -20.13
N ALA K 154 60.35 -19.70 -18.94
CA ALA K 154 59.80 -21.05 -18.79
C ALA K 154 58.53 -21.28 -19.64
N ALA K 155 58.21 -22.54 -19.92
CA ALA K 155 57.11 -22.87 -20.82
C ALA K 155 55.81 -22.66 -20.09
N PHE K 156 54.84 -22.16 -20.81
CA PHE K 156 53.54 -21.91 -20.25
C PHE K 156 52.69 -23.12 -20.63
N PRO K 157 52.31 -23.95 -19.63
CA PRO K 157 51.45 -25.11 -19.86
C PRO K 157 50.19 -24.75 -20.60
N GLN K 158 49.90 -25.49 -21.66
CA GLN K 158 48.64 -25.39 -22.39
C GLN K 158 47.52 -25.68 -21.41
N MET K 159 46.52 -24.80 -21.37
CA MET K 159 45.43 -24.83 -20.36
C MET K 159 44.07 -24.66 -20.94
N THR K 160 43.09 -25.16 -20.21
CA THR K 160 41.70 -24.94 -20.53
C THR K 160 40.94 -24.61 -19.26
N LYS K 161 40.03 -23.65 -19.37
CA LYS K 161 39.18 -23.25 -18.28
C LYS K 161 37.86 -22.89 -18.92
N SER K 162 36.78 -23.35 -18.30
CA SER K 162 35.43 -23.14 -18.83
C SER K 162 34.56 -22.54 -17.74
N TYR K 163 33.52 -21.85 -18.14
CA TYR K 163 32.60 -21.28 -17.20
C TYR K 163 31.22 -21.33 -17.78
N LYS K 164 30.27 -21.84 -17.00
CA LYS K 164 28.87 -21.96 -17.45
C LYS K 164 28.01 -20.87 -16.81
N ASN K 165 27.11 -20.31 -17.58
CA ASN K 165 26.20 -19.30 -17.07
C ASN K 165 24.94 -19.91 -16.46
N THR K 166 24.89 -19.96 -15.13
CA THR K 166 23.75 -20.50 -14.38
C THR K 166 22.52 -19.62 -14.33
N ARG K 167 22.67 -18.32 -14.57
CA ARG K 167 21.58 -17.36 -14.34
C ARG K 167 20.64 -17.35 -15.53
N LYS K 168 19.56 -16.56 -15.38
CA LYS K 168 18.48 -16.44 -16.37
C LYS K 168 18.69 -15.27 -17.34
N SER K 169 19.88 -14.67 -17.29
CA SER K 169 20.20 -13.49 -18.06
C SER K 169 21.51 -13.74 -18.78
N PRO K 170 21.73 -13.03 -19.90
CA PRO K 170 23.02 -13.19 -20.52
C PRO K 170 24.13 -12.54 -19.68
N ALA K 171 25.27 -13.21 -19.65
CA ALA K 171 26.43 -12.77 -18.93
C ALA K 171 27.40 -12.10 -19.86
N LEU K 172 27.77 -10.86 -19.56
CA LEU K 172 28.89 -10.20 -20.22
C LEU K 172 30.23 -10.81 -19.84
N ILE K 173 30.90 -11.45 -20.80
CA ILE K 173 32.24 -12.02 -20.57
C ILE K 173 33.30 -11.18 -21.27
N VAL K 174 34.42 -10.95 -20.60
CA VAL K 174 35.48 -10.13 -21.10
C VAL K 174 36.82 -10.79 -20.88
N TRP K 175 37.70 -10.72 -21.87
CA TRP K 175 39.04 -11.17 -21.73
C TRP K 175 39.94 -10.28 -22.53
N GLY K 176 41.23 -10.52 -22.43
CA GLY K 176 42.22 -9.63 -22.97
C GLY K 176 43.33 -10.46 -23.55
N ILE K 177 43.99 -9.89 -24.53
CA ILE K 177 45.13 -10.51 -25.16
C ILE K 177 46.28 -9.55 -24.91
N HIS K 178 47.42 -10.07 -24.49
CA HIS K 178 48.57 -9.25 -24.30
C HIS K 178 49.47 -9.25 -25.50
N HIS K 179 49.70 -8.05 -26.02
CA HIS K 179 50.57 -7.80 -27.16
C HIS K 179 51.85 -7.22 -26.66
N SER K 180 52.89 -8.04 -26.61
CA SER K 180 54.17 -7.64 -26.06
C SER K 180 54.97 -6.72 -27.01
N VAL K 181 56.01 -6.08 -26.50
CA VAL K 181 56.78 -5.17 -27.32
C VAL K 181 57.63 -5.90 -28.39
N SER K 182 58.11 -7.10 -28.02
CA SER K 182 59.01 -7.91 -28.84
C SER K 182 58.79 -9.39 -28.56
N THR K 183 59.02 -10.24 -29.55
CA THR K 183 58.96 -11.70 -29.31
C THR K 183 59.88 -12.13 -28.17
N ALA K 184 60.95 -11.40 -27.96
CA ALA K 184 61.80 -11.59 -26.79
C ALA K 184 61.09 -11.32 -25.44
N GLU K 185 60.27 -10.28 -25.37
CA GLU K 185 59.49 -10.04 -24.17
C GLU K 185 58.40 -11.11 -24.05
N GLN K 186 57.71 -11.39 -25.14
CA GLN K 186 56.68 -12.43 -25.10
C GLN K 186 57.20 -13.81 -24.70
N THR K 187 58.50 -13.99 -24.70
CA THR K 187 59.11 -15.24 -24.32
C THR K 187 59.47 -15.22 -22.84
N LYS K 188 60.00 -14.10 -22.40
CA LYS K 188 60.21 -13.89 -20.99
C LYS K 188 58.91 -14.23 -20.21
N LEU K 189 57.77 -13.76 -20.68
CA LEU K 189 56.53 -13.87 -19.91
C LEU K 189 55.91 -15.23 -20.05
N TYR K 190 55.82 -15.73 -21.28
CA TYR K 190 55.05 -16.94 -21.56
C TYR K 190 55.85 -18.07 -22.20
N GLY K 191 57.16 -17.91 -22.31
CA GLY K 191 58.01 -18.91 -22.97
C GLY K 191 57.97 -18.84 -24.48
N SER K 192 58.98 -19.46 -25.10
CA SER K 192 59.09 -19.48 -26.57
C SER K 192 57.96 -20.31 -27.17
N GLY K 193 57.96 -20.40 -28.50
CA GLY K 193 56.92 -21.10 -29.22
C GLY K 193 55.87 -20.09 -29.61
N ASN K 194 54.99 -20.48 -30.52
CA ASN K 194 53.88 -19.64 -30.93
C ASN K 194 52.79 -19.67 -29.88
N LYS K 195 52.13 -18.53 -29.73
CA LYS K 195 51.06 -18.39 -28.73
C LYS K 195 49.72 -18.23 -29.42
N LEU K 196 48.73 -18.87 -28.80
CA LEU K 196 47.40 -18.93 -29.36
C LEU K 196 46.40 -18.95 -28.21
N VAL K 197 45.30 -18.24 -28.41
CA VAL K 197 44.22 -18.19 -27.45
C VAL K 197 42.89 -18.49 -28.16
N THR K 198 42.26 -19.61 -27.81
CA THR K 198 41.01 -20.04 -28.46
C THR K 198 39.91 -19.94 -27.44
N VAL K 199 38.84 -19.31 -27.88
CA VAL K 199 37.75 -18.92 -27.06
C VAL K 199 36.53 -19.49 -27.70
N GLY K 200 36.02 -20.59 -27.12
CA GLY K 200 34.84 -21.28 -27.64
C GLY K 200 33.59 -21.25 -26.76
N SER K 201 32.47 -20.84 -27.36
CA SER K 201 31.17 -21.12 -26.76
C SER K 201 30.39 -22.01 -27.73
N SER K 202 29.08 -22.11 -27.53
CA SER K 202 28.20 -22.79 -28.48
C SER K 202 28.03 -21.96 -29.76
N ASN K 203 27.98 -20.62 -29.62
CA ASN K 203 27.61 -19.70 -30.71
C ASN K 203 28.72 -18.72 -31.09
N TYR K 204 29.96 -19.20 -30.99
CA TYR K 204 31.15 -18.36 -30.99
C TYR K 204 32.36 -19.26 -30.78
N GLN K 205 33.19 -19.34 -31.80
CA GLN K 205 34.58 -19.74 -31.65
C GLN K 205 35.38 -18.73 -32.44
N GLN K 206 36.56 -18.42 -31.92
CA GLN K 206 37.42 -17.41 -32.49
C GLN K 206 38.79 -17.64 -31.94
N SER K 207 39.76 -17.28 -32.74
CA SER K 207 41.12 -17.37 -32.34
C SER K 207 41.67 -15.93 -32.15
N PHE K 208 42.76 -15.82 -31.38
CA PHE K 208 43.42 -14.56 -31.14
C PHE K 208 44.87 -14.91 -31.03
N VAL K 209 45.69 -14.12 -31.70
CA VAL K 209 47.13 -14.31 -31.63
C VAL K 209 47.68 -13.02 -31.06
N PRO K 210 48.60 -13.14 -30.10
CA PRO K 210 49.33 -11.92 -29.81
C PRO K 210 50.15 -11.54 -31.04
N SER K 211 50.12 -10.26 -31.37
CA SER K 211 51.02 -9.71 -32.34
C SER K 211 51.98 -8.78 -31.60
N PRO K 212 53.10 -9.36 -31.12
CA PRO K 212 54.16 -8.54 -30.57
C PRO K 212 54.82 -7.72 -31.66
N GLY K 213 55.28 -6.54 -31.27
CA GLY K 213 55.80 -5.59 -32.24
C GLY K 213 56.02 -4.25 -31.59
N ALA K 214 57.04 -3.54 -32.06
CA ALA K 214 57.43 -2.29 -31.45
C ALA K 214 56.32 -1.28 -31.70
N ARG K 215 56.14 -0.35 -30.78
CA ARG K 215 55.14 0.70 -30.90
C ARG K 215 55.38 1.79 -29.88
N PRO K 216 54.70 2.93 -30.01
CA PRO K 216 55.01 4.04 -29.12
C PRO K 216 54.70 3.74 -27.67
N GLN K 217 55.58 4.23 -26.81
CA GLN K 217 55.34 4.21 -25.38
C GLN K 217 54.14 5.08 -25.06
N VAL K 218 53.16 4.48 -24.41
CA VAL K 218 52.06 5.19 -23.77
C VAL K 218 52.26 4.96 -22.27
N ASN K 219 52.42 6.03 -21.50
CA ASN K 219 52.71 5.93 -20.05
C ASN K 219 54.09 5.32 -19.83
N GLY K 220 54.99 5.49 -20.78
CA GLY K 220 56.28 4.78 -20.78
C GLY K 220 56.26 3.30 -21.16
N LEU K 221 55.09 2.70 -21.43
CA LEU K 221 55.01 1.27 -21.91
C LEU K 221 54.58 1.06 -23.35
N SER K 222 55.20 0.10 -24.00
CA SER K 222 54.90 -0.20 -25.38
C SER K 222 54.06 -1.47 -25.50
N GLY K 223 53.69 -2.02 -24.37
CA GLY K 223 52.78 -3.16 -24.35
C GLY K 223 51.35 -2.65 -24.56
N ARG K 224 50.48 -3.56 -24.97
CA ARG K 224 49.09 -3.28 -25.06
C ARG K 224 48.34 -4.48 -24.60
N ILE K 225 47.28 -4.24 -23.85
CA ILE K 225 46.30 -5.27 -23.60
C ILE K 225 45.03 -4.82 -24.26
N ASP K 226 44.55 -5.58 -25.21
CA ASP K 226 43.27 -5.27 -25.83
C ASP K 226 42.18 -6.24 -25.39
N PHE K 227 41.06 -5.67 -25.01
CA PHE K 227 39.94 -6.41 -24.47
C PHE K 227 38.87 -6.78 -25.52
N HIS K 228 38.46 -8.05 -25.47
CA HIS K 228 37.38 -8.58 -26.26
C HIS K 228 36.26 -9.04 -25.38
N TRP K 229 35.05 -8.99 -25.90
CA TRP K 229 33.92 -9.47 -25.14
C TRP K 229 32.92 -10.30 -25.94
N LEU K 230 32.06 -11.04 -25.21
CA LEU K 230 30.89 -11.73 -25.77
C LEU K 230 29.80 -11.87 -24.74
N MET K 231 28.57 -11.92 -25.21
CA MET K 231 27.42 -12.33 -24.41
C MET K 231 27.29 -13.86 -24.39
N LEU K 232 27.45 -14.47 -23.20
CA LEU K 232 27.17 -15.89 -23.00
C LEU K 232 25.72 -16.00 -22.58
N ASN K 233 24.96 -16.85 -23.27
CA ASN K 233 23.53 -17.01 -23.02
C ASN K 233 23.26 -17.91 -21.81
N PRO K 234 22.08 -17.74 -21.19
CA PRO K 234 21.68 -18.65 -20.09
C PRO K 234 21.98 -20.12 -20.44
N ASN K 235 22.62 -20.83 -19.52
CA ASN K 235 22.89 -22.25 -19.68
C ASN K 235 24.04 -22.60 -20.63
N ASP K 236 24.60 -21.58 -21.30
CA ASP K 236 25.76 -21.75 -22.21
C ASP K 236 27.10 -21.75 -21.43
N THR K 237 28.15 -22.28 -22.05
CA THR K 237 29.47 -22.38 -21.43
C THR K 237 30.50 -21.70 -22.33
N VAL K 238 31.47 -20.99 -21.75
CA VAL K 238 32.52 -20.44 -22.55
C VAL K 238 33.79 -21.14 -22.16
N THR K 239 34.59 -21.50 -23.15
CA THR K 239 35.81 -22.25 -22.89
C THR K 239 37.01 -21.48 -23.43
N PHE K 240 38.10 -21.50 -22.68
CA PHE K 240 39.25 -20.68 -22.98
C PHE K 240 40.43 -21.62 -23.02
N SER K 241 41.13 -21.65 -24.16
CA SER K 241 42.29 -22.52 -24.25
C SER K 241 43.45 -21.61 -24.63
N PHE K 242 44.60 -21.79 -24.02
CA PHE K 242 45.65 -20.82 -24.21
C PHE K 242 46.96 -21.35 -23.71
N ASN K 243 48.04 -20.84 -24.27
CA ASN K 243 49.34 -21.16 -23.73
C ASN K 243 50.15 -19.90 -23.43
N GLY K 244 49.46 -18.76 -23.29
CA GLY K 244 50.11 -17.51 -22.93
C GLY K 244 49.41 -16.30 -23.50
N ALA K 245 49.90 -15.12 -23.14
CA ALA K 245 49.36 -13.86 -23.65
C ALA K 245 47.88 -13.67 -23.37
N PHE K 246 47.38 -14.33 -22.34
CA PHE K 246 45.99 -14.32 -22.00
C PHE K 246 45.78 -13.56 -20.68
N ILE K 247 44.83 -12.65 -20.69
CA ILE K 247 44.43 -11.87 -19.55
C ILE K 247 43.04 -12.37 -19.19
N ALA K 248 42.96 -13.14 -18.10
CA ALA K 248 41.79 -13.98 -17.86
C ALA K 248 40.82 -13.28 -16.97
N PRO K 249 39.54 -13.45 -17.25
CA PRO K 249 38.55 -12.86 -16.39
C PRO K 249 38.44 -13.64 -15.08
N ASP K 250 38.22 -12.89 -14.02
CA ASP K 250 38.01 -13.38 -12.70
C ASP K 250 36.48 -13.38 -12.50
N ARG K 251 35.80 -12.36 -13.00
CA ARG K 251 34.36 -12.23 -12.80
C ARG K 251 33.62 -11.97 -14.10
N ALA K 252 32.36 -12.40 -14.15
CA ALA K 252 31.43 -12.10 -15.22
C ALA K 252 30.42 -11.05 -14.75
N SER K 253 29.76 -10.36 -15.67
CA SER K 253 28.90 -9.23 -15.33
C SER K 253 27.51 -9.48 -15.89
N PHE K 254 26.50 -9.16 -15.11
CA PHE K 254 25.12 -9.26 -15.53
C PHE K 254 24.53 -7.87 -15.39
N LEU K 255 23.69 -7.50 -16.34
CA LEU K 255 23.15 -6.17 -16.43
C LEU K 255 22.03 -6.15 -15.46
N ARG K 256 21.91 -5.06 -14.71
CA ARG K 256 20.92 -4.98 -13.63
C ARG K 256 19.50 -4.82 -14.10
N GLY K 257 19.25 -3.84 -14.97
CA GLY K 257 17.88 -3.50 -15.39
C GLY K 257 17.88 -2.43 -16.48
N LYS K 258 17.46 -1.21 -16.12
CA LYS K 258 17.29 -0.11 -17.08
C LYS K 258 18.00 1.14 -16.62
N SER K 259 18.68 1.79 -17.56
CA SER K 259 19.30 3.10 -17.31
C SER K 259 19.33 3.87 -18.60
N MET K 260 19.65 5.15 -18.46
CA MET K 260 20.07 5.95 -19.57
C MET K 260 21.47 6.51 -19.29
N GLY K 261 22.31 6.58 -20.32
CA GLY K 261 23.63 7.16 -20.19
C GLY K 261 23.87 8.35 -21.08
N ILE K 262 24.57 9.35 -20.57
CA ILE K 262 24.91 10.50 -21.35
C ILE K 262 26.37 10.85 -21.19
N GLN K 263 26.86 11.71 -22.05
CA GLN K 263 28.20 12.24 -21.97
C GLN K 263 28.07 13.72 -21.69
N SER K 264 28.87 14.25 -20.79
CA SER K 264 28.67 15.65 -20.39
C SER K 264 29.87 16.27 -19.72
N GLY K 265 29.95 17.59 -19.87
CA GLY K 265 31.02 18.37 -19.31
C GLY K 265 30.52 19.43 -18.33
N VAL K 266 29.36 19.20 -17.70
CA VAL K 266 28.88 20.13 -16.66
C VAL K 266 28.48 19.43 -15.36
N GLN K 267 28.36 20.20 -14.28
CA GLN K 267 28.04 19.63 -12.96
C GLN K 267 26.71 18.89 -12.90
N VAL K 268 26.62 17.93 -11.99
CA VAL K 268 25.37 17.30 -11.64
C VAL K 268 24.66 18.25 -10.73
N ASP K 269 23.32 18.22 -10.76
CA ASP K 269 22.49 18.97 -9.84
C ASP K 269 21.30 18.12 -9.45
N ALA K 270 21.35 17.55 -8.25
CA ALA K 270 20.24 16.72 -7.75
C ALA K 270 18.98 17.51 -7.29
N ASN K 271 18.94 18.83 -7.49
CA ASN K 271 17.80 19.65 -7.09
C ASN K 271 16.75 19.82 -8.18
N CYS K 272 17.18 20.17 -9.39
CA CYS K 272 16.26 20.33 -10.52
C CYS K 272 15.92 18.96 -11.15
N GLU K 273 14.70 18.82 -11.66
CA GLU K 273 14.33 17.58 -12.35
C GLU K 273 14.41 17.80 -13.85
N GLY K 274 14.86 16.78 -14.57
CA GLY K 274 14.98 16.87 -16.03
C GLY K 274 14.87 15.50 -16.67
N ASP K 275 14.50 15.48 -17.96
CA ASP K 275 14.41 14.21 -18.72
C ASP K 275 15.09 14.27 -20.08
N CYS K 276 15.67 15.44 -20.43
CA CYS K 276 16.28 15.67 -21.76
C CYS K 276 17.65 16.32 -21.58
N TYR K 277 18.70 15.59 -21.93
CA TYR K 277 20.04 16.03 -21.63
C TYR K 277 20.87 16.10 -22.85
N HIS K 278 21.94 16.84 -22.76
CA HIS K 278 22.94 16.90 -23.80
C HIS K 278 24.23 17.30 -23.11
N SER K 279 25.33 17.32 -23.83
CA SER K 279 26.61 17.46 -23.15
C SER K 279 26.72 18.70 -22.31
N GLY K 280 26.02 19.76 -22.74
CA GLY K 280 26.10 21.08 -22.10
C GLY K 280 24.97 21.36 -21.11
N GLY K 281 24.16 20.36 -20.80
CA GLY K 281 23.21 20.54 -19.71
C GLY K 281 21.89 19.83 -19.94
N THR K 282 20.82 20.49 -19.51
CA THR K 282 19.50 19.91 -19.48
C THR K 282 18.55 20.88 -20.13
N ILE K 283 17.64 20.35 -20.93
CA ILE K 283 16.65 21.16 -21.61
C ILE K 283 15.34 20.93 -20.88
N ILE K 284 14.89 21.93 -20.13
CA ILE K 284 13.59 21.83 -19.47
C ILE K 284 12.57 22.72 -20.18
N SER K 285 11.58 22.08 -20.78
CA SER K 285 10.69 22.78 -21.68
C SER K 285 9.48 21.94 -21.96
N ASN K 286 8.34 22.57 -22.16
CA ASN K 286 7.21 21.88 -22.77
C ASN K 286 7.10 22.20 -24.24
N LEU K 287 8.00 23.05 -24.75
CA LEU K 287 7.87 23.49 -26.14
C LEU K 287 8.11 22.27 -26.99
N PRO K 288 7.43 22.18 -28.12
CA PRO K 288 7.54 20.99 -28.94
C PRO K 288 8.86 20.89 -29.70
N PHE K 289 9.59 22.00 -29.80
CA PHE K 289 10.84 22.04 -30.58
C PHE K 289 11.98 22.66 -29.78
N GLN K 290 13.23 22.41 -30.16
CA GLN K 290 14.42 23.07 -29.56
C GLN K 290 15.51 23.28 -30.57
N ASN K 291 16.35 24.28 -30.34
CA ASN K 291 17.44 24.67 -31.25
C ASN K 291 18.78 24.72 -30.53
N ILE K 292 18.85 23.99 -29.43
CA ILE K 292 20.01 23.93 -28.57
C ILE K 292 21.02 22.87 -29.07
N ASP K 293 20.58 21.60 -29.19
CA ASP K 293 21.48 20.52 -29.54
C ASP K 293 20.78 19.34 -30.22
N SER K 294 21.25 19.01 -31.43
CA SER K 294 20.67 17.94 -32.21
C SER K 294 20.93 16.58 -31.65
N ARG K 295 21.91 16.46 -30.79
CA ARG K 295 22.21 15.12 -30.20
C ARG K 295 21.64 14.95 -28.80
N ALA K 296 20.75 15.85 -28.39
CA ALA K 296 20.06 15.71 -27.12
C ALA K 296 19.42 14.35 -27.00
N VAL K 297 19.37 13.82 -25.79
CA VAL K 297 18.81 12.49 -25.54
C VAL K 297 17.94 12.47 -24.33
N GLY K 298 17.18 11.41 -24.18
CA GLY K 298 16.10 11.37 -23.19
C GLY K 298 14.75 11.60 -23.89
N LYS K 299 13.81 12.20 -23.19
CA LYS K 299 12.52 12.59 -23.78
C LYS K 299 12.60 14.07 -24.06
N CYS K 300 12.61 14.43 -25.36
CA CYS K 300 13.06 15.76 -25.81
C CYS K 300 12.11 16.43 -26.80
N PRO K 301 12.12 17.78 -26.80
CA PRO K 301 11.53 18.43 -27.92
C PRO K 301 12.35 18.11 -29.16
N ARG K 302 11.74 18.16 -30.33
CA ARG K 302 12.43 17.79 -31.52
C ARG K 302 13.33 18.91 -31.96
N TYR K 303 14.54 18.56 -32.33
CA TYR K 303 15.53 19.55 -32.71
C TYR K 303 15.15 20.13 -34.05
N VAL K 304 15.17 21.46 -34.15
CA VAL K 304 14.93 22.11 -35.41
C VAL K 304 16.03 23.15 -35.65
N LYS K 305 16.14 23.58 -36.90
CA LYS K 305 17.23 24.44 -37.40
C LYS K 305 17.05 25.87 -37.01
N GLN K 306 15.79 26.28 -36.88
CA GLN K 306 15.42 27.68 -36.71
C GLN K 306 15.62 28.08 -35.26
N ARG K 307 15.97 29.35 -35.01
CA ARG K 307 16.10 29.79 -33.62
C ARG K 307 14.74 30.13 -33.04
N SER K 308 13.81 30.55 -33.89
CA SER K 308 12.54 31.06 -33.37
C SER K 308 11.40 30.85 -34.33
N LEU K 309 10.27 30.42 -33.80
CA LEU K 309 9.02 30.31 -34.54
C LEU K 309 7.89 30.73 -33.64
N LEU K 310 7.36 31.92 -33.83
CA LEU K 310 6.35 32.45 -32.91
C LEU K 310 4.97 32.00 -33.35
N LEU K 311 4.20 31.58 -32.36
CA LEU K 311 2.85 31.12 -32.55
C LEU K 311 1.92 32.16 -31.99
N ALA K 312 1.04 32.65 -32.82
CA ALA K 312 0.15 33.75 -32.42
C ALA K 312 -0.78 33.23 -31.38
N THR K 313 -0.91 33.98 -30.29
CA THR K 313 -1.89 33.67 -29.27
C THR K 313 -2.91 34.79 -29.10
N GLY K 314 -2.97 35.70 -30.08
CA GLY K 314 -4.01 36.69 -30.16
C GLY K 314 -4.34 37.02 -31.61
N MET K 315 -5.26 37.95 -31.82
CA MET K 315 -5.74 38.31 -33.14
C MET K 315 -4.79 39.25 -33.81
N LYS K 316 -5.05 39.51 -35.09
CA LYS K 316 -4.32 40.55 -35.82
C LYS K 316 -4.37 41.86 -35.08
N ASN K 317 -3.27 42.60 -35.09
CA ASN K 317 -3.22 43.85 -34.43
C ASN K 317 -3.40 44.93 -35.46
N VAL K 318 -4.50 45.67 -35.34
CA VAL K 318 -4.78 46.75 -36.26
C VAL K 318 -4.91 48.04 -35.46
N PRO K 319 -3.81 48.74 -35.24
CA PRO K 319 -3.93 49.95 -34.43
C PRO K 319 -4.36 51.12 -35.31
N GLU K 320 -4.78 52.25 -34.70
CA GLU K 320 -4.86 53.51 -35.45
C GLU K 320 -3.56 54.31 -35.31
N ALA L 5 -16.54 60.93 -34.37
CA ALA L 5 -15.94 60.60 -33.04
C ALA L 5 -15.99 59.07 -32.69
N ILE L 6 -16.55 58.21 -33.56
CA ILE L 6 -16.72 56.74 -33.26
C ILE L 6 -16.75 55.78 -34.47
N ALA L 7 -15.96 54.70 -34.41
CA ALA L 7 -15.95 53.69 -35.49
C ALA L 7 -15.78 52.27 -35.00
N GLY L 8 -16.16 51.31 -35.85
CA GLY L 8 -16.07 49.89 -35.52
C GLY L 8 -14.87 49.14 -36.12
N PHE L 9 -14.95 47.81 -36.09
CA PHE L 9 -13.88 46.94 -36.52
C PHE L 9 -13.50 46.99 -38.00
N ILE L 10 -14.40 47.34 -38.90
CA ILE L 10 -13.96 47.43 -40.29
C ILE L 10 -12.79 48.40 -40.42
N GLU L 11 -12.84 49.54 -39.74
CA GLU L 11 -11.74 50.54 -39.83
C GLU L 11 -10.42 50.08 -39.16
N ASN L 12 -10.51 49.69 -37.89
CA ASN L 12 -9.34 49.33 -37.10
C ASN L 12 -9.70 48.88 -35.71
N GLY L 13 -8.69 48.55 -34.94
CA GLY L 13 -8.88 48.05 -33.61
C GLY L 13 -8.93 49.20 -32.68
N TRP L 14 -9.31 48.90 -31.43
CA TRP L 14 -9.42 49.87 -30.34
C TRP L 14 -8.36 49.63 -29.28
N GLU L 15 -7.35 50.49 -29.23
CA GLU L 15 -6.34 50.43 -28.13
C GLU L 15 -6.92 50.63 -26.74
N GLY L 16 -8.02 51.38 -26.65
CA GLY L 16 -8.70 51.63 -25.39
C GLY L 16 -9.45 50.46 -24.77
N LEU L 17 -9.59 49.35 -25.50
CA LEU L 17 -10.35 48.20 -25.02
C LEU L 17 -9.42 47.23 -24.33
N ILE L 18 -9.44 47.23 -22.99
CA ILE L 18 -8.45 46.49 -22.16
C ILE L 18 -9.08 45.39 -21.29
N ASP L 19 -10.41 45.42 -21.16
CA ASP L 19 -11.20 44.44 -20.40
C ASP L 19 -11.64 43.24 -21.27
N GLY L 20 -11.13 43.12 -22.49
CA GLY L 20 -11.66 42.10 -23.39
C GLY L 20 -11.09 42.20 -24.79
N TRP L 21 -11.40 41.21 -25.61
CA TRP L 21 -10.92 41.14 -26.98
C TRP L 21 -11.89 41.81 -27.92
N TYR L 22 -13.18 41.70 -27.60
CA TYR L 22 -14.23 42.29 -28.38
C TYR L 22 -15.14 43.14 -27.50
N GLY L 23 -15.80 44.11 -28.10
CA GLY L 23 -16.56 45.08 -27.32
C GLY L 23 -17.60 45.88 -28.09
N PHE L 24 -18.25 46.74 -27.33
CA PHE L 24 -19.24 47.67 -27.83
C PHE L 24 -18.79 49.07 -27.50
N ARG L 25 -18.96 49.98 -28.45
CA ARG L 25 -18.74 51.39 -28.21
C ARG L 25 -19.98 52.13 -28.71
N HIS L 26 -20.61 52.91 -27.85
CA HIS L 26 -21.85 53.59 -28.19
C HIS L 26 -21.76 55.08 -28.03
N GLN L 27 -22.67 55.77 -28.67
CA GLN L 27 -22.74 57.21 -28.66
C GLN L 27 -24.21 57.51 -28.59
N ASN L 28 -24.61 58.17 -27.52
CA ASN L 28 -25.98 58.68 -27.42
C ASN L 28 -25.99 60.10 -26.85
N ALA L 29 -27.17 60.59 -26.50
CA ALA L 29 -27.24 61.90 -25.82
C ALA L 29 -26.36 61.97 -24.54
N GLN L 30 -26.38 60.93 -23.71
CA GLN L 30 -25.54 60.90 -22.51
C GLN L 30 -24.04 60.82 -22.79
N GLY L 31 -23.66 60.60 -24.04
CA GLY L 31 -22.24 60.54 -24.41
C GLY L 31 -21.73 59.21 -24.95
N GLU L 32 -20.43 58.99 -24.78
CA GLU L 32 -19.72 57.85 -25.31
C GLU L 32 -19.48 56.87 -24.15
N GLY L 33 -19.47 55.58 -24.49
CA GLY L 33 -19.07 54.53 -23.55
C GLY L 33 -18.62 53.25 -24.26
N THR L 34 -17.63 52.59 -23.67
CA THR L 34 -17.08 51.31 -24.19
C THR L 34 -17.24 50.18 -23.15
N ALA L 35 -17.61 48.99 -23.61
CA ALA L 35 -17.74 47.82 -22.74
C ALA L 35 -17.35 46.54 -23.47
N ALA L 36 -16.64 45.66 -22.78
CA ALA L 36 -16.25 44.36 -23.30
C ALA L 36 -17.41 43.37 -23.34
N ASP L 37 -17.50 42.58 -24.40
CA ASP L 37 -18.37 41.41 -24.44
C ASP L 37 -17.60 40.18 -23.96
N TYR L 38 -18.09 39.58 -22.88
CA TYR L 38 -17.40 38.50 -22.22
C TYR L 38 -17.47 37.21 -23.05
N LYS L 39 -18.66 36.82 -23.47
CA LYS L 39 -18.86 35.55 -24.13
C LYS L 39 -17.96 35.38 -25.37
N SER L 40 -17.89 36.38 -26.23
CA SER L 40 -17.15 36.20 -27.48
C SER L 40 -15.65 36.27 -27.22
N THR L 41 -15.26 37.05 -26.24
CA THR L 41 -13.88 37.03 -25.79
C THR L 41 -13.48 35.62 -25.35
N GLN L 42 -14.29 35.03 -24.49
CA GLN L 42 -13.95 33.75 -23.87
C GLN L 42 -13.93 32.66 -24.91
N SER L 43 -14.92 32.68 -25.79
CA SER L 43 -14.93 31.76 -26.90
C SER L 43 -13.59 31.78 -27.62
N ALA L 44 -13.11 32.98 -27.97
CA ALA L 44 -11.85 33.10 -28.70
C ALA L 44 -10.71 32.57 -27.83
N ILE L 45 -10.63 33.02 -26.59
CA ILE L 45 -9.54 32.61 -25.74
C ILE L 45 -9.48 31.10 -25.63
N ASP L 46 -10.63 30.46 -25.49
CA ASP L 46 -10.67 29.02 -25.26
C ASP L 46 -10.22 28.23 -26.47
N GLN L 47 -10.51 28.74 -27.64
CA GLN L 47 -10.02 28.11 -28.83
C GLN L 47 -8.49 28.22 -28.96
N ILE L 48 -7.92 29.37 -28.62
CA ILE L 48 -6.48 29.56 -28.54
C ILE L 48 -5.87 28.66 -27.45
N THR L 49 -6.44 28.71 -26.25
CA THR L 49 -6.00 27.81 -25.18
C THR L 49 -6.01 26.33 -25.65
N GLY L 50 -7.02 25.92 -26.41
CA GLY L 50 -7.04 24.59 -27.00
C GLY L 50 -5.91 24.30 -27.99
N LYS L 51 -5.45 25.31 -28.73
CA LYS L 51 -4.27 25.16 -29.60
C LYS L 51 -3.03 24.94 -28.77
N LEU L 52 -2.82 25.80 -27.80
CA LEU L 52 -1.72 25.65 -26.90
C LEU L 52 -1.67 24.25 -26.25
N ASN L 53 -2.77 23.81 -25.67
CA ASN L 53 -2.78 22.50 -25.01
C ASN L 53 -2.31 21.41 -25.94
N ARG L 54 -2.66 21.53 -27.20
CA ARG L 54 -2.27 20.55 -28.21
C ARG L 54 -0.84 20.71 -28.69
N LEU L 55 -0.32 21.93 -28.76
CA LEU L 55 1.03 22.17 -29.30
C LEU L 55 2.14 22.19 -28.29
N ILE L 56 1.78 22.40 -27.03
CA ILE L 56 2.69 22.35 -25.89
C ILE L 56 2.88 20.91 -25.36
N GLU L 57 2.70 19.94 -26.25
CA GLU L 57 2.79 18.54 -25.91
C GLU L 57 4.27 18.13 -25.79
N LYS L 58 4.49 17.13 -24.93
CA LYS L 58 5.77 16.43 -24.75
C LYS L 58 5.73 15.09 -25.47
N THR L 59 6.79 14.76 -26.19
CA THR L 59 6.94 13.37 -26.66
C THR L 59 7.20 12.48 -25.46
N ASN L 60 6.56 11.31 -25.44
CA ASN L 60 6.89 10.27 -24.47
C ASN L 60 7.98 9.29 -24.98
N GLN L 61 8.60 9.61 -26.13
CA GLN L 61 9.57 8.73 -26.74
C GLN L 61 10.99 9.15 -26.36
N GLN L 62 11.72 8.18 -25.85
CA GLN L 62 13.06 8.36 -25.38
C GLN L 62 14.05 7.93 -26.43
N PHE L 63 15.03 8.76 -26.69
CA PHE L 63 16.09 8.38 -27.61
C PHE L 63 17.40 8.27 -26.85
N GLU L 64 18.27 7.37 -27.32
CA GLU L 64 19.54 7.11 -26.69
C GLU L 64 20.64 7.52 -27.65
N LEU L 65 21.84 7.66 -27.13
CA LEU L 65 23.00 8.00 -27.95
C LEU L 65 23.27 6.86 -28.92
N ILE L 66 23.54 7.18 -30.18
CA ILE L 66 24.10 6.18 -31.13
C ILE L 66 25.47 6.61 -31.63
N ASP L 67 26.01 7.60 -30.95
CA ASP L 67 27.09 8.43 -31.42
C ASP L 67 27.94 8.74 -30.21
N ASN L 68 29.17 9.19 -30.40
CA ASN L 68 30.06 9.47 -29.29
C ASN L 68 30.79 10.80 -29.45
N GLU L 69 30.58 11.70 -28.50
CA GLU L 69 31.16 13.03 -28.52
C GLU L 69 32.65 12.99 -28.18
N PHE L 70 33.08 11.98 -27.43
CA PHE L 70 34.47 11.94 -26.92
C PHE L 70 35.40 11.07 -27.76
N ASN L 71 34.88 9.97 -28.26
CA ASN L 71 35.66 9.04 -29.00
C ASN L 71 34.85 8.64 -30.25
N GLU L 72 35.18 9.30 -31.35
CA GLU L 72 34.41 9.26 -32.57
C GLU L 72 34.24 7.82 -33.06
N VAL L 73 33.03 7.49 -33.52
CA VAL L 73 32.72 6.16 -34.03
C VAL L 73 33.35 6.01 -35.39
N GLU L 74 33.29 4.81 -35.88
CA GLU L 74 33.91 4.43 -37.14
C GLU L 74 33.26 5.29 -38.22
N LYS L 75 34.04 5.72 -39.18
CA LYS L 75 33.62 6.73 -40.12
C LYS L 75 32.42 6.38 -40.99
N GLN L 76 32.32 5.16 -41.44
CA GLN L 76 31.22 4.83 -42.32
C GLN L 76 29.90 4.91 -41.60
N ILE L 77 29.81 4.32 -40.41
CA ILE L 77 28.59 4.33 -39.67
C ILE L 77 28.28 5.76 -39.20
N GLY L 78 29.31 6.52 -38.86
CA GLY L 78 29.17 7.91 -38.46
C GLY L 78 28.53 8.76 -39.55
N ASN L 79 28.94 8.53 -40.77
CA ASN L 79 28.39 9.28 -41.86
C ASN L 79 26.95 8.88 -42.14
N VAL L 80 26.60 7.60 -41.95
CA VAL L 80 25.21 7.20 -42.10
C VAL L 80 24.34 7.83 -41.00
N ILE L 81 24.83 7.81 -39.78
CA ILE L 81 24.14 8.38 -38.69
C ILE L 81 23.93 9.85 -38.92
N ASN L 82 24.96 10.56 -39.39
CA ASN L 82 24.82 12.02 -39.58
C ASN L 82 23.88 12.38 -40.71
N TRP L 83 23.89 11.60 -41.76
CA TRP L 83 22.96 11.76 -42.86
C TRP L 83 21.53 11.52 -42.38
N THR L 84 21.33 10.49 -41.57
CA THR L 84 20.00 10.22 -41.09
C THR L 84 19.54 11.37 -40.22
N ARG L 85 20.39 11.80 -39.31
CA ARG L 85 20.02 12.79 -38.36
C ARG L 85 19.71 14.07 -39.05
N ASP L 86 20.56 14.47 -39.99
CA ASP L 86 20.28 15.67 -40.78
C ASP L 86 18.95 15.57 -41.56
N SER L 87 18.64 14.42 -42.15
CA SER L 87 17.38 14.25 -42.85
C SER L 87 16.21 14.43 -41.95
N ILE L 88 16.31 13.90 -40.74
CA ILE L 88 15.25 14.03 -39.76
C ILE L 88 15.10 15.49 -39.35
N THR L 89 16.21 16.18 -39.14
CA THR L 89 16.18 17.56 -38.79
C THR L 89 15.52 18.44 -39.87
N GLU L 90 15.71 18.09 -41.13
CA GLU L 90 15.04 18.80 -42.22
C GLU L 90 13.51 18.61 -42.16
N VAL L 91 13.10 17.36 -41.99
CA VAL L 91 11.71 17.02 -41.79
C VAL L 91 11.13 17.83 -40.64
N TRP L 92 11.69 17.72 -39.43
CA TRP L 92 11.10 18.48 -38.34
C TRP L 92 11.11 20.00 -38.51
N SER L 93 12.18 20.52 -39.09
CA SER L 93 12.28 21.94 -39.34
C SER L 93 11.17 22.42 -40.28
N TYR L 94 10.79 21.56 -41.21
CA TYR L 94 9.77 21.90 -42.16
C TYR L 94 8.41 21.76 -41.48
N ASN L 95 8.20 20.68 -40.76
CA ASN L 95 7.02 20.53 -40.01
C ASN L 95 6.77 21.70 -39.07
N ALA L 96 7.79 22.19 -38.38
CA ALA L 96 7.59 23.24 -37.39
C ALA L 96 7.30 24.57 -38.02
N GLU L 97 7.92 24.88 -39.15
CA GLU L 97 7.57 26.09 -39.91
C GLU L 97 6.14 26.02 -40.41
N LEU L 98 5.74 24.87 -40.92
CA LEU L 98 4.41 24.68 -41.43
C LEU L 98 3.37 24.73 -40.32
N LEU L 99 3.66 24.11 -39.20
CA LEU L 99 2.74 24.08 -38.14
C LEU L 99 2.39 25.51 -37.73
N VAL L 100 3.41 26.29 -37.44
CA VAL L 100 3.19 27.62 -36.98
C VAL L 100 2.47 28.52 -38.02
N ALA L 101 2.93 28.47 -39.26
CA ALA L 101 2.32 29.23 -40.31
C ALA L 101 0.83 28.92 -40.42
N MET L 102 0.52 27.65 -40.40
CA MET L 102 -0.83 27.21 -40.60
C MET L 102 -1.68 27.57 -39.37
N GLU L 103 -1.17 27.30 -38.19
CA GLU L 103 -1.90 27.64 -36.98
C GLU L 103 -2.10 29.13 -36.88
N ASN L 104 -1.12 29.93 -37.29
CA ASN L 104 -1.29 31.34 -37.22
C ASN L 104 -2.36 31.84 -38.17
N GLN L 105 -2.39 31.31 -39.39
CA GLN L 105 -3.42 31.68 -40.38
C GLN L 105 -4.76 31.37 -39.75
N HIS L 106 -4.85 30.23 -39.10
CA HIS L 106 -6.11 29.80 -38.56
C HIS L 106 -6.52 30.63 -37.36
N THR L 107 -5.56 31.00 -36.53
CA THR L 107 -5.83 31.79 -35.32
C THR L 107 -6.36 33.17 -35.71
N ILE L 108 -5.66 33.83 -36.59
CA ILE L 108 -6.12 35.08 -37.12
C ILE L 108 -7.54 35.01 -37.71
N ASP L 109 -7.84 34.03 -38.55
CA ASP L 109 -9.12 33.95 -39.23
C ASP L 109 -10.20 33.64 -38.18
N LEU L 110 -9.83 32.87 -37.19
CA LEU L 110 -10.74 32.49 -36.15
C LEU L 110 -11.23 33.71 -35.31
N ALA L 111 -10.30 34.56 -34.94
CA ALA L 111 -10.57 35.77 -34.23
C ALA L 111 -11.46 36.75 -35.02
N ASP L 112 -11.15 36.91 -36.30
CA ASP L 112 -11.95 37.69 -37.22
C ASP L 112 -13.36 37.13 -37.29
N SER L 113 -13.45 35.81 -37.31
CA SER L 113 -14.71 35.14 -37.41
C SER L 113 -15.55 35.32 -36.15
N GLU L 114 -14.94 35.39 -34.97
CA GLU L 114 -15.72 35.72 -33.79
C GLU L 114 -16.25 37.15 -33.84
N MET L 115 -15.46 38.08 -34.36
CA MET L 115 -15.89 39.47 -34.48
C MET L 115 -17.15 39.51 -35.34
N ASP L 116 -17.07 38.86 -36.51
CA ASP L 116 -18.21 38.76 -37.45
C ASP L 116 -19.44 38.19 -36.80
N LYS L 117 -19.28 37.23 -35.91
CA LYS L 117 -20.42 36.53 -35.32
C LYS L 117 -21.16 37.47 -34.37
N LEU L 118 -20.38 38.27 -33.65
CA LEU L 118 -20.94 39.24 -32.72
C LEU L 118 -21.68 40.34 -33.47
N TYR L 119 -21.02 40.90 -34.45
CA TYR L 119 -21.66 41.86 -35.35
C TYR L 119 -22.97 41.31 -35.88
N GLU L 120 -22.96 40.10 -36.39
CA GLU L 120 -24.13 39.52 -37.02
C GLU L 120 -25.24 39.30 -35.99
N ARG L 121 -24.88 39.03 -34.76
CA ARG L 121 -25.82 38.78 -33.71
C ARG L 121 -26.55 40.08 -33.30
N VAL L 122 -25.82 41.18 -33.25
CA VAL L 122 -26.38 42.47 -32.95
C VAL L 122 -27.25 42.92 -34.11
N LYS L 123 -26.74 42.80 -35.33
CA LYS L 123 -27.56 43.15 -36.47
C LYS L 123 -28.92 42.50 -36.31
N ARG L 124 -28.95 41.24 -35.90
CA ARG L 124 -30.20 40.49 -35.87
C ARG L 124 -31.06 40.82 -34.68
N GLN L 125 -30.46 41.25 -33.58
CA GLN L 125 -31.24 41.86 -32.48
C GLN L 125 -31.95 43.13 -32.91
N LEU L 126 -31.25 43.96 -33.67
CA LEU L 126 -31.78 45.26 -34.02
C LEU L 126 -32.83 45.19 -35.10
N ARG L 127 -32.89 44.09 -35.84
CA ARG L 127 -33.94 43.89 -36.86
C ARG L 127 -34.06 45.10 -37.78
N GLU L 128 -35.24 45.73 -37.82
CA GLU L 128 -35.51 46.78 -38.76
C GLU L 128 -35.37 48.16 -38.12
N ASN L 129 -34.81 48.22 -36.92
CA ASN L 129 -34.60 49.49 -36.22
C ASN L 129 -33.27 50.16 -36.43
N ALA L 130 -32.36 49.55 -37.16
CA ALA L 130 -31.05 50.20 -37.32
C ALA L 130 -30.52 49.94 -38.70
N GLU L 131 -29.53 50.71 -39.13
CA GLU L 131 -28.84 50.40 -40.39
C GLU L 131 -27.33 50.26 -40.21
N GLU L 132 -26.70 49.38 -40.98
CA GLU L 132 -25.25 49.31 -41.03
C GLU L 132 -24.63 50.58 -41.64
N ASP L 133 -23.76 51.26 -40.88
CA ASP L 133 -23.04 52.45 -41.40
C ASP L 133 -21.81 52.11 -42.26
N GLY L 134 -21.46 50.83 -42.37
CA GLY L 134 -20.29 50.42 -43.15
C GLY L 134 -18.92 50.35 -42.43
N THR L 135 -18.81 50.83 -41.18
CA THR L 135 -17.54 50.82 -40.46
C THR L 135 -17.59 49.86 -39.29
N GLY L 136 -18.66 49.10 -39.20
CA GLY L 136 -18.89 48.19 -38.06
C GLY L 136 -19.80 48.77 -37.01
N CYS L 137 -20.57 49.78 -37.38
CA CYS L 137 -21.55 50.35 -36.47
C CYS L 137 -22.93 50.28 -37.05
N PHE L 138 -23.90 50.42 -36.16
CA PHE L 138 -25.29 50.54 -36.54
C PHE L 138 -25.75 51.94 -36.19
N GLU L 139 -26.34 52.64 -37.15
CA GLU L 139 -27.11 53.86 -36.84
C GLU L 139 -28.47 53.38 -36.35
N ILE L 140 -28.80 53.67 -35.09
CA ILE L 140 -30.07 53.27 -34.49
C ILE L 140 -31.06 54.41 -34.65
N PHE L 141 -32.24 54.08 -35.17
CA PHE L 141 -33.18 55.08 -35.63
C PHE L 141 -34.24 55.33 -34.56
N HIS L 142 -33.86 55.29 -33.30
CA HIS L 142 -34.69 55.79 -32.21
C HIS L 142 -33.78 56.26 -31.07
N LYS L 143 -34.34 56.95 -30.09
CA LYS L 143 -33.54 57.31 -28.93
C LYS L 143 -33.17 56.04 -28.15
N CYS L 144 -31.89 55.87 -27.91
CA CYS L 144 -31.40 54.72 -27.20
C CYS L 144 -30.52 55.19 -26.03
N ASP L 145 -31.14 55.30 -24.87
CA ASP L 145 -30.40 55.68 -23.64
C ASP L 145 -29.45 54.56 -23.12
N ASP L 146 -28.69 54.87 -22.08
CA ASP L 146 -27.70 53.96 -21.53
C ASP L 146 -28.28 52.60 -21.20
N ASP L 147 -29.55 52.58 -20.85
CA ASP L 147 -30.26 51.37 -20.53
C ASP L 147 -30.63 50.58 -21.79
N CYS L 148 -31.00 51.28 -22.84
CA CYS L 148 -31.31 50.62 -24.11
C CYS L 148 -29.97 50.12 -24.72
N MET L 149 -28.91 50.91 -24.62
CA MET L 149 -27.60 50.42 -24.98
C MET L 149 -27.26 49.13 -24.20
N ALA L 150 -27.46 49.12 -22.89
CA ALA L 150 -27.05 47.97 -22.10
C ALA L 150 -27.85 46.75 -22.50
N SER L 151 -29.09 46.97 -22.90
CA SER L 151 -29.93 45.86 -23.31
C SER L 151 -29.47 45.28 -24.65
N ILE L 152 -28.83 46.08 -25.49
CA ILE L 152 -28.34 45.53 -26.76
C ILE L 152 -27.17 44.58 -26.43
N ARG L 153 -26.29 45.07 -25.57
CA ARG L 153 -25.14 44.37 -25.05
C ARG L 153 -25.45 43.06 -24.41
N ASN L 154 -26.43 43.01 -23.53
CA ASN L 154 -26.71 41.77 -22.78
C ASN L 154 -27.78 40.89 -23.46
N ASN L 155 -28.11 41.21 -24.70
CA ASN L 155 -29.02 40.41 -25.52
C ASN L 155 -30.50 40.41 -25.10
N THR L 156 -30.98 41.51 -24.51
CA THR L 156 -32.38 41.61 -24.07
C THR L 156 -33.19 42.68 -24.82
N TYR L 157 -32.54 43.41 -25.72
CA TYR L 157 -33.20 44.41 -26.56
C TYR L 157 -34.36 43.79 -27.29
N ASP L 158 -35.52 44.41 -27.18
CA ASP L 158 -36.73 43.92 -27.80
C ASP L 158 -37.05 44.92 -28.89
N HIS L 159 -36.87 44.47 -30.13
CA HIS L 159 -36.96 45.35 -31.26
C HIS L 159 -38.39 45.87 -31.45
N SER L 160 -39.39 45.10 -31.02
CA SER L 160 -40.81 45.50 -31.12
C SER L 160 -41.16 46.79 -30.41
N LYS L 161 -40.58 46.97 -29.24
CA LYS L 161 -40.77 48.15 -28.45
C LYS L 161 -40.48 49.42 -29.27
N TYR L 162 -39.43 49.41 -30.08
CA TYR L 162 -39.00 50.59 -30.79
C TYR L 162 -39.33 50.58 -32.30
N ARG L 163 -39.89 49.49 -32.81
CA ARG L 163 -40.08 49.33 -34.27
C ARG L 163 -40.88 50.45 -34.91
N GLU L 164 -42.14 50.59 -34.47
CA GLU L 164 -43.03 51.66 -34.89
C GLU L 164 -42.28 52.96 -35.09
N GLU L 165 -41.62 53.45 -34.03
CA GLU L 165 -40.83 54.70 -34.07
C GLU L 165 -39.64 54.65 -35.05
N ALA L 166 -38.90 53.54 -35.02
CA ALA L 166 -37.71 53.43 -35.82
C ALA L 166 -38.04 53.39 -37.32
N MET L 167 -39.02 52.59 -37.73
CA MET L 167 -39.34 52.49 -39.15
C MET L 167 -39.85 53.80 -39.68
N GLN L 168 -40.60 54.51 -38.86
CA GLN L 168 -41.09 55.84 -39.22
C GLN L 168 -39.88 56.77 -39.45
N ASN L 169 -38.87 56.68 -38.60
CA ASN L 169 -37.67 57.54 -38.76
C ASN L 169 -36.77 57.18 -39.94
N ARG L 170 -36.83 55.95 -40.39
CA ARG L 170 -36.04 55.56 -41.53
C ARG L 170 -36.62 56.14 -42.82
N ILE L 171 -37.79 56.79 -42.72
CA ILE L 171 -38.40 57.62 -43.78
C ILE L 171 -38.85 58.99 -43.25
C1 NAG M . 18.82 22.07 -1.46
C2 NAG M . 18.57 20.62 -0.95
C3 NAG M . 19.60 20.07 0.06
C4 NAG M . 21.04 20.21 -0.46
C5 NAG M . 21.28 21.71 -0.77
C6 NAG M . 22.67 21.96 -1.40
C7 NAG M . 16.20 19.95 -1.06
C8 NAG M . 14.91 19.82 -0.32
N2 NAG M . 17.25 20.43 -0.38
O3 NAG M . 19.31 18.72 0.43
O4 NAG M . 21.98 19.65 0.47
O5 NAG M . 20.24 22.33 -1.58
O6 NAG M . 22.59 21.56 -2.76
O7 NAG M . 16.24 19.65 -2.24
C1 NAG M . 23.04 18.80 -0.09
C2 NAG M . 24.21 18.63 0.89
C3 NAG M . 25.07 17.34 0.76
C4 NAG M . 24.34 16.13 0.15
C5 NAG M . 23.53 16.64 -1.03
C6 NAG M . 22.85 15.55 -1.86
C7 NAG M . 25.00 20.82 1.72
C8 NAG M . 25.92 21.99 1.49
N2 NAG M . 25.06 19.82 0.82
O3 NAG M . 25.62 17.00 2.02
O4 NAG M . 25.22 15.07 -0.29
O5 NAG M . 22.56 17.53 -0.51
O6 NAG M . 21.90 14.85 -1.09
O7 NAG M . 24.23 20.79 2.68
C1 BMA M . 25.78 14.24 0.77
C2 BMA M . 25.22 12.78 0.78
C3 BMA M . 26.09 11.72 0.08
C4 BMA M . 27.21 12.36 -0.73
C5 BMA M . 28.01 13.24 0.25
C6 BMA M . 29.36 13.74 -0.27
O2 BMA M . 23.87 12.72 0.33
O3 BMA M . 25.35 10.86 -0.77
O4 BMA M . 27.99 11.37 -1.34
O5 BMA M . 27.22 14.32 0.74
O6 BMA M . 29.57 13.50 -1.65
C1 FUC M . 23.78 21.21 -3.51
C2 FUC M . 23.75 19.87 -4.26
C3 FUC M . 23.57 20.12 -5.76
C4 FUC M . 24.29 21.42 -6.24
C5 FUC M . 25.34 22.00 -5.25
C6 FUC M . 26.73 21.33 -5.28
O2 FUC M . 22.69 19.07 -3.76
O3 FUC M . 23.93 18.98 -6.54
O4 FUC M . 24.79 21.25 -7.56
O5 FUC M . 24.83 22.11 -3.90
C1 NAG N . 16.53 17.86 4.77
C2 NAG N . 17.83 18.09 5.58
C3 NAG N . 18.51 16.80 6.08
C4 NAG N . 17.56 15.59 6.26
C5 NAG N . 16.34 15.63 5.34
C6 NAG N . 15.29 14.57 5.69
C7 NAG N . 19.27 20.04 5.20
C8 NAG N . 20.20 20.76 4.27
N2 NAG N . 18.75 18.90 4.78
O3 NAG N . 19.16 17.10 7.32
O4 NAG N . 18.19 14.32 6.10
O5 NAG N . 15.75 16.91 5.44
O6 NAG N . 14.55 14.88 6.87
O7 NAG N . 19.02 20.50 6.32
C1 NAG N . 18.13 13.56 7.32
C2 NAG N . 18.25 12.05 7.02
C3 NAG N . 18.25 11.25 8.33
C4 NAG N . 19.26 11.83 9.32
C5 NAG N . 19.05 13.35 9.53
C6 NAG N . 20.09 13.91 10.49
C7 NAG N . 17.23 11.29 4.87
C8 NAG N . 15.98 10.78 4.20
N2 NAG N . 17.15 11.57 6.19
O3 NAG N . 18.52 9.89 8.06
O4 NAG N . 19.32 11.08 10.54
O5 NAG N . 19.10 14.00 8.28
O6 NAG N . 20.04 15.33 10.41
O7 NAG N . 18.25 11.42 4.20
C1 BMA N . 20.39 10.13 10.35
C2 BMA N . 21.65 10.53 11.13
C3 BMA N . 22.79 9.60 10.64
C4 BMA N . 22.35 8.11 10.69
C5 BMA N . 20.99 7.92 9.99
C6 BMA N . 20.58 6.43 9.84
O2 BMA N . 21.48 10.55 12.54
O3 BMA N . 24.02 9.88 11.29
O4 BMA N . 23.29 7.27 10.08
O5 BMA N . 20.04 8.77 10.62
O6 BMA N . 19.40 6.10 10.54
C1 GAL O . 4.65 -44.95 -23.78
C2 GAL O . 3.49 -45.84 -23.35
C3 GAL O . 2.22 -45.02 -23.57
C4 GAL O . 2.24 -43.69 -22.75
C5 GAL O . 3.67 -43.06 -22.59
C6 GAL O . 3.90 -42.29 -21.27
O1 GAL O . 5.85 -45.67 -23.91
O2 GAL O . 3.43 -47.03 -24.10
O3 GAL O . 1.06 -45.87 -23.56
O4 GAL O . 1.55 -43.80 -21.52
O5 GAL O . 4.78 -43.98 -22.75
O6 GAL O . 3.89 -40.89 -21.46
C1 NAG O . 0.22 -46.12 -22.40
C2 NAG O . -0.33 -47.55 -22.56
C3 NAG O . -1.21 -48.00 -21.38
C4 NAG O . -0.59 -47.59 -20.03
C5 NAG O . -0.20 -46.12 -20.10
C6 NAG O . 0.26 -45.55 -18.75
C7 NAG O . -0.81 -48.55 -24.78
C8 NAG O . -1.69 -48.51 -26.00
N2 NAG O . -1.07 -47.66 -23.81
O3 NAG O . -1.80 -49.32 -21.42
O4 NAG O . -1.47 -47.81 -18.95
O5 NAG O . 0.79 -45.99 -21.10
O6 NAG O . 0.65 -46.54 -17.82
O7 NAG O . 0.11 -49.36 -24.70
C1 GAL O . -3.18 -49.48 -21.71
C2 GAL O . -3.54 -50.87 -22.27
C3 GAL O . -5.05 -50.99 -22.48
C4 GAL O . -5.83 -50.58 -21.21
C5 GAL O . -5.32 -49.21 -20.75
C6 GAL O . -6.04 -48.67 -19.52
O2 GAL O . -2.88 -51.09 -23.51
O3 GAL O . -5.42 -52.28 -22.94
O4 GAL O . -5.75 -51.54 -20.17
O5 GAL O . -3.92 -49.27 -20.51
O6 GAL O . -6.18 -47.27 -19.68
C1 SIA O . 2.29 -45.55 -16.16
C2 SIA O . 1.46 -46.77 -16.63
C3 SIA O . 2.18 -48.06 -16.23
C4 SIA O . 2.13 -48.22 -14.71
C5 SIA O . 0.67 -48.20 -14.23
C6 SIA O . -0.08 -46.99 -14.74
C7 SIA O . -1.58 -47.10 -14.41
C8 SIA O . -2.34 -45.82 -14.72
C9 SIA O . -3.62 -45.78 -13.91
C10 SIA O . -0.10 -49.08 -12.02
C11 SIA O . -0.53 -50.35 -12.67
N5 SIA O . 0.54 -48.17 -12.77
O1A SIA O . 3.46 -45.40 -16.65
O1B SIA O . 1.83 -44.76 -15.29
O4 SIA O . 2.77 -49.44 -14.28
O6 SIA O . 0.09 -46.78 -16.15
O7 SIA O . -2.21 -48.18 -15.14
O8 SIA O . -1.53 -44.68 -14.40
O9 SIA O . -4.51 -44.85 -14.53
O10 SIA O . -0.36 -48.84 -10.85
C1 NAG P . -27.08 33.30 5.09
C2 NAG P . -26.70 32.08 4.19
C3 NAG P . -26.15 32.46 2.79
C4 NAG P . -27.22 33.28 2.03
C5 NAG P . -27.56 34.52 2.90
C6 NAG P . -28.69 35.44 2.34
C7 NAG P . -25.96 29.85 4.84
C8 NAG P . -25.03 28.99 5.63
N2 NAG P . -25.83 31.17 4.92
O3 NAG P . -25.69 31.36 2.02
O4 NAG P . -26.79 33.60 0.70
O5 NAG P . -27.86 34.21 4.28
O6 NAG P . -29.96 34.81 2.45
O7 NAG P . -26.80 29.30 4.12
C1 NAG P . -27.83 33.49 -0.34
C2 NAG P . -27.42 34.15 -1.68
C3 NAG P . -28.19 33.66 -2.94
C4 NAG P . -28.81 32.26 -2.90
C5 NAG P . -29.27 31.96 -1.47
C6 NAG P . -29.87 30.55 -1.31
C7 NAG P . -26.49 36.45 -1.55
C8 NAG P . -26.80 37.93 -1.51
N2 NAG P . -27.54 35.61 -1.62
O3 NAG P . -27.34 33.75 -4.08
O4 NAG P . -29.95 32.11 -3.75
O5 NAG P . -28.18 32.13 -0.58
O6 NAG P . -28.97 29.55 -1.73
O7 NAG P . -25.32 36.08 -1.49
C1 BMA P . -29.82 31.86 -5.18
C2 BMA P . -28.61 31.02 -5.65
C3 BMA P . -28.68 30.87 -7.17
C4 BMA P . -29.94 30.07 -7.53
C5 BMA P . -31.16 30.85 -7.03
C6 BMA P . -32.44 30.02 -7.22
O2 BMA P . -28.54 29.73 -5.04
O3 BMA P . -27.52 30.28 -7.71
O4 BMA P . -30.02 29.86 -8.92
O5 BMA P . -31.03 31.23 -5.65
O6 BMA P . -33.53 30.87 -7.55
C1 FUC P . -30.96 35.30 1.49
C2 FUC P . -32.01 34.23 1.19
C3 FUC P . -33.04 34.05 2.31
C4 FUC P . -33.37 35.36 3.03
C5 FUC P . -32.94 36.61 2.25
C6 FUC P . -33.82 36.97 1.03
O2 FUC P . -31.40 32.98 0.93
O3 FUC P . -34.19 33.43 1.80
O4 FUC P . -34.74 35.43 3.38
O5 FUC P . -31.55 36.54 1.91
C1 NAG Q . -21.14 29.41 1.77
C2 NAG Q . -21.08 30.42 0.61
C3 NAG Q . -21.40 29.73 -0.72
C4 NAG Q . -20.55 28.45 -0.90
C5 NAG Q . -20.35 27.61 0.36
C6 NAG Q . -19.04 26.81 0.33
C7 NAG Q . -21.59 32.82 0.90
C8 NAG Q . -22.67 33.84 1.11
N2 NAG Q . -22.00 31.54 0.82
O3 NAG Q . -21.14 30.62 -1.78
O4 NAG Q . -21.12 27.61 -1.89
O5 NAG Q . -20.22 28.39 1.52
O6 NAG Q . -19.26 25.44 0.51
O7 NAG Q . -20.43 33.17 0.80
C1 NAG Q . -20.12 27.23 -2.86
C2 NAG Q . -20.63 26.11 -3.77
C3 NAG Q . -19.51 25.73 -4.73
C4 NAG Q . -18.93 26.97 -5.42
C5 NAG Q . -18.48 27.98 -4.36
C6 NAG Q . -17.85 29.25 -4.93
C7 NAG Q . -22.22 24.53 -2.67
C8 NAG Q . -22.34 23.28 -1.84
N2 NAG Q . -20.98 24.93 -2.98
O3 NAG Q . -20.02 24.80 -5.65
O4 NAG Q . -17.94 26.60 -6.38
O5 NAG Q . -19.62 28.33 -3.62
O6 NAG Q . -18.86 29.86 -5.69
O7 NAG Q . -23.24 25.13 -3.02
C1 BMA Q . -18.61 26.36 -7.64
C2 BMA Q . -18.45 27.57 -8.58
C3 BMA Q . -19.30 27.30 -9.83
C4 BMA Q . -18.92 25.93 -10.43
C5 BMA Q . -19.11 24.84 -9.35
C6 BMA Q . -18.93 23.39 -9.80
O2 BMA Q . -17.10 27.82 -8.93
O3 BMA Q . -19.17 28.37 -10.74
O4 BMA Q . -19.69 25.66 -11.60
O5 BMA Q . -18.23 25.15 -8.27
O6 BMA Q . -17.57 23.04 -9.70
C1 NAG R . -48.56 -33.77 -14.15
C2 NAG R . -48.89 -35.09 -14.85
C3 NAG R . -47.70 -36.08 -14.80
C4 NAG R . -46.46 -35.39 -15.37
C5 NAG R . -46.24 -34.04 -14.69
C6 NAG R . -44.99 -33.37 -15.26
C7 NAG R . -50.85 -36.58 -15.02
C8 NAG R . -52.09 -37.15 -14.38
N2 NAG R . -50.11 -35.71 -14.32
O3 NAG R . -47.07 -37.37 -14.91
O4 NAG R . -45.28 -36.16 -15.19
O5 NAG R . -47.40 -33.21 -14.75
O6 NAG R . -44.42 -34.01 -16.40
O7 NAG R . -50.57 -36.93 -16.18
C1 GAL R . -46.82 -38.62 -14.27
C2 GAL R . -47.53 -39.78 -14.98
C3 GAL R . -47.42 -41.03 -14.11
C4 GAL R . -45.95 -41.33 -13.71
C5 GAL R . -45.18 -40.04 -13.35
C6 GAL R . -43.67 -40.30 -13.23
O2 GAL R . -48.88 -39.46 -15.23
O3 GAL R . -48.00 -42.14 -14.79
O4 GAL R . -45.28 -42.13 -14.68
O5 GAL R . -45.44 -38.96 -14.23
O6 GAL R . -43.28 -40.11 -11.89
C1 SIA R . -43.42 -32.16 -17.65
C2 SIA R . -43.64 -33.68 -17.59
C3 SIA R . -43.81 -34.15 -19.05
C4 SIA R . -42.48 -34.11 -19.81
C5 SIA R . -41.40 -34.90 -19.06
C6 SIA R . -41.30 -34.44 -17.60
C7 SIA R . -40.27 -35.28 -16.81
C8 SIA R . -40.22 -34.89 -15.32
C9 SIA R . -38.93 -35.41 -14.67
C10 SIA R . -39.26 -35.82 -19.96
C11 SIA R . -39.91 -37.15 -20.21
N5 SIA R . -40.03 -34.80 -19.56
O1A SIA R . -42.29 -31.64 -17.44
O1B SIA R . -44.42 -31.46 -17.93
O4 SIA R . -42.70 -34.60 -21.15
O6 SIA R . -42.58 -34.42 -16.94
O7 SIA R . -40.52 -36.70 -16.97
O8 SIA R . -40.26 -33.46 -15.23
O9 SIA R . -38.94 -35.28 -13.24
O10 SIA R . -38.05 -35.68 -20.08
C1 NAG S . -1.28 15.71 41.22
C2 NAG S . -2.37 14.80 40.59
C3 NAG S . -3.83 15.22 40.93
C4 NAG S . -3.98 15.19 42.45
C5 NAG S . -2.96 16.16 43.08
C6 NAG S . -2.91 16.07 44.63
C7 NAG S . -2.40 13.58 38.47
C8 NAG S . -2.08 13.58 37.00
N2 NAG S . -2.13 14.68 39.15
O3 NAG S . -4.83 14.41 40.30
O4 NAG S . -5.35 15.41 42.84
O5 NAG S . -1.60 16.01 42.60
O6 NAG S . -2.50 14.75 44.92
O7 NAG S . -2.90 12.58 38.96
C1 NAG S . -5.83 14.50 43.89
C2 NAG S . -7.07 15.04 44.64
C3 NAG S . -7.86 13.99 45.46
C4 NAG S . -7.80 12.54 44.95
C5 NAG S . -6.41 12.26 44.38
C6 NAG S . -6.23 10.83 43.83
C7 NAG S . -6.93 17.42 45.27
C8 NAG S . -6.55 18.43 46.34
N2 NAG S . -6.73 16.13 45.55
O3 NAG S . -9.21 14.39 45.58
O4 NAG S . -8.04 11.61 45.99
O5 NAG S . -6.13 13.22 43.37
O6 NAG S . -7.13 10.52 42.78
O7 NAG S . -7.41 17.79 44.19
C1 BMA S . -9.38 11.44 46.54
C2 BMA S . -10.47 11.26 45.45
C3 BMA S . -11.77 10.82 46.12
C4 BMA S . -11.54 9.46 46.76
C5 BMA S . -10.52 9.63 47.89
C6 BMA S . -10.10 8.28 48.48
O2 BMA S . -10.09 10.35 44.43
O3 BMA S . -12.83 10.80 45.19
O4 BMA S . -12.76 8.97 47.27
O5 BMA S . -9.34 10.35 47.47
O6 BMA S . -9.93 8.39 49.88
C1 FUC S . -2.46 14.27 46.29
C2 FUC S . -2.71 12.78 46.48
C3 FUC S . -1.45 12.08 47.02
C4 FUC S . -0.55 13.00 47.87
C5 FUC S . -1.28 14.27 48.43
C6 FUC S . -2.18 14.09 49.68
O2 FUC S . -3.09 12.13 45.27
O3 FUC S . -1.82 10.89 47.72
O4 FUC S . 0.19 12.27 48.84
O5 FUC S . -1.97 15.01 47.41
C1 NAG T . -7.31 15.74 36.06
C2 NAG T . -8.29 16.55 36.95
C3 NAG T . -9.58 15.78 37.27
C4 NAG T . -10.05 14.87 36.10
C5 NAG T . -8.88 14.22 35.34
C6 NAG T . -9.32 13.40 34.11
C7 NAG T . -7.53 18.16 38.66
C8 NAG T . -6.81 18.31 39.97
N2 NAG T . -7.62 16.91 38.20
O3 NAG T . -10.60 16.69 37.63
O4 NAG T . -10.94 13.82 36.51
O5 NAG T . -8.01 15.25 34.94
O6 NAG T . -9.70 14.22 33.02
O7 NAG T . -8.01 19.14 38.09
C1 NAG T . -12.18 13.96 35.82
C2 NAG T . -12.99 12.65 35.84
C3 NAG T . -14.35 12.91 35.24
C4 NAG T . -15.02 14.10 35.95
C5 NAG T . -14.11 15.33 35.70
C6 NAG T . -14.59 16.69 36.21
C7 NAG T . -11.59 10.61 35.56
C8 NAG T . -10.98 9.64 34.58
N2 NAG T . -12.33 11.61 35.05
O3 NAG T . -15.13 11.75 35.34
O4 NAG T . -16.40 14.22 35.59
O5 NAG T . -12.89 15.06 36.37
O6 NAG T . -14.88 16.54 37.58
O7 NAG T . -11.38 10.46 36.76
C1 BMA T . -17.22 13.39 36.47
C2 BMA T . -17.93 14.29 37.50
C3 BMA T . -18.88 13.43 38.33
C4 BMA T . -19.97 12.80 37.42
C5 BMA T . -19.48 12.42 36.00
C6 BMA T . -20.27 13.14 34.89
O2 BMA T . -18.64 15.38 36.91
O3 BMA T . -19.43 14.21 39.38
O4 BMA T . -20.53 11.66 38.05
O5 BMA T . -18.07 12.52 35.72
O6 BMA T . -20.22 14.55 35.01
C1 NAG U . -20.40 -53.60 23.74
C2 NAG U . -20.90 -54.86 23.00
C3 NAG U . -21.17 -54.65 21.49
C4 NAG U . -22.11 -53.45 21.39
C5 NAG U . -21.48 -52.23 22.09
C6 NAG U . -22.18 -50.88 21.82
C7 NAG U . -20.22 -56.96 24.11
C8 NAG U . -19.25 -58.11 24.20
N2 NAG U . -20.01 -56.02 23.17
O4 NAG U . -22.48 -53.18 20.05
O5 NAG U . -21.27 -52.50 23.48
O6 NAG U . -23.61 -50.89 21.95
O7 NAG U . -21.15 -56.92 24.92
C1 SIA U . -24.91 -48.78 22.63
C2 SIA U . -24.88 -50.17 21.91
C3 SIA U . -26.20 -50.90 22.20
C4 SIA U . -27.37 -50.13 21.57
C5 SIA U . -27.12 -50.02 20.08
C6 SIA U . -25.76 -49.40 19.77
C7 SIA U . -25.53 -49.39 18.25
C8 SIA U . -24.16 -48.82 17.89
C9 SIA U . -24.11 -48.44 16.41
C10 SIA U . -28.92 -49.61 18.44
C11 SIA U . -28.97 -51.09 18.10
N5 SIA U . -28.12 -49.20 19.42
O1A SIA U . -24.88 -47.70 21.98
O1B SIA U . -25.00 -48.76 23.90
O4 SIA U . -28.63 -50.76 21.74
O6 SIA U . -24.71 -50.07 20.47
O7 SIA U . -25.72 -50.69 17.62
O8 SIA U . -23.93 -47.64 18.68
O9 SIA U . -22.78 -48.11 16.00
O10 SIA U . -29.61 -48.81 17.82
C1 NAG V . 30.15 10.69 35.53
C2 NAG V . 29.79 11.37 34.20
C3 NAG V . 28.29 11.44 33.93
C4 NAG V . 27.53 10.20 34.37
C5 NAG V . 28.05 9.60 35.67
C6 NAG V . 27.50 8.17 35.87
C7 NAG V . 31.01 13.17 33.18
C8 NAG V . 31.47 14.60 33.29
N2 NAG V . 30.29 12.73 34.20
O3 NAG V . 28.20 11.58 32.53
O4 NAG V . 26.15 10.56 34.47
O5 NAG V . 29.45 9.47 35.70
O6 NAG V . 27.96 7.30 34.86
O7 NAG V . 31.29 12.46 32.21
C1 NAG V . 25.30 9.80 33.59
C2 NAG V . 23.88 9.64 34.14
C3 NAG V . 23.04 8.78 33.17
C4 NAG V . 23.08 9.37 31.75
C5 NAG V . 24.55 9.58 31.34
C6 NAG V . 24.71 10.26 29.98
C7 NAG V . 23.95 9.83 36.61
C8 NAG V . 23.83 9.06 37.90
N2 NAG V . 23.81 9.10 35.50
O3 NAG V . 21.71 8.63 33.64
O4 NAG V . 22.39 8.56 30.80
O5 NAG V . 25.19 10.40 32.31
O6 NAG V . 24.41 11.64 30.09
O7 NAG V . 24.17 11.06 36.64
C1 BMA V . 20.96 8.87 30.66
C2 BMA V . 20.71 10.03 29.70
C3 BMA V . 19.21 10.38 29.58
C4 BMA V . 18.27 9.16 29.67
C5 BMA V . 18.79 7.95 30.45
C6 BMA V . 18.02 6.68 30.06
O2 BMA V . 21.25 9.78 28.41
O3 BMA V . 18.96 11.06 28.37
O4 BMA V . 17.06 9.57 30.28
O5 BMA V . 20.19 7.75 30.25
O6 BMA V . 18.55 6.09 28.89
C1 GAL W . -18.23 -1.83 84.41
C2 GAL W . -19.57 -2.50 84.09
C3 GAL W . -19.38 -3.96 83.62
C4 GAL W . -18.55 -3.98 82.33
C5 GAL W . -17.55 -2.81 82.25
C6 GAL W . -17.96 -1.70 81.27
O1 GAL W . -18.35 -0.42 84.35
O2 GAL W . -20.37 -2.44 85.25
O3 GAL W . -20.62 -4.65 83.43
O4 GAL W . -19.37 -4.07 81.18
O5 GAL W . -17.20 -2.25 83.52
O6 GAL W . -18.11 -2.19 79.96
C1 NAG W . -20.46 -6.07 83.25
C2 NAG W . -21.82 -6.78 83.47
C3 NAG W . -21.67 -8.28 83.29
C4 NAG W . -21.17 -8.55 81.87
C5 NAG W . -19.90 -7.74 81.56
C6 NAG W . -19.63 -7.79 80.06
C7 NAG W . -23.60 -5.76 84.82
C8 NAG W . -24.17 -5.50 86.19
N2 NAG W . -22.46 -6.47 84.74
O3 NAG W . -22.28 -9.21 84.19
O4 NAG W . -20.90 -9.91 81.67
O5 NAG W . -19.95 -6.38 81.96
O6 NAG W . -20.82 -7.96 79.32
O7 NAG W . -24.18 -5.31 83.83
C1 GAL W . -21.36 -10.06 84.86
C2 GAL W . -21.48 -9.84 86.37
C3 GAL W . -20.72 -10.93 87.16
C4 GAL W . -21.00 -12.31 86.56
C5 GAL W . -20.61 -12.26 85.09
C6 GAL W . -20.56 -13.64 84.46
O2 GAL W . -20.96 -8.56 86.64
O3 GAL W . -21.01 -10.93 88.55
O4 GAL W . -22.37 -12.64 86.64
O5 GAL W . -21.56 -11.41 84.46
O6 GAL W . -19.22 -14.10 84.58
C1 SIA W . -20.71 -7.46 77.00
C2 SIA W . -21.54 -8.18 78.08
C3 SIA W . -23.03 -8.08 77.77
C4 SIA W . -23.39 -8.90 76.52
C5 SIA W . -22.92 -10.33 76.70
C6 SIA W . -21.46 -10.40 77.09
C7 SIA W . -20.99 -11.83 77.37
C8 SIA W . -19.50 -11.88 77.68
C9 SIA W . -19.01 -13.33 77.55
C10 SIA W . -23.56 -12.19 75.25
C11 SIA W . -24.22 -12.88 76.40
N5 SIA W . -23.04 -11.00 75.43
O1A SIA W . -19.69 -8.00 76.48
O1B SIA W . -21.08 -6.30 76.63
O4 SIA W . -24.79 -8.88 76.24
O6 SIA W . -21.23 -9.59 78.24
O7 SIA W . -21.67 -12.34 78.50
O8 SIA W . -18.78 -11.02 76.79
O9 SIA W . -17.75 -13.51 78.26
O10 SIA W . -23.48 -12.72 74.16
C1 NAG X . -20.38 6.94 -41.00
C2 NAG X . -21.47 6.59 -42.00
C3 NAG X . -21.17 5.28 -42.73
C4 NAG X . -19.76 5.30 -43.31
C5 NAG X . -18.73 5.73 -42.24
C6 NAG X . -17.35 5.98 -42.82
C7 NAG X . -23.82 6.91 -41.66
C8 NAG X . -25.00 6.65 -40.77
N2 NAG X . -22.68 6.41 -41.23
O3 NAG X . -22.10 5.13 -43.76
O4 NAG X . -19.50 4.00 -43.81
O5 NAG X . -19.12 6.96 -41.62
O6 NAG X . -17.40 7.05 -43.73
O7 NAG X . -23.90 7.53 -42.71
C1 NAG X . -19.01 3.99 -45.19
C2 NAG X . -18.11 2.77 -45.48
C3 NAG X . -17.60 2.87 -46.94
C4 NAG X . -18.77 3.00 -47.92
C5 NAG X . -19.67 4.15 -47.47
C6 NAG X . -20.94 4.27 -48.31
C7 NAG X . -17.04 1.96 -43.38
C8 NAG X . -15.76 1.89 -42.56
N2 NAG X . -16.98 2.62 -44.55
O3 NAG X . -16.77 1.78 -47.31
O4 NAG X . -18.32 3.22 -49.26
O5 NAG X . -20.07 3.98 -46.11
O6 NAG X . -21.76 3.14 -48.13
O7 NAG X . -18.05 1.42 -42.93
C1 BMA X . -18.23 2.07 -50.16
C2 BMA X . -19.59 1.43 -50.48
C3 BMA X . -19.40 0.18 -51.35
C4 BMA X . -18.56 0.49 -52.59
C5 BMA X . -17.36 1.40 -52.33
C6 BMA X . -16.92 2.03 -53.66
O2 BMA X . -20.48 2.33 -51.12
O3 BMA X . -20.64 -0.38 -51.74
O4 BMA X . -18.12 -0.75 -53.11
O5 BMA X . -17.61 2.45 -51.39
O6 BMA X . -15.64 2.62 -53.54
C1 NAG Y . 31.13 -39.96 -29.94
C2 NAG Y . 32.26 -40.90 -30.37
C3 NAG Y . 33.48 -40.10 -30.87
C4 NAG Y . 32.99 -39.32 -32.09
C5 NAG Y . 31.59 -38.68 -31.93
C6 NAG Y . 31.00 -38.49 -33.33
C7 NAG Y . 31.80 -43.01 -29.22
C8 NAG Y . 32.19 -44.01 -28.16
N2 NAG Y . 32.57 -41.91 -29.37
O3 NAG Y . 34.75 -40.24 -31.52
O4 NAG Y . 33.88 -38.29 -32.49
O5 NAG Y . 30.63 -39.39 -31.14
O6 NAG Y . 32.00 -38.19 -34.30
O7 NAG Y . 30.81 -43.23 -29.91
C1 GAL Y . 35.92 -39.87 -30.82
C2 GAL Y . 37.17 -40.56 -31.37
C3 GAL Y . 38.30 -40.41 -30.33
C4 GAL Y . 38.05 -39.18 -29.45
C5 GAL Y . 37.43 -38.04 -30.28
C6 GAL Y . 38.41 -37.46 -31.33
O2 GAL Y . 36.88 -41.91 -31.68
O3 GAL Y . 39.55 -40.30 -31.00
O4 GAL Y . 39.21 -38.77 -28.75
O5 GAL Y . 36.21 -38.47 -30.91
O6 GAL Y . 38.72 -36.10 -31.12
C1 SIA Y . 30.66 -37.74 -36.14
C2 SIA Y . 32.05 -38.31 -35.76
C3 SIA Y . 32.39 -39.53 -36.61
C4 SIA Y . 32.53 -39.13 -38.09
C5 SIA Y . 33.61 -38.07 -38.21
C6 SIA Y . 33.36 -36.92 -37.25
C7 SIA Y . 34.52 -35.92 -37.20
C8 SIA Y . 34.27 -34.79 -36.22
C9 SIA Y . 35.26 -33.66 -36.41
C10 SIA Y . 34.69 -37.21 -40.21
C11 SIA Y . 36.03 -37.60 -39.68
N5 SIA Y . 33.59 -37.51 -39.54
O1A SIA Y . 29.70 -38.57 -36.18
O1B SIA Y . 30.50 -36.49 -36.40
O4 SIA Y . 32.88 -40.26 -38.91
O6 SIA Y . 33.16 -37.41 -35.93
O7 SIA Y . 35.66 -36.61 -36.75
O8 SIA Y . 32.97 -34.23 -36.39
O9 SIA Y . 35.15 -32.78 -35.28
O10 SIA Y . 34.64 -36.59 -41.25
C1 NAG Z . 0.45 36.25 -24.18
C2 NAG Z . -0.42 36.43 -22.95
C3 NAG Z . 0.09 35.64 -21.75
C4 NAG Z . 0.43 34.20 -22.11
C5 NAG Z . 1.31 34.18 -23.38
C6 NAG Z . 1.56 32.79 -23.91
C7 NAG Z . -1.58 38.44 -22.32
C8 NAG Z . -1.50 39.89 -21.91
N2 NAG Z . -0.44 37.82 -22.55
O3 NAG Z . -0.92 35.67 -20.78
O4 NAG Z . 1.05 33.61 -20.98
O5 NAG Z . 0.68 34.89 -24.45
O6 NAG Z . 0.44 32.45 -24.69
O7 NAG Z . -2.67 37.86 -22.46
C1 NAG Z . 0.54 32.29 -20.62
C2 NAG Z . 1.64 31.42 -19.99
C3 NAG Z . 1.05 30.05 -19.58
C4 NAG Z . -0.20 30.21 -18.70
C5 NAG Z . -1.20 31.10 -19.46
C6 NAG Z . -2.47 31.36 -18.67
C7 NAG Z . 3.91 31.99 -20.91
C8 NAG Z . 5.00 31.53 -21.86
N2 NAG Z . 2.82 31.20 -20.85
O3 NAG Z . 2.06 29.26 -18.97
O4 NAG Z . -0.82 28.99 -18.27
O5 NAG Z . -0.56 32.34 -19.72
O6 NAG Z . -2.14 32.12 -17.53
O7 NAG Z . 4.08 33.03 -20.27
C1 BMA Z . -0.11 28.38 -17.15
C2 BMA Z . -0.50 28.95 -15.79
C3 BMA Z . 0.56 28.52 -14.77
C4 BMA Z . 1.03 27.04 -14.91
C5 BMA Z . 0.88 26.41 -16.30
C6 BMA Z . 0.77 24.88 -16.24
O2 BMA Z . -1.80 28.58 -15.40
O3 BMA Z . 0.11 28.79 -13.47
O4 BMA Z . 2.38 26.96 -14.51
O5 BMA Z . -0.22 26.96 -17.05
O6 BMA Z . 1.96 24.30 -15.77
C1 GAL AA . 62.35 5.26 -16.76
C2 GAL AA . 62.23 3.92 -16.05
C3 GAL AA . 61.46 2.90 -16.93
C4 GAL AA . 60.10 3.46 -17.36
C5 GAL AA . 60.05 5.02 -17.56
C6 GAL AA . 58.67 5.62 -17.21
O1 GAL AA . 63.05 6.19 -15.96
O2 GAL AA . 63.52 3.47 -15.68
O3 GAL AA . 61.30 1.61 -16.33
O4 GAL AA . 59.07 2.93 -16.51
O5 GAL AA . 61.06 5.80 -16.93
O6 GAL AA . 58.72 7.04 -17.14
C1 NAG AA . 60.96 0.56 -17.28
C2 NAG AA . 62.07 -0.50 -17.26
C3 NAG AA . 61.75 -1.82 -17.99
C4 NAG AA . 60.38 -2.27 -17.53
C5 NAG AA . 59.38 -1.14 -17.81
C6 NAG AA . 57.93 -1.59 -17.65
C7 NAG AA . 64.45 -0.61 -17.85
C8 NAG AA . 65.61 0.17 -18.41
N2 NAG AA . 63.31 0.07 -17.79
O3 NAG AA . 62.28 -3.11 -18.38
O4 NAG AA . 59.99 -3.47 -18.16
O5 NAG AA . 59.69 0.00 -17.00
O6 NAG AA . 57.80 -2.72 -16.81
O7 NAG AA . 64.58 -1.79 -17.48
C1 GAL AA . 62.92 -3.71 -19.49
C2 GAL AA . 63.54 -5.04 -19.10
C3 GAL AA . 64.50 -5.45 -20.22
C4 GAL AA . 63.80 -5.47 -21.59
C5 GAL AA . 62.67 -4.42 -21.75
C6 GAL AA . 61.60 -4.85 -22.77
O2 GAL AA . 64.20 -4.91 -17.87
O3 GAL AA . 65.04 -6.72 -19.93
O4 GAL AA . 63.32 -6.78 -21.84
O5 GAL AA . 62.03 -4.06 -20.52
O6 GAL AA . 62.00 -4.44 -24.06
C1 SIA AA . 55.69 -2.67 -15.70
C2 SIA AA . 56.88 -3.57 -16.09
C3 SIA AA . 57.27 -4.49 -14.91
C4 SIA AA . 56.16 -5.49 -14.62
C5 SIA AA . 55.89 -6.30 -15.88
C6 SIA AA . 55.66 -5.43 -17.11
C7 SIA AA . 55.62 -6.24 -18.41
C8 SIA AA . 55.36 -5.36 -19.64
C9 SIA AA . 54.81 -6.20 -20.79
C10 SIA AA . 54.65 -8.41 -15.96
C11 SIA AA . 55.91 -9.13 -16.39
N5 SIA AA . 54.71 -7.12 -15.69
O1A SIA AA . 54.63 -2.61 -16.43
O1B SIA AA . 55.83 -2.00 -14.64
O4 SIA AA . 56.46 -6.35 -13.53
O6 SIA AA . 56.65 -4.40 -17.24
O7 SIA AA . 56.86 -6.89 -18.63
O8 SIA AA . 54.46 -4.31 -19.32
O9 SIA AA . 54.90 -5.49 -22.04
O10 SIA AA . 53.59 -9.01 -15.88
CA CA BA . 12.13 -37.87 11.23
C1 NAG CA . -8.11 -9.98 -6.97
C2 NAG CA . -8.75 -10.40 -8.33
C3 NAG CA . -7.75 -10.79 -9.42
C4 NAG CA . -6.56 -9.84 -9.52
C5 NAG CA . -5.99 -9.59 -8.10
C6 NAG CA . -4.85 -8.57 -8.13
C7 NAG CA . -10.98 -11.50 -8.75
C8 NAG CA . -11.75 -12.73 -8.32
N2 NAG CA . -9.76 -11.46 -8.15
O3 NAG CA . -8.46 -10.72 -10.65
O4 NAG CA . -5.58 -10.30 -10.46
O5 NAG CA . -6.99 -9.11 -7.21
O6 NAG CA . -4.61 -8.10 -6.83
O7 NAG CA . -11.48 -10.68 -9.57
CA CA DA . -21.37 -16.15 -31.01
C1 NAG EA . -25.86 -8.93 6.99
C2 NAG EA . -26.91 -9.78 7.77
C3 NAG EA . -28.30 -9.63 7.13
C4 NAG EA . -28.71 -8.15 7.10
C5 NAG EA . -27.63 -7.38 6.31
C6 NAG EA . -27.91 -5.89 6.24
C7 NAG EA . -26.66 -11.89 9.14
C8 NAG EA . -26.33 -13.33 8.95
N2 NAG EA . -26.62 -11.21 7.95
O3 NAG EA . -29.22 -10.40 7.87
O4 NAG EA . -29.97 -7.98 6.49
O5 NAG EA . -26.33 -7.59 6.88
O6 NAG EA . -26.93 -5.24 5.46
O7 NAG EA . -26.92 -11.46 10.29
CA CA FA . -43.34 -25.06 21.99
C1 NAG GA . -5.97 -16.79 14.44
C2 NAG GA . -4.90 -17.92 14.30
C3 NAG GA . -4.95 -18.80 15.55
C4 NAG GA . -4.67 -17.96 16.80
C5 NAG GA . -5.70 -16.82 16.87
C6 NAG GA . -5.37 -15.86 18.02
C7 NAG GA . -3.75 -19.05 12.34
C8 NAG GA . -4.04 -20.02 11.24
N2 NAG GA . -4.86 -18.78 13.12
O3 NAG GA . -3.98 -19.81 15.42
O4 NAG GA . -4.69 -18.72 17.98
O5 NAG GA . -5.69 -16.08 15.65
O6 NAG GA . -6.33 -14.82 18.03
O7 NAG GA . -2.58 -18.61 12.41
CA CA HA . -20.61 -11.84 47.03
C1 NAG IA . 14.92 -11.20 63.82
C2 NAG IA . 14.87 -11.13 65.37
C3 NAG IA . 14.05 -9.90 65.80
C4 NAG IA . 14.76 -8.67 65.24
C5 NAG IA . 14.68 -8.76 63.70
C6 NAG IA . 15.38 -7.61 62.96
C7 NAG IA . 14.88 -13.15 66.92
C8 NAG IA . 13.95 -14.33 67.21
N2 NAG IA . 14.32 -12.35 65.95
O3 NAG IA . 13.87 -9.77 67.20
O4 NAG IA . 14.23 -7.47 65.79
O5 NAG IA . 15.28 -9.96 63.23
O6 NAG IA . 15.25 -7.80 61.55
O7 NAG IA . 16.00 -13.01 67.54
CA CA JA . 20.09 -26.21 -62.25
C1 NAG KA . 15.87 -2.98 -31.03
C2 NAG KA . 16.57 -3.51 -29.74
C3 NAG KA . 16.03 -4.94 -29.41
C4 NAG KA . 14.52 -4.87 -29.15
C5 NAG KA . 13.89 -4.34 -30.45
C6 NAG KA . 12.37 -4.17 -30.41
C7 NAG KA . 18.89 -2.74 -28.97
C8 NAG KA . 20.33 -3.00 -29.36
N2 NAG KA . 18.04 -3.46 -29.78
O3 NAG KA . 16.68 -5.59 -28.34
O4 NAG KA . 13.97 -6.10 -28.65
O5 NAG KA . 14.46 -3.08 -30.83
O6 NAG KA . 11.93 -3.89 -31.73
O7 NAG KA . 18.62 -1.95 -28.00
CA CA LA . 27.93 -10.32 -6.86
C1 NAG MA . 29.19 13.81 -37.77
C2 NAG MA . 30.60 14.09 -38.37
C3 NAG MA . 31.48 14.53 -37.19
C4 NAG MA . 30.91 15.84 -36.59
C5 NAG MA . 29.50 15.53 -36.03
C6 NAG MA . 28.77 16.75 -35.42
C7 NAG MA . 31.78 12.78 -40.30
C8 NAG MA . 32.28 11.35 -40.44
N2 NAG MA . 31.21 12.92 -39.05
O3 NAG MA . 32.86 14.63 -37.53
O4 NAG MA . 31.77 16.46 -35.63
O5 NAG MA . 28.66 14.91 -37.02
O6 NAG MA . 27.46 16.41 -35.03
O7 NAG MA . 31.94 13.58 -41.29
#